data_9R35
#
_entry.id   9R35
#
_cell.length_a   81.23
_cell.length_b   185.11
_cell.length_c   170.79
_cell.angle_alpha   90
_cell.angle_beta   90.01
_cell.angle_gamma   90
#
_symmetry.space_group_name_H-M   'P 1 21 1'
#
loop_
_entity.id
_entity.type
_entity.pdbx_description
1 polymer 'Toxin Res'
2 polymer 'XRE anti-toxin'
3 polymer 'DNA reverse (30-mer)'
4 polymer 'DNA forward (30-mer)'
5 water water
#
loop_
_entity_poly.entity_id
_entity_poly.type
_entity_poly.pdbx_seq_one_letter_code
_entity_poly.pdbx_strand_id
1 'polypeptide(L)'
;MGSSHHHHHHSQDPILWRISAYADLSGTGGLRVSGRWHQAGRPVVYAATSPPGAMLEVLVHLEIDPEDFPTTMRLLRIEL
PDTVSQAQLPALQPGWSAQPELTRTLGNRFLDDCSALLLPVPSAIMPSTTNYLFNPRHPQAQSAKIQVEDFTPDSRLF
;
A,D,G,J,M,P,S,V
2 'polypeptide(L)'
;MLAEVLRDNGYHEYRARLQALLDIPELASDFEIHTRITDGFAATWLVKLTERGVLTPVERDQIIPLRTLKSRIERDQPLT
VDESDRLFRSAHITAMAEAVFGEAGKAKRWLSKPKERFSGLTPMQMLTTQQGTTQVEEMLLQIAEGYGL
;
B,C,E,F,H,I,K,L,N,O,Q,R,T,U,W,X
3 'polydeoxyribonucleotide'
;(DG)(DC)(DT)(DC)(DC)(DT)(DT)(DT)(DT)(DC)(DG)(DG)(DC)(DA)(DT)(DT)(DT)(DG)(DC)(DC)
(DG)(DA)(DC)(DA)(DA)(DG)(DT)(DA)(DT)(DG)
;
a,d,f,h
4 'polydeoxyribonucleotide'
;(DC)(DA)(DT)(DA)(DC)(DT)(DT)(DG)(DT)(DC)(DG)(DG)(DC)(DA)(DA)(DA)(DT)(DG)(DC)(DC)
(DG)(DA)(DA)(DA)(DA)(DG)(DG)(DA)(DG)(DC)
;
b,c,e,g
#
# COMPACT_ATOMS: atom_id res chain seq x y z
N PRO A 14 25.34 34.48 48.76
CA PRO A 14 25.21 33.03 48.63
C PRO A 14 25.14 32.58 47.17
N ILE A 15 24.37 31.53 46.92
CA ILE A 15 24.26 30.93 45.59
C ILE A 15 22.79 30.90 45.19
N LEU A 16 22.51 31.31 43.96
CA LEU A 16 21.17 31.25 43.41
C LEU A 16 21.19 30.44 42.11
N TRP A 17 20.00 29.98 41.72
CA TRP A 17 19.86 29.10 40.57
C TRP A 17 18.73 29.58 39.68
N ARG A 18 19.00 29.64 38.39
CA ARG A 18 18.00 30.03 37.40
C ARG A 18 17.84 28.92 36.38
N ILE A 19 16.64 28.79 35.83
CA ILE A 19 16.36 27.85 34.76
C ILE A 19 15.69 28.61 33.63
N SER A 20 16.41 28.80 32.53
CA SER A 20 15.90 29.59 31.42
C SER A 20 16.70 29.25 30.17
N ALA A 21 16.11 29.60 29.02
CA ALA A 21 16.78 29.33 27.74
C ALA A 21 18.04 30.17 27.57
N TYR A 22 18.15 31.26 28.31
CA TYR A 22 19.26 32.18 28.14
C TYR A 22 20.24 32.06 29.29
N ALA A 23 21.53 32.17 28.96
CA ALA A 23 22.61 32.03 29.93
C ALA A 23 23.14 33.36 30.41
N ASP A 24 22.32 34.41 30.37
CA ASP A 24 22.71 35.71 30.89
C ASP A 24 21.80 36.11 32.05
N LEU A 25 22.09 37.29 32.61
CA LEU A 25 21.25 37.87 33.64
C LEU A 25 20.58 39.16 33.17
N SER A 26 20.31 39.28 31.87
CA SER A 26 19.70 40.50 31.34
C SER A 26 18.24 40.59 31.75
N GLY A 27 17.50 39.49 31.66
CA GLY A 27 16.11 39.50 32.04
C GLY A 27 15.26 40.44 31.21
N THR A 28 15.64 40.62 29.94
CA THR A 28 14.95 41.59 29.09
C THR A 28 13.52 41.16 28.77
N GLY A 29 13.21 39.87 28.89
CA GLY A 29 11.86 39.41 28.60
C GLY A 29 10.80 40.05 29.49
N GLY A 30 11.19 40.55 30.65
CA GLY A 30 10.26 41.25 31.50
C GLY A 30 9.78 42.57 30.93
N LEU A 31 10.42 43.07 29.87
CA LEU A 31 9.95 44.28 29.22
C LEU A 31 8.66 44.04 28.45
N ARG A 32 8.36 42.80 28.09
CA ARG A 32 7.16 42.48 27.34
C ARG A 32 6.41 41.25 27.84
N VAL A 33 6.90 40.61 28.90
CA VAL A 33 6.25 39.43 29.46
C VAL A 33 6.13 39.62 30.98
N SER A 34 4.97 39.29 31.51
CA SER A 34 4.69 39.43 32.93
C SER A 34 4.88 38.10 33.65
N GLY A 35 4.95 38.16 34.97
CA GLY A 35 5.03 36.98 35.79
C GLY A 35 4.16 37.07 37.02
N ARG A 36 4.48 36.27 38.05
CA ARG A 36 3.75 36.37 39.30
C ARG A 36 4.19 37.57 40.11
N TRP A 37 5.47 37.95 40.00
CA TRP A 37 6.05 38.97 40.84
C TRP A 37 6.41 40.24 40.07
N HIS A 38 5.86 40.42 38.87
CA HIS A 38 6.18 41.61 38.10
C HIS A 38 5.20 41.77 36.96
N GLN A 39 5.02 43.01 36.53
CA GLN A 39 4.25 43.35 35.35
C GLN A 39 5.21 43.63 34.20
N ALA A 40 4.74 43.38 32.98
CA ALA A 40 5.58 43.59 31.81
C ALA A 40 6.02 45.05 31.71
N GLY A 41 7.27 45.24 31.31
CA GLY A 41 7.87 46.55 31.23
C GLY A 41 9.08 46.76 32.12
N ARG A 42 9.36 45.84 33.03
CA ARG A 42 10.53 45.93 33.90
C ARG A 42 11.46 44.77 33.61
N PRO A 43 12.77 44.97 33.53
CA PRO A 43 13.67 43.82 33.45
C PRO A 43 13.80 43.16 34.81
N VAL A 44 13.77 41.83 34.81
CA VAL A 44 13.73 41.08 36.06
C VAL A 44 14.21 39.65 35.78
N VAL A 45 14.75 39.02 36.80
CA VAL A 45 15.17 37.62 36.75
C VAL A 45 14.59 36.89 37.95
N TYR A 46 13.92 35.76 37.69
CA TYR A 46 13.44 34.89 38.74
C TYR A 46 14.49 33.83 39.02
N ALA A 47 14.81 33.63 40.30
CA ALA A 47 15.82 32.65 40.67
C ALA A 47 15.34 31.88 41.90
N ALA A 48 16.00 30.75 42.13
CA ALA A 48 15.73 29.91 43.29
C ALA A 48 17.02 29.66 44.05
N THR A 49 16.86 29.12 45.26
CA THR A 49 18.02 28.80 46.09
C THR A 49 18.57 27.41 45.81
N SER A 50 17.89 26.61 45.00
CA SER A 50 18.32 25.25 44.73
C SER A 50 17.89 24.88 43.32
N PRO A 51 18.70 24.10 42.61
CA PRO A 51 18.31 23.62 41.28
C PRO A 51 17.02 22.84 41.31
N PRO A 52 16.80 21.96 42.30
CA PRO A 52 15.47 21.33 42.39
C PRO A 52 14.37 22.32 42.65
N GLY A 53 14.63 23.39 43.40
CA GLY A 53 13.63 24.41 43.62
C GLY A 53 13.18 25.06 42.33
N ALA A 54 14.13 25.55 41.55
CA ALA A 54 13.81 26.15 40.28
C ALA A 54 13.13 25.17 39.35
N MET A 55 13.61 23.93 39.31
CA MET A 55 13.02 22.93 38.42
C MET A 55 11.58 22.65 38.81
N LEU A 56 11.30 22.51 40.10
CA LEU A 56 9.95 22.25 40.56
C LEU A 56 9.04 23.43 40.25
N GLU A 57 9.52 24.65 40.48
CA GLU A 57 8.73 25.83 40.15
C GLU A 57 8.38 25.86 38.68
N VAL A 58 9.36 25.61 37.81
CA VAL A 58 9.11 25.65 36.37
C VAL A 58 8.15 24.56 35.97
N LEU A 59 8.33 23.34 36.49
CA LEU A 59 7.47 22.23 36.10
C LEU A 59 6.04 22.45 36.55
N VAL A 60 5.85 22.99 37.74
CA VAL A 60 4.50 23.15 38.27
C VAL A 60 3.79 24.32 37.61
N HIS A 61 4.44 25.50 37.60
CA HIS A 61 3.73 26.69 37.17
C HIS A 61 3.68 26.84 35.66
N LEU A 62 4.65 26.29 34.94
CA LEU A 62 4.60 26.33 33.49
C LEU A 62 4.00 25.07 32.89
N GLU A 63 3.65 24.09 33.72
CA GLU A 63 2.92 22.89 33.30
C GLU A 63 3.68 22.14 32.20
N ILE A 64 4.92 21.78 32.52
CA ILE A 64 5.78 21.03 31.61
C ILE A 64 5.94 19.62 32.15
N ASP A 65 5.67 18.63 31.32
CA ASP A 65 5.95 17.26 31.70
C ASP A 65 7.42 16.94 31.46
N PRO A 66 8.01 16.10 32.31
CA PRO A 66 9.44 15.79 32.15
C PRO A 66 9.79 15.21 30.78
N GLU A 67 8.86 14.51 30.14
CA GLU A 67 9.09 14.04 28.79
C GLU A 67 9.02 15.17 27.76
N ASP A 68 8.53 16.34 28.15
CA ASP A 68 8.45 17.48 27.26
C ASP A 68 9.36 18.63 27.70
N PHE A 69 10.29 18.37 28.61
CA PHE A 69 11.17 19.43 29.08
C PHE A 69 11.98 19.97 27.93
N PRO A 70 12.00 21.29 27.71
CA PRO A 70 12.68 21.84 26.53
C PRO A 70 14.17 21.56 26.54
N THR A 71 14.71 21.31 25.35
CA THR A 71 16.13 21.05 25.16
C THR A 71 16.94 22.34 25.06
N THR A 72 16.27 23.48 25.04
CA THR A 72 16.93 24.78 25.06
C THR A 72 17.10 25.31 26.46
N MET A 73 16.58 24.61 27.47
CA MET A 73 16.60 25.11 28.82
C MET A 73 17.98 24.90 29.44
N ARG A 74 18.45 25.91 30.16
CA ARG A 74 19.76 25.91 30.78
C ARG A 74 19.63 26.25 32.26
N LEU A 75 20.42 25.55 33.07
CA LEU A 75 20.52 25.82 34.49
C LEU A 75 21.73 26.69 34.75
N LEU A 76 21.51 27.87 35.31
CA LEU A 76 22.54 28.87 35.51
C LEU A 76 22.78 29.04 37.00
N ARG A 77 24.03 28.85 37.42
CA ARG A 77 24.46 29.07 38.79
C ARG A 77 24.97 30.49 38.92
N ILE A 78 24.42 31.24 39.87
CA ILE A 78 24.72 32.65 40.07
C ILE A 78 25.35 32.79 41.44
N GLU A 79 26.58 33.30 41.47
CA GLU A 79 27.27 33.57 42.72
C GLU A 79 27.39 35.07 42.94
N LEU A 80 27.04 35.50 44.14
CA LEU A 80 27.08 36.88 44.58
C LEU A 80 27.82 36.97 45.91
N PRO A 81 28.46 38.10 46.17
CA PRO A 81 29.07 38.31 47.48
C PRO A 81 27.99 38.49 48.55
N ASP A 82 28.36 38.20 49.80
CA ASP A 82 27.42 38.33 50.89
C ASP A 82 27.15 39.79 51.26
N THR A 83 27.87 40.74 50.66
CA THR A 83 27.63 42.15 50.92
C THR A 83 26.50 42.74 50.08
N VAL A 84 25.89 41.96 49.19
CA VAL A 84 24.89 42.49 48.28
C VAL A 84 23.68 42.99 49.07
N SER A 85 22.92 43.88 48.45
CA SER A 85 21.76 44.49 49.08
C SER A 85 20.50 43.71 48.72
N GLN A 86 19.67 43.45 49.73
CA GLN A 86 18.39 42.80 49.52
C GLN A 86 17.32 43.55 50.31
N ALA A 87 16.13 43.64 49.72
CA ALA A 87 15.02 44.38 50.29
C ALA A 87 14.05 43.39 50.93
N GLN A 88 13.48 43.77 52.06
CA GLN A 88 12.55 42.89 52.75
C GLN A 88 11.15 43.02 52.19
N LEU A 89 10.52 41.87 51.96
CA LEU A 89 9.14 41.86 51.49
C LEU A 89 8.20 42.07 52.67
N PRO A 90 7.13 42.84 52.51
CA PRO A 90 6.17 42.99 53.62
C PRO A 90 5.54 41.66 53.98
N ALA A 91 4.99 41.57 55.18
CA ALA A 91 4.31 40.37 55.60
C ALA A 91 3.11 40.10 54.70
N LEU A 92 2.94 38.83 54.33
CA LEU A 92 1.88 38.42 53.43
C LEU A 92 0.81 37.68 54.22
N GLN A 93 -0.43 38.11 54.09
CA GLN A 93 -1.54 37.41 54.71
C GLN A 93 -1.96 36.23 53.83
N PRO A 94 -2.67 35.26 54.41
CA PRO A 94 -3.11 34.10 53.62
C PRO A 94 -3.93 34.51 52.41
N GLY A 95 -3.74 33.77 51.31
CA GLY A 95 -4.43 34.02 50.06
C GLY A 95 -3.60 34.64 48.98
N TRP A 96 -2.35 35.01 49.27
CA TRP A 96 -1.55 35.75 48.31
C TRP A 96 -1.19 34.90 47.09
N SER A 97 -1.13 33.58 47.24
CA SER A 97 -0.81 32.72 46.11
C SER A 97 -1.86 32.78 45.01
N ALA A 98 -3.05 33.29 45.33
CA ALA A 98 -4.12 33.44 44.34
C ALA A 98 -4.44 34.90 44.07
N GLN A 99 -3.56 35.82 44.47
CA GLN A 99 -3.73 37.25 44.25
C GLN A 99 -2.54 37.75 43.45
N PRO A 100 -2.54 37.53 42.13
CA PRO A 100 -1.38 37.94 41.32
C PRO A 100 -1.20 39.44 41.24
N GLU A 101 -2.27 40.22 41.37
CA GLU A 101 -2.13 41.67 41.34
C GLU A 101 -1.27 42.16 42.49
N LEU A 102 -1.49 41.62 43.69
CA LEU A 102 -0.72 42.03 44.86
C LEU A 102 0.77 41.72 44.68
N THR A 103 1.08 40.50 44.27
CA THR A 103 2.47 40.10 44.13
C THR A 103 3.15 40.87 42.99
N ARG A 104 2.44 41.07 41.89
CA ARG A 104 2.98 41.88 40.80
C ARG A 104 3.25 43.30 41.26
N THR A 105 2.35 43.89 42.05
CA THR A 105 2.54 45.24 42.55
C THR A 105 3.77 45.31 43.46
N LEU A 106 3.91 44.33 44.36
CA LEU A 106 5.05 44.33 45.27
C LEU A 106 6.35 44.20 44.51
N GLY A 107 6.40 43.30 43.52
CA GLY A 107 7.60 43.17 42.73
C GLY A 107 7.91 44.40 41.92
N ASN A 108 6.89 45.03 41.35
CA ASN A 108 7.08 46.27 40.61
C ASN A 108 7.64 47.36 41.51
N ARG A 109 7.12 47.46 42.73
CA ARG A 109 7.63 48.45 43.66
C ARG A 109 9.09 48.18 44.01
N PHE A 110 9.45 46.91 44.19
CA PHE A 110 10.85 46.59 44.47
C PHE A 110 11.73 46.93 43.29
N LEU A 111 11.25 46.68 42.07
CA LEU A 111 12.08 46.86 40.89
C LEU A 111 12.26 48.34 40.54
N ASP A 112 11.18 49.12 40.60
CA ASP A 112 11.25 50.52 40.21
C ASP A 112 11.95 51.36 41.26
N ASP A 113 11.87 50.99 42.53
CA ASP A 113 12.55 51.76 43.57
C ASP A 113 14.06 51.62 43.46
N CYS A 114 14.55 50.55 42.84
CA CYS A 114 15.98 50.32 42.65
C CYS A 114 16.75 50.46 43.96
N SER A 115 16.13 49.99 45.04
CA SER A 115 16.72 50.14 46.36
C SER A 115 17.74 49.04 46.64
N ALA A 116 17.47 47.82 46.19
CA ALA A 116 18.34 46.69 46.46
C ALA A 116 18.44 45.83 45.22
N LEU A 117 19.44 44.94 45.23
CA LEU A 117 19.65 44.05 44.10
C LEU A 117 18.71 42.85 44.13
N LEU A 118 18.42 42.32 45.31
CA LEU A 118 17.67 41.09 45.46
C LEU A 118 16.42 41.31 46.29
N LEU A 119 15.39 40.55 45.98
CA LEU A 119 14.18 40.53 46.79
C LEU A 119 13.80 39.09 47.13
N PRO A 120 13.96 38.67 48.37
CA PRO A 120 13.54 37.31 48.74
C PRO A 120 12.03 37.23 48.86
N VAL A 121 11.44 36.27 48.16
CA VAL A 121 9.99 36.06 48.19
C VAL A 121 9.71 34.60 48.53
N PRO A 122 8.58 34.29 49.16
CA PRO A 122 8.27 32.90 49.46
C PRO A 122 7.77 32.16 48.23
N SER A 123 7.94 30.84 48.26
CA SER A 123 7.40 29.99 47.22
C SER A 123 5.92 29.78 47.43
N ALA A 124 5.20 29.56 46.33
CA ALA A 124 3.78 29.31 46.37
C ALA A 124 3.43 27.83 46.33
N ILE A 125 4.42 26.96 46.17
CA ILE A 125 4.17 25.52 46.09
C ILE A 125 4.86 24.74 47.18
N MET A 126 5.84 25.32 47.88
CA MET A 126 6.60 24.61 48.90
C MET A 126 6.80 25.52 50.10
N PRO A 127 6.57 25.02 51.31
CA PRO A 127 6.88 25.81 52.50
C PRO A 127 8.36 25.83 52.80
N SER A 128 8.76 26.82 53.58
CA SER A 128 10.16 27.02 53.99
C SER A 128 11.07 27.06 52.77
N THR A 129 10.56 27.57 51.66
CA THR A 129 11.31 27.69 50.42
C THR A 129 11.27 29.14 49.98
N THR A 130 12.43 29.68 49.62
CA THR A 130 12.56 31.09 49.30
C THR A 130 13.16 31.24 47.89
N ASN A 131 12.45 31.93 47.02
CA ASN A 131 12.97 32.31 45.72
C ASN A 131 13.42 33.77 45.76
N TYR A 132 14.00 34.24 44.67
CA TYR A 132 14.62 35.56 44.67
C TYR A 132 14.30 36.30 43.38
N LEU A 133 14.04 37.60 43.54
CA LEU A 133 13.92 38.54 42.43
C LEU A 133 15.26 39.23 42.25
N PHE A 134 15.74 39.25 41.00
CA PHE A 134 17.02 39.84 40.65
C PHE A 134 16.80 40.98 39.69
N ASN A 135 17.20 42.19 40.09
CA ASN A 135 17.01 43.37 39.27
C ASN A 135 18.30 43.70 38.53
N PRO A 136 18.37 43.51 37.23
CA PRO A 136 19.61 43.76 36.51
C PRO A 136 19.94 45.24 36.38
N ARG A 137 18.94 46.11 36.53
CA ARG A 137 19.19 47.53 36.46
C ARG A 137 19.83 48.07 37.74
N HIS A 138 19.86 47.29 38.80
CA HIS A 138 20.59 47.69 40.00
C HIS A 138 22.08 47.69 39.70
N PRO A 139 22.85 48.63 40.25
CA PRO A 139 24.28 48.70 39.94
C PRO A 139 25.09 47.55 40.52
N GLN A 140 24.54 46.75 41.42
CA GLN A 140 25.26 45.63 42.02
C GLN A 140 25.15 44.36 41.19
N ALA A 141 24.50 44.41 40.03
CA ALA A 141 24.34 43.25 39.18
C ALA A 141 25.59 42.94 38.36
N GLN A 142 26.65 43.74 38.52
CA GLN A 142 27.90 43.50 37.83
C GLN A 142 28.82 42.56 38.60
N SER A 143 28.54 42.33 39.89
CA SER A 143 29.36 41.46 40.72
C SER A 143 28.91 40.01 40.65
N ALA A 144 27.88 39.73 39.85
CA ALA A 144 27.40 38.37 39.69
C ALA A 144 28.34 37.57 38.81
N LYS A 145 28.61 36.34 39.24
CA LYS A 145 29.39 35.40 38.42
C LYS A 145 28.48 34.23 38.07
N ILE A 146 28.31 33.97 36.78
CA ILE A 146 27.35 33.00 36.31
C ILE A 146 28.09 31.89 35.58
N GLN A 147 27.61 30.65 35.75
CA GLN A 147 28.12 29.54 34.96
C GLN A 147 27.01 28.52 34.75
N VAL A 148 26.98 27.91 33.57
CA VAL A 148 25.95 26.93 33.26
C VAL A 148 26.35 25.58 33.85
N GLU A 149 25.41 24.94 34.54
CA GLU A 149 25.58 23.57 35.00
C GLU A 149 24.85 22.64 34.05
N ASP A 150 25.61 21.84 33.30
CA ASP A 150 25.02 21.01 32.27
C ASP A 150 24.26 19.84 32.87
N PHE A 151 23.17 19.45 32.21
CA PHE A 151 22.42 18.28 32.61
C PHE A 151 23.10 17.03 32.09
N THR A 152 23.61 16.20 32.99
CA THR A 152 24.33 14.99 32.62
C THR A 152 23.36 13.83 32.47
N PRO A 153 23.77 12.76 31.78
CA PRO A 153 22.90 11.58 31.68
C PRO A 153 22.54 10.97 33.02
N ASP A 154 23.30 11.24 34.07
CA ASP A 154 22.95 10.86 35.43
C ASP A 154 22.18 11.96 36.15
N SER A 155 21.72 12.97 35.42
CA SER A 155 20.92 14.06 35.96
C SER A 155 19.69 14.33 35.11
N ARG A 156 19.05 13.28 34.62
CA ARG A 156 17.89 13.42 33.75
C ARG A 156 16.61 13.56 34.56
N LEU A 157 15.51 13.84 33.86
CA LEU A 157 14.20 13.89 34.48
C LEU A 157 13.38 12.67 34.08
N MET B 1 9.87 43.99 19.97
CA MET B 1 9.01 43.12 19.19
C MET B 1 9.18 41.67 19.60
N LEU B 2 8.59 40.76 18.81
CA LEU B 2 8.73 39.34 19.07
C LEU B 2 10.20 38.93 19.01
N ALA B 3 10.96 39.49 18.07
CA ALA B 3 12.38 39.14 17.96
C ALA B 3 13.18 39.68 19.13
N GLU B 4 12.83 40.88 19.61
CA GLU B 4 13.57 41.49 20.71
C GLU B 4 13.58 40.58 21.93
N VAL B 5 12.40 40.10 22.33
CA VAL B 5 12.32 39.20 23.47
C VAL B 5 12.76 37.80 23.08
N LEU B 6 12.57 37.44 21.81
CA LEU B 6 12.77 36.06 21.39
C LEU B 6 14.22 35.76 21.05
N ARG B 7 15.11 36.75 21.18
CA ARG B 7 16.54 36.42 21.06
C ARG B 7 16.92 35.95 19.66
N ASP B 8 17.37 36.89 18.82
CA ASP B 8 17.62 36.70 17.39
C ASP B 8 17.94 35.26 17.00
N ASN B 9 18.75 34.55 17.78
CA ASN B 9 18.93 33.11 17.58
C ASN B 9 17.59 32.36 17.55
N GLY B 10 16.86 32.39 18.66
CA GLY B 10 15.59 31.70 18.73
C GLY B 10 14.57 32.29 17.76
N TYR B 11 14.71 33.57 17.46
CA TYR B 11 13.80 34.19 16.51
C TYR B 11 14.04 33.66 15.09
N HIS B 12 15.30 33.47 14.72
CA HIS B 12 15.62 32.84 13.45
C HIS B 12 15.09 31.42 13.43
N GLU B 13 15.21 30.70 14.54
CA GLU B 13 14.61 29.37 14.63
C GLU B 13 13.11 29.43 14.36
N TYR B 14 12.42 30.38 15.00
CA TYR B 14 10.99 30.52 14.82
C TYR B 14 10.63 30.85 13.38
N ARG B 15 11.41 31.72 12.74
CA ARG B 15 11.11 32.10 11.36
C ARG B 15 11.40 30.94 10.41
N ALA B 16 12.41 30.14 10.69
CA ALA B 16 12.68 28.97 9.87
C ALA B 16 11.55 27.95 9.99
N ARG B 17 11.10 27.67 11.22
CA ARG B 17 9.98 26.75 11.40
C ARG B 17 8.73 27.29 10.71
N LEU B 18 8.50 28.61 10.78
CA LEU B 18 7.32 29.18 10.15
C LEU B 18 7.43 29.11 8.63
N GLN B 19 8.62 29.29 8.07
CA GLN B 19 8.79 29.10 6.64
C GLN B 19 8.51 27.67 6.23
N ALA B 20 9.01 26.70 6.99
CA ALA B 20 8.75 25.31 6.66
C ALA B 20 7.28 24.96 6.80
N LEU B 21 6.58 25.60 7.74
CA LEU B 21 5.19 25.27 8.00
C LEU B 21 4.21 25.99 7.10
N LEU B 22 4.57 27.16 6.58
CA LEU B 22 3.58 27.99 5.90
C LEU B 22 4.17 28.66 4.66
N ASP B 23 5.39 28.30 4.29
CA ASP B 23 6.07 28.82 3.10
C ASP B 23 6.08 30.35 3.09
N ILE B 24 6.36 30.93 4.24
CA ILE B 24 6.57 32.36 4.39
C ILE B 24 8.06 32.61 4.53
N PRO B 25 8.70 33.30 3.59
CA PRO B 25 10.16 33.48 3.67
C PRO B 25 10.60 34.08 4.99
N GLU B 26 11.72 33.58 5.49
CA GLU B 26 12.23 33.94 6.81
C GLU B 26 12.76 35.37 6.86
N LEU B 27 12.83 36.05 5.72
CA LEU B 27 13.28 37.43 5.69
C LEU B 27 12.16 38.40 5.36
N ALA B 28 10.96 37.92 5.08
CA ALA B 28 9.82 38.79 4.89
C ALA B 28 9.55 39.61 6.14
N SER B 29 8.95 40.77 5.95
CA SER B 29 8.59 41.65 7.06
C SER B 29 7.23 41.26 7.61
N ASP B 30 6.87 41.87 8.73
CA ASP B 30 5.58 41.56 9.36
C ASP B 30 4.43 41.96 8.45
N PHE B 31 4.54 43.09 7.75
CA PHE B 31 3.49 43.49 6.82
C PHE B 31 3.38 42.48 5.68
N GLU B 32 4.50 41.91 5.26
CA GLU B 32 4.45 40.86 4.23
C GLU B 32 3.67 39.66 4.74
N ILE B 33 3.85 39.30 6.01
CA ILE B 33 3.10 38.20 6.60
C ILE B 33 1.61 38.52 6.61
N HIS B 34 1.26 39.73 7.03
CA HIS B 34 -0.14 40.15 7.01
C HIS B 34 -0.72 40.05 5.62
N THR B 35 0.01 40.52 4.62
CA THR B 35 -0.47 40.47 3.25
C THR B 35 -0.67 39.04 2.79
N ARG B 36 0.28 38.15 3.10
CA ARG B 36 0.14 36.75 2.75
C ARG B 36 -1.09 36.13 3.39
N ILE B 37 -1.39 36.53 4.63
CA ILE B 37 -2.60 36.03 5.27
C ILE B 37 -3.85 36.56 4.55
N THR B 38 -3.85 37.84 4.19
CA THR B 38 -5.01 38.42 3.52
C THR B 38 -5.17 37.89 2.10
N ASP B 39 -4.06 37.66 1.40
CA ASP B 39 -4.14 37.09 0.06
C ASP B 39 -4.79 35.72 0.05
N GLY B 40 -4.77 35.02 1.19
CA GLY B 40 -5.32 33.69 1.27
C GLY B 40 -4.24 32.61 1.19
N PHE B 41 -4.58 31.44 1.70
CA PHE B 41 -3.69 30.30 1.70
C PHE B 41 -4.31 29.18 0.89
N ALA B 42 -3.47 28.36 0.26
CA ALA B 42 -3.97 27.26 -0.54
C ALA B 42 -4.46 26.13 0.34
N ALA B 43 -5.65 25.60 0.04
CA ALA B 43 -6.15 24.43 0.74
C ALA B 43 -5.24 23.23 0.52
N THR B 44 -4.55 23.20 -0.61
CA THR B 44 -3.54 22.17 -0.83
C THR B 44 -2.53 22.15 0.30
N TRP B 45 -2.12 23.33 0.79
CA TRP B 45 -1.14 23.36 1.86
C TRP B 45 -1.72 22.79 3.15
N LEU B 46 -3.00 23.04 3.40
CA LEU B 46 -3.61 22.52 4.62
C LEU B 46 -3.73 21.01 4.56
N VAL B 47 -4.09 20.45 3.40
CA VAL B 47 -4.20 19.00 3.31
C VAL B 47 -2.82 18.35 3.35
N LYS B 48 -1.80 19.04 2.83
CA LYS B 48 -0.45 18.52 2.99
C LYS B 48 0.00 18.55 4.44
N LEU B 49 -0.37 19.61 5.17
CA LEU B 49 -0.01 19.68 6.59
C LEU B 49 -0.69 18.58 7.38
N THR B 50 -1.97 18.32 7.11
CA THR B 50 -2.66 17.27 7.84
C THR B 50 -2.19 15.89 7.42
N GLU B 51 -1.71 15.75 6.18
CA GLU B 51 -1.19 14.46 5.75
C GLU B 51 0.19 14.17 6.32
N ARG B 52 1.00 15.21 6.53
CA ARG B 52 2.31 15.05 7.12
C ARG B 52 2.26 14.95 8.64
N GLY B 53 1.08 14.79 9.21
CA GLY B 53 0.95 14.65 10.65
C GLY B 53 1.26 15.89 11.44
N VAL B 54 1.31 17.05 10.78
CA VAL B 54 1.57 18.29 11.50
C VAL B 54 0.31 18.76 12.23
N LEU B 55 -0.84 18.64 11.60
CA LEU B 55 -2.10 19.01 12.19
C LEU B 55 -3.00 17.78 12.34
N THR B 56 -3.63 17.68 13.50
CA THR B 56 -4.60 16.63 13.74
C THR B 56 -5.85 16.94 12.92
N PRO B 57 -6.57 15.91 12.45
CA PRO B 57 -7.81 16.19 11.72
C PRO B 57 -8.79 17.06 12.49
N VAL B 58 -8.85 16.91 13.82
CA VAL B 58 -9.71 17.79 14.58
C VAL B 58 -9.17 19.21 14.56
N GLU B 59 -7.85 19.37 14.51
CA GLU B 59 -7.28 20.70 14.36
C GLU B 59 -7.60 21.29 12.99
N ARG B 60 -7.53 20.46 11.95
CA ARG B 60 -7.95 20.90 10.62
C ARG B 60 -9.39 21.37 10.63
N ASP B 61 -10.27 20.61 11.30
CA ASP B 61 -11.66 21.01 11.40
C ASP B 61 -11.81 22.31 12.19
N GLN B 62 -10.98 22.52 13.21
CA GLN B 62 -11.00 23.77 13.94
C GLN B 62 -10.59 24.94 13.05
N ILE B 63 -9.68 24.69 12.11
CA ILE B 63 -9.34 25.73 11.14
C ILE B 63 -10.49 25.93 10.16
N ILE B 64 -10.98 24.85 9.56
CA ILE B 64 -12.04 24.92 8.57
C ILE B 64 -12.75 23.57 8.49
N PRO B 65 -14.06 23.54 8.35
CA PRO B 65 -14.76 22.27 8.10
C PRO B 65 -14.22 21.58 6.85
N LEU B 66 -14.34 20.26 6.84
CA LEU B 66 -13.79 19.47 5.73
C LEU B 66 -14.53 19.73 4.43
N ARG B 67 -15.87 19.75 4.49
CA ARG B 67 -16.65 19.95 3.27
C ARG B 67 -16.38 21.32 2.67
N THR B 68 -16.20 22.34 3.51
CA THR B 68 -15.86 23.65 3.01
C THR B 68 -14.49 23.66 2.34
N LEU B 69 -13.52 22.93 2.91
CA LEU B 69 -12.20 22.87 2.30
C LEU B 69 -12.27 22.13 0.96
N LYS B 70 -13.11 21.11 0.88
CA LYS B 70 -13.31 20.42 -0.39
C LYS B 70 -13.90 21.37 -1.42
N SER B 71 -14.86 22.20 -1.01
CA SER B 71 -15.39 23.22 -1.93
C SER B 71 -14.28 24.16 -2.38
N ARG B 72 -13.42 24.56 -1.45
CA ARG B 72 -12.30 25.44 -1.80
C ARG B 72 -11.40 24.79 -2.85
N ILE B 73 -11.00 23.54 -2.63
CA ILE B 73 -10.03 22.91 -3.53
C ILE B 73 -10.67 22.62 -4.88
N GLU B 74 -11.96 22.27 -4.89
CA GLU B 74 -12.65 22.06 -6.17
C GLU B 74 -12.70 23.36 -6.95
N ARG B 75 -13.16 24.44 -6.30
CA ARG B 75 -13.22 25.74 -6.96
C ARG B 75 -11.85 26.36 -7.18
N ASP B 76 -10.79 25.77 -6.63
CA ASP B 76 -9.45 26.36 -6.66
C ASP B 76 -9.47 27.78 -6.11
N GLN B 77 -10.11 27.93 -4.96
CA GLN B 77 -10.21 29.21 -4.29
C GLN B 77 -9.24 29.26 -3.13
N PRO B 78 -8.57 30.39 -2.91
CA PRO B 78 -7.75 30.53 -1.70
C PRO B 78 -8.62 30.61 -0.47
N LEU B 79 -8.03 30.30 0.68
CA LEU B 79 -8.77 30.34 1.93
C LEU B 79 -9.18 31.78 2.25
N THR B 80 -10.33 31.92 2.91
CA THR B 80 -10.78 33.24 3.32
C THR B 80 -9.83 33.81 4.37
N VAL B 81 -9.99 35.11 4.64
CA VAL B 81 -9.08 35.79 5.56
C VAL B 81 -9.17 35.20 6.95
N ASP B 82 -10.37 34.82 7.38
CA ASP B 82 -10.52 34.27 8.71
C ASP B 82 -10.02 32.83 8.79
N GLU B 83 -10.26 32.04 7.75
CA GLU B 83 -9.67 30.71 7.68
C GLU B 83 -8.16 30.79 7.61
N SER B 84 -7.63 31.70 6.79
CA SER B 84 -6.18 31.87 6.72
C SER B 84 -5.61 32.35 8.04
N ASP B 85 -6.39 33.14 8.79
CA ASP B 85 -5.90 33.63 10.07
C ASP B 85 -5.87 32.53 11.11
N ARG B 86 -6.90 31.66 11.11
CA ARG B 86 -6.85 30.48 11.97
C ARG B 86 -5.66 29.60 11.63
N LEU B 87 -5.42 29.37 10.34
CA LEU B 87 -4.28 28.56 9.93
C LEU B 87 -2.97 29.20 10.39
N PHE B 88 -2.85 30.51 10.23
CA PHE B 88 -1.64 31.19 10.65
C PHE B 88 -1.44 31.11 12.15
N ARG B 89 -2.53 31.25 12.91
CA ARG B 89 -2.42 31.12 14.36
C ARG B 89 -1.90 29.73 14.73
N SER B 90 -2.45 28.70 14.10
CA SER B 90 -1.99 27.34 14.35
C SER B 90 -0.51 27.20 14.06
N ALA B 91 -0.10 27.55 12.83
CA ALA B 91 1.29 27.35 12.43
C ALA B 91 2.24 28.23 13.22
N HIS B 92 1.79 29.43 13.60
CA HIS B 92 2.65 30.37 14.31
C HIS B 92 2.87 29.93 15.75
N ILE B 93 1.82 29.44 16.41
CA ILE B 93 2.00 28.88 17.74
C ILE B 93 2.88 27.63 17.67
N THR B 94 2.71 26.81 16.63
CA THR B 94 3.57 25.64 16.47
C THR B 94 5.02 26.05 16.31
N ALA B 95 5.29 27.08 15.50
CA ALA B 95 6.66 27.51 15.28
C ALA B 95 7.27 28.09 16.54
N MET B 96 6.51 28.87 17.30
CA MET B 96 7.04 29.44 18.53
C MET B 96 7.30 28.34 19.55
N ALA B 97 6.40 27.36 19.65
CA ALA B 97 6.60 26.26 20.58
C ALA B 97 7.82 25.44 20.20
N GLU B 98 8.04 25.23 18.91
CA GLU B 98 9.23 24.49 18.48
C GLU B 98 10.50 25.31 18.70
N ALA B 99 10.40 26.64 18.62
CA ALA B 99 11.56 27.47 18.90
C ALA B 99 11.90 27.48 20.38
N VAL B 100 10.89 27.37 21.25
CA VAL B 100 11.15 27.42 22.68
C VAL B 100 11.58 26.05 23.21
N PHE B 101 10.87 25.00 22.81
CA PHE B 101 11.13 23.66 23.34
C PHE B 101 12.33 22.98 22.67
N GLY B 102 12.70 23.40 21.46
CA GLY B 102 13.82 22.81 20.77
C GLY B 102 13.51 21.55 19.99
N GLU B 103 12.38 20.91 20.22
CA GLU B 103 12.01 19.70 19.50
C GLU B 103 10.52 19.73 19.17
N ALA B 104 10.19 19.25 17.98
CA ALA B 104 8.80 19.32 17.52
C ALA B 104 7.90 18.41 18.35
N GLY B 105 8.40 17.26 18.76
CA GLY B 105 7.57 16.33 19.51
C GLY B 105 7.18 16.88 20.87
N LYS B 106 8.14 17.41 21.60
CA LYS B 106 7.85 18.00 22.91
C LYS B 106 6.91 19.19 22.77
N ALA B 107 7.13 20.01 21.75
CA ALA B 107 6.26 21.16 21.53
C ALA B 107 4.83 20.72 21.25
N LYS B 108 4.65 19.78 20.34
CA LYS B 108 3.30 19.33 20.00
C LYS B 108 2.62 18.66 21.19
N ARG B 109 3.39 17.90 21.97
CA ARG B 109 2.84 17.28 23.17
C ARG B 109 2.37 18.34 24.15
N TRP B 110 3.21 19.34 24.42
CA TRP B 110 2.83 20.42 25.32
C TRP B 110 1.61 21.17 24.82
N LEU B 111 1.50 21.33 23.50
CA LEU B 111 0.35 22.02 22.94
C LEU B 111 -0.90 21.18 22.94
N SER B 112 -0.76 19.85 23.04
CA SER B 112 -1.90 18.95 23.00
C SER B 112 -2.37 18.50 24.37
N LYS B 113 -1.68 18.91 25.43
CA LYS B 113 -2.03 18.48 26.77
C LYS B 113 -2.85 19.56 27.46
N PRO B 114 -3.87 19.18 28.24
CA PRO B 114 -4.67 20.18 28.94
C PRO B 114 -3.84 20.95 29.96
N LYS B 115 -4.29 22.16 30.24
CA LYS B 115 -3.58 23.06 31.14
C LYS B 115 -4.55 23.55 32.21
N GLU B 116 -4.07 23.59 33.45
CA GLU B 116 -4.91 24.09 34.53
C GLU B 116 -5.14 25.59 34.40
N ARG B 117 -4.18 26.31 33.82
CA ARG B 117 -4.34 27.73 33.55
C ARG B 117 -5.47 27.98 32.56
N PHE B 118 -5.77 27.03 31.68
CA PHE B 118 -6.85 27.15 30.71
C PHE B 118 -8.06 26.33 31.11
N SER B 119 -8.21 26.02 32.40
CA SER B 119 -9.34 25.27 32.92
C SER B 119 -9.52 23.94 32.19
N GLY B 120 -8.40 23.24 31.99
CA GLY B 120 -8.46 21.95 31.33
C GLY B 120 -8.58 22.02 29.84
N LEU B 121 -8.04 23.05 29.21
CA LEU B 121 -8.04 23.18 27.76
C LEU B 121 -6.61 23.15 27.25
N THR B 122 -6.42 22.55 26.09
CA THR B 122 -5.12 22.52 25.48
C THR B 122 -4.82 23.85 24.80
N PRO B 123 -3.55 24.22 24.69
CA PRO B 123 -3.20 25.45 23.97
C PRO B 123 -3.74 25.49 22.54
N MET B 124 -3.79 24.35 21.86
CA MET B 124 -4.35 24.32 20.52
C MET B 124 -5.82 24.69 20.53
N GLN B 125 -6.53 24.38 21.61
CA GLN B 125 -7.92 24.80 21.73
C GLN B 125 -8.04 26.28 22.07
N MET B 126 -6.98 26.88 22.60
CA MET B 126 -6.98 28.30 22.90
C MET B 126 -6.88 29.16 21.65
N LEU B 127 -6.54 28.58 20.51
CA LEU B 127 -6.28 29.34 19.30
C LEU B 127 -7.55 29.74 18.57
N THR B 128 -8.70 29.64 19.21
CA THR B 128 -9.95 30.10 18.61
C THR B 128 -10.19 31.58 18.79
N THR B 129 -9.48 32.22 19.71
CA THR B 129 -9.64 33.65 19.96
C THR B 129 -8.27 34.32 19.90
N GLN B 130 -8.30 35.65 19.73
CA GLN B 130 -7.08 36.43 19.79
C GLN B 130 -6.46 36.35 21.17
N GLN B 131 -7.30 36.44 22.21
CA GLN B 131 -6.79 36.43 23.58
C GLN B 131 -6.22 35.08 23.96
N GLY B 132 -6.82 33.99 23.47
CA GLY B 132 -6.27 32.67 23.77
C GLY B 132 -4.93 32.43 23.13
N THR B 133 -4.80 32.80 21.85
CA THR B 133 -3.50 32.75 21.19
C THR B 133 -2.48 33.60 21.95
N THR B 134 -2.91 34.77 22.41
CA THR B 134 -2.01 35.63 23.16
C THR B 134 -1.59 34.98 24.47
N GLN B 135 -2.51 34.28 25.13
CA GLN B 135 -2.16 33.58 26.37
C GLN B 135 -1.15 32.47 26.11
N VAL B 136 -1.33 31.74 25.02
CA VAL B 136 -0.36 30.71 24.66
C VAL B 136 1.02 31.32 24.41
N GLU B 137 1.06 32.45 23.71
CA GLU B 137 2.33 33.13 23.49
C GLU B 137 2.96 33.56 24.80
N GLU B 138 2.13 34.09 25.71
CA GLU B 138 2.64 34.52 27.01
C GLU B 138 3.23 33.35 27.79
N MET B 139 2.57 32.19 27.74
CA MET B 139 3.09 31.02 28.43
C MET B 139 4.41 30.56 27.83
N LEU B 140 4.48 30.51 26.50
CA LEU B 140 5.72 30.12 25.84
C LEU B 140 6.87 31.05 26.22
N LEU B 141 6.59 32.36 26.24
CA LEU B 141 7.65 33.31 26.57
C LEU B 141 8.02 33.25 28.04
N GLN B 142 7.06 32.90 28.90
CA GLN B 142 7.38 32.67 30.31
C GLN B 142 8.32 31.48 30.46
N ILE B 143 8.07 30.43 29.69
CA ILE B 143 8.99 29.28 29.67
C ILE B 143 10.37 29.74 29.22
N ALA B 144 10.42 30.53 28.15
CA ALA B 144 11.69 30.91 27.56
C ALA B 144 12.49 31.83 28.48
N GLU B 145 11.81 32.67 29.25
CA GLU B 145 12.47 33.65 30.09
C GLU B 145 12.68 33.16 31.52
N GLY B 146 12.16 31.99 31.88
CA GLY B 146 12.35 31.46 33.21
C GLY B 146 11.50 32.10 34.27
N TYR B 147 10.30 32.55 33.93
CA TYR B 147 9.37 33.13 34.90
C TYR B 147 8.51 32.00 35.44
N GLY B 148 9.10 31.22 36.32
CA GLY B 148 8.49 29.99 36.80
C GLY B 148 7.84 30.09 38.16
N LEU B 149 8.05 31.19 38.87
CA LEU B 149 7.50 31.32 40.21
C LEU B 149 6.00 31.54 40.16
N MET C 1 0.24 40.13 24.92
CA MET C 1 -0.24 40.91 26.06
C MET C 1 0.49 42.24 26.14
N LEU C 2 0.61 42.90 24.98
CA LEU C 2 1.36 44.14 24.88
C LEU C 2 0.69 45.28 25.64
N ALA C 3 -0.62 45.17 25.91
CA ALA C 3 -1.29 46.19 26.71
C ALA C 3 -0.67 46.30 28.10
N GLU C 4 -0.07 45.22 28.60
CA GLU C 4 0.57 45.26 29.90
C GLU C 4 1.86 46.07 29.88
N VAL C 5 2.42 46.35 28.69
CA VAL C 5 3.64 47.13 28.60
C VAL C 5 3.37 48.60 28.90
N LEU C 6 2.12 49.04 28.82
CA LEU C 6 1.79 50.42 29.13
C LEU C 6 2.27 50.80 30.53
N ARG C 7 2.68 52.05 30.69
CA ARG C 7 3.32 52.44 31.97
C ARG C 7 2.32 52.88 33.04
N ASP C 8 2.77 52.87 34.29
CA ASP C 8 1.95 53.36 35.43
C ASP C 8 0.50 52.90 35.37
N ASN C 9 -0.39 53.76 34.89
CA ASN C 9 -1.82 53.46 34.97
C ASN C 9 -2.39 52.95 33.66
N GLY C 10 -1.58 52.89 32.61
CA GLY C 10 -2.04 52.56 31.28
C GLY C 10 -2.94 51.34 31.22
N TYR C 11 -2.41 50.19 31.65
CA TYR C 11 -3.19 48.96 31.60
C TYR C 11 -4.52 49.11 32.32
N HIS C 12 -4.51 49.77 33.48
CA HIS C 12 -5.76 49.97 34.20
C HIS C 12 -6.73 50.77 33.36
N GLU C 13 -6.27 51.89 32.80
CA GLU C 13 -7.10 52.64 31.87
C GLU C 13 -7.52 51.79 30.69
N TYR C 14 -6.64 50.89 30.23
CA TYR C 14 -7.03 50.01 29.14
C TYR C 14 -8.17 49.09 29.55
N ARG C 15 -8.18 48.67 30.82
CA ARG C 15 -9.23 47.76 31.26
C ARG C 15 -10.53 48.50 31.51
N ALA C 16 -10.44 49.75 31.97
CA ALA C 16 -11.65 50.55 32.15
C ALA C 16 -12.34 50.80 30.83
N ARG C 17 -11.61 51.32 29.84
CA ARG C 17 -12.20 51.57 28.53
C ARG C 17 -12.75 50.29 27.94
N LEU C 18 -11.98 49.20 28.01
CA LEU C 18 -12.47 47.91 27.52
C LEU C 18 -13.73 47.49 28.25
N GLN C 19 -13.85 47.85 29.52
CA GLN C 19 -15.10 47.55 30.24
C GLN C 19 -16.25 48.37 29.68
N ALA C 20 -16.00 49.64 29.36
CA ALA C 20 -17.06 50.47 28.82
C ALA C 20 -17.43 50.08 27.39
N LEU C 21 -16.46 49.55 26.64
CA LEU C 21 -16.71 49.21 25.25
C LEU C 21 -17.38 47.87 25.07
N LEU C 22 -17.07 46.87 25.90
CA LEU C 22 -17.54 45.51 25.62
C LEU C 22 -17.99 44.79 26.89
N ASP C 23 -18.24 45.54 27.97
CA ASP C 23 -18.67 44.98 29.24
C ASP C 23 -17.79 43.82 29.69
N ILE C 24 -16.49 44.06 29.80
CA ILE C 24 -15.54 43.07 30.29
C ILE C 24 -15.03 43.56 31.64
N PRO C 25 -15.30 42.86 32.73
CA PRO C 25 -14.88 43.33 34.05
C PRO C 25 -13.39 43.60 34.10
N GLU C 26 -13.02 44.62 34.88
CA GLU C 26 -11.65 45.10 34.91
C GLU C 26 -10.69 44.09 35.52
N LEU C 27 -11.17 43.27 36.46
CA LEU C 27 -10.34 42.29 37.12
C LEU C 27 -10.56 40.87 36.59
N ALA C 28 -11.30 40.73 35.50
CA ALA C 28 -11.50 39.42 34.90
C ALA C 28 -10.17 38.89 34.37
N SER C 29 -10.04 37.57 34.39
CA SER C 29 -8.82 36.93 33.92
C SER C 29 -8.83 36.84 32.40
N ASP C 30 -7.64 36.66 31.82
CA ASP C 30 -7.53 36.52 30.38
C ASP C 30 -8.31 35.31 29.89
N PHE C 31 -8.32 34.24 30.68
CA PHE C 31 -9.12 33.08 30.32
C PHE C 31 -10.61 33.42 30.34
N GLU C 32 -11.03 34.29 31.27
CA GLU C 32 -12.41 34.72 31.27
C GLU C 32 -12.73 35.53 30.01
N ILE C 33 -11.76 36.32 29.53
CA ILE C 33 -11.96 37.04 28.28
C ILE C 33 -12.12 36.06 27.12
N HIS C 34 -11.27 35.04 27.08
CA HIS C 34 -11.40 34.01 26.05
C HIS C 34 -12.77 33.35 26.11
N THR C 35 -13.25 33.08 27.33
CA THR C 35 -14.56 32.45 27.48
C THR C 35 -15.67 33.38 27.02
N ARG C 36 -15.56 34.68 27.32
CA ARG C 36 -16.55 35.64 26.85
C ARG C 36 -16.57 35.73 25.34
N ILE C 37 -15.41 35.63 24.71
CA ILE C 37 -15.37 35.64 23.25
C ILE C 37 -16.01 34.37 22.69
N THR C 38 -15.71 33.22 23.29
CA THR C 38 -16.23 31.96 22.77
C THR C 38 -17.75 31.86 22.96
N ASP C 39 -18.26 32.35 24.08
CA ASP C 39 -19.70 32.30 24.30
C ASP C 39 -20.46 33.22 23.35
N GLY C 40 -19.78 34.18 22.73
CA GLY C 40 -20.42 35.09 21.81
C GLY C 40 -20.97 36.34 22.48
N PHE C 41 -20.73 37.49 21.86
CA PHE C 41 -21.25 38.76 22.36
C PHE C 41 -22.61 39.05 21.75
N ALA C 42 -23.37 39.89 22.44
CA ALA C 42 -24.69 40.26 21.96
C ALA C 42 -24.59 41.18 20.75
N ALA C 43 -25.39 40.89 19.73
CA ALA C 43 -25.42 41.76 18.55
C ALA C 43 -26.02 43.11 18.87
N THR C 44 -26.93 43.17 19.85
CA THR C 44 -27.49 44.44 20.27
C THR C 44 -26.40 45.37 20.77
N TRP C 45 -25.38 44.82 21.44
CA TRP C 45 -24.27 45.63 21.88
C TRP C 45 -23.51 46.22 20.70
N LEU C 46 -23.35 45.44 19.63
CA LEU C 46 -22.69 45.96 18.44
C LEU C 46 -23.51 47.07 17.80
N VAL C 47 -24.83 46.87 17.69
CA VAL C 47 -25.68 47.91 17.12
C VAL C 47 -25.59 49.19 17.96
N LYS C 48 -25.56 49.04 19.28
CA LYS C 48 -25.45 50.22 20.14
C LYS C 48 -24.10 50.89 19.99
N LEU C 49 -23.04 50.10 19.81
CA LEU C 49 -21.73 50.68 19.57
C LEU C 49 -21.72 51.51 18.30
N THR C 50 -22.40 51.01 17.25
CA THR C 50 -22.52 51.81 16.04
C THR C 50 -23.34 53.06 16.25
N GLU C 51 -24.45 52.95 17.00
CA GLU C 51 -25.31 54.10 17.24
C GLU C 51 -24.58 55.19 18.02
N ARG C 52 -23.81 54.80 19.03
CA ARG C 52 -23.06 55.77 19.81
C ARG C 52 -21.83 56.30 19.09
N GLY C 53 -21.59 55.87 17.86
CA GLY C 53 -20.45 56.36 17.11
C GLY C 53 -19.13 55.71 17.48
N VAL C 54 -19.15 54.64 18.26
CA VAL C 54 -17.91 53.95 18.60
C VAL C 54 -17.30 53.31 17.36
N LEU C 55 -18.15 52.77 16.50
CA LEU C 55 -17.71 52.16 15.26
C LEU C 55 -18.39 52.84 14.07
N THR C 56 -17.70 52.90 12.99
CA THR C 56 -18.35 53.39 11.79
C THR C 56 -19.13 52.27 11.14
N PRO C 57 -20.16 52.60 10.35
CA PRO C 57 -20.94 51.54 9.70
C PRO C 57 -20.11 50.61 8.84
N VAL C 58 -19.06 51.11 8.21
CA VAL C 58 -18.19 50.23 7.44
C VAL C 58 -17.38 49.33 8.36
N GLU C 59 -17.01 49.84 9.54
CA GLU C 59 -16.31 49.00 10.50
C GLU C 59 -17.22 47.87 11.00
N ARG C 60 -18.47 48.20 11.29
CA ARG C 60 -19.42 47.18 11.70
C ARG C 60 -19.65 46.18 10.57
N ASP C 61 -19.72 46.65 9.32
CA ASP C 61 -19.89 45.75 8.20
C ASP C 61 -18.69 44.82 8.05
N GLN C 62 -17.49 45.32 8.37
CA GLN C 62 -16.32 44.47 8.32
C GLN C 62 -16.34 43.46 9.45
N ILE C 63 -16.90 43.83 10.61
CA ILE C 63 -17.06 42.87 11.69
C ILE C 63 -18.10 41.82 11.30
N ILE C 64 -19.25 42.26 10.81
CA ILE C 64 -20.32 41.36 10.41
C ILE C 64 -21.19 42.05 9.36
N PRO C 65 -21.59 41.35 8.30
CA PRO C 65 -22.51 41.95 7.33
C PRO C 65 -23.84 42.31 7.98
N LEU C 66 -24.53 43.26 7.37
CA LEU C 66 -25.72 43.83 8.00
C LEU C 66 -26.88 42.83 7.99
N ARG C 67 -27.08 42.12 6.88
CA ARG C 67 -28.13 41.12 6.84
C ARG C 67 -27.89 40.04 7.89
N THR C 68 -26.64 39.60 8.01
CA THR C 68 -26.30 38.61 9.03
C THR C 68 -26.56 39.16 10.43
N LEU C 69 -26.24 40.43 10.65
CA LEU C 69 -26.48 41.03 11.96
C LEU C 69 -27.97 41.08 12.29
N LYS C 70 -28.80 41.47 11.33
CA LYS C 70 -30.23 41.50 11.57
C LYS C 70 -30.77 40.10 11.81
N SER C 71 -30.22 39.10 11.11
CA SER C 71 -30.60 37.72 11.38
C SER C 71 -30.25 37.32 12.80
N ARG C 72 -29.04 37.69 13.26
CA ARG C 72 -28.64 37.40 14.63
C ARG C 72 -29.60 38.04 15.62
N ILE C 73 -30.03 39.27 15.33
CA ILE C 73 -30.90 39.98 16.27
C ILE C 73 -32.29 39.34 16.32
N GLU C 74 -32.83 38.98 15.16
CA GLU C 74 -34.17 38.39 15.13
C GLU C 74 -34.17 36.99 15.73
N ARG C 75 -33.20 36.17 15.36
CA ARG C 75 -33.12 34.80 15.85
C ARG C 75 -32.62 34.73 17.30
N ASP C 76 -32.23 35.86 17.87
CA ASP C 76 -31.77 35.94 19.27
C ASP C 76 -30.59 35.01 19.51
N GLN C 77 -29.58 35.16 18.65
CA GLN C 77 -28.37 34.36 18.73
C GLN C 77 -27.18 35.25 19.04
N PRO C 78 -26.29 34.82 19.93
CA PRO C 78 -25.04 35.56 20.12
C PRO C 78 -24.17 35.47 18.87
N LEU C 79 -23.23 36.39 18.78
CA LEU C 79 -22.33 36.40 17.63
C LEU C 79 -21.46 35.16 17.64
N THR C 80 -21.08 34.71 16.45
CA THR C 80 -20.19 33.55 16.33
C THR C 80 -18.83 33.87 16.94
N VAL C 81 -18.00 32.84 17.04
CA VAL C 81 -16.70 33.02 17.69
C VAL C 81 -15.78 33.91 16.88
N ASP C 82 -15.86 33.89 15.55
CA ASP C 82 -15.03 34.75 14.73
C ASP C 82 -15.58 36.16 14.59
N GLU C 83 -16.90 36.32 14.50
CA GLU C 83 -17.48 37.65 14.58
C GLU C 83 -17.18 38.30 15.92
N SER C 84 -17.33 37.53 17.01
CA SER C 84 -16.99 38.05 18.32
C SER C 84 -15.50 38.32 18.44
N ASP C 85 -14.68 37.51 17.75
CA ASP C 85 -13.24 37.74 17.77
C ASP C 85 -12.89 39.06 17.10
N ARG C 86 -13.51 39.35 15.96
CA ARG C 86 -13.26 40.62 15.28
C ARG C 86 -13.78 41.79 16.11
N LEU C 87 -14.95 41.64 16.72
CA LEU C 87 -15.45 42.69 17.61
C LEU C 87 -14.48 42.93 18.77
N PHE C 88 -13.95 41.86 19.36
CA PHE C 88 -13.02 42.01 20.45
C PHE C 88 -11.73 42.67 19.99
N ARG C 89 -11.24 42.31 18.82
CA ARG C 89 -10.05 42.96 18.27
C ARG C 89 -10.28 44.46 18.14
N SER C 90 -11.44 44.84 17.59
CA SER C 90 -11.76 46.25 17.42
C SER C 90 -11.81 46.96 18.76
N ALA C 91 -12.53 46.39 19.72
CA ALA C 91 -12.67 47.03 21.03
C ALA C 91 -11.34 47.09 21.77
N HIS C 92 -10.52 46.06 21.60
CA HIS C 92 -9.24 46.00 22.30
C HIS C 92 -8.27 47.04 21.75
N ILE C 93 -8.19 47.16 20.43
CA ILE C 93 -7.34 48.18 19.85
C ILE C 93 -7.87 49.58 20.17
N THR C 94 -9.20 49.74 20.18
CA THR C 94 -9.77 51.04 20.53
C THR C 94 -9.44 51.42 21.96
N ALA C 95 -9.56 50.48 22.90
CA ALA C 95 -9.25 50.78 24.29
C ALA C 95 -7.77 51.04 24.48
N MET C 96 -6.91 50.30 23.77
CA MET C 96 -5.48 50.55 23.86
C MET C 96 -5.13 51.93 23.34
N ALA C 97 -5.72 52.33 22.21
CA ALA C 97 -5.44 53.64 21.65
C ALA C 97 -5.99 54.75 22.56
N GLU C 98 -7.16 54.52 23.17
CA GLU C 98 -7.70 55.51 24.09
C GLU C 98 -6.83 55.63 25.34
N ALA C 99 -6.21 54.54 25.78
CA ALA C 99 -5.32 54.61 26.91
C ALA C 99 -4.01 55.30 26.55
N VAL C 100 -3.56 55.15 25.31
CA VAL C 100 -2.31 55.79 24.90
C VAL C 100 -2.49 57.28 24.68
N PHE C 101 -3.56 57.68 23.99
CA PHE C 101 -3.78 59.07 23.65
C PHE C 101 -4.58 59.83 24.70
N GLY C 102 -5.29 59.12 25.57
CA GLY C 102 -5.99 59.77 26.66
C GLY C 102 -7.32 60.38 26.29
N GLU C 103 -7.78 60.19 25.05
CA GLU C 103 -9.08 60.71 24.65
C GLU C 103 -9.63 59.92 23.48
N ALA C 104 -10.96 59.73 23.45
CA ALA C 104 -11.57 58.94 22.39
C ALA C 104 -11.37 59.58 21.03
N GLY C 105 -11.37 60.91 20.97
CA GLY C 105 -11.35 61.58 19.69
C GLY C 105 -10.05 61.41 18.94
N LYS C 106 -8.95 61.75 19.60
CA LYS C 106 -7.63 61.62 18.96
C LYS C 106 -7.40 60.16 18.62
N ALA C 107 -7.75 59.28 19.54
CA ALA C 107 -7.55 57.86 19.33
C ALA C 107 -8.29 57.38 18.08
N LYS C 108 -9.56 57.74 17.97
CA LYS C 108 -10.35 57.33 16.82
C LYS C 108 -9.81 57.95 15.53
N ARG C 109 -9.26 59.16 15.62
CA ARG C 109 -8.67 59.78 14.44
C ARG C 109 -7.41 59.07 14.02
N TRP C 110 -6.53 58.75 14.97
CA TRP C 110 -5.30 58.03 14.65
C TRP C 110 -5.61 56.64 14.11
N LEU C 111 -6.69 56.03 14.59
CA LEU C 111 -7.06 54.70 14.12
C LEU C 111 -7.63 54.72 12.70
N SER C 112 -8.18 55.86 12.26
CA SER C 112 -8.79 55.97 10.94
C SER C 112 -7.88 56.66 9.95
N LYS C 113 -6.62 56.90 10.30
CA LYS C 113 -5.70 57.60 9.43
C LYS C 113 -4.76 56.61 8.78
N PRO C 114 -4.63 56.60 7.45
CA PRO C 114 -3.74 55.63 6.80
C PRO C 114 -2.29 55.86 7.20
N LYS C 115 -1.51 54.78 7.16
CA LYS C 115 -0.14 54.79 7.63
C LYS C 115 0.79 54.30 6.54
N GLU C 116 1.99 54.88 6.48
CA GLU C 116 2.98 54.46 5.50
C GLU C 116 3.41 53.02 5.75
N ARG C 117 3.60 52.66 7.01
CA ARG C 117 4.05 51.31 7.36
C ARG C 117 3.07 50.25 6.88
N PHE C 118 1.79 50.62 6.74
CA PHE C 118 0.77 49.69 6.31
C PHE C 118 0.39 49.87 4.84
N SER C 119 1.30 50.44 4.04
CA SER C 119 1.08 50.64 2.61
C SER C 119 -0.19 51.45 2.33
N GLY C 120 -0.45 52.44 3.18
CA GLY C 120 -1.62 53.27 3.01
C GLY C 120 -2.89 52.74 3.63
N LEU C 121 -2.78 51.78 4.55
CA LEU C 121 -3.93 51.22 5.23
C LEU C 121 -4.05 51.80 6.63
N THR C 122 -5.27 51.85 7.13
CA THR C 122 -5.51 52.33 8.48
C THR C 122 -5.36 51.19 9.47
N PRO C 123 -4.98 51.50 10.71
CA PRO C 123 -4.88 50.45 11.74
C PRO C 123 -6.15 49.63 11.89
N MET C 124 -7.32 50.25 11.74
CA MET C 124 -8.56 49.50 11.84
C MET C 124 -8.69 48.47 10.71
N GLN C 125 -8.07 48.75 9.57
CA GLN C 125 -8.02 47.77 8.49
C GLN C 125 -7.01 46.68 8.77
N MET C 126 -6.03 46.94 9.65
CA MET C 126 -5.02 45.95 10.00
C MET C 126 -5.54 44.92 10.98
N LEU C 127 -6.78 45.02 11.43
CA LEU C 127 -7.33 44.12 12.42
C LEU C 127 -7.98 42.89 11.80
N THR C 128 -7.54 42.50 10.61
CA THR C 128 -8.04 41.31 9.96
C THR C 128 -7.17 40.08 10.21
N THR C 129 -5.95 40.27 10.69
CA THR C 129 -5.04 39.17 10.96
C THR C 129 -4.42 39.36 12.34
N GLN C 130 -3.98 38.26 12.93
CA GLN C 130 -3.25 38.32 14.19
C GLN C 130 -2.01 39.18 14.05
N GLN C 131 -1.30 39.03 12.93
CA GLN C 131 -0.07 39.80 12.72
C GLN C 131 -0.36 41.29 12.62
N GLY C 132 -1.44 41.67 11.94
CA GLY C 132 -1.78 43.08 11.84
C GLY C 132 -2.17 43.67 13.17
N THR C 133 -2.93 42.93 13.97
CA THR C 133 -3.26 43.39 15.32
C THR C 133 -2.01 43.58 16.15
N THR C 134 -1.07 42.64 16.06
CA THR C 134 0.19 42.79 16.77
C THR C 134 0.96 44.01 16.29
N GLN C 135 0.93 44.28 14.99
CA GLN C 135 1.61 45.45 14.47
C GLN C 135 1.00 46.74 14.99
N VAL C 136 -0.34 46.80 15.06
CA VAL C 136 -0.99 47.98 15.60
C VAL C 136 -0.61 48.18 17.07
N GLU C 137 -0.58 47.09 17.84
CA GLU C 137 -0.20 47.19 19.24
C GLU C 137 1.24 47.67 19.37
N GLU C 138 2.13 47.15 18.53
CA GLU C 138 3.52 47.57 18.57
C GLU C 138 3.66 49.05 18.24
N MET C 139 2.90 49.53 17.25
CA MET C 139 2.96 50.95 16.90
C MET C 139 2.45 51.81 18.04
N LEU C 140 1.34 51.39 18.68
CA LEU C 140 0.83 52.13 19.82
C LEU C 140 1.88 52.20 20.94
N LEU C 141 2.58 51.09 21.17
CA LEU C 141 3.58 51.09 22.23
C LEU C 141 4.78 51.95 21.86
N GLN C 142 5.18 51.95 20.59
CA GLN C 142 6.24 52.84 20.14
C GLN C 142 5.85 54.30 20.35
N ILE C 143 4.59 54.63 20.07
CA ILE C 143 4.11 55.99 20.31
C ILE C 143 4.16 56.31 21.79
N ALA C 144 3.72 55.38 22.63
CA ALA C 144 3.67 55.64 24.07
C ALA C 144 5.06 55.77 24.67
N GLU C 145 6.05 55.07 24.11
CA GLU C 145 7.42 55.17 24.59
C GLU C 145 7.93 56.59 24.42
N GLY C 146 8.03 57.04 23.17
CA GLY C 146 8.28 58.43 22.86
C GLY C 146 7.02 59.25 22.71
N TYR C 147 6.39 59.64 23.82
CA TYR C 147 5.04 60.20 23.85
C TYR C 147 4.76 61.19 22.74
N GLY C 148 3.63 61.01 22.05
CA GLY C 148 3.26 61.87 20.95
C GLY C 148 1.79 61.76 20.59
N PRO D 14 23.30 22.90 59.74
CA PRO D 14 22.91 21.83 58.81
C PRO D 14 21.45 21.42 59.01
N ILE D 15 20.63 21.63 57.99
CA ILE D 15 19.21 21.32 58.04
C ILE D 15 18.87 20.39 56.88
N LEU D 16 18.19 19.30 57.19
CA LEU D 16 17.79 18.32 56.20
C LEU D 16 16.26 18.28 56.11
N TRP D 17 15.77 17.76 55.00
CA TRP D 17 14.34 17.77 54.71
C TRP D 17 13.91 16.39 54.24
N ARG D 18 12.85 15.87 54.84
CA ARG D 18 12.33 14.57 54.50
C ARG D 18 10.85 14.68 54.16
N ILE D 19 10.37 13.78 53.30
CA ILE D 19 8.95 13.68 52.97
C ILE D 19 8.56 12.23 53.10
N SER D 20 7.72 11.92 54.08
CA SER D 20 7.32 10.53 54.30
C SER D 20 6.03 10.51 55.10
N ALA D 21 5.39 9.34 55.10
CA ALA D 21 4.14 9.14 55.81
C ALA D 21 4.30 9.08 57.31
N TYR D 22 5.53 9.19 57.82
CA TYR D 22 5.79 9.07 59.25
C TYR D 22 6.59 10.28 59.72
N ALA D 23 6.37 10.64 60.98
CA ALA D 23 6.99 11.81 61.58
C ALA D 23 8.08 11.41 62.57
N ASP D 24 8.86 10.40 62.24
CA ASP D 24 9.97 9.96 63.07
C ASP D 24 11.19 9.71 62.20
N LEU D 25 12.27 9.29 62.84
CA LEU D 25 13.50 8.92 62.16
C LEU D 25 13.87 7.47 62.39
N SER D 26 12.88 6.59 62.54
CA SER D 26 13.16 5.18 62.80
C SER D 26 13.68 4.49 61.55
N GLY D 27 13.02 4.71 60.41
CA GLY D 27 13.42 4.06 59.19
C GLY D 27 13.21 2.56 59.15
N THR D 28 12.32 2.04 60.00
CA THR D 28 12.14 0.59 60.10
C THR D 28 11.67 -0.03 58.79
N GLY D 29 11.01 0.74 57.93
CA GLY D 29 10.57 0.21 56.66
C GLY D 29 11.72 -0.27 55.79
N GLY D 30 12.92 0.22 56.05
CA GLY D 30 14.09 -0.25 55.33
C GLY D 30 14.46 -1.69 55.63
N LEU D 31 13.90 -2.26 56.70
CA LEU D 31 14.14 -3.67 57.00
C LEU D 31 13.40 -4.59 56.05
N ARG D 32 12.44 -4.08 55.29
CA ARG D 32 11.68 -4.90 54.35
C ARG D 32 11.76 -4.42 52.91
N VAL D 33 11.85 -3.12 52.67
CA VAL D 33 11.85 -2.57 51.33
C VAL D 33 13.17 -1.86 51.08
N SER D 34 13.66 -1.97 49.85
CA SER D 34 14.95 -1.38 49.48
C SER D 34 14.76 -0.12 48.65
N GLY D 35 15.82 0.67 48.56
CA GLY D 35 15.84 1.85 47.75
C GLY D 35 16.98 1.85 46.73
N ARG D 36 17.23 3.04 46.18
CA ARG D 36 18.34 3.17 45.24
C ARG D 36 19.68 3.05 45.95
N TRP D 37 19.75 3.51 47.20
CA TRP D 37 21.00 3.60 47.93
C TRP D 37 21.11 2.55 49.03
N HIS D 38 20.26 1.52 49.02
CA HIS D 38 20.32 0.51 50.07
C HIS D 38 19.51 -0.70 49.64
N GLN D 39 19.88 -1.84 50.21
CA GLN D 39 19.15 -3.08 50.05
C GLN D 39 18.37 -3.37 51.32
N ALA D 40 17.25 -4.07 51.18
CA ALA D 40 16.38 -4.35 52.32
C ALA D 40 17.13 -5.10 53.41
N GLY D 41 16.80 -4.78 54.65
CA GLY D 41 17.42 -5.43 55.79
C GLY D 41 18.17 -4.47 56.69
N ARG D 42 18.14 -3.19 56.35
CA ARG D 42 18.83 -2.17 57.12
C ARG D 42 17.93 -0.96 57.22
N PRO D 43 17.89 -0.29 58.37
CA PRO D 43 17.09 0.93 58.48
C PRO D 43 17.86 2.15 57.99
N VAL D 44 17.15 3.01 57.26
CA VAL D 44 17.77 4.18 56.63
C VAL D 44 16.70 5.22 56.39
N VAL D 45 17.10 6.48 56.41
CA VAL D 45 16.22 7.60 56.12
C VAL D 45 16.79 8.36 54.93
N TYR D 46 15.96 8.57 53.91
CA TYR D 46 16.36 9.37 52.77
C TYR D 46 15.92 10.81 53.02
N ALA D 47 16.80 11.77 52.72
CA ALA D 47 16.45 13.16 52.96
C ALA D 47 17.10 14.03 51.90
N ALA D 48 16.62 15.26 51.81
CA ALA D 48 17.15 16.26 50.90
C ALA D 48 17.57 17.49 51.68
N THR D 49 18.29 18.38 51.01
CA THR D 49 18.74 19.64 51.60
C THR D 49 17.74 20.77 51.41
N SER D 50 16.64 20.51 50.72
CA SER D 50 15.66 21.54 50.40
C SER D 50 14.32 20.88 50.20
N PRO D 51 13.25 21.44 50.76
CA PRO D 51 11.92 20.84 50.61
C PRO D 51 11.54 20.64 49.15
N PRO D 52 11.78 21.59 48.25
CA PRO D 52 11.53 21.30 46.85
C PRO D 52 12.37 20.16 46.32
N GLY D 53 13.59 19.98 46.84
CA GLY D 53 14.38 18.83 46.44
C GLY D 53 13.72 17.51 46.78
N ALA D 54 13.30 17.36 48.03
CA ALA D 54 12.61 16.14 48.44
C ALA D 54 11.33 15.94 47.66
N MET D 55 10.58 17.03 47.43
CA MET D 55 9.33 16.91 46.69
C MET D 55 9.56 16.45 45.26
N LEU D 56 10.55 17.04 44.59
CA LEU D 56 10.84 16.63 43.22
C LEU D 56 11.32 15.18 43.16
N GLU D 57 12.18 14.79 44.09
CA GLU D 57 12.64 13.40 44.14
C GLU D 57 11.46 12.45 44.27
N VAL D 58 10.59 12.71 45.25
CA VAL D 58 9.44 11.84 45.46
C VAL D 58 8.57 11.78 44.21
N LEU D 59 8.19 12.95 43.69
CA LEU D 59 7.24 13.00 42.57
C LEU D 59 7.81 12.30 41.34
N VAL D 60 9.10 12.45 41.09
CA VAL D 60 9.67 11.89 39.86
C VAL D 60 9.91 10.39 40.02
N HIS D 61 10.60 9.99 41.09
CA HIS D 61 11.00 8.60 41.19
C HIS D 61 9.85 7.68 41.60
N LEU D 62 8.86 8.21 42.31
CA LEU D 62 7.70 7.41 42.68
C LEU D 62 6.51 7.63 41.76
N GLU D 63 6.65 8.52 40.77
CA GLU D 63 5.64 8.73 39.73
C GLU D 63 4.27 9.04 40.34
N ILE D 64 4.23 10.12 41.11
CA ILE D 64 3.03 10.57 41.78
C ILE D 64 2.57 11.86 41.11
N ASP D 65 1.34 11.88 40.67
CA ASP D 65 0.82 13.14 40.16
C ASP D 65 0.36 14.00 41.33
N PRO D 66 0.42 15.33 41.19
CA PRO D 66 0.00 16.20 42.30
C PRO D 66 -1.43 15.97 42.76
N GLU D 67 -2.32 15.56 41.86
CA GLU D 67 -3.69 15.29 42.28
C GLU D 67 -3.82 14.01 43.11
N ASP D 68 -2.79 13.16 43.11
CA ASP D 68 -2.78 11.94 43.88
C ASP D 68 -1.81 11.98 45.04
N PHE D 69 -1.35 13.16 45.43
CA PHE D 69 -0.37 13.27 46.50
C PHE D 69 -0.99 12.79 47.81
N PRO D 70 -0.35 11.88 48.53
CA PRO D 70 -1.00 11.27 49.70
C PRO D 70 -1.26 12.27 50.80
N THR D 71 -2.42 12.13 51.44
CA THR D 71 -2.72 12.92 52.63
C THR D 71 -1.81 12.53 53.78
N THR D 72 -1.33 11.28 53.79
CA THR D 72 -0.49 10.80 54.88
C THR D 72 0.89 11.43 54.85
N MET D 73 1.30 11.94 53.69
CA MET D 73 2.64 12.48 53.54
C MET D 73 2.85 13.69 54.45
N ARG D 74 4.04 13.78 55.01
CA ARG D 74 4.43 14.87 55.90
C ARG D 74 5.84 15.32 55.53
N LEU D 75 6.08 16.62 55.70
CA LEU D 75 7.37 17.23 55.45
C LEU D 75 8.04 17.49 56.79
N LEU D 76 9.24 16.93 56.97
CA LEU D 76 9.96 17.00 58.22
C LEU D 76 11.22 17.81 58.04
N ARG D 77 11.40 18.81 58.90
CA ARG D 77 12.65 19.53 59.05
C ARG D 77 13.49 18.84 60.12
N ILE D 78 14.75 18.58 59.80
CA ILE D 78 15.66 17.86 60.67
C ILE D 78 16.84 18.77 60.94
N GLU D 79 17.00 19.19 62.18
CA GLU D 79 18.10 20.04 62.60
C GLU D 79 19.14 19.18 63.33
N LEU D 80 20.39 19.31 62.91
CA LEU D 80 21.51 18.59 63.47
C LEU D 80 22.58 19.55 63.99
N PRO D 81 23.34 19.14 65.00
CA PRO D 81 24.45 19.96 65.45
C PRO D 81 25.58 19.98 64.43
N ASP D 82 26.48 20.95 64.61
CA ASP D 82 27.61 21.13 63.72
C ASP D 82 28.69 20.08 63.91
N THR D 83 28.67 19.37 65.03
CA THR D 83 29.64 18.32 65.30
C THR D 83 29.28 16.98 64.69
N VAL D 84 28.17 16.93 63.93
CA VAL D 84 27.69 15.69 63.33
C VAL D 84 28.74 15.12 62.40
N SER D 85 28.74 13.80 62.23
CA SER D 85 29.75 13.10 61.46
C SER D 85 29.20 12.76 60.09
N GLN D 86 30.02 12.99 59.06
CA GLN D 86 29.66 12.68 57.69
C GLN D 86 30.65 11.68 57.11
N ALA D 87 30.17 10.88 56.17
CA ALA D 87 31.01 9.96 55.41
C ALA D 87 31.21 10.53 54.01
N GLN D 88 32.17 9.95 53.28
CA GLN D 88 32.46 10.38 51.92
C GLN D 88 32.22 9.22 50.98
N LEU D 89 31.46 9.47 49.92
CA LEU D 89 31.20 8.45 48.93
C LEU D 89 32.38 8.37 47.95
N PRO D 90 32.75 7.19 47.49
CA PRO D 90 33.84 7.08 46.51
C PRO D 90 33.49 7.79 45.22
N ALA D 91 34.52 8.02 44.40
CA ALA D 91 34.33 8.65 43.10
C ALA D 91 33.49 7.74 42.21
N LEU D 92 32.33 8.24 41.78
CA LEU D 92 31.45 7.47 40.92
C LEU D 92 31.81 7.68 39.47
N GLN D 93 31.68 6.63 38.68
CA GLN D 93 31.87 6.76 37.25
C GLN D 93 30.52 7.02 36.58
N PRO D 94 30.52 7.68 35.42
CA PRO D 94 29.25 8.00 34.75
C PRO D 94 28.46 6.75 34.43
N GLY D 95 27.14 6.88 34.49
CA GLY D 95 26.24 5.77 34.29
C GLY D 95 25.70 5.14 35.56
N TRP D 96 26.04 5.68 36.73
CA TRP D 96 25.63 5.07 37.99
C TRP D 96 24.12 5.17 38.20
N SER D 97 23.47 6.15 37.58
CA SER D 97 22.02 6.27 37.73
C SER D 97 21.27 5.08 37.15
N ALA D 98 21.96 4.22 36.40
CA ALA D 98 21.36 3.02 35.86
C ALA D 98 21.97 1.75 36.43
N GLN D 99 22.81 1.88 37.47
CA GLN D 99 23.45 0.75 38.12
C GLN D 99 23.00 0.71 39.57
N PRO D 100 21.76 0.27 39.84
CA PRO D 100 21.26 0.27 41.21
C PRO D 100 22.06 -0.64 42.13
N GLU D 101 22.67 -1.68 41.60
CA GLU D 101 23.47 -2.58 42.44
C GLU D 101 24.65 -1.86 43.06
N LEU D 102 25.31 -0.98 42.29
CA LEU D 102 26.46 -0.27 42.81
C LEU D 102 26.06 0.72 43.90
N THR D 103 25.00 1.51 43.63
CA THR D 103 24.53 2.47 44.62
C THR D 103 24.09 1.76 45.90
N ARG D 104 23.36 0.65 45.75
CA ARG D 104 22.95 -0.12 46.91
C ARG D 104 24.15 -0.67 47.66
N THR D 105 25.18 -1.11 46.94
CA THR D 105 26.39 -1.60 47.58
C THR D 105 27.03 -0.52 48.43
N LEU D 106 27.20 0.67 47.86
CA LEU D 106 27.86 1.75 48.60
C LEU D 106 27.04 2.18 49.82
N GLY D 107 25.72 2.27 49.65
CA GLY D 107 24.88 2.64 50.77
C GLY D 107 24.87 1.59 51.87
N ASN D 108 24.81 0.31 51.49
CA ASN D 108 24.87 -0.76 52.45
C ASN D 108 26.20 -0.74 53.20
N ARG D 109 27.29 -0.49 52.49
CA ARG D 109 28.58 -0.38 53.15
C ARG D 109 28.58 0.74 54.18
N PHE D 110 28.09 1.92 53.79
CA PHE D 110 28.05 3.03 54.74
C PHE D 110 27.18 2.70 55.95
N LEU D 111 26.03 2.05 55.73
CA LEU D 111 25.12 1.77 56.83
C LEU D 111 25.64 0.68 57.75
N ASP D 112 26.37 -0.28 57.20
CA ASP D 112 26.85 -1.39 58.01
C ASP D 112 28.11 -1.02 58.78
N ASP D 113 29.01 -0.25 58.17
CA ASP D 113 30.19 0.19 58.90
C ASP D 113 29.81 1.06 60.09
N CYS D 114 28.68 1.75 60.01
CA CYS D 114 28.20 2.65 61.07
C CYS D 114 29.30 3.62 61.50
N SER D 115 30.02 4.13 60.52
CA SER D 115 31.12 5.06 60.78
C SER D 115 30.66 6.50 60.92
N ALA D 116 29.52 6.85 60.37
CA ALA D 116 29.03 8.23 60.42
C ALA D 116 27.52 8.22 60.34
N LEU D 117 26.93 9.35 60.71
CA LEU D 117 25.48 9.47 60.72
C LEU D 117 24.92 9.81 59.34
N LEU D 118 25.61 10.68 58.61
CA LEU D 118 25.11 11.18 57.34
C LEU D 118 26.00 10.72 56.19
N LEU D 119 25.37 10.48 55.05
CA LEU D 119 26.09 10.15 53.83
C LEU D 119 25.61 11.06 52.70
N PRO D 120 26.44 11.99 52.23
CA PRO D 120 26.05 12.82 51.08
C PRO D 120 26.10 12.02 49.79
N VAL D 121 25.03 12.09 49.02
CA VAL D 121 24.94 11.39 47.74
C VAL D 121 24.47 12.37 46.67
N PRO D 122 24.88 12.19 45.42
CA PRO D 122 24.35 13.04 44.35
C PRO D 122 22.92 12.65 44.00
N SER D 123 22.25 13.56 43.30
CA SER D 123 20.91 13.28 42.83
C SER D 123 20.93 12.74 41.41
N ALA D 124 19.95 11.90 41.11
CA ALA D 124 19.78 11.39 39.76
C ALA D 124 18.89 12.29 38.90
N ILE D 125 18.42 13.41 39.45
CA ILE D 125 17.51 14.31 38.77
C ILE D 125 18.20 15.62 38.40
N MET D 126 18.79 16.28 39.38
CA MET D 126 19.32 17.61 39.15
C MET D 126 20.83 17.65 39.36
N PRO D 127 21.56 18.35 38.49
CA PRO D 127 23.00 18.53 38.73
C PRO D 127 23.25 19.40 39.95
N SER D 128 24.44 19.23 40.52
CA SER D 128 24.91 19.99 41.67
C SER D 128 23.94 19.95 42.84
N THR D 129 23.16 18.88 42.95
CA THR D 129 22.22 18.68 44.04
C THR D 129 22.66 17.50 44.87
N THR D 130 22.62 17.66 46.19
CA THR D 130 23.12 16.65 47.12
C THR D 130 22.01 16.23 48.07
N ASN D 131 21.62 14.96 48.00
CA ASN D 131 20.72 14.36 48.96
C ASN D 131 21.54 13.67 50.04
N TYR D 132 20.85 13.10 51.02
CA TYR D 132 21.54 12.55 52.18
C TYR D 132 20.89 11.25 52.63
N LEU D 133 21.73 10.31 53.05
CA LEU D 133 21.31 9.14 53.80
C LEU D 133 21.56 9.37 55.28
N PHE D 134 20.59 8.93 56.08
CA PHE D 134 20.62 9.08 57.53
C PHE D 134 20.52 7.71 58.16
N ASN D 135 21.49 7.37 59.00
CA ASN D 135 21.55 6.07 59.63
C ASN D 135 20.96 6.14 61.03
N PRO D 136 19.77 5.60 61.27
CA PRO D 136 19.15 5.71 62.60
C PRO D 136 19.78 4.83 63.66
N ARG D 137 20.86 4.11 63.36
CA ARG D 137 21.53 3.28 64.35
C ARG D 137 22.84 3.89 64.82
N HIS D 138 23.23 5.03 64.29
CA HIS D 138 24.39 5.74 64.78
C HIS D 138 24.05 6.42 66.11
N PRO D 139 25.02 6.50 67.03
CA PRO D 139 24.76 7.14 68.32
C PRO D 139 24.41 8.62 68.24
N GLN D 140 24.59 9.25 67.08
CA GLN D 140 24.27 10.67 66.91
C GLN D 140 22.84 10.90 66.44
N ALA D 141 22.07 9.83 66.18
CA ALA D 141 20.72 10.00 65.69
C ALA D 141 19.78 10.59 66.73
N GLN D 142 20.13 10.51 68.02
CA GLN D 142 19.28 11.13 69.03
C GLN D 142 19.45 12.64 69.06
N SER D 143 20.61 13.15 68.64
CA SER D 143 20.83 14.59 68.61
C SER D 143 20.02 15.30 67.55
N ALA D 144 19.28 14.56 66.73
CA ALA D 144 18.46 15.18 65.70
C ALA D 144 17.19 15.76 66.29
N LYS D 145 16.84 16.97 65.88
CA LYS D 145 15.60 17.61 66.28
C LYS D 145 14.69 17.69 65.06
N ILE D 146 13.52 17.09 65.15
CA ILE D 146 12.62 17.03 64.01
C ILE D 146 11.38 17.88 64.29
N GLN D 147 10.81 18.42 63.22
CA GLN D 147 9.58 19.18 63.33
C GLN D 147 8.83 19.10 62.00
N VAL D 148 7.50 19.14 62.07
CA VAL D 148 6.67 19.00 60.89
C VAL D 148 6.34 20.38 60.34
N GLU D 149 6.57 20.57 59.04
CA GLU D 149 6.20 21.79 58.35
C GLU D 149 4.88 21.56 57.61
N ASP D 150 3.84 22.28 58.01
CA ASP D 150 2.52 22.06 57.43
C ASP D 150 2.43 22.63 56.03
N PHE D 151 1.50 22.09 55.26
CA PHE D 151 1.27 22.49 53.87
C PHE D 151 0.07 23.44 53.83
N THR D 152 0.35 24.73 53.77
CA THR D 152 -0.70 25.73 53.68
C THR D 152 -1.08 25.97 52.22
N PRO D 153 -2.31 26.43 51.97
CA PRO D 153 -2.73 26.66 50.58
C PRO D 153 -1.93 27.71 49.83
N ASP D 154 -1.01 28.42 50.49
CA ASP D 154 -0.10 29.33 49.83
C ASP D 154 1.28 28.70 49.69
N SER D 155 1.38 27.42 50.06
CA SER D 155 2.63 26.68 49.94
C SER D 155 2.37 25.25 49.48
N ARG D 156 1.34 25.05 48.66
CA ARG D 156 0.94 23.74 48.21
C ARG D 156 0.93 23.67 46.70
N LEU D 157 1.24 22.48 46.17
CA LEU D 157 1.00 22.16 44.78
C LEU D 157 -0.05 21.09 44.58
N PHE D 158 -0.54 20.48 45.65
CA PHE D 158 -1.52 19.42 45.57
C PHE D 158 -2.87 19.87 46.12
N MET E 1 5.29 -9.13 59.56
CA MET E 1 6.32 -8.30 58.93
C MET E 1 5.69 -7.06 58.33
N LEU E 2 4.59 -7.25 57.60
CA LEU E 2 3.86 -6.13 57.02
C LEU E 2 3.40 -5.16 58.11
N ALA E 3 2.81 -5.69 59.17
CA ALA E 3 2.37 -4.86 60.29
C ALA E 3 3.52 -4.16 60.98
N GLU E 4 4.75 -4.61 60.79
CA GLU E 4 5.91 -3.91 61.30
C GLU E 4 6.29 -2.71 60.43
N VAL E 5 6.07 -2.83 59.12
CA VAL E 5 6.40 -1.74 58.21
C VAL E 5 5.31 -0.67 58.25
N LEU E 6 4.06 -1.10 58.09
CA LEU E 6 2.94 -0.18 58.16
C LEU E 6 2.77 0.31 59.60
N ARG E 7 3.35 1.46 59.89
CA ARG E 7 3.38 1.90 61.30
C ARG E 7 2.17 2.78 61.63
N ASP E 8 2.18 3.35 62.83
CA ASP E 8 1.03 4.19 63.28
C ASP E 8 -0.25 3.41 63.03
N ASN E 9 -1.05 3.86 62.07
CA ASN E 9 -2.33 3.25 61.80
C ASN E 9 -2.39 2.65 60.40
N GLY E 10 -1.25 2.52 59.73
CA GLY E 10 -1.26 2.00 58.38
C GLY E 10 -1.81 0.58 58.30
N TYR E 11 -1.33 -0.30 59.18
CA TYR E 11 -1.79 -1.68 59.14
C TYR E 11 -3.24 -1.79 59.58
N HIS E 12 -3.64 -1.03 60.60
CA HIS E 12 -5.03 -1.06 61.04
C HIS E 12 -5.96 -0.58 59.93
N GLU E 13 -5.56 0.49 59.24
CA GLU E 13 -6.38 1.01 58.15
C GLU E 13 -6.43 0.04 56.98
N TYR E 14 -5.31 -0.62 56.71
CA TYR E 14 -5.27 -1.62 55.65
C TYR E 14 -6.19 -2.79 55.97
N ARG E 15 -6.20 -3.23 57.23
CA ARG E 15 -7.09 -4.32 57.62
C ARG E 15 -8.55 -3.88 57.58
N ALA E 16 -8.84 -2.65 57.96
CA ALA E 16 -10.21 -2.15 57.88
C ALA E 16 -10.68 -2.08 56.43
N ARG E 17 -9.81 -1.62 55.53
CA ARG E 17 -10.18 -1.59 54.13
C ARG E 17 -10.36 -3.00 53.57
N LEU E 18 -9.55 -3.96 54.01
CA LEU E 18 -9.75 -5.34 53.60
C LEU E 18 -11.06 -5.90 54.13
N GLN E 19 -11.43 -5.53 55.36
CA GLN E 19 -12.70 -5.97 55.91
C GLN E 19 -13.86 -5.42 55.09
N ALA E 20 -13.75 -4.16 54.66
CA ALA E 20 -14.81 -3.55 53.87
C ALA E 20 -14.87 -4.16 52.47
N LEU E 21 -13.72 -4.45 51.89
CA LEU E 21 -13.64 -4.84 50.48
C LEU E 21 -13.82 -6.34 50.26
N LEU E 22 -13.49 -7.17 51.25
CA LEU E 22 -13.46 -8.61 51.02
C LEU E 22 -14.05 -9.38 52.20
N ASP E 23 -14.72 -8.68 53.12
CA ASP E 23 -15.28 -9.30 54.32
C ASP E 23 -14.23 -10.19 54.99
N ILE E 24 -13.08 -9.62 55.30
CA ILE E 24 -11.99 -10.33 55.96
C ILE E 24 -11.79 -9.69 57.32
N PRO E 25 -12.01 -10.42 58.42
CA PRO E 25 -11.94 -9.80 59.75
C PRO E 25 -10.57 -9.19 60.01
N GLU E 26 -10.59 -8.05 60.70
CA GLU E 26 -9.35 -7.36 61.02
C GLU E 26 -8.46 -8.16 61.95
N LEU E 27 -9.07 -8.98 62.81
CA LEU E 27 -8.33 -9.78 63.78
C LEU E 27 -7.99 -11.17 63.26
N ALA E 28 -8.40 -11.50 62.04
CA ALA E 28 -8.05 -12.80 61.47
C ALA E 28 -6.55 -12.89 61.26
N SER E 29 -6.00 -14.07 61.54
CA SER E 29 -4.58 -14.29 61.33
C SER E 29 -4.31 -14.49 59.83
N ASP E 30 -3.03 -14.40 59.47
CA ASP E 30 -2.64 -14.60 58.08
C ASP E 30 -3.06 -15.98 57.59
N PHE E 31 -2.95 -16.99 58.44
CA PHE E 31 -3.41 -18.32 58.05
C PHE E 31 -4.92 -18.35 57.86
N GLU E 32 -5.65 -17.60 58.68
CA GLU E 32 -7.09 -17.48 58.47
C GLU E 32 -7.39 -16.85 57.11
N ILE E 33 -6.59 -15.85 56.72
CA ILE E 33 -6.76 -15.21 55.42
C ILE E 33 -6.52 -16.21 54.31
N HIS E 34 -5.44 -17.00 54.42
CA HIS E 34 -5.14 -17.99 53.41
C HIS E 34 -6.27 -19.02 53.30
N THR E 35 -6.78 -19.47 54.44
CA THR E 35 -7.88 -20.44 54.42
C THR E 35 -9.13 -19.84 53.81
N ARG E 36 -9.41 -18.57 54.10
CA ARG E 36 -10.57 -17.92 53.49
C ARG E 36 -10.42 -17.83 51.98
N ILE E 37 -9.21 -17.54 51.51
CA ILE E 37 -8.98 -17.50 50.07
C ILE E 37 -9.16 -18.88 49.45
N THR E 38 -8.66 -19.92 50.13
CA THR E 38 -8.80 -21.27 49.58
C THR E 38 -10.25 -21.74 49.59
N ASP E 39 -11.04 -21.28 50.56
CA ASP E 39 -12.45 -21.70 50.62
C ASP E 39 -13.26 -21.13 49.47
N GLY E 40 -12.85 -20.01 48.90
CA GLY E 40 -13.56 -19.46 47.76
C GLY E 40 -14.46 -18.30 48.11
N PHE E 41 -14.28 -17.18 47.40
CA PHE E 41 -15.16 -16.03 47.58
C PHE E 41 -16.39 -16.15 46.70
N ALA E 42 -17.48 -15.52 47.12
CA ALA E 42 -18.72 -15.56 46.35
C ALA E 42 -18.61 -14.65 45.13
N ALA E 43 -19.20 -15.10 44.02
CA ALA E 43 -19.28 -14.28 42.82
C ALA E 43 -20.20 -13.08 43.04
N THR E 44 -21.19 -13.22 43.91
CA THR E 44 -22.05 -12.09 44.26
C THR E 44 -21.21 -10.94 44.79
N TRP E 45 -20.20 -11.24 45.61
CA TRP E 45 -19.31 -10.21 46.10
C TRP E 45 -18.60 -9.50 44.96
N LEU E 46 -18.15 -10.27 43.97
CA LEU E 46 -17.43 -9.68 42.85
C LEU E 46 -18.35 -8.77 42.02
N VAL E 47 -19.58 -9.21 41.77
CA VAL E 47 -20.48 -8.40 40.96
C VAL E 47 -20.90 -7.15 41.74
N LYS E 48 -21.04 -7.26 43.06
CA LYS E 48 -21.31 -6.07 43.87
C LYS E 48 -20.14 -5.11 43.84
N LEU E 49 -18.92 -5.63 43.88
CA LEU E 49 -17.74 -4.77 43.86
C LEU E 49 -17.63 -4.04 42.53
N THR E 50 -17.86 -4.74 41.41
CA THR E 50 -17.75 -4.08 40.12
C THR E 50 -18.94 -3.16 39.88
N GLU E 51 -20.08 -3.42 40.52
CA GLU E 51 -21.22 -2.53 40.38
C GLU E 51 -21.01 -1.24 41.18
N ARG E 52 -20.52 -1.36 42.41
CA ARG E 52 -20.23 -0.19 43.22
C ARG E 52 -19.05 0.62 42.70
N GLY E 53 -18.43 0.20 41.59
CA GLY E 53 -17.32 0.95 41.03
C GLY E 53 -16.02 0.77 41.75
N VAL E 54 -15.84 -0.39 42.38
CA VAL E 54 -14.57 -0.72 42.99
C VAL E 54 -13.61 -1.32 41.98
N LEU E 55 -14.11 -2.19 41.11
CA LEU E 55 -13.35 -2.75 40.02
C LEU E 55 -13.97 -2.36 38.70
N THR E 56 -13.11 -2.11 37.73
CA THR E 56 -13.56 -1.84 36.37
C THR E 56 -13.83 -3.15 35.65
N PRO E 57 -14.66 -3.12 34.59
CA PRO E 57 -14.95 -4.37 33.87
C PRO E 57 -13.71 -5.07 33.35
N VAL E 58 -12.71 -4.33 32.88
CA VAL E 58 -11.49 -4.98 32.42
C VAL E 58 -10.76 -5.63 33.60
N GLU E 59 -10.81 -5.01 34.78
CA GLU E 59 -10.18 -5.61 35.95
C GLU E 59 -10.94 -6.86 36.39
N ARG E 60 -12.27 -6.81 36.33
CA ARG E 60 -13.06 -8.00 36.62
C ARG E 60 -12.74 -9.12 35.65
N ASP E 61 -12.54 -8.79 34.38
CA ASP E 61 -12.19 -9.81 33.40
C ASP E 61 -10.80 -10.38 33.65
N GLN E 62 -9.88 -9.53 34.12
CA GLN E 62 -8.59 -10.02 34.57
C GLN E 62 -8.75 -11.00 35.72
N ILE E 63 -9.68 -10.72 36.63
CA ILE E 63 -9.93 -11.63 37.73
C ILE E 63 -10.52 -12.94 37.23
N ILE E 64 -11.53 -12.87 36.38
CA ILE E 64 -12.22 -14.04 35.87
C ILE E 64 -12.93 -13.66 34.58
N PRO E 65 -12.94 -14.52 33.56
CA PRO E 65 -13.69 -14.21 32.35
C PRO E 65 -15.18 -14.07 32.63
N LEU E 66 -15.86 -13.31 31.78
CA LEU E 66 -17.26 -13.01 32.00
C LEU E 66 -18.12 -14.25 31.89
N ARG E 67 -17.85 -15.10 30.89
CA ARG E 67 -18.63 -16.32 30.73
C ARG E 67 -18.44 -17.24 31.93
N THR E 68 -17.21 -17.38 32.39
CA THR E 68 -16.95 -18.22 33.56
C THR E 68 -17.63 -17.65 34.80
N LEU E 69 -17.65 -16.32 34.94
CA LEU E 69 -18.30 -15.71 36.08
C LEU E 69 -19.81 -15.96 36.04
N LYS E 70 -20.42 -15.83 34.87
CA LYS E 70 -21.85 -16.08 34.77
C LYS E 70 -22.16 -17.55 35.05
N SER E 71 -21.32 -18.47 34.57
CA SER E 71 -21.48 -19.87 34.91
C SER E 71 -21.44 -20.08 36.42
N ARG E 72 -20.44 -19.49 37.08
CA ARG E 72 -20.29 -19.65 38.52
C ARG E 72 -21.52 -19.14 39.26
N ILE E 73 -22.02 -17.97 38.88
CA ILE E 73 -23.12 -17.38 39.63
C ILE E 73 -24.42 -18.14 39.37
N GLU E 74 -24.67 -18.56 38.13
CA GLU E 74 -25.91 -19.27 37.85
C GLU E 74 -25.85 -20.72 38.32
N ARG E 75 -24.65 -21.22 38.65
CA ARG E 75 -24.51 -22.55 39.22
C ARG E 75 -24.37 -22.52 40.74
N ASP E 76 -24.50 -21.36 41.37
CA ASP E 76 -24.30 -21.20 42.80
C ASP E 76 -22.95 -21.78 43.23
N GLN E 77 -21.90 -21.25 42.57
CA GLN E 77 -20.56 -21.74 42.79
C GLN E 77 -19.67 -20.63 43.36
N PRO E 78 -18.83 -20.94 44.33
CA PRO E 78 -17.78 -19.99 44.72
C PRO E 78 -16.66 -19.99 43.69
N LEU E 79 -15.85 -18.95 43.75
CA LEU E 79 -14.75 -18.83 42.82
C LEU E 79 -13.66 -19.86 43.13
N THR E 80 -12.90 -20.21 42.10
CA THR E 80 -11.79 -21.13 42.29
C THR E 80 -10.69 -20.46 43.10
N VAL E 81 -9.72 -21.27 43.52
CA VAL E 81 -8.65 -20.74 44.36
C VAL E 81 -7.81 -19.73 43.60
N ASP E 82 -7.59 -19.94 42.31
CA ASP E 82 -6.79 -18.97 41.55
C ASP E 82 -7.57 -17.68 41.30
N GLU E 83 -8.86 -17.81 40.99
CA GLU E 83 -9.69 -16.62 40.85
C GLU E 83 -9.79 -15.86 42.17
N SER E 84 -9.98 -16.58 43.26
CA SER E 84 -10.01 -15.95 44.57
C SER E 84 -8.69 -15.27 44.90
N ASP E 85 -7.57 -15.88 44.51
CA ASP E 85 -6.28 -15.27 44.80
C ASP E 85 -6.07 -14.02 43.95
N ARG E 86 -6.56 -14.02 42.71
CA ARG E 86 -6.46 -12.82 41.89
C ARG E 86 -7.31 -11.69 42.48
N LEU E 87 -8.53 -12.00 42.90
CA LEU E 87 -9.38 -11.00 43.52
C LEU E 87 -8.74 -10.49 44.81
N PHE E 88 -8.13 -11.39 45.58
CA PHE E 88 -7.45 -10.99 46.81
C PHE E 88 -6.28 -10.08 46.50
N ARG E 89 -5.56 -10.37 45.43
CA ARG E 89 -4.47 -9.49 45.01
C ARG E 89 -4.99 -8.10 44.72
N SER E 90 -6.09 -8.02 43.97
CA SER E 90 -6.69 -6.72 43.66
C SER E 90 -7.08 -5.99 44.94
N ALA E 91 -7.78 -6.68 45.85
CA ALA E 91 -8.28 -6.04 47.06
C ALA E 91 -7.13 -5.66 47.99
N HIS E 92 -6.09 -6.49 48.05
CA HIS E 92 -4.93 -6.20 48.87
C HIS E 92 -4.20 -4.97 48.36
N ILE E 93 -3.99 -4.88 47.05
CA ILE E 93 -3.30 -3.73 46.49
C ILE E 93 -4.15 -2.47 46.70
N THR E 94 -5.46 -2.58 46.50
CA THR E 94 -6.34 -1.43 46.71
C THR E 94 -6.29 -0.96 48.15
N ALA E 95 -6.38 -1.88 49.11
CA ALA E 95 -6.38 -1.50 50.52
C ALA E 95 -5.03 -0.92 50.93
N MET E 96 -3.95 -1.50 50.43
CA MET E 96 -2.62 -1.00 50.77
C MET E 96 -2.41 0.40 50.20
N ALA E 97 -2.88 0.63 48.98
CA ALA E 97 -2.76 1.96 48.38
C ALA E 97 -3.63 2.96 49.11
N GLU E 98 -4.82 2.55 49.54
CA GLU E 98 -5.67 3.46 50.30
C GLU E 98 -5.09 3.76 51.67
N ALA E 99 -4.31 2.83 52.24
CA ALA E 99 -3.68 3.10 53.51
C ALA E 99 -2.48 4.03 53.35
N VAL E 100 -1.72 3.86 52.27
CA VAL E 100 -0.54 4.69 52.08
C VAL E 100 -0.92 6.09 51.60
N PHE E 101 -1.90 6.19 50.71
CA PHE E 101 -2.31 7.47 50.17
C PHE E 101 -3.30 8.21 51.06
N GLY E 102 -4.01 7.48 51.93
CA GLY E 102 -4.89 8.12 52.88
C GLY E 102 -6.30 8.39 52.42
N GLU E 103 -6.61 8.22 51.13
CA GLU E 103 -7.98 8.31 50.67
C GLU E 103 -8.13 7.49 49.41
N ALA E 104 -9.39 7.31 48.98
CA ALA E 104 -9.72 6.32 47.97
C ALA E 104 -9.39 6.79 46.56
N GLY E 105 -9.80 8.01 46.20
CA GLY E 105 -9.60 8.48 44.84
C GLY E 105 -8.14 8.52 44.44
N LYS E 106 -7.28 9.06 45.31
CA LYS E 106 -5.86 9.15 44.99
C LYS E 106 -5.25 7.78 44.79
N ALA E 107 -5.60 6.83 45.67
CA ALA E 107 -5.04 5.49 45.57
C ALA E 107 -5.43 4.82 44.26
N LYS E 108 -6.73 4.79 43.95
CA LYS E 108 -7.18 4.14 42.73
C LYS E 108 -6.63 4.84 41.50
N ARG E 109 -6.54 6.17 41.53
CA ARG E 109 -5.97 6.92 40.42
C ARG E 109 -4.52 6.50 40.18
N TRP E 110 -3.70 6.55 41.24
CA TRP E 110 -2.30 6.16 41.10
C TRP E 110 -2.15 4.72 40.66
N LEU E 111 -3.08 3.85 41.08
CA LEU E 111 -3.04 2.47 40.63
C LEU E 111 -3.50 2.31 39.19
N SER E 112 -4.22 3.28 38.65
CA SER E 112 -4.77 3.18 37.31
C SER E 112 -3.98 3.99 36.28
N LYS E 113 -2.83 4.53 36.66
CA LYS E 113 -2.06 5.35 35.74
C LYS E 113 -0.78 4.64 35.32
N PRO E 114 -0.37 4.82 34.07
CA PRO E 114 0.86 4.16 33.60
C PRO E 114 2.09 4.63 34.37
N LYS E 115 3.08 3.75 34.45
CA LYS E 115 4.33 4.02 35.14
C LYS E 115 5.49 3.65 34.22
N GLU E 116 6.53 4.49 34.23
CA GLU E 116 7.73 4.14 33.48
C GLU E 116 8.53 3.05 34.15
N ARG E 117 8.33 2.85 35.45
CA ARG E 117 8.94 1.70 36.13
C ARG E 117 8.38 0.40 35.60
N PHE E 118 7.15 0.42 35.08
CA PHE E 118 6.51 -0.76 34.50
C PHE E 118 6.42 -0.68 32.98
N SER E 119 7.27 0.13 32.35
CA SER E 119 7.31 0.29 30.90
C SER E 119 5.94 0.72 30.36
N GLY E 120 5.29 1.63 31.07
CA GLY E 120 4.02 2.17 30.64
C GLY E 120 2.81 1.33 30.99
N LEU E 121 2.91 0.47 32.00
CA LEU E 121 1.80 -0.35 32.43
C LEU E 121 1.31 0.16 33.78
N THR E 122 0.01 -0.03 34.03
CA THR E 122 -0.56 0.40 35.29
C THR E 122 -0.31 -0.65 36.37
N PRO E 123 -0.24 -0.22 37.64
CA PRO E 123 -0.09 -1.20 38.72
C PRO E 123 -1.16 -2.27 38.73
N MET E 124 -2.39 -1.93 38.37
CA MET E 124 -3.44 -2.95 38.30
C MET E 124 -3.16 -3.96 37.20
N GLN E 125 -2.48 -3.55 36.14
CA GLN E 125 -2.06 -4.49 35.11
C GLN E 125 -0.91 -5.36 35.59
N MET E 126 -0.12 -4.89 36.56
CA MET E 126 0.94 -5.68 37.14
C MET E 126 0.42 -6.78 38.06
N LEU E 127 -0.88 -6.81 38.34
CA LEU E 127 -1.46 -7.75 39.27
C LEU E 127 -1.79 -9.09 38.64
N THR E 128 -1.18 -9.41 37.50
CA THR E 128 -1.36 -10.70 36.87
C THR E 128 -0.35 -11.73 37.33
N THR E 129 0.73 -11.29 37.99
CA THR E 129 1.77 -12.19 38.46
C THR E 129 2.10 -11.87 39.90
N GLN E 130 2.66 -12.87 40.59
CA GLN E 130 3.22 -12.63 41.92
C GLN E 130 4.25 -11.52 41.88
N GLN E 131 5.10 -11.51 40.85
CA GLN E 131 6.19 -10.55 40.78
C GLN E 131 5.68 -9.12 40.63
N GLY E 132 4.68 -8.91 39.76
CA GLY E 132 4.15 -7.58 39.59
C GLY E 132 3.44 -7.07 40.83
N THR E 133 2.73 -7.96 41.52
CA THR E 133 2.08 -7.60 42.77
C THR E 133 3.12 -7.17 43.81
N THR E 134 4.21 -7.94 43.93
CA THR E 134 5.25 -7.56 44.86
C THR E 134 5.93 -6.26 44.45
N GLN E 135 6.04 -5.99 43.16
CA GLN E 135 6.60 -4.72 42.71
C GLN E 135 5.70 -3.56 43.13
N VAL E 136 4.39 -3.72 42.98
CA VAL E 136 3.46 -2.70 43.42
C VAL E 136 3.57 -2.48 44.92
N GLU E 137 3.67 -3.57 45.69
CA GLU E 137 3.86 -3.45 47.13
C GLU E 137 5.14 -2.69 47.45
N GLU E 138 6.23 -3.00 46.74
CA GLU E 138 7.49 -2.33 46.99
C GLU E 138 7.39 -0.84 46.69
N MET E 139 6.68 -0.49 45.62
CA MET E 139 6.50 0.92 45.30
C MET E 139 5.69 1.63 46.37
N LEU E 140 4.61 0.99 46.84
CA LEU E 140 3.80 1.59 47.89
C LEU E 140 4.61 1.80 49.17
N LEU E 141 5.45 0.83 49.53
CA LEU E 141 6.25 0.98 50.74
C LEU E 141 7.36 2.01 50.57
N GLN E 142 7.91 2.14 49.35
CA GLN E 142 8.86 3.21 49.11
C GLN E 142 8.18 4.57 49.26
N ILE E 143 6.93 4.68 48.81
CA ILE E 143 6.18 5.92 49.00
C ILE E 143 5.99 6.19 50.50
N ALA E 144 5.51 5.18 51.23
CA ALA E 144 5.23 5.38 52.65
C ALA E 144 6.48 5.74 53.43
N GLU E 145 7.61 5.12 53.10
CA GLU E 145 8.84 5.34 53.86
C GLU E 145 9.61 6.55 53.38
N GLY E 146 9.30 7.08 52.19
CA GLY E 146 10.04 8.21 51.68
C GLY E 146 11.31 7.84 50.97
N TYR E 147 11.34 6.70 50.30
CA TYR E 147 12.52 6.27 49.54
C TYR E 147 12.35 6.74 48.10
N GLY E 148 12.56 8.03 47.91
CA GLY E 148 12.34 8.65 46.62
C GLY E 148 13.61 9.05 45.88
N LEU E 149 14.76 8.76 46.47
CA LEU E 149 16.03 9.09 45.83
C LEU E 149 16.31 8.17 44.66
N MET F 1 10.23 -8.14 43.83
CA MET F 1 11.12 -8.29 44.97
C MET F 1 10.50 -7.68 46.23
N LEU F 2 9.93 -8.54 47.07
CA LEU F 2 9.21 -8.06 48.24
C LEU F 2 9.90 -8.45 49.53
N ALA F 3 10.17 -9.75 49.72
CA ALA F 3 10.71 -10.25 50.98
C ALA F 3 11.91 -11.17 50.77
N GLU F 4 12.52 -11.14 49.58
CA GLU F 4 13.64 -12.01 49.27
C GLU F 4 14.97 -11.28 49.24
N VAL F 5 15.00 -10.00 49.59
CA VAL F 5 16.23 -9.21 49.61
C VAL F 5 16.75 -8.97 51.01
N LEU F 6 16.34 -9.79 51.98
CA LEU F 6 16.63 -9.54 53.39
C LEU F 6 17.79 -10.35 53.92
N ARG F 7 18.50 -11.10 53.09
CA ARG F 7 19.59 -11.95 53.53
C ARG F 7 20.91 -11.33 53.14
N ASP F 8 21.94 -11.56 53.96
CA ASP F 8 23.30 -11.14 53.66
C ASP F 8 23.85 -12.03 52.55
N ASN F 9 24.08 -11.45 51.37
CA ASN F 9 24.71 -12.15 50.24
C ASN F 9 23.85 -13.30 49.74
N GLY F 10 22.69 -13.51 50.38
CA GLY F 10 21.81 -14.58 49.96
C GLY F 10 20.97 -14.24 48.75
N TYR F 11 20.86 -12.95 48.41
CA TYR F 11 20.03 -12.57 47.27
C TYR F 11 20.64 -13.04 45.96
N HIS F 12 21.96 -12.90 45.80
CA HIS F 12 22.59 -13.35 44.56
C HIS F 12 22.57 -14.87 44.47
N GLU F 13 22.73 -15.56 45.60
CA GLU F 13 22.58 -17.01 45.60
C GLU F 13 21.16 -17.42 45.20
N TYR F 14 20.18 -16.68 45.70
CA TYR F 14 18.79 -16.96 45.35
C TYR F 14 18.55 -16.75 43.86
N ARG F 15 19.14 -15.69 43.30
CA ARG F 15 18.99 -15.43 41.87
C ARG F 15 19.67 -16.51 41.04
N ALA F 16 20.82 -17.00 41.50
CA ALA F 16 21.49 -18.09 40.79
C ALA F 16 20.67 -19.37 40.84
N ARG F 17 20.13 -19.70 42.01
CA ARG F 17 19.26 -20.86 42.13
C ARG F 17 18.06 -20.73 41.21
N LEU F 18 17.46 -19.54 41.15
CA LEU F 18 16.33 -19.32 40.27
C LEU F 18 16.72 -19.46 38.81
N GLN F 19 17.93 -19.01 38.46
CA GLN F 19 18.42 -19.19 37.10
C GLN F 19 18.61 -20.66 36.78
N ALA F 20 18.97 -21.46 37.77
CA ALA F 20 19.05 -22.90 37.56
C ALA F 20 17.68 -23.51 37.39
N LEU F 21 16.70 -23.03 38.16
CA LEU F 21 15.36 -23.61 38.11
C LEU F 21 14.62 -23.19 36.84
N LEU F 22 14.46 -21.89 36.62
CA LEU F 22 13.90 -21.35 35.40
C LEU F 22 14.98 -20.57 34.67
N ASP F 23 14.83 -20.45 33.37
CA ASP F 23 15.78 -19.65 32.59
C ASP F 23 15.50 -18.18 32.88
N ILE F 24 16.03 -17.70 33.99
CA ILE F 24 15.84 -16.31 34.42
C ILE F 24 17.21 -15.77 34.83
N PRO F 25 17.81 -14.89 34.03
CA PRO F 25 19.19 -14.47 34.30
C PRO F 25 19.33 -13.79 35.64
N GLU F 26 20.54 -13.89 36.21
CA GLU F 26 20.82 -13.28 37.50
C GLU F 26 20.64 -11.77 37.44
N LEU F 27 20.95 -11.16 36.30
CA LEU F 27 20.91 -9.72 36.14
C LEU F 27 19.62 -9.22 35.50
N ALA F 28 18.65 -10.09 35.28
CA ALA F 28 17.38 -9.67 34.72
C ALA F 28 16.62 -8.82 35.73
N SER F 29 15.95 -7.78 35.24
CA SER F 29 15.20 -6.89 36.11
C SER F 29 13.86 -7.52 36.48
N ASP F 30 13.25 -6.95 37.52
CA ASP F 30 11.97 -7.50 38.00
C ASP F 30 10.89 -7.36 36.95
N PHE F 31 10.86 -6.25 36.22
CA PHE F 31 9.90 -6.11 35.14
C PHE F 31 10.17 -7.15 34.05
N GLU F 32 11.44 -7.44 33.80
CA GLU F 32 11.77 -8.50 32.85
C GLU F 32 11.25 -9.85 33.33
N ILE F 33 11.32 -10.10 34.65
CA ILE F 33 10.78 -11.34 35.19
C ILE F 33 9.27 -11.39 35.01
N HIS F 34 8.60 -10.26 35.23
CA HIS F 34 7.15 -10.21 35.03
C HIS F 34 6.80 -10.50 33.57
N THR F 35 7.54 -9.91 32.63
CA THR F 35 7.27 -10.17 31.22
C THR F 35 7.60 -11.61 30.85
N ARG F 36 8.60 -12.21 31.49
CA ARG F 36 8.88 -13.62 31.24
C ARG F 36 7.74 -14.51 31.73
N ILE F 37 7.14 -14.15 32.87
CA ILE F 37 6.00 -14.89 33.37
C ILE F 37 4.79 -14.73 32.45
N THR F 38 4.57 -13.50 31.96
CA THR F 38 3.42 -13.24 31.12
C THR F 38 3.59 -13.74 29.68
N ASP F 39 4.83 -13.96 29.25
CA ASP F 39 5.06 -14.54 27.93
C ASP F 39 4.67 -16.01 27.89
N GLY F 40 4.66 -16.67 29.05
CA GLY F 40 4.33 -18.08 29.11
C GLY F 40 5.56 -18.97 29.15
N PHE F 41 5.69 -19.75 30.21
CA PHE F 41 6.78 -20.71 30.29
C PHE F 41 6.44 -21.96 29.50
N ALA F 42 7.47 -22.64 29.01
CA ALA F 42 7.27 -23.85 28.23
C ALA F 42 6.98 -25.03 29.14
N ALA F 43 6.00 -25.84 28.75
CA ALA F 43 5.64 -27.01 29.55
C ALA F 43 6.75 -28.06 29.54
N THR F 44 7.59 -28.03 28.50
CA THR F 44 8.75 -28.92 28.47
C THR F 44 9.64 -28.68 29.69
N TRP F 45 9.85 -27.42 30.06
CA TRP F 45 10.63 -27.12 31.26
C TRP F 45 9.97 -27.71 32.50
N LEU F 46 8.64 -27.68 32.55
CA LEU F 46 7.95 -28.21 33.72
C LEU F 46 8.11 -29.72 33.82
N VAL F 47 7.93 -30.43 32.70
CA VAL F 47 8.11 -31.87 32.76
C VAL F 47 9.57 -32.22 33.02
N LYS F 48 10.51 -31.40 32.55
CA LYS F 48 11.90 -31.65 32.84
C LYS F 48 12.20 -31.46 34.32
N LEU F 49 11.54 -30.48 34.93
CA LEU F 49 11.74 -30.25 36.36
C LEU F 49 11.15 -31.38 37.19
N THR F 50 9.94 -31.82 36.86
CA THR F 50 9.36 -32.93 37.60
C THR F 50 10.08 -34.24 37.32
N GLU F 51 10.84 -34.31 36.22
CA GLU F 51 11.70 -35.46 35.99
C GLU F 51 12.99 -35.37 36.78
N ARG F 52 13.62 -34.20 36.81
CA ARG F 52 14.88 -34.04 37.53
C ARG F 52 14.72 -34.16 39.04
N GLY F 53 13.51 -34.29 39.55
CA GLY F 53 13.32 -34.54 40.96
C GLY F 53 13.19 -33.31 41.84
N VAL F 54 12.86 -32.15 41.26
CA VAL F 54 12.62 -30.96 42.06
C VAL F 54 11.13 -30.68 42.25
N LEU F 55 10.27 -31.32 41.47
CA LEU F 55 8.83 -31.20 41.64
C LEU F 55 8.21 -32.59 41.60
N THR F 56 7.45 -32.91 42.62
CA THR F 56 6.75 -34.17 42.63
C THR F 56 5.51 -34.09 41.76
N PRO F 57 5.03 -35.23 41.25
CA PRO F 57 3.83 -35.20 40.40
C PRO F 57 2.65 -34.50 41.03
N VAL F 58 2.48 -34.57 42.36
CA VAL F 58 1.39 -33.84 42.99
C VAL F 58 1.69 -32.35 43.03
N GLU F 59 2.93 -31.99 43.33
CA GLU F 59 3.35 -30.59 43.22
C GLU F 59 3.32 -30.12 41.78
N ARG F 60 3.48 -31.02 40.81
CA ARG F 60 3.34 -30.63 39.42
C ARG F 60 1.89 -30.37 39.06
N ASP F 61 0.99 -31.24 39.49
CA ASP F 61 -0.42 -31.07 39.17
C ASP F 61 -1.06 -29.93 39.96
N GLN F 62 -0.44 -29.51 41.07
CA GLN F 62 -0.91 -28.30 41.74
C GLN F 62 -0.72 -27.06 40.86
N ILE F 63 0.30 -27.07 40.01
CA ILE F 63 0.51 -25.97 39.08
C ILE F 63 -0.41 -26.10 37.87
N ILE F 64 -0.51 -27.29 37.31
CA ILE F 64 -1.34 -27.53 36.14
C ILE F 64 -1.82 -28.97 36.14
N PRO F 65 -3.11 -29.22 35.95
CA PRO F 65 -3.59 -30.61 35.89
C PRO F 65 -2.92 -31.38 34.77
N LEU F 66 -2.87 -32.71 34.94
CA LEU F 66 -2.14 -33.54 33.99
C LEU F 66 -2.77 -33.51 32.61
N ARG F 67 -4.10 -33.48 32.53
CA ARG F 67 -4.77 -33.37 31.23
C ARG F 67 -4.36 -32.08 30.51
N THR F 68 -4.44 -30.96 31.22
CA THR F 68 -4.05 -29.69 30.63
C THR F 68 -2.58 -29.68 30.25
N LEU F 69 -1.73 -30.37 31.03
CA LEU F 69 -0.31 -30.43 30.71
C LEU F 69 -0.09 -31.20 29.42
N LYS F 70 -0.78 -32.33 29.25
CA LYS F 70 -0.70 -33.06 28.00
C LYS F 70 -1.19 -32.22 26.84
N SER F 71 -2.28 -31.47 27.05
CA SER F 71 -2.78 -30.58 26.01
C SER F 71 -1.73 -29.56 25.61
N ARG F 72 -1.08 -28.94 26.60
CA ARG F 72 -0.05 -27.94 26.29
C ARG F 72 1.11 -28.55 25.53
N ILE F 73 1.62 -29.69 25.99
CA ILE F 73 2.80 -30.26 25.36
C ILE F 73 2.47 -30.74 23.94
N GLU F 74 1.24 -31.18 23.72
CA GLU F 74 0.87 -31.68 22.40
C GLU F 74 0.62 -30.53 21.43
N ARG F 75 -0.28 -29.60 21.79
CA ARG F 75 -0.64 -28.53 20.88
C ARG F 75 0.40 -27.42 20.84
N ASP F 76 1.48 -27.55 21.62
CA ASP F 76 2.64 -26.66 21.58
C ASP F 76 2.26 -25.21 21.90
N GLN F 77 1.65 -25.02 23.07
CA GLN F 77 1.45 -23.69 23.59
C GLN F 77 2.10 -23.61 24.96
N PRO F 78 2.80 -22.52 25.27
CA PRO F 78 3.38 -22.37 26.60
C PRO F 78 2.28 -22.25 27.66
N LEU F 79 2.71 -22.42 28.91
CA LEU F 79 1.79 -22.34 30.03
C LEU F 79 1.10 -20.98 30.07
N THR F 80 -0.15 -20.97 30.49
CA THR F 80 -0.87 -19.72 30.62
C THR F 80 -0.24 -18.84 31.70
N VAL F 81 -0.74 -17.62 31.80
CA VAL F 81 -0.19 -16.68 32.77
C VAL F 81 -0.38 -17.19 34.20
N ASP F 82 -1.50 -17.85 34.45
CA ASP F 82 -1.74 -18.38 35.80
C ASP F 82 -0.90 -19.63 36.05
N GLU F 83 -0.83 -20.53 35.08
CA GLU F 83 0.04 -21.70 35.23
C GLU F 83 1.49 -21.29 35.35
N SER F 84 1.93 -20.35 34.51
CA SER F 84 3.31 -19.86 34.60
C SER F 84 3.54 -19.16 35.92
N ASP F 85 2.52 -18.48 36.46
CA ASP F 85 2.67 -17.81 37.75
C ASP F 85 2.82 -18.82 38.87
N ARG F 86 2.04 -19.90 38.83
CA ARG F 86 2.19 -20.94 39.84
C ARG F 86 3.56 -21.60 39.75
N LEU F 87 4.01 -21.87 38.52
CA LEU F 87 5.35 -22.43 38.34
C LEU F 87 6.41 -21.47 38.88
N PHE F 88 6.23 -20.18 38.66
CA PHE F 88 7.19 -19.21 39.16
C PHE F 88 7.19 -19.16 40.67
N ARG F 89 6.01 -19.22 41.29
CA ARG F 89 5.95 -19.26 42.75
C ARG F 89 6.70 -20.48 43.29
N SER F 90 6.47 -21.64 42.65
CA SER F 90 7.17 -22.85 43.06
C SER F 90 8.68 -22.67 42.97
N ALA F 91 9.17 -22.27 41.80
CA ALA F 91 10.61 -22.10 41.62
C ALA F 91 11.15 -21.00 42.52
N HIS F 92 10.34 -19.99 42.82
CA HIS F 92 10.81 -18.88 43.62
C HIS F 92 11.04 -19.31 45.06
N ILE F 93 10.04 -19.95 45.67
CA ILE F 93 10.28 -20.41 47.04
C ILE F 93 11.31 -21.52 47.07
N THR F 94 11.45 -22.31 46.00
CA THR F 94 12.48 -23.32 45.99
C THR F 94 13.86 -22.70 46.00
N ALA F 95 14.09 -21.70 45.15
CA ALA F 95 15.37 -21.01 45.14
C ALA F 95 15.62 -20.31 46.46
N MET F 96 14.57 -19.76 47.06
CA MET F 96 14.73 -19.08 48.34
C MET F 96 15.13 -20.06 49.44
N ALA F 97 14.48 -21.22 49.49
CA ALA F 97 14.83 -22.22 50.49
C ALA F 97 16.21 -22.80 50.24
N GLU F 98 16.61 -22.92 48.97
CA GLU F 98 17.96 -23.39 48.68
C GLU F 98 19.00 -22.38 49.13
N ALA F 99 18.73 -21.08 48.94
CA ALA F 99 19.66 -20.06 49.42
C ALA F 99 19.69 -20.01 50.94
N VAL F 100 18.57 -20.30 51.59
CA VAL F 100 18.53 -20.28 53.05
C VAL F 100 19.28 -21.47 53.62
N PHE F 101 18.95 -22.68 53.18
CA PHE F 101 19.55 -23.88 53.76
C PHE F 101 20.91 -24.20 53.17
N GLY F 102 21.24 -23.67 52.00
CA GLY F 102 22.53 -23.90 51.39
C GLY F 102 22.64 -25.13 50.52
N GLU F 103 21.63 -26.01 50.53
CA GLU F 103 21.64 -27.20 49.71
C GLU F 103 20.23 -27.51 49.25
N ALA F 104 20.12 -28.23 48.15
CA ALA F 104 18.82 -28.53 47.57
C ALA F 104 18.09 -29.63 48.32
N GLY F 105 18.81 -30.59 48.90
CA GLY F 105 18.15 -31.72 49.53
C GLY F 105 17.40 -31.31 50.78
N LYS F 106 18.07 -30.62 51.70
CA LYS F 106 17.40 -30.17 52.91
C LYS F 106 16.28 -29.19 52.58
N ALA F 107 16.48 -28.35 51.56
CA ALA F 107 15.44 -27.43 51.16
C ALA F 107 14.20 -28.16 50.68
N LYS F 108 14.39 -29.20 49.86
CA LYS F 108 13.25 -29.96 49.36
C LYS F 108 12.56 -30.73 50.48
N ARG F 109 13.35 -31.28 51.41
CA ARG F 109 12.74 -31.96 52.54
C ARG F 109 11.92 -31.02 53.40
N TRP F 110 12.43 -29.80 53.61
CA TRP F 110 11.70 -28.82 54.40
C TRP F 110 10.45 -28.35 53.68
N LEU F 111 10.52 -28.21 52.35
CA LEU F 111 9.37 -27.72 51.60
C LEU F 111 8.30 -28.79 51.45
N SER F 112 8.70 -30.05 51.38
CA SER F 112 7.76 -31.13 51.12
C SER F 112 7.09 -31.68 52.38
N LYS F 113 7.71 -31.51 53.53
CA LYS F 113 7.07 -32.02 54.74
C LYS F 113 6.11 -30.98 55.31
N PRO F 114 5.01 -31.42 55.92
CA PRO F 114 4.11 -30.46 56.56
C PRO F 114 4.79 -29.74 57.71
N LYS F 115 4.23 -28.57 58.04
CA LYS F 115 4.76 -27.75 59.15
C LYS F 115 3.59 -27.37 60.08
N GLU F 116 3.85 -27.29 61.38
CA GLU F 116 2.76 -27.02 62.36
C GLU F 116 2.17 -25.63 62.13
N ARG F 117 3.03 -24.61 62.02
CA ARG F 117 2.56 -23.24 61.77
C ARG F 117 1.40 -23.29 60.79
N PHE F 118 1.46 -24.19 59.80
CA PHE F 118 0.39 -24.17 58.81
C PHE F 118 -0.68 -25.21 59.10
N SER F 119 -0.77 -25.68 60.35
CA SER F 119 -1.79 -26.65 60.77
C SER F 119 -1.72 -27.92 59.93
N GLY F 120 -0.49 -28.41 59.73
CA GLY F 120 -0.30 -29.65 59.03
C GLY F 120 -0.30 -29.56 57.52
N LEU F 121 0.19 -28.45 56.97
CA LEU F 121 0.27 -28.27 55.53
C LEU F 121 1.72 -28.06 55.12
N THR F 122 2.08 -28.57 53.96
CA THR F 122 3.42 -28.35 53.43
C THR F 122 3.52 -26.96 52.84
N PRO F 123 4.68 -26.31 52.96
CA PRO F 123 4.85 -24.97 52.38
C PRO F 123 4.51 -24.90 50.91
N MET F 124 4.70 -25.98 50.15
CA MET F 124 4.36 -25.96 48.74
C MET F 124 2.86 -25.78 48.53
N GLN F 125 2.04 -26.26 49.46
CA GLN F 125 0.61 -26.05 49.35
C GLN F 125 0.23 -24.60 49.63
N MET F 126 0.91 -23.97 50.59
CA MET F 126 0.67 -22.57 50.89
C MET F 126 0.86 -21.66 49.69
N LEU F 127 1.45 -22.17 48.61
CA LEU F 127 1.59 -21.40 47.39
C LEU F 127 0.30 -21.26 46.61
N THR F 128 -0.83 -21.73 47.13
CA THR F 128 -2.08 -21.51 46.42
C THR F 128 -2.51 -20.05 46.46
N THR F 129 -1.99 -19.26 47.41
CA THR F 129 -2.41 -17.87 47.56
C THR F 129 -1.19 -16.95 47.64
N GLN F 130 -1.47 -15.66 47.50
CA GLN F 130 -0.47 -14.64 47.77
C GLN F 130 -0.07 -14.65 49.25
N GLN F 131 -1.05 -14.83 50.12
CA GLN F 131 -0.82 -14.77 51.56
C GLN F 131 0.03 -15.95 52.03
N GLY F 132 -0.28 -17.16 51.54
CA GLY F 132 0.51 -18.31 51.93
C GLY F 132 1.93 -18.23 51.41
N THR F 133 2.11 -17.73 50.19
CA THR F 133 3.45 -17.50 49.69
C THR F 133 4.22 -16.53 50.58
N THR F 134 3.57 -15.44 50.98
CA THR F 134 4.22 -14.50 51.87
C THR F 134 4.55 -15.14 53.22
N GLN F 135 3.69 -16.03 53.70
CA GLN F 135 3.96 -16.71 54.96
C GLN F 135 5.17 -17.62 54.86
N VAL F 136 5.27 -18.36 53.75
CA VAL F 136 6.44 -19.20 53.53
C VAL F 136 7.71 -18.36 53.48
N GLU F 137 7.62 -17.20 52.80
CA GLU F 137 8.79 -16.33 52.71
C GLU F 137 9.18 -15.79 54.08
N GLU F 138 8.20 -15.43 54.90
CA GLU F 138 8.49 -14.94 56.24
C GLU F 138 9.13 -16.03 57.09
N MET F 139 8.64 -17.27 56.96
CA MET F 139 9.22 -18.37 57.71
C MET F 139 10.67 -18.60 57.31
N LEU F 140 10.94 -18.58 55.99
CA LEU F 140 12.31 -18.74 55.53
C LEU F 140 13.21 -17.62 56.04
N LEU F 141 12.68 -16.39 56.06
CA LEU F 141 13.47 -15.27 56.59
C LEU F 141 13.77 -15.45 58.06
N GLN F 142 12.78 -15.88 58.85
CA GLN F 142 13.02 -16.13 60.26
C GLN F 142 14.07 -17.20 60.46
N ILE F 143 14.05 -18.23 59.62
CA ILE F 143 15.07 -19.28 59.72
C ILE F 143 16.45 -18.73 59.37
N ALA F 144 16.51 -17.84 58.37
CA ALA F 144 17.79 -17.35 57.90
C ALA F 144 18.45 -16.38 58.88
N GLU F 145 17.66 -15.59 59.59
CA GLU F 145 18.22 -14.62 60.53
C GLU F 145 18.72 -15.27 61.82
N GLY F 146 18.39 -16.53 62.04
CA GLY F 146 18.75 -17.18 63.30
C GLY F 146 17.82 -16.83 64.43
N TYR F 147 16.55 -16.56 64.12
CA TYR F 147 15.57 -16.25 65.16
C TYR F 147 15.32 -17.46 66.05
N GLY F 148 15.17 -17.20 67.33
CA GLY F 148 14.79 -18.21 68.30
C GLY F 148 13.29 -18.36 68.37
N LEU F 149 12.78 -18.41 69.60
CA LEU F 149 11.35 -18.56 69.81
C LEU F 149 10.74 -17.27 70.33
N PRO G 14 55.34 59.90 12.40
CA PRO G 14 54.20 60.59 11.80
C PRO G 14 54.17 60.47 10.29
N ILE G 15 53.69 59.33 9.79
CA ILE G 15 53.63 59.06 8.36
C ILE G 15 52.18 58.92 7.96
N LEU G 16 51.80 59.56 6.86
CA LEU G 16 50.46 59.47 6.32
C LEU G 16 50.49 58.76 4.98
N TRP G 17 49.33 58.25 4.58
CA TRP G 17 49.23 57.44 3.39
C TRP G 17 48.00 57.83 2.59
N ARG G 18 48.18 58.06 1.30
CA ARG G 18 47.09 58.37 0.41
C ARG G 18 47.04 57.35 -0.72
N ILE G 19 45.84 57.10 -1.23
CA ILE G 19 45.66 56.24 -2.39
C ILE G 19 44.85 57.03 -3.39
N SER G 20 45.49 57.40 -4.50
CA SER G 20 44.82 58.21 -5.51
C SER G 20 45.60 58.13 -6.81
N ALA G 21 44.93 58.49 -7.90
CA ALA G 21 45.56 58.45 -9.21
C ALA G 21 46.67 59.47 -9.38
N TYR G 22 46.88 60.36 -8.40
CA TYR G 22 47.81 61.46 -8.52
C TYR G 22 48.89 61.37 -7.46
N ALA G 23 50.13 61.62 -7.87
CA ALA G 23 51.27 61.64 -6.95
C ALA G 23 51.59 63.08 -6.52
N ASP G 24 50.61 63.74 -5.93
CA ASP G 24 50.81 65.11 -5.46
C ASP G 24 49.79 65.39 -4.37
N LEU G 25 50.02 66.48 -3.64
CA LEU G 25 49.14 66.89 -2.56
C LEU G 25 48.33 68.14 -2.91
N SER G 26 48.14 68.41 -4.20
CA SER G 26 47.38 69.59 -4.59
C SER G 26 45.92 69.47 -4.17
N GLY G 27 45.32 68.31 -4.40
CA GLY G 27 43.93 68.12 -4.02
C GLY G 27 42.97 69.02 -4.77
N THR G 28 43.34 69.41 -5.99
CA THR G 28 42.50 70.34 -6.76
C THR G 28 41.14 69.74 -7.09
N GLY G 29 41.02 68.42 -7.07
CA GLY G 29 39.74 67.79 -7.34
C GLY G 29 38.67 68.15 -6.33
N GLY G 30 39.05 68.62 -5.15
CA GLY G 30 38.07 69.10 -4.20
C GLY G 30 37.37 70.37 -4.63
N LEU G 31 37.90 71.05 -5.64
CA LEU G 31 37.21 72.23 -6.17
C LEU G 31 35.95 71.86 -6.93
N ARG G 32 35.84 70.61 -7.38
CA ARG G 32 34.68 70.18 -8.16
C ARG G 32 34.06 68.88 -7.64
N VAL G 33 34.72 68.19 -6.72
CA VAL G 33 34.22 66.94 -6.17
C VAL G 33 34.18 67.04 -4.66
N SER G 34 33.11 66.54 -4.07
CA SER G 34 32.88 66.64 -2.64
C SER G 34 32.94 65.27 -2.01
N GLY G 35 33.41 65.20 -0.77
CA GLY G 35 33.52 63.94 -0.06
C GLY G 35 32.70 63.89 1.21
N ARG G 36 33.08 63.01 2.14
CA ARG G 36 32.35 62.91 3.39
C ARG G 36 32.69 64.06 4.32
N TRP G 37 33.94 64.52 4.30
CA TRP G 37 34.40 65.55 5.21
C TRP G 37 34.60 66.90 4.53
N HIS G 38 33.96 67.10 3.37
CA HIS G 38 34.09 68.38 2.69
C HIS G 38 33.04 68.46 1.59
N GLN G 39 32.77 69.69 1.18
CA GLN G 39 31.92 70.01 0.04
C GLN G 39 32.78 70.62 -1.06
N ALA G 40 32.31 70.49 -2.30
CA ALA G 40 33.08 70.95 -3.44
C ALA G 40 33.33 72.46 -3.36
N GLY G 41 34.58 72.84 -3.55
CA GLY G 41 34.97 74.24 -3.47
C GLY G 41 36.21 74.44 -2.62
N ARG G 42 36.78 73.34 -2.14
CA ARG G 42 37.95 73.36 -1.28
C ARG G 42 38.95 72.32 -1.78
N PRO G 43 40.20 72.70 -1.98
CA PRO G 43 41.23 71.68 -2.18
C PRO G 43 41.57 70.99 -0.86
N VAL G 44 41.59 69.66 -0.90
CA VAL G 44 41.73 68.86 0.31
C VAL G 44 42.29 67.50 -0.09
N VAL G 45 43.07 66.90 0.82
CA VAL G 45 43.62 65.58 0.64
C VAL G 45 43.19 64.71 1.81
N TYR G 46 42.62 63.54 1.50
CA TYR G 46 42.29 62.55 2.51
C TYR G 46 43.45 61.59 2.67
N ALA G 47 43.88 61.36 3.91
CA ALA G 47 44.99 60.46 4.15
C ALA G 47 44.66 59.55 5.32
N ALA G 48 45.41 58.44 5.40
CA ALA G 48 45.28 57.50 6.51
C ALA G 48 46.63 57.31 7.17
N THR G 49 46.61 56.69 8.34
CA THR G 49 47.82 56.42 9.10
C THR G 49 48.46 55.09 8.75
N SER G 50 47.90 54.36 7.79
CA SER G 50 48.43 53.07 7.40
C SER G 50 47.96 52.76 5.99
N PRO G 51 48.81 52.17 5.17
CA PRO G 51 48.40 51.76 3.82
C PRO G 51 47.16 50.87 3.86
N PRO G 52 47.08 49.88 4.76
CA PRO G 52 45.83 49.11 4.83
C PRO G 52 44.64 49.95 5.22
N GLY G 53 44.83 50.96 6.06
CA GLY G 53 43.73 51.86 6.39
C GLY G 53 43.15 52.54 5.16
N ALA G 54 44.03 53.16 4.36
CA ALA G 54 43.57 53.83 3.16
C ALA G 54 42.93 52.85 2.18
N MET G 55 43.55 51.68 2.01
CA MET G 55 43.00 50.70 1.08
C MET G 55 41.63 50.23 1.53
N LEU G 56 41.46 49.98 2.82
CA LEU G 56 40.18 49.52 3.32
C LEU G 56 39.11 50.60 3.17
N GLU G 57 39.45 51.85 3.49
CA GLU G 57 38.51 52.94 3.33
C GLU G 57 38.05 53.05 1.88
N VAL G 58 39.01 52.98 0.95
CA VAL G 58 38.65 53.10 -0.47
C VAL G 58 37.79 51.91 -0.90
N LEU G 59 38.19 50.69 -0.53
CA LEU G 59 37.47 49.51 -0.97
C LEU G 59 36.05 49.49 -0.42
N VAL G 60 35.87 49.95 0.82
CA VAL G 60 34.54 49.90 1.43
C VAL G 60 33.66 51.03 0.93
N HIS G 61 34.15 52.27 1.01
CA HIS G 61 33.28 53.41 0.72
C HIS G 61 33.10 53.65 -0.77
N LEU G 62 34.09 53.31 -1.58
CA LEU G 62 33.96 53.44 -3.02
C LEU G 62 33.45 52.17 -3.67
N GLU G 63 33.25 51.10 -2.88
CA GLU G 63 32.65 49.86 -3.35
C GLU G 63 33.45 49.24 -4.49
N ILE G 64 34.74 49.01 -4.24
CA ILE G 64 35.63 48.43 -5.23
C ILE G 64 35.97 47.01 -4.81
N ASP G 65 35.76 46.04 -5.70
CA ASP G 65 36.21 44.69 -5.44
C ASP G 65 37.69 44.58 -5.77
N PRO G 66 38.42 43.73 -5.04
CA PRO G 66 39.88 43.65 -5.27
C PRO G 66 40.26 43.28 -6.68
N GLU G 67 39.40 42.57 -7.41
CA GLU G 67 39.69 42.27 -8.80
C GLU G 67 39.54 43.49 -9.70
N ASP G 68 38.84 44.53 -9.25
CA ASP G 68 38.60 45.72 -10.03
C ASP G 68 39.43 46.91 -9.54
N PHE G 69 40.45 46.67 -8.73
CA PHE G 69 41.26 47.78 -8.23
C PHE G 69 41.98 48.45 -9.39
N PRO G 70 41.88 49.77 -9.52
CA PRO G 70 42.41 50.43 -10.72
C PRO G 70 43.91 50.29 -10.84
N THR G 71 44.37 50.24 -12.08
CA THR G 71 45.79 50.27 -12.39
C THR G 71 46.35 51.68 -12.32
N THR G 72 45.47 52.69 -12.21
CA THR G 72 45.87 54.08 -12.09
C THR G 72 46.13 54.51 -10.66
N MET G 73 45.74 53.70 -9.68
CA MET G 73 45.94 54.07 -8.29
C MET G 73 47.41 54.09 -7.94
N ARG G 74 47.81 55.12 -7.21
CA ARG G 74 49.15 55.24 -6.66
C ARG G 74 49.04 55.36 -5.14
N LEU G 75 49.97 54.72 -4.45
CA LEU G 75 50.09 54.79 -3.00
C LEU G 75 51.17 55.81 -2.67
N LEU G 76 50.78 56.88 -1.98
CA LEU G 76 51.65 58.01 -1.71
C LEU G 76 51.97 58.04 -0.21
N ARG G 77 53.24 57.94 0.12
CA ARG G 77 53.72 58.08 1.48
C ARG G 77 54.09 59.53 1.74
N ILE G 78 53.57 60.08 2.84
CA ILE G 78 53.70 61.49 3.18
C ILE G 78 54.38 61.58 4.54
N GLU G 79 55.62 62.07 4.55
CA GLU G 79 56.38 62.28 5.77
C GLU G 79 56.32 63.77 6.13
N LEU G 80 56.13 64.04 7.42
CA LEU G 80 55.89 65.37 7.94
C LEU G 80 56.86 65.66 9.08
N PRO G 81 57.14 66.93 9.35
CA PRO G 81 57.91 67.28 10.55
C PRO G 81 57.20 66.86 11.82
N ASP G 82 57.89 66.92 12.95
CA ASP G 82 57.30 66.54 14.23
C ASP G 82 56.45 67.64 14.85
N THR G 83 56.58 68.87 14.36
CA THR G 83 55.87 70.00 14.94
C THR G 83 54.69 70.46 14.11
N VAL G 84 54.25 69.66 13.14
CA VAL G 84 53.15 70.03 12.25
C VAL G 84 51.91 70.38 13.07
N SER G 85 51.18 71.40 12.65
CA SER G 85 50.01 71.87 13.35
C SER G 85 48.81 70.99 13.06
N GLN G 86 48.13 70.55 14.11
CA GLN G 86 46.88 69.84 14.00
C GLN G 86 45.76 70.70 14.57
N ALA G 87 44.54 70.44 14.12
CA ALA G 87 43.37 71.12 14.61
C ALA G 87 42.48 70.14 15.38
N GLN G 88 41.81 70.65 16.39
CA GLN G 88 40.99 69.82 17.26
C GLN G 88 39.62 69.63 16.62
N LEU G 89 39.04 68.46 16.80
CA LEU G 89 37.72 68.17 16.29
C LEU G 89 36.75 67.97 17.45
N PRO G 90 35.58 68.61 17.42
CA PRO G 90 34.65 68.46 18.55
C PRO G 90 34.10 67.05 18.64
N ALA G 91 33.79 66.60 19.86
CA ALA G 91 33.22 65.28 20.08
C ALA G 91 31.96 65.08 19.26
N LEU G 92 31.91 63.97 18.53
CA LEU G 92 30.79 63.69 17.64
C LEU G 92 29.77 62.83 18.35
N GLN G 93 28.51 63.23 18.30
CA GLN G 93 27.45 62.42 18.86
C GLN G 93 27.23 61.19 17.99
N PRO G 94 26.77 60.08 18.56
CA PRO G 94 26.54 58.87 17.77
C PRO G 94 25.57 59.09 16.62
N GLY G 95 25.79 58.41 15.51
CA GLY G 95 24.98 58.57 14.32
C GLY G 95 25.58 59.46 13.27
N TRP G 96 26.80 59.96 13.47
CA TRP G 96 27.38 60.91 12.54
C TRP G 96 27.77 60.27 11.22
N SER G 97 28.01 58.95 11.22
CA SER G 97 28.40 58.27 9.99
C SER G 97 27.33 58.35 8.91
N ALA G 98 26.07 58.55 9.30
CA ALA G 98 24.97 58.69 8.36
C ALA G 98 24.52 60.14 8.23
N GLN G 99 25.27 61.09 8.78
CA GLN G 99 24.95 62.51 8.71
C GLN G 99 26.05 63.21 7.93
N PRO G 100 26.02 63.11 6.60
CA PRO G 100 27.10 63.71 5.81
C PRO G 100 27.13 65.22 5.90
N GLU G 101 25.99 65.86 6.19
CA GLU G 101 25.95 67.30 6.27
C GLU G 101 26.84 67.82 7.40
N LEU G 102 26.74 67.21 8.57
CA LEU G 102 27.54 67.65 9.72
C LEU G 102 29.02 67.46 9.46
N THR G 103 29.40 66.30 8.91
CA THR G 103 30.80 66.03 8.64
C THR G 103 31.36 66.98 7.58
N ARG G 104 30.60 67.19 6.51
CA ARG G 104 31.03 68.11 5.47
C ARG G 104 31.19 69.52 6.02
N THR G 105 30.25 69.96 6.87
CA THR G 105 30.36 71.29 7.45
C THR G 105 31.58 71.41 8.34
N LEU G 106 31.86 70.40 9.16
CA LEU G 106 33.03 70.45 10.02
C LEU G 106 34.31 70.53 9.20
N GLY G 107 34.43 69.68 8.18
CA GLY G 107 35.62 69.73 7.34
C GLY G 107 35.74 71.03 6.58
N ASN G 108 34.62 71.56 6.10
CA ASN G 108 34.63 72.84 5.39
C ASN G 108 35.13 73.95 6.30
N ARG G 109 34.65 73.99 7.54
CA ARG G 109 35.10 75.02 8.46
C ARG G 109 36.58 74.86 8.77
N PHE G 110 37.04 73.62 8.96
CA PHE G 110 38.46 73.40 9.22
C PHE G 110 39.31 73.87 8.05
N LEU G 111 38.84 73.65 6.82
CA LEU G 111 39.63 74.01 5.65
C LEU G 111 39.62 75.53 5.43
N ASP G 112 38.47 76.17 5.63
CA ASP G 112 38.36 77.60 5.39
C ASP G 112 39.08 78.41 6.45
N ASP G 113 38.98 78.00 7.72
CA ASP G 113 39.63 78.76 8.78
C ASP G 113 41.15 78.67 8.70
N CYS G 114 41.68 77.66 8.03
CA CYS G 114 43.13 77.48 7.86
C CYS G 114 43.85 77.54 9.19
N SER G 115 43.23 76.99 10.24
CA SER G 115 43.77 77.02 11.59
C SER G 115 45.00 76.14 11.75
N ALA G 116 45.16 75.12 10.90
CA ALA G 116 46.27 74.18 11.00
C ALA G 116 46.32 73.41 9.68
N LEU G 117 47.33 72.57 9.55
CA LEU G 117 47.54 71.80 8.33
C LEU G 117 46.72 70.51 8.31
N LEU G 118 46.61 69.82 9.44
CA LEU G 118 45.93 68.54 9.50
C LEU G 118 44.73 68.59 10.43
N LEU G 119 43.69 67.85 10.07
CA LEU G 119 42.58 67.61 10.97
C LEU G 119 42.47 66.11 11.21
N PRO G 120 42.79 65.62 12.41
CA PRO G 120 42.57 64.21 12.71
C PRO G 120 41.08 63.91 12.76
N VAL G 121 40.70 62.77 12.21
CA VAL G 121 39.31 62.43 11.97
C VAL G 121 39.07 60.97 12.32
N PRO G 122 37.96 60.61 12.95
CA PRO G 122 37.68 59.20 13.22
C PRO G 122 37.23 58.46 11.97
N SER G 123 37.54 57.18 11.92
CA SER G 123 37.12 56.34 10.82
C SER G 123 35.67 55.91 11.01
N ALA G 124 34.94 55.81 9.90
CA ALA G 124 33.54 55.45 9.95
C ALA G 124 33.30 53.95 9.82
N ILE G 125 34.35 53.15 9.70
CA ILE G 125 34.20 51.71 9.51
C ILE G 125 35.02 50.90 10.50
N MET G 126 36.01 51.47 11.16
CA MET G 126 36.84 50.72 12.10
C MET G 126 37.09 51.54 13.35
N PRO G 127 37.11 50.91 14.52
CA PRO G 127 37.35 51.65 15.75
C PRO G 127 38.82 51.92 16.01
N SER G 128 39.07 52.92 16.86
CA SER G 128 40.41 53.24 17.34
C SER G 128 41.40 53.48 16.20
N THR G 129 40.92 54.08 15.12
CA THR G 129 41.78 54.43 14.01
C THR G 129 41.35 55.77 13.45
N THR G 130 42.32 56.60 13.13
CA THR G 130 42.08 57.98 12.72
C THR G 130 42.72 58.25 11.37
N ASN G 131 41.94 58.84 10.48
CA ASN G 131 42.43 59.38 9.23
C ASN G 131 42.74 60.87 9.42
N TYR G 132 43.10 61.55 8.34
CA TYR G 132 43.49 62.95 8.41
C TYR G 132 43.01 63.70 7.19
N LEU G 133 42.55 64.92 7.42
CA LEU G 133 42.33 65.90 6.36
C LEU G 133 43.58 66.75 6.25
N PHE G 134 44.03 66.97 5.02
CA PHE G 134 45.25 67.70 4.70
C PHE G 134 44.88 68.90 3.85
N ASN G 135 45.16 70.11 4.37
CA ASN G 135 44.80 71.34 3.68
C ASN G 135 46.01 71.86 2.91
N PRO G 136 46.02 71.78 1.59
CA PRO G 136 47.19 72.25 0.83
C PRO G 136 47.32 73.76 0.84
N ARG G 137 46.31 74.49 1.31
CA ARG G 137 46.40 75.95 1.37
C ARG G 137 47.21 76.42 2.57
N HIS G 138 47.32 75.60 3.61
CA HIS G 138 48.08 75.98 4.78
C HIS G 138 49.55 76.16 4.41
N PRO G 139 50.25 77.10 5.06
CA PRO G 139 51.67 77.31 4.74
C PRO G 139 52.57 76.13 5.03
N GLN G 140 52.19 75.26 5.98
CA GLN G 140 53.01 74.11 6.32
C GLN G 140 52.87 72.96 5.33
N ALA G 141 52.12 73.15 4.26
CA ALA G 141 51.87 72.11 3.27
C ALA G 141 53.06 71.91 2.33
N GLN G 142 54.04 72.79 2.38
CA GLN G 142 55.26 72.64 1.59
C GLN G 142 56.37 71.96 2.38
N SER G 143 56.14 71.68 3.67
CA SER G 143 57.08 70.93 4.47
C SER G 143 56.91 69.43 4.32
N ALA G 144 55.88 68.99 3.60
CA ALA G 144 55.62 67.58 3.42
C ALA G 144 56.56 67.00 2.37
N LYS G 145 57.14 65.84 2.67
CA LYS G 145 57.94 65.10 1.71
C LYS G 145 57.16 63.86 1.30
N ILE G 146 57.01 63.67 -0.01
CA ILE G 146 56.13 62.62 -0.52
C ILE G 146 56.93 61.71 -1.44
N GLN G 147 56.51 60.44 -1.48
CA GLN G 147 57.09 59.50 -2.43
C GLN G 147 56.08 58.41 -2.73
N VAL G 148 56.10 57.94 -3.97
CA VAL G 148 55.22 56.87 -4.40
C VAL G 148 55.84 55.55 -3.99
N GLU G 149 55.12 54.80 -3.15
CA GLU G 149 55.57 53.46 -2.77
C GLU G 149 55.35 52.50 -3.91
N ASP G 150 56.37 51.71 -4.22
CA ASP G 150 56.22 50.66 -5.22
C ASP G 150 55.11 49.72 -4.79
N PHE G 151 54.03 49.68 -5.57
CA PHE G 151 52.86 48.88 -5.27
C PHE G 151 53.12 47.48 -5.84
N THR G 152 54.01 46.75 -5.17
CA THR G 152 54.44 45.42 -5.61
C THR G 152 54.23 44.42 -4.49
N PRO G 153 52.99 44.11 -4.14
CA PRO G 153 52.75 43.03 -3.17
C PRO G 153 52.94 41.69 -3.85
N ASP G 154 53.41 40.70 -3.10
CA ASP G 154 53.78 39.43 -3.72
C ASP G 154 52.57 38.67 -4.25
N SER G 155 51.41 38.84 -3.61
CA SER G 155 50.23 38.09 -4.03
C SER G 155 49.68 38.61 -5.36
N ARG G 156 49.92 39.89 -5.67
CA ARG G 156 49.42 40.54 -6.87
C ARG G 156 47.90 40.57 -6.93
N LEU G 157 47.24 40.56 -5.76
CA LEU G 157 45.79 40.57 -5.73
C LEU G 157 45.22 41.86 -6.30
N PHE G 158 45.70 43.00 -5.81
CA PHE G 158 45.24 44.29 -6.29
C PHE G 158 45.98 44.69 -7.56
N MET H 1 35.43 72.26 -14.92
CA MET H 1 35.68 71.53 -16.17
C MET H 1 36.07 70.08 -15.91
N LEU H 2 35.48 69.16 -16.68
CA LEU H 2 35.86 67.76 -16.58
C LEU H 2 37.33 67.58 -16.94
N ALA H 3 37.82 68.36 -17.91
CA ALA H 3 39.23 68.31 -18.25
C ALA H 3 40.13 68.91 -17.18
N GLU H 4 39.57 69.38 -16.07
CA GLU H 4 40.36 69.91 -14.98
C GLU H 4 40.62 68.86 -13.91
N VAL H 5 39.55 68.27 -13.36
CA VAL H 5 39.72 67.20 -12.38
C VAL H 5 40.40 66.00 -13.02
N LEU H 6 40.03 65.68 -14.26
CA LEU H 6 40.79 64.74 -15.07
C LEU H 6 41.96 65.50 -15.69
N ARG H 7 43.17 65.21 -15.23
CA ARG H 7 44.33 65.92 -15.74
C ARG H 7 44.54 65.57 -17.21
N ASP H 8 45.59 66.16 -17.80
CA ASP H 8 45.83 66.04 -19.23
C ASP H 8 45.75 64.59 -19.70
N ASN H 9 46.45 63.68 -19.01
CA ASN H 9 46.46 62.28 -19.41
C ASN H 9 45.09 61.65 -19.24
N GLY H 10 44.42 61.92 -18.12
CA GLY H 10 43.11 61.34 -17.88
C GLY H 10 42.08 61.79 -18.90
N TYR H 11 42.04 63.09 -19.18
CA TYR H 11 41.09 63.58 -20.18
C TYR H 11 41.45 63.11 -21.57
N HIS H 12 42.75 62.98 -21.86
CA HIS H 12 43.16 62.44 -23.14
C HIS H 12 42.67 61.02 -23.33
N GLU H 13 42.83 60.18 -22.30
CA GLU H 13 42.36 58.81 -22.38
C GLU H 13 40.84 58.75 -22.47
N TYR H 14 40.15 59.60 -21.71
CA TYR H 14 38.70 59.65 -21.79
C TYR H 14 38.23 59.99 -23.19
N ARG H 15 38.86 60.98 -23.82
CA ARG H 15 38.47 61.37 -25.17
C ARG H 15 38.81 60.28 -26.18
N ALA H 16 39.93 59.58 -25.98
CA ALA H 16 40.27 58.48 -26.87
C ALA H 16 39.24 57.37 -26.80
N ARG H 17 38.84 57.00 -25.57
CA ARG H 17 37.83 55.96 -25.43
C ARG H 17 36.48 56.42 -25.95
N LEU H 18 36.16 57.70 -25.78
CA LEU H 18 34.91 58.22 -26.34
C LEU H 18 34.95 58.19 -27.86
N GLN H 19 36.11 58.47 -28.45
CA GLN H 19 36.26 58.35 -29.90
C GLN H 19 36.08 56.91 -30.34
N ALA H 20 36.58 55.96 -29.55
CA ALA H 20 36.43 54.56 -29.89
C ALA H 20 34.97 54.11 -29.78
N LEU H 21 34.24 54.66 -28.80
CA LEU H 21 32.91 54.19 -28.49
C LEU H 21 31.81 54.86 -29.29
N LEU H 22 31.97 56.14 -29.65
CA LEU H 22 30.90 56.86 -30.34
C LEU H 22 31.39 57.58 -31.57
N ASP H 23 32.61 57.31 -32.02
CA ASP H 23 33.20 57.94 -33.18
C ASP H 23 33.11 59.47 -33.08
N ILE H 24 33.60 59.96 -31.95
CA ILE H 24 33.59 61.39 -31.63
C ILE H 24 35.05 61.86 -31.58
N PRO H 25 35.44 62.76 -32.46
CA PRO H 25 36.85 63.16 -32.53
C PRO H 25 37.35 63.70 -31.20
N GLU H 26 38.61 63.39 -30.89
CA GLU H 26 39.19 63.77 -29.61
C GLU H 26 39.35 65.28 -29.46
N LEU H 27 39.49 66.00 -30.57
CA LEU H 27 39.76 67.43 -30.51
C LEU H 27 38.52 68.28 -30.65
N ALA H 28 37.36 67.68 -30.96
CA ALA H 28 36.12 68.44 -31.07
C ALA H 28 35.79 69.11 -29.75
N SER H 29 35.11 70.25 -29.83
CA SER H 29 34.73 70.99 -28.64
C SER H 29 33.45 70.42 -28.04
N ASP H 30 33.16 70.85 -26.81
CA ASP H 30 31.97 70.37 -26.12
C ASP H 30 30.71 70.65 -26.93
N PHE H 31 30.64 71.83 -27.54
CA PHE H 31 29.47 72.14 -28.36
C PHE H 31 29.39 71.24 -29.58
N GLU H 32 30.55 70.86 -30.13
CA GLU H 32 30.53 69.89 -31.22
C GLU H 32 29.96 68.56 -30.76
N ILE H 33 30.25 68.16 -29.52
CA ILE H 33 29.68 66.94 -28.97
C ILE H 33 28.16 67.07 -28.86
N HIS H 34 27.70 68.20 -28.33
CA HIS H 34 26.27 68.42 -28.21
C HIS H 34 25.59 68.36 -29.58
N THR H 35 26.22 68.98 -30.59
CA THR H 35 25.66 68.95 -31.93
C THR H 35 25.63 67.53 -32.48
N ARG H 36 26.67 66.74 -32.21
CA ARG H 36 26.67 65.35 -32.65
C ARG H 36 25.53 64.57 -32.00
N ILE H 37 25.23 64.87 -30.74
CA ILE H 37 24.11 64.21 -30.09
C ILE H 37 22.80 64.65 -30.73
N THR H 38 22.66 65.94 -31.02
CA THR H 38 21.42 66.46 -31.58
C THR H 38 21.18 65.95 -33.00
N ASP H 39 22.25 65.75 -33.76
CA ASP H 39 22.11 65.25 -35.12
C ASP H 39 21.58 63.83 -35.17
N GLY H 40 21.62 63.11 -34.06
CA GLY H 40 21.22 61.73 -34.02
C GLY H 40 22.37 60.79 -34.32
N PHE H 41 22.31 59.60 -33.73
CA PHE H 41 23.32 58.57 -33.92
C PHE H 41 22.76 57.47 -34.78
N ALA H 42 23.64 56.83 -35.55
CA ALA H 42 23.22 55.72 -36.40
C ALA H 42 22.89 54.51 -35.55
N ALA H 43 21.70 53.94 -35.76
CA ALA H 43 21.32 52.75 -35.02
C ALA H 43 22.24 51.57 -35.32
N THR H 44 22.82 51.55 -36.52
CA THR H 44 23.80 50.52 -36.84
C THR H 44 24.99 50.57 -35.89
N TRP H 45 25.38 51.78 -35.47
CA TRP H 45 26.48 51.90 -34.52
C TRP H 45 26.14 51.26 -33.19
N LEU H 46 24.91 51.46 -32.71
CA LEU H 46 24.49 50.81 -31.48
C LEU H 46 24.44 49.30 -31.63
N VAL H 47 24.00 48.82 -32.80
CA VAL H 47 24.00 47.39 -33.06
C VAL H 47 25.41 46.83 -33.00
N LYS H 48 26.36 47.53 -33.63
CA LYS H 48 27.74 47.07 -33.60
C LYS H 48 28.32 47.10 -32.19
N LEU H 49 27.93 48.10 -31.39
CA LEU H 49 28.36 48.13 -30.00
C LEU H 49 27.83 46.94 -29.23
N THR H 50 26.56 46.61 -29.43
CA THR H 50 25.98 45.46 -28.74
C THR H 50 26.61 44.16 -29.22
N GLU H 51 27.01 44.10 -30.50
CA GLU H 51 27.62 42.88 -31.02
C GLU H 51 29.04 42.70 -30.47
N ARG H 52 29.82 43.77 -30.43
CA ARG H 52 31.21 43.69 -30.00
C ARG H 52 31.36 43.53 -28.49
N GLY H 53 30.27 43.27 -27.79
CA GLY H 53 30.35 42.95 -26.37
C GLY H 53 30.67 44.11 -25.46
N VAL H 54 30.54 45.34 -25.94
CA VAL H 54 30.75 46.51 -25.09
C VAL H 54 29.44 46.98 -24.47
N LEU H 55 28.31 46.61 -25.05
CA LEU H 55 27.01 46.90 -24.46
C LEU H 55 26.22 45.60 -24.36
N THR H 56 25.72 45.35 -23.18
CA THR H 56 24.89 44.17 -22.99
C THR H 56 23.50 44.42 -23.52
N PRO H 57 22.80 43.37 -23.95
CA PRO H 57 21.45 43.56 -24.50
C PRO H 57 20.52 44.32 -23.58
N VAL H 58 20.67 44.19 -22.27
CA VAL H 58 19.81 44.94 -21.36
C VAL H 58 20.16 46.43 -21.40
N GLU H 59 21.45 46.76 -21.55
CA GLU H 59 21.82 48.16 -21.73
C GLU H 59 21.28 48.70 -23.04
N ARG H 60 21.36 47.90 -24.11
CA ARG H 60 20.77 48.30 -25.39
C ARG H 60 19.28 48.54 -25.25
N ASP H 61 18.58 47.70 -24.47
CA ASP H 61 17.15 47.89 -24.26
C ASP H 61 16.88 49.16 -23.46
N GLN H 62 17.69 49.42 -22.44
CA GLN H 62 17.52 50.65 -21.67
C GLN H 62 17.75 51.88 -22.53
N ILE H 63 18.60 51.78 -23.54
CA ILE H 63 18.77 52.90 -24.45
C ILE H 63 17.57 53.02 -25.38
N ILE H 64 17.11 51.90 -25.94
CA ILE H 64 16.02 51.91 -26.91
C ILE H 64 15.45 50.49 -27.02
N PRO H 65 14.13 50.33 -27.12
CA PRO H 65 13.56 49.00 -27.36
C PRO H 65 14.01 48.43 -28.70
N LEU H 66 14.00 47.10 -28.76
CA LEU H 66 14.58 46.41 -29.92
C LEU H 66 13.75 46.61 -31.17
N ARG H 67 12.42 46.54 -31.06
CA ARG H 67 11.56 46.75 -32.22
C ARG H 67 11.74 48.16 -32.76
N THR H 68 11.82 49.14 -31.88
CA THR H 68 12.09 50.52 -32.31
C THR H 68 13.43 50.61 -33.00
N LEU H 69 14.44 49.91 -32.47
CA LEU H 69 15.77 49.95 -33.08
C LEU H 69 15.76 49.35 -34.47
N LYS H 70 15.05 48.25 -34.66
CA LYS H 70 14.98 47.63 -35.98
C LYS H 70 14.20 48.50 -36.95
N SER H 71 13.15 49.17 -36.46
CA SER H 71 12.46 50.16 -37.30
C SER H 71 13.42 51.27 -37.72
N ARG H 72 14.25 51.75 -36.79
CA ARG H 72 15.25 52.74 -37.14
C ARG H 72 16.19 52.21 -38.21
N ILE H 73 16.59 50.95 -38.08
CA ILE H 73 17.50 50.34 -39.05
C ILE H 73 16.87 50.37 -40.44
N GLU H 74 15.64 49.89 -40.55
CA GLU H 74 15.03 49.76 -41.88
C GLU H 74 14.67 51.12 -42.46
N ARG H 75 14.13 52.02 -41.65
CA ARG H 75 13.81 53.36 -42.13
C ARG H 75 15.04 54.22 -42.36
N ASP H 76 16.22 53.73 -41.96
CA ASP H 76 17.49 54.45 -42.12
C ASP H 76 17.40 55.84 -41.48
N GLN H 77 16.67 55.92 -40.38
CA GLN H 77 16.49 57.17 -39.66
C GLN H 77 17.30 57.14 -38.38
N PRO H 78 18.11 58.16 -38.10
CA PRO H 78 19.01 58.10 -36.94
C PRO H 78 18.24 58.14 -35.62
N LEU H 79 18.94 57.74 -34.56
CA LEU H 79 18.35 57.67 -33.23
C LEU H 79 17.82 59.04 -32.79
N THR H 80 16.71 59.03 -32.05
CA THR H 80 16.15 60.27 -31.55
C THR H 80 17.09 60.93 -30.55
N VAL H 81 16.81 62.18 -30.24
CA VAL H 81 17.66 62.93 -29.32
C VAL H 81 17.64 62.29 -27.94
N ASP H 82 16.52 61.68 -27.56
CA ASP H 82 16.47 60.98 -26.28
C ASP H 82 17.30 59.71 -26.31
N GLU H 83 17.11 58.89 -27.34
CA GLU H 83 17.92 57.69 -27.50
C GLU H 83 19.39 58.03 -27.67
N SER H 84 19.68 59.09 -28.43
CA SER H 84 21.06 59.53 -28.59
C SER H 84 21.63 60.01 -27.26
N ASP H 85 20.82 60.66 -26.44
CA ASP H 85 21.29 61.13 -25.14
C ASP H 85 21.61 59.96 -24.23
N ARG H 86 20.76 58.92 -24.25
CA ARG H 86 21.03 57.74 -23.45
C ARG H 86 22.29 57.03 -23.93
N LEU H 87 22.46 56.90 -25.24
CA LEU H 87 23.66 56.28 -25.77
C LEU H 87 24.90 57.07 -25.38
N PHE H 88 24.81 58.40 -25.44
CA PHE H 88 25.95 59.23 -25.04
C PHE H 88 26.24 59.08 -23.56
N ARG H 89 25.21 58.99 -22.74
CA ARG H 89 25.43 58.80 -21.31
C ARG H 89 26.13 57.49 -21.03
N SER H 90 25.66 56.41 -21.67
CA SER H 90 26.30 55.11 -21.51
C SER H 90 27.76 55.17 -21.93
N ALA H 91 28.03 55.68 -23.13
CA ALA H 91 29.41 55.69 -23.64
C ALA H 91 30.30 56.62 -22.83
N HIS H 92 29.74 57.75 -22.36
CA HIS H 92 30.53 58.70 -21.58
C HIS H 92 30.89 58.13 -20.22
N ILE H 93 29.93 57.46 -19.57
CA ILE H 93 30.24 56.81 -18.30
C ILE H 93 31.24 55.68 -18.50
N THR H 94 31.10 54.94 -19.60
CA THR H 94 32.04 53.86 -19.87
C THR H 94 33.45 54.39 -20.09
N ALA H 95 33.58 55.47 -20.86
CA ALA H 95 34.90 56.04 -21.12
C ALA H 95 35.49 56.66 -19.86
N MET H 96 34.65 57.30 -19.04
CA MET H 96 35.12 57.83 -17.78
C MET H 96 35.63 56.72 -16.87
N ALA H 97 34.89 55.62 -16.78
CA ALA H 97 35.32 54.52 -15.94
C ALA H 97 36.58 53.86 -16.48
N GLU H 98 36.72 53.76 -17.80
CA GLU H 98 37.94 53.22 -18.37
C GLU H 98 39.12 54.12 -18.08
N ALA H 99 38.90 55.44 -18.06
CA ALA H 99 39.97 56.36 -17.72
C ALA H 99 40.36 56.27 -16.25
N VAL H 100 39.39 56.05 -15.37
CA VAL H 100 39.68 55.99 -13.95
C VAL H 100 40.35 54.67 -13.58
N PHE H 101 39.84 53.56 -14.11
CA PHE H 101 40.33 52.23 -13.74
C PHE H 101 41.57 51.82 -14.53
N GLY H 102 41.76 52.35 -15.73
CA GLY H 102 42.93 52.01 -16.51
C GLY H 102 42.75 50.80 -17.39
N GLU H 103 41.80 49.95 -17.05
CA GLU H 103 41.51 48.75 -17.81
C GLU H 103 40.01 48.65 -18.04
N ALA H 104 39.62 48.21 -19.24
CA ALA H 104 38.21 48.22 -19.60
C ALA H 104 37.41 47.19 -18.82
N GLY H 105 38.00 46.02 -18.56
CA GLY H 105 37.25 44.98 -17.86
C GLY H 105 36.90 45.36 -16.44
N LYS H 106 37.87 45.92 -15.71
CA LYS H 106 37.59 46.40 -14.36
C LYS H 106 36.50 47.45 -14.36
N ALA H 107 36.53 48.34 -15.35
CA ALA H 107 35.52 49.39 -15.44
C ALA H 107 34.14 48.80 -15.67
N LYS H 108 34.03 47.88 -16.63
CA LYS H 108 32.74 47.26 -16.90
C LYS H 108 32.22 46.48 -15.70
N ARG H 109 33.12 45.81 -14.96
CA ARG H 109 32.70 45.07 -13.79
C ARG H 109 32.17 46.02 -12.72
N TRP H 110 32.93 47.07 -12.41
CA TRP H 110 32.49 48.04 -11.42
C TRP H 110 31.17 48.69 -11.82
N LEU H 111 30.99 48.96 -13.11
CA LEU H 111 29.74 49.55 -13.58
C LEU H 111 28.61 48.55 -13.60
N SER H 112 28.91 47.25 -13.59
CA SER H 112 27.92 46.20 -13.64
C SER H 112 27.64 45.58 -12.28
N LYS H 113 28.34 46.01 -11.24
CA LYS H 113 28.12 45.46 -9.91
C LYS H 113 27.24 46.41 -9.10
N PRO H 114 26.28 45.90 -8.34
CA PRO H 114 25.41 46.78 -7.57
C PRO H 114 26.16 47.47 -6.44
N LYS H 115 25.60 48.61 -6.02
CA LYS H 115 26.20 49.45 -4.99
C LYS H 115 25.21 49.67 -3.87
N GLU H 116 25.68 49.61 -2.62
CA GLU H 116 24.82 49.92 -1.49
C GLU H 116 24.47 51.41 -1.48
N ARG H 117 25.35 52.24 -2.03
CA ARG H 117 25.07 53.67 -2.12
C ARG H 117 23.84 53.93 -2.98
N PHE H 118 23.66 53.15 -4.04
CA PHE H 118 22.52 53.27 -4.93
C PHE H 118 21.39 52.31 -4.58
N SER H 119 21.37 51.81 -3.35
CA SER H 119 20.32 50.91 -2.86
C SER H 119 20.23 49.63 -3.68
N GLY H 120 21.36 49.09 -4.09
CA GLY H 120 21.40 47.82 -4.79
C GLY H 120 21.39 47.96 -6.30
N LEU H 121 21.42 49.17 -6.83
CA LEU H 121 21.41 49.35 -8.27
C LEU H 121 22.83 49.50 -8.80
N THR H 122 23.03 49.10 -10.05
CA THR H 122 24.32 49.24 -10.67
C THR H 122 24.47 50.65 -11.25
N PRO H 123 25.70 51.14 -11.37
CA PRO H 123 25.90 52.46 -11.99
C PRO H 123 25.27 52.58 -13.36
N MET H 124 25.33 51.52 -14.17
CA MET H 124 24.67 51.58 -15.47
C MET H 124 23.15 51.69 -15.32
N GLN H 125 22.60 51.14 -14.23
CA GLN H 125 21.18 51.30 -13.97
C GLN H 125 20.82 52.73 -13.57
N MET H 126 21.79 53.50 -13.10
CA MET H 126 21.55 54.88 -12.71
C MET H 126 21.59 55.84 -13.88
N LEU H 127 21.88 55.36 -15.09
CA LEU H 127 22.03 56.21 -16.26
C LEU H 127 20.68 56.57 -16.90
N THR H 128 19.59 56.38 -16.16
CA THR H 128 18.28 56.74 -16.69
C THR H 128 17.99 58.22 -16.49
N THR H 129 18.68 58.87 -15.56
CA THR H 129 18.41 60.26 -15.21
C THR H 129 19.70 61.07 -15.26
N GLN H 130 19.51 62.39 -15.41
CA GLN H 130 20.61 63.33 -15.21
C GLN H 130 21.26 63.14 -13.85
N GLN H 131 20.44 62.97 -12.81
CA GLN H 131 20.96 62.89 -11.45
C GLN H 131 21.79 61.63 -11.23
N GLY H 132 21.29 60.49 -11.70
CA GLY H 132 22.04 59.26 -11.53
C GLY H 132 23.35 59.27 -12.31
N THR H 133 23.33 59.85 -13.51
CA THR H 133 24.55 59.98 -14.28
C THR H 133 25.57 60.83 -13.55
N THR H 134 25.12 61.97 -13.02
CA THR H 134 26.04 62.82 -12.26
C THR H 134 26.53 62.12 -10.99
N GLN H 135 25.70 61.25 -10.39
CA GLN H 135 26.14 60.51 -9.22
C GLN H 135 27.24 59.51 -9.58
N VAL H 136 27.09 58.82 -10.71
CA VAL H 136 28.13 57.89 -11.15
C VAL H 136 29.41 58.66 -11.45
N GLU H 137 29.28 59.83 -12.08
CA GLU H 137 30.46 60.66 -12.31
C GLU H 137 31.13 61.05 -11.00
N GLU H 138 30.33 61.44 -10.01
CA GLU H 138 30.87 61.81 -8.71
C GLU H 138 31.62 60.65 -8.08
N MET H 139 31.06 59.44 -8.17
CA MET H 139 31.73 58.27 -7.60
C MET H 139 33.06 58.01 -8.29
N LEU H 140 33.07 58.07 -9.63
CA LEU H 140 34.32 57.89 -10.36
C LEU H 140 35.35 58.94 -9.96
N LEU H 141 34.93 60.18 -9.80
CA LEU H 141 35.86 61.25 -9.45
C LEU H 141 36.38 61.09 -8.03
N GLN H 142 35.54 60.59 -7.13
CA GLN H 142 36.00 60.30 -5.77
C GLN H 142 37.04 59.18 -5.79
N ILE H 143 36.84 58.19 -6.64
CA ILE H 143 37.85 57.14 -6.80
C ILE H 143 39.16 57.76 -7.29
N ALA H 144 39.07 58.66 -8.27
CA ALA H 144 40.28 59.23 -8.86
C ALA H 144 41.01 60.12 -7.88
N GLU H 145 40.28 60.95 -7.14
CA GLU H 145 40.88 61.93 -6.25
C GLU H 145 41.28 61.36 -4.90
N GLY H 146 40.95 60.10 -4.62
CA GLY H 146 41.30 59.52 -3.34
C GLY H 146 40.47 60.01 -2.19
N TYR H 147 39.17 60.25 -2.41
CA TYR H 147 38.27 60.63 -1.33
C TYR H 147 37.60 59.37 -0.79
N GLY H 148 38.43 58.55 -0.12
CA GLY H 148 37.99 57.23 0.28
C GLY H 148 37.24 57.21 1.60
N LEU H 149 37.50 58.18 2.47
CA LEU H 149 36.91 58.15 3.80
C LEU H 149 35.40 58.25 3.78
N MET I 1 30.23 64.79 -10.64
CA MET I 1 30.24 66.18 -11.04
C MET I 1 28.93 66.86 -10.72
N LEU I 2 28.50 66.78 -9.46
CA LEU I 2 27.34 67.53 -9.01
C LEU I 2 27.67 69.02 -9.02
N ALA I 3 26.65 69.87 -9.05
CA ALA I 3 26.84 71.31 -9.19
C ALA I 3 26.84 72.00 -7.84
N GLU I 4 27.37 71.33 -6.82
CA GLU I 4 27.62 71.92 -5.52
C GLU I 4 28.94 72.68 -5.46
N VAL I 5 29.52 72.98 -6.63
CA VAL I 5 30.76 73.75 -6.70
C VAL I 5 30.52 75.18 -6.25
N LEU I 6 29.26 75.58 -6.11
CA LEU I 6 28.93 76.93 -5.66
C LEU I 6 29.68 77.28 -4.39
N ARG I 7 30.01 78.57 -4.26
CA ARG I 7 30.91 79.01 -3.15
C ARG I 7 30.24 79.11 -1.78
N ASP I 8 29.37 80.10 -1.57
CA ASP I 8 28.85 80.25 -0.20
C ASP I 8 27.33 80.18 -0.13
N ASN I 9 26.79 79.18 0.57
CA ASN I 9 25.32 79.09 0.82
C ASN I 9 24.54 78.99 -0.50
N GLY I 10 25.05 79.55 -1.59
CA GLY I 10 24.27 79.54 -2.85
C GLY I 10 23.64 78.18 -3.07
N TYR I 11 24.38 77.12 -2.75
CA TYR I 11 23.89 75.76 -2.97
C TYR I 11 22.63 75.48 -2.16
N HIS I 12 22.65 75.85 -0.88
CA HIS I 12 21.47 75.68 -0.04
C HIS I 12 20.26 76.38 -0.64
N GLU I 13 20.40 77.68 -0.96
CA GLU I 13 19.32 78.36 -1.68
C GLU I 13 19.03 77.68 -3.01
N TYR I 14 20.07 77.12 -3.66
CA TYR I 14 19.85 76.31 -4.85
C TYR I 14 18.83 75.22 -4.58
N ARG I 15 18.99 74.52 -3.45
CA ARG I 15 17.99 73.54 -3.05
C ARG I 15 16.68 74.22 -2.71
N ALA I 16 16.76 75.39 -2.07
CA ALA I 16 15.55 76.10 -1.65
C ALA I 16 14.64 76.38 -2.84
N ARG I 17 15.17 77.01 -3.88
CA ARG I 17 14.37 77.22 -5.08
C ARG I 17 14.03 75.89 -5.74
N LEU I 18 14.91 74.90 -5.62
CA LEU I 18 14.62 73.59 -6.20
C LEU I 18 13.41 72.97 -5.50
N GLN I 19 13.27 73.20 -4.20
CA GLN I 19 12.08 72.76 -3.49
C GLN I 19 10.85 73.54 -3.97
N ALA I 20 11.05 74.79 -4.40
CA ALA I 20 9.94 75.60 -4.85
C ALA I 20 9.45 75.21 -6.24
N LEU I 21 10.34 74.70 -7.09
CA LEU I 21 9.97 74.39 -8.47
C LEU I 21 9.55 72.94 -8.68
N LEU I 22 9.96 72.02 -7.81
CA LEU I 22 9.62 70.62 -8.00
C LEU I 22 9.14 69.90 -6.74
N ASP I 23 8.94 70.61 -5.63
CA ASP I 23 8.51 69.98 -4.38
C ASP I 23 9.50 68.89 -3.95
N ILE I 24 10.78 69.18 -4.12
CA ILE I 24 11.86 68.27 -3.75
C ILE I 24 12.46 68.76 -2.44
N PRO I 25 12.38 67.98 -1.36
CA PRO I 25 12.95 68.42 -0.07
C PRO I 25 14.39 68.90 -0.17
N GLU I 26 14.77 69.84 0.69
CA GLU I 26 16.10 70.42 0.62
C GLU I 26 17.16 69.49 1.17
N LEU I 27 16.84 68.68 2.17
CA LEU I 27 17.79 67.75 2.77
C LEU I 27 17.60 66.32 2.29
N ALA I 28 16.91 66.12 1.16
CA ALA I 28 16.74 64.80 0.60
C ALA I 28 18.00 64.39 -0.17
N SER I 29 18.30 63.10 -0.16
CA SER I 29 19.51 62.61 -0.78
C SER I 29 19.42 62.70 -2.29
N ASP I 30 20.60 62.66 -2.94
CA ASP I 30 20.64 62.64 -4.40
C ASP I 30 20.02 61.38 -4.96
N PHE I 31 20.16 60.26 -4.25
CA PHE I 31 19.48 59.04 -4.67
C PHE I 31 17.97 59.21 -4.59
N GLU I 32 17.50 59.87 -3.53
CA GLU I 32 16.08 60.18 -3.43
C GLU I 32 15.63 61.02 -4.62
N ILE I 33 16.47 61.96 -5.05
CA ILE I 33 16.14 62.77 -6.22
C ILE I 33 16.03 61.89 -7.46
N HIS I 34 17.00 60.98 -7.64
CA HIS I 34 16.94 60.06 -8.78
C HIS I 34 15.66 59.25 -8.76
N THR I 35 15.27 58.77 -7.57
CA THR I 35 14.03 58.01 -7.45
C THR I 35 12.80 58.86 -7.77
N ARG I 36 12.79 60.13 -7.39
CA ARG I 36 11.65 60.98 -7.72
C ARG I 36 11.54 61.21 -9.22
N ILE I 37 12.68 61.28 -9.92
CA ILE I 37 12.64 61.39 -11.37
C ILE I 37 12.16 60.09 -11.98
N THR I 38 12.59 58.95 -11.44
CA THR I 38 12.17 57.68 -12.00
C THR I 38 10.71 57.38 -11.68
N ASP I 39 10.28 57.69 -10.45
CA ASP I 39 8.90 57.44 -10.06
C ASP I 39 7.92 58.38 -10.74
N GLY I 40 8.42 59.43 -11.39
CA GLY I 40 7.57 60.31 -12.16
C GLY I 40 7.04 61.50 -11.39
N PHE I 41 6.85 62.62 -12.07
CA PHE I 41 6.27 63.81 -11.48
C PHE I 41 4.79 63.91 -11.82
N ALA I 42 4.07 64.68 -11.01
CA ALA I 42 2.65 64.92 -11.26
C ALA I 42 2.49 65.80 -12.49
N ALA I 43 1.54 65.44 -13.35
CA ALA I 43 1.33 66.19 -14.58
C ALA I 43 0.85 67.60 -14.31
N THR I 44 0.00 67.78 -13.30
CA THR I 44 -0.54 69.11 -13.01
C THR I 44 0.57 70.09 -12.62
N TRP I 45 1.66 69.58 -12.06
CA TRP I 45 2.74 70.45 -11.63
C TRP I 45 3.31 71.24 -12.80
N LEU I 46 3.51 70.58 -13.94
CA LEU I 46 4.15 71.27 -15.06
C LEU I 46 3.24 72.34 -15.63
N VAL I 47 1.94 72.07 -15.76
CA VAL I 47 1.04 73.08 -16.29
C VAL I 47 0.91 74.24 -15.29
N LYS I 48 0.93 73.94 -13.99
CA LYS I 48 0.93 75.01 -13.01
C LYS I 48 2.19 75.86 -13.12
N LEU I 49 3.33 75.24 -13.38
CA LEU I 49 4.57 75.99 -13.55
C LEU I 49 4.55 76.87 -14.78
N THR I 50 4.01 76.34 -15.89
CA THR I 50 4.03 77.13 -17.12
C THR I 50 2.99 78.24 -17.09
N GLU I 51 1.88 78.04 -16.38
CA GLU I 51 0.93 79.13 -16.23
C GLU I 51 1.36 80.14 -15.18
N ARG I 52 2.17 79.71 -14.19
CA ARG I 52 2.77 80.65 -13.27
C ARG I 52 3.85 81.50 -13.92
N GLY I 53 4.19 81.22 -15.18
CA GLY I 53 5.01 82.11 -15.96
C GLY I 53 6.50 81.94 -15.81
N VAL I 54 6.95 80.91 -15.08
CA VAL I 54 8.39 80.75 -14.87
C VAL I 54 9.08 80.15 -16.09
N LEU I 55 8.34 79.56 -17.02
CA LEU I 55 8.92 79.03 -18.25
C LEU I 55 7.93 79.22 -19.39
N THR I 56 8.46 79.41 -20.58
CA THR I 56 7.67 79.80 -21.74
C THR I 56 6.88 78.60 -22.26
N PRO I 57 5.88 78.84 -23.10
CA PRO I 57 5.19 77.71 -23.76
C PRO I 57 6.09 76.92 -24.68
N VAL I 58 7.05 77.57 -25.32
CA VAL I 58 7.98 76.85 -26.19
C VAL I 58 8.82 75.87 -25.37
N GLU I 59 9.22 76.26 -24.17
CA GLU I 59 9.99 75.37 -23.31
C GLU I 59 9.12 74.23 -22.79
N ARG I 60 7.88 74.52 -22.42
CA ARG I 60 6.96 73.47 -22.02
C ARG I 60 6.73 72.48 -23.15
N ASP I 61 6.67 72.95 -24.39
CA ASP I 61 6.49 72.03 -25.52
C ASP I 61 7.75 71.21 -25.77
N GLN I 62 8.92 71.85 -25.69
CA GLN I 62 10.17 71.11 -25.84
C GLN I 62 10.31 70.04 -24.78
N ILE I 63 9.77 70.28 -23.58
CA ILE I 63 9.75 69.23 -22.57
C ILE I 63 8.72 68.17 -22.91
N ILE I 64 7.51 68.60 -23.28
CA ILE I 64 6.42 67.67 -23.63
C ILE I 64 5.40 68.39 -24.48
N PRO I 65 5.00 67.83 -25.63
CA PRO I 65 3.94 68.46 -26.42
C PRO I 65 2.63 68.57 -25.66
N LEU I 66 1.82 69.57 -26.03
CA LEU I 66 0.61 69.86 -25.26
C LEU I 66 -0.40 68.72 -25.33
N ARG I 67 -0.55 68.09 -26.50
CA ARG I 67 -1.47 66.97 -26.61
C ARG I 67 -1.01 65.81 -25.75
N THR I 68 0.29 65.59 -25.66
CA THR I 68 0.81 64.55 -24.78
C THR I 68 0.54 64.89 -23.32
N LEU I 69 0.75 66.15 -22.94
CA LEU I 69 0.46 66.57 -21.57
C LEU I 69 -1.00 66.41 -21.21
N LYS I 70 -1.91 66.73 -22.13
CA LYS I 70 -3.34 66.60 -21.84
C LYS I 70 -3.70 65.13 -21.63
N SER I 71 -3.19 64.25 -22.49
CA SER I 71 -3.45 62.82 -22.35
C SER I 71 -2.80 62.22 -21.11
N ARG I 72 -1.69 62.80 -20.64
CA ARG I 72 -1.08 62.29 -19.41
C ARG I 72 -1.99 62.51 -18.21
N ILE I 73 -2.53 63.72 -18.06
CA ILE I 73 -3.32 64.02 -16.87
C ILE I 73 -4.78 63.64 -17.01
N GLU I 74 -5.32 63.56 -18.23
CA GLU I 74 -6.68 63.07 -18.40
C GLU I 74 -6.80 61.65 -17.87
N ARG I 75 -5.82 60.81 -18.16
CA ARG I 75 -5.73 59.50 -17.55
C ARG I 75 -5.17 59.56 -16.14
N ASP I 76 -4.73 60.74 -15.70
CA ASP I 76 -4.04 60.91 -14.43
C ASP I 76 -2.80 60.02 -14.40
N GLN I 77 -1.88 60.24 -15.33
CA GLN I 77 -0.65 59.48 -15.45
C GLN I 77 0.51 60.36 -15.06
N PRO I 78 1.47 59.82 -14.30
CA PRO I 78 2.70 60.56 -14.03
C PRO I 78 3.56 60.61 -15.28
N LEU I 79 4.43 61.61 -15.33
CA LEU I 79 5.29 61.78 -16.50
C LEU I 79 6.28 60.64 -16.60
N THR I 80 6.68 60.33 -17.83
CA THR I 80 7.64 59.28 -18.09
C THR I 80 9.01 59.66 -17.53
N VAL I 81 9.91 58.67 -17.49
CA VAL I 81 11.23 58.92 -16.93
C VAL I 81 11.99 59.94 -17.76
N ASP I 82 11.82 59.93 -19.08
CA ASP I 82 12.54 60.90 -19.91
C ASP I 82 11.90 62.28 -19.83
N GLU I 83 10.57 62.34 -19.79
CA GLU I 83 9.91 63.62 -19.60
C GLU I 83 10.23 64.19 -18.23
N SER I 84 10.19 63.36 -17.19
CA SER I 84 10.60 63.80 -15.87
C SER I 84 12.05 64.25 -15.87
N ASP I 85 12.91 63.59 -16.66
CA ASP I 85 14.31 63.96 -16.70
C ASP I 85 14.49 65.33 -17.34
N ARG I 86 13.77 65.61 -18.43
CA ARG I 86 13.87 66.92 -19.05
C ARG I 86 13.33 68.01 -18.14
N LEU I 87 12.20 67.72 -17.47
CA LEU I 87 11.65 68.68 -16.52
C LEU I 87 12.65 68.97 -15.40
N PHE I 88 13.30 67.92 -14.90
CA PHE I 88 14.29 68.11 -13.85
C PHE I 88 15.48 68.90 -14.34
N ARG I 89 15.92 68.64 -15.58
CA ARG I 89 17.00 69.43 -16.14
C ARG I 89 16.64 70.90 -16.19
N SER I 90 15.43 71.20 -16.66
CA SER I 90 14.97 72.59 -16.72
C SER I 90 14.96 73.22 -15.33
N ALA I 91 14.38 72.52 -14.36
CA ALA I 91 14.29 73.07 -13.01
C ALA I 91 15.67 73.24 -12.38
N HIS I 92 16.57 72.29 -12.63
CA HIS I 92 17.91 72.36 -12.06
C HIS I 92 18.68 73.55 -12.63
N ILE I 93 18.60 73.74 -13.94
CA ILE I 93 19.30 74.87 -14.56
C ILE I 93 18.71 76.19 -14.08
N THR I 94 17.38 76.28 -14.01
CA THR I 94 16.76 77.52 -13.55
C THR I 94 17.11 77.80 -12.10
N ALA I 95 17.16 76.77 -11.27
CA ALA I 95 17.51 76.96 -9.86
C ALA I 95 18.95 77.43 -9.73
N MET I 96 19.86 76.83 -10.50
CA MET I 96 21.25 77.29 -10.47
C MET I 96 21.36 78.74 -10.91
N ALA I 97 20.65 79.11 -11.98
CA ALA I 97 20.71 80.48 -12.47
C ALA I 97 20.17 81.46 -11.44
N GLU I 98 19.02 81.14 -10.84
CA GLU I 98 18.43 82.04 -9.85
C GLU I 98 19.27 82.10 -8.58
N ALA I 99 20.02 81.04 -8.28
CA ALA I 99 20.90 81.07 -7.12
C ALA I 99 22.13 81.91 -7.38
N VAL I 100 22.64 81.87 -8.60
CA VAL I 100 23.82 82.66 -8.93
C VAL I 100 23.48 84.13 -9.09
N PHE I 101 22.31 84.43 -9.66
CA PHE I 101 21.92 85.80 -9.96
C PHE I 101 21.14 86.48 -8.84
N GLY I 102 20.48 85.71 -7.98
CA GLY I 102 19.70 86.27 -6.90
C GLY I 102 18.34 86.79 -7.30
N GLU I 103 18.11 87.03 -8.59
CA GLU I 103 16.85 87.54 -9.09
C GLU I 103 16.31 86.60 -10.15
N ALA I 104 15.05 86.19 -9.99
CA ALA I 104 14.46 85.25 -10.93
C ALA I 104 14.39 85.82 -12.34
N GLY I 105 14.00 87.09 -12.45
CA GLY I 105 13.83 87.67 -13.77
C GLY I 105 15.12 87.77 -14.56
N LYS I 106 16.18 88.27 -13.92
CA LYS I 106 17.49 88.32 -14.58
C LYS I 106 17.94 86.93 -14.98
N ALA I 107 17.69 85.93 -14.13
CA ALA I 107 18.03 84.56 -14.46
C ALA I 107 17.31 84.10 -15.72
N LYS I 108 15.99 84.29 -15.76
CA LYS I 108 15.21 83.83 -16.91
C LYS I 108 15.65 84.53 -18.19
N ARG I 109 15.93 85.84 -18.09
CA ARG I 109 16.37 86.58 -19.27
C ARG I 109 17.74 86.10 -19.74
N TRP I 110 18.61 85.73 -18.80
CA TRP I 110 19.91 85.18 -19.18
C TRP I 110 19.76 83.78 -19.79
N LEU I 111 18.74 83.03 -19.36
CA LEU I 111 18.54 81.68 -19.84
C LEU I 111 17.91 81.66 -21.23
N SER I 112 17.19 82.73 -21.59
CA SER I 112 16.55 82.82 -22.89
C SER I 112 17.30 83.72 -23.85
N LYS I 113 18.45 84.26 -23.44
CA LYS I 113 19.26 85.10 -24.30
C LYS I 113 20.27 84.23 -25.05
N PRO I 114 20.18 84.12 -26.37
CA PRO I 114 21.14 83.30 -27.11
C PRO I 114 22.57 83.78 -26.91
N LYS I 115 23.49 82.83 -26.82
CA LYS I 115 24.90 83.13 -26.58
C LYS I 115 25.75 82.71 -27.77
N GLU I 116 26.93 83.33 -27.87
CA GLU I 116 27.75 83.18 -29.07
C GLU I 116 28.32 81.77 -29.18
N ARG I 117 29.00 81.29 -28.14
CA ARG I 117 29.70 80.02 -28.23
C ARG I 117 28.76 78.83 -28.34
N PHE I 118 27.45 79.05 -28.21
CA PHE I 118 26.46 78.03 -28.55
C PHE I 118 25.97 78.17 -29.98
N SER I 119 26.77 78.79 -30.85
CA SER I 119 26.38 79.09 -32.24
C SER I 119 25.04 79.83 -32.27
N GLY I 120 24.89 80.77 -31.36
CA GLY I 120 23.66 81.54 -31.28
C GLY I 120 22.47 80.73 -30.81
N LEU I 121 22.63 79.98 -29.72
CA LEU I 121 21.55 79.18 -29.17
C LEU I 121 21.23 79.64 -27.76
N THR I 122 19.97 79.47 -27.37
CA THR I 122 19.55 79.83 -26.03
C THR I 122 20.00 78.76 -25.05
N PRO I 123 20.45 79.15 -23.85
CA PRO I 123 20.80 78.14 -22.83
C PRO I 123 19.73 77.11 -22.59
N MET I 124 18.45 77.52 -22.51
CA MET I 124 17.38 76.57 -22.27
C MET I 124 17.23 75.54 -23.38
N GLN I 125 17.79 75.81 -24.56
CA GLN I 125 17.77 74.84 -25.65
C GLN I 125 18.98 73.93 -25.65
N MET I 126 19.96 74.18 -24.79
CA MET I 126 21.09 73.28 -24.61
C MET I 126 20.76 72.10 -23.72
N LEU I 127 19.58 72.08 -23.10
CA LEU I 127 19.21 71.05 -22.14
C LEU I 127 18.66 69.80 -22.81
N THR I 128 18.77 69.68 -24.13
CA THR I 128 18.35 68.46 -24.79
C THR I 128 19.30 67.31 -24.51
N THR I 129 20.55 67.62 -24.16
CA THR I 129 21.57 66.62 -23.95
C THR I 129 22.18 66.77 -22.56
N GLN I 130 22.81 65.68 -22.11
CA GLN I 130 23.63 65.74 -20.90
C GLN I 130 24.77 66.74 -21.06
N GLN I 131 25.42 66.73 -22.23
CA GLN I 131 26.57 67.59 -22.46
C GLN I 131 26.17 69.06 -22.47
N GLY I 132 25.03 69.39 -23.05
CA GLY I 132 24.59 70.77 -23.06
C GLY I 132 24.21 71.27 -21.68
N THR I 133 23.53 70.43 -20.90
CA THR I 133 23.23 70.79 -19.52
C THR I 133 24.53 71.04 -18.75
N THR I 134 25.54 70.20 -18.98
CA THR I 134 26.82 70.40 -18.33
C THR I 134 27.45 71.71 -18.77
N GLN I 135 27.35 72.05 -20.05
CA GLN I 135 27.92 73.30 -20.54
C GLN I 135 27.25 74.50 -19.89
N VAL I 136 25.93 74.45 -19.75
CA VAL I 136 25.21 75.53 -19.08
C VAL I 136 25.64 75.64 -17.63
N GLU I 137 25.78 74.50 -16.94
CA GLU I 137 26.27 74.50 -15.57
C GLU I 137 27.64 75.18 -15.47
N GLU I 138 28.55 74.81 -16.37
CA GLU I 138 29.88 75.38 -16.31
C GLU I 138 29.87 76.87 -16.61
N MET I 139 29.01 77.31 -17.53
CA MET I 139 28.91 78.74 -17.81
C MET I 139 28.40 79.49 -16.58
N LEU I 140 27.39 78.95 -15.91
CA LEU I 140 26.91 79.56 -14.68
C LEU I 140 28.02 79.63 -13.64
N LEU I 141 28.83 78.59 -13.53
CA LEU I 141 29.92 78.60 -12.57
C LEU I 141 30.98 79.64 -12.94
N GLN I 142 31.27 79.80 -14.23
CA GLN I 142 32.22 80.82 -14.65
C GLN I 142 31.70 82.22 -14.35
N ILE I 143 30.39 82.42 -14.53
CA ILE I 143 29.79 83.70 -14.18
C ILE I 143 29.92 83.96 -12.69
N ALA I 144 29.61 82.95 -11.87
CA ALA I 144 29.70 83.12 -10.42
C ALA I 144 31.14 83.36 -9.98
N GLU I 145 32.10 82.81 -10.71
CA GLU I 145 33.50 83.04 -10.38
C GLU I 145 33.96 84.43 -10.79
N GLY I 146 33.50 84.93 -11.94
CA GLY I 146 33.95 86.21 -12.43
C GLY I 146 33.12 87.39 -12.00
N TYR I 147 31.87 87.10 -11.60
CA TYR I 147 30.88 88.15 -11.25
C TYR I 147 30.52 88.85 -12.56
N GLY I 148 30.20 88.06 -13.59
CA GLY I 148 29.94 88.64 -14.93
C GLY I 148 28.60 88.20 -15.51
N LEU I 149 28.54 87.94 -16.81
CA LEU I 149 27.25 87.58 -17.46
C LEU I 149 27.51 86.66 -18.66
N PRO J 14 55.53 49.73 20.98
CA PRO J 14 54.49 49.87 19.96
C PRO J 14 53.20 49.19 20.36
N ILE J 15 52.20 49.25 19.48
CA ILE J 15 50.87 48.71 19.74
C ILE J 15 50.54 47.71 18.64
N LEU J 16 49.94 46.59 19.01
CA LEU J 16 49.55 45.56 18.06
C LEU J 16 48.05 45.36 18.09
N TRP J 17 47.52 44.75 17.03
CA TRP J 17 46.08 44.61 16.86
C TRP J 17 45.74 43.23 16.37
N ARG J 18 44.76 42.60 17.01
CA ARG J 18 44.30 41.27 16.67
C ARG J 18 42.81 41.29 16.42
N ILE J 19 42.36 40.39 15.55
CA ILE J 19 40.94 40.16 15.32
C ILE J 19 40.71 38.66 15.37
N SER J 20 39.98 38.21 16.39
CA SER J 20 39.68 36.80 16.57
C SER J 20 38.44 36.69 17.44
N ALA J 21 37.94 35.47 17.57
CA ALA J 21 36.75 35.24 18.39
C ALA J 21 37.08 35.27 19.88
N TYR J 22 38.34 35.34 20.24
CA TYR J 22 38.76 35.27 21.63
C TYR J 22 39.42 36.57 22.06
N ALA J 23 39.39 36.81 23.37
CA ALA J 23 39.88 38.04 23.98
C ALA J 23 41.09 37.77 24.87
N ASP J 24 42.00 36.93 24.39
CA ASP J 24 43.22 36.60 25.12
C ASP J 24 44.37 36.47 24.13
N LEU J 25 45.55 36.14 24.66
CA LEU J 25 46.73 35.93 23.84
C LEU J 25 47.25 34.51 24.03
N SER J 26 46.34 33.57 24.26
CA SER J 26 46.76 32.19 24.46
C SER J 26 47.20 31.54 23.16
N GLY J 27 46.44 31.72 22.09
CA GLY J 27 46.79 31.11 20.82
C GLY J 27 46.72 29.60 20.81
N THR J 28 45.82 29.02 21.60
CA THR J 28 45.73 27.57 21.67
C THR J 28 45.32 26.96 20.34
N GLY J 29 44.59 27.70 19.50
CA GLY J 29 44.14 27.17 18.23
C GLY J 29 45.27 26.74 17.31
N GLY J 30 46.43 27.41 17.40
CA GLY J 30 47.57 27.00 16.61
C GLY J 30 48.06 25.60 16.91
N LEU J 31 47.60 25.00 18.00
CA LEU J 31 47.98 23.63 18.30
C LEU J 31 47.32 22.65 17.34
N ARG J 32 46.15 23.00 16.79
CA ARG J 32 45.40 22.04 15.99
C ARG J 32 44.95 22.60 14.65
N VAL J 33 45.52 23.72 14.21
CA VAL J 33 45.23 24.25 12.88
C VAL J 33 46.44 25.05 12.45
N SER J 34 46.67 25.12 11.14
CA SER J 34 47.85 25.77 10.58
C SER J 34 47.44 27.07 9.90
N GLY J 35 48.38 28.01 9.86
CA GLY J 35 48.21 29.26 9.15
C GLY J 35 49.20 29.41 8.03
N ARG J 36 49.51 30.65 7.69
CA ARG J 36 50.51 30.91 6.66
C ARG J 36 51.91 30.85 7.24
N TRP J 37 52.06 31.23 8.51
CA TRP J 37 53.37 31.36 9.13
C TRP J 37 53.62 30.33 10.22
N HIS J 38 52.89 29.21 10.22
CA HIS J 38 53.11 28.18 11.21
C HIS J 38 52.38 26.91 10.81
N GLN J 39 52.92 25.79 11.25
CA GLN J 39 52.28 24.49 11.13
C GLN J 39 51.58 24.16 12.44
N ALA J 40 50.52 23.36 12.35
CA ALA J 40 49.77 22.98 13.54
C ALA J 40 50.66 22.30 14.55
N GLY J 41 50.49 22.66 15.81
CA GLY J 41 51.27 22.05 16.88
C GLY J 41 52.02 23.06 17.74
N ARG J 42 51.91 24.34 17.40
CA ARG J 42 52.56 25.38 18.15
C ARG J 42 51.52 26.44 18.46
N PRO J 43 51.50 26.98 19.67
CA PRO J 43 50.63 28.13 19.96
C PRO J 43 51.23 29.41 19.42
N VAL J 44 50.40 30.17 18.72
CA VAL J 44 50.85 31.41 18.08
C VAL J 44 49.63 32.26 17.78
N VAL J 45 49.82 33.57 17.76
CA VAL J 45 48.76 34.49 17.37
C VAL J 45 49.29 35.50 16.37
N TYR J 46 48.47 35.81 15.37
CA TYR J 46 48.79 36.76 14.33
C TYR J 46 48.24 38.12 14.71
N ALA J 47 49.04 39.16 14.54
CA ALA J 47 48.64 40.51 14.91
C ALA J 47 49.03 41.48 13.81
N ALA J 48 48.37 42.62 13.78
CA ALA J 48 48.65 43.68 12.83
C ALA J 48 49.09 44.93 13.57
N THR J 49 49.70 45.84 12.83
CA THR J 49 50.13 47.13 13.36
C THR J 49 49.01 48.16 13.36
N SER J 50 47.81 47.79 12.93
CA SER J 50 46.71 48.72 12.82
C SER J 50 45.42 47.91 12.69
N PRO J 51 44.32 48.40 13.26
CA PRO J 51 43.05 47.69 13.14
C PRO J 51 42.64 47.47 11.68
N PRO J 52 42.75 48.47 10.80
CA PRO J 52 42.41 48.19 9.40
C PRO J 52 43.32 47.18 8.76
N GLY J 53 44.58 47.10 9.18
CA GLY J 53 45.44 46.04 8.68
C GLY J 53 44.90 44.67 8.99
N ALA J 54 44.58 44.42 10.26
CA ALA J 54 44.04 43.13 10.67
C ALA J 54 42.72 42.85 9.97
N MET J 55 41.85 43.85 9.89
CA MET J 55 40.55 43.63 9.25
C MET J 55 40.71 43.30 7.78
N LEU J 56 41.62 43.98 7.08
CA LEU J 56 41.83 43.70 5.67
C LEU J 56 42.40 42.31 5.46
N GLU J 57 43.39 41.94 6.27
CA GLU J 57 43.94 40.59 6.17
C GLU J 57 42.86 39.54 6.40
N VAL J 58 42.03 39.73 7.42
CA VAL J 58 40.97 38.76 7.73
C VAL J 58 39.98 38.67 6.57
N LEU J 59 39.53 39.83 6.08
CA LEU J 59 38.50 39.82 5.05
C LEU J 59 39.02 39.23 3.74
N VAL J 60 40.28 39.48 3.42
CA VAL J 60 40.82 38.99 2.15
C VAL J 60 41.17 37.52 2.23
N HIS J 61 42.02 37.15 3.19
CA HIS J 61 42.56 35.79 3.20
C HIS J 61 41.55 34.75 3.64
N LEU J 62 40.62 35.12 4.51
CA LEU J 62 39.54 34.23 4.92
C LEU J 62 38.27 34.45 4.13
N GLU J 63 38.30 35.39 3.18
CA GLU J 63 37.26 35.55 2.16
C GLU J 63 35.89 35.79 2.81
N ILE J 64 35.84 36.78 3.69
CA ILE J 64 34.62 37.15 4.39
C ILE J 64 34.08 38.44 3.77
N ASP J 65 32.82 38.40 3.34
CA ASP J 65 32.17 39.62 2.88
C ASP J 65 31.69 40.42 4.09
N PRO J 66 31.61 41.75 3.96
CA PRO J 66 31.21 42.56 5.12
C PRO J 66 29.85 42.21 5.68
N GLU J 67 28.91 41.78 4.86
CA GLU J 67 27.60 41.38 5.37
C GLU J 67 27.64 40.05 6.09
N ASP J 68 28.75 39.32 6.02
CA ASP J 68 28.91 38.05 6.71
C ASP J 68 29.96 38.10 7.79
N PHE J 69 30.40 39.28 8.19
CA PHE J 69 31.43 39.38 9.22
C PHE J 69 30.92 38.81 10.52
N PRO J 70 31.67 37.94 11.20
CA PRO J 70 31.15 37.29 12.40
C PRO J 70 30.84 38.29 13.51
N THR J 71 29.80 37.98 14.27
CA THR J 71 29.48 38.74 15.47
C THR J 71 30.34 38.35 16.65
N THR J 72 31.08 37.25 16.54
CA THR J 72 31.95 36.78 17.60
C THR J 72 33.30 37.47 17.60
N MET J 73 33.67 38.10 16.48
CA MET J 73 34.97 38.73 16.37
C MET J 73 35.08 39.90 17.35
N ARG J 74 36.27 40.03 17.94
CA ARG J 74 36.56 41.11 18.86
C ARG J 74 37.90 41.74 18.48
N LEU J 75 37.95 43.06 18.47
CA LEU J 75 39.17 43.79 18.17
C LEU J 75 39.98 43.92 19.44
N LEU J 76 41.18 43.33 19.46
CA LEU J 76 42.02 43.27 20.64
C LEU J 76 43.24 44.16 20.42
N ARG J 77 43.37 45.19 21.25
CA ARG J 77 44.55 46.05 21.27
C ARG J 77 45.55 45.47 22.26
N ILE J 78 46.81 45.39 21.85
CA ILE J 78 47.87 44.75 22.61
C ILE J 78 48.94 45.80 22.86
N GLU J 79 49.18 46.10 24.13
CA GLU J 79 50.20 47.05 24.54
C GLU J 79 51.39 46.29 25.10
N LEU J 80 52.57 46.58 24.55
CA LEU J 80 53.83 45.96 24.93
C LEU J 80 54.87 47.03 25.20
N PRO J 81 55.76 46.83 26.17
CA PRO J 81 56.83 47.79 26.42
C PRO J 81 57.76 47.89 25.22
N ASP J 82 58.54 48.97 25.19
CA ASP J 82 59.50 49.21 24.12
C ASP J 82 60.78 48.43 24.31
N THR J 83 60.81 47.50 25.25
CA THR J 83 61.96 46.64 25.48
C THR J 83 61.73 45.21 25.01
N VAL J 84 60.63 44.95 24.29
CA VAL J 84 60.35 43.59 23.86
C VAL J 84 61.41 43.13 22.88
N SER J 85 61.61 41.83 22.82
CA SER J 85 62.55 41.22 21.91
C SER J 85 61.82 40.75 20.65
N GLN J 86 62.46 40.94 19.51
CA GLN J 86 61.90 40.50 18.24
C GLN J 86 63.00 39.99 17.35
N ALA J 87 62.66 38.98 16.54
CA ALA J 87 63.63 38.34 15.68
C ALA J 87 63.56 38.91 14.26
N GLN J 88 64.50 38.47 13.42
CA GLN J 88 64.56 38.89 12.04
C GLN J 88 64.13 37.74 11.13
N LEU J 89 63.58 38.08 9.98
CA LEU J 89 63.14 37.10 9.02
C LEU J 89 64.09 37.08 7.84
N PRO J 90 64.48 35.91 7.34
CA PRO J 90 65.38 35.86 6.18
C PRO J 90 64.78 36.54 4.97
N ALA J 91 65.64 36.94 4.04
CA ALA J 91 65.17 37.59 2.83
C ALA J 91 64.29 36.63 2.03
N LEU J 92 63.04 37.02 1.83
CA LEU J 92 62.13 36.19 1.05
C LEU J 92 62.37 36.39 -0.43
N GLN J 93 61.95 35.41 -1.22
CA GLN J 93 62.09 35.49 -2.65
C GLN J 93 60.72 35.65 -3.28
N PRO J 94 60.62 36.35 -4.41
CA PRO J 94 59.32 36.51 -5.06
C PRO J 94 58.63 35.18 -5.32
N GLY J 95 57.35 35.09 -4.95
CA GLY J 95 56.60 33.85 -5.05
C GLY J 95 56.28 33.21 -3.72
N TRP J 96 56.81 33.73 -2.62
CA TRP J 96 56.57 33.14 -1.32
C TRP J 96 55.10 33.17 -0.92
N SER J 97 54.30 34.04 -1.55
CA SER J 97 52.88 34.08 -1.26
C SER J 97 52.18 32.77 -1.64
N ALA J 98 52.73 32.02 -2.59
CA ALA J 98 52.16 30.74 -2.99
C ALA J 98 53.00 29.56 -2.53
N GLN J 99 53.86 29.77 -1.53
CA GLN J 99 54.71 28.71 -0.98
C GLN J 99 54.53 28.65 0.53
N PRO J 100 53.40 28.13 1.02
CA PRO J 100 53.20 28.05 2.47
C PRO J 100 54.19 27.14 3.15
N GLU J 101 54.71 26.14 2.46
CA GLU J 101 55.69 25.23 3.02
C GLU J 101 56.98 25.92 3.45
N LEU J 102 57.19 27.17 3.04
CA LEU J 102 58.36 27.94 3.42
C LEU J 102 58.07 28.94 4.52
N THR J 103 56.98 29.70 4.40
CA THR J 103 56.61 30.63 5.46
C THR J 103 56.26 29.89 6.74
N ARG J 104 55.56 28.77 6.62
CA ARG J 104 55.28 27.93 7.78
C ARG J 104 56.58 27.44 8.41
N THR J 105 57.55 27.06 7.58
CA THR J 105 58.83 26.58 8.11
C THR J 105 59.55 27.68 8.89
N LEU J 106 59.58 28.89 8.33
CA LEU J 106 60.24 30.01 9.02
C LEU J 106 59.54 30.33 10.34
N GLY J 107 58.21 30.38 10.32
CA GLY J 107 57.49 30.64 11.55
C GLY J 107 57.67 29.55 12.58
N ASN J 108 57.72 28.29 12.13
CA ASN J 108 57.97 27.18 13.04
C ASN J 108 59.32 27.30 13.69
N ARG J 109 60.35 27.64 12.91
CA ARG J 109 61.68 27.84 13.49
C ARG J 109 61.65 28.95 14.53
N PHE J 110 61.00 30.07 14.19
CA PHE J 110 60.94 31.18 15.13
C PHE J 110 60.22 30.80 16.42
N LEU J 111 59.15 30.00 16.30
CA LEU J 111 58.37 29.65 17.48
C LEU J 111 59.09 28.60 18.32
N ASP J 112 59.80 27.68 17.68
CA ASP J 112 60.43 26.59 18.41
C ASP J 112 61.72 27.04 19.08
N ASP J 113 62.46 27.97 18.46
CA ASP J 113 63.65 28.48 19.12
C ASP J 113 63.30 29.28 20.37
N CYS J 114 62.14 29.93 20.40
CA CYS J 114 61.67 30.69 21.55
C CYS J 114 62.70 31.72 21.98
N SER J 115 63.38 32.32 21.01
CA SER J 115 64.43 33.29 21.28
C SER J 115 63.92 34.72 21.39
N ALA J 116 62.72 34.99 20.90
CA ALA J 116 62.15 36.33 20.96
C ALA J 116 60.63 36.21 21.04
N LEU J 117 59.98 37.33 21.31
CA LEU J 117 58.54 37.37 21.47
C LEU J 117 57.80 37.66 20.18
N LEU J 118 58.34 38.53 19.34
CA LEU J 118 57.66 38.99 18.14
C LEU J 118 58.46 38.61 16.90
N LEU J 119 57.74 38.31 15.83
CA LEU J 119 58.34 38.07 14.52
C LEU J 119 57.68 38.97 13.50
N PRO J 120 58.34 40.04 13.06
CA PRO J 120 57.77 40.88 12.00
C PRO J 120 57.81 40.15 10.67
N VAL J 121 56.65 40.00 10.04
CA VAL J 121 56.54 39.35 8.74
C VAL J 121 55.89 40.34 7.77
N PRO J 122 56.22 40.27 6.49
CA PRO J 122 55.58 41.17 5.53
C PRO J 122 54.17 40.73 5.20
N SER J 123 53.35 41.72 4.83
CA SER J 123 52.03 41.42 4.31
C SER J 123 52.16 40.91 2.88
N ALA J 124 51.28 39.98 2.52
CA ALA J 124 51.26 39.43 1.19
C ALA J 124 50.38 40.21 0.23
N ILE J 125 49.51 41.07 0.75
CA ILE J 125 48.55 41.79 -0.08
C ILE J 125 48.79 43.28 -0.14
N MET J 126 49.50 43.87 0.83
CA MET J 126 49.71 45.30 0.88
C MET J 126 51.19 45.62 1.05
N PRO J 127 51.71 46.56 0.29
CA PRO J 127 53.11 46.96 0.44
C PRO J 127 53.34 47.88 1.62
N SER J 128 54.58 47.85 2.13
CA SER J 128 54.98 48.63 3.29
C SER J 128 54.09 48.36 4.49
N THR J 129 53.60 47.13 4.61
CA THR J 129 52.79 46.71 5.73
C THR J 129 53.46 45.50 6.38
N THR J 130 53.65 45.55 7.70
CA THR J 130 54.30 44.47 8.43
C THR J 130 53.35 43.97 9.50
N ASN J 131 52.99 42.70 9.44
CA ASN J 131 52.26 42.04 10.50
C ASN J 131 53.24 41.39 11.45
N TYR J 132 52.74 40.78 12.52
CA TYR J 132 53.60 40.23 13.54
C TYR J 132 53.07 38.89 14.00
N LEU J 133 53.99 37.99 14.32
CA LEU J 133 53.69 36.76 15.04
C LEU J 133 54.05 36.95 16.49
N PHE J 134 53.16 36.52 17.38
CA PHE J 134 53.33 36.68 18.83
C PHE J 134 53.36 35.29 19.45
N ASN J 135 54.46 34.98 20.15
CA ASN J 135 54.66 33.66 20.72
C ASN J 135 54.24 33.67 22.18
N PRO J 136 53.13 33.00 22.53
CA PRO J 136 52.66 33.02 23.91
C PRO J 136 53.49 32.18 24.88
N ARG J 137 54.60 31.60 24.44
CA ARG J 137 55.45 30.82 25.33
C ARG J 137 56.68 31.58 25.80
N HIS J 138 57.03 32.67 25.12
CA HIS J 138 58.15 33.49 25.55
C HIS J 138 57.84 34.10 26.92
N PRO J 139 58.84 34.26 27.78
CA PRO J 139 58.58 34.78 29.12
C PRO J 139 58.16 36.24 29.14
N GLN J 140 58.14 36.87 27.96
CA GLN J 140 57.69 38.24 27.83
C GLN J 140 56.26 38.33 27.34
N ALA J 141 55.58 37.20 27.19
CA ALA J 141 54.20 37.16 26.74
C ALA J 141 53.22 37.51 27.84
N GLN J 142 53.70 37.66 29.07
CA GLN J 142 52.87 38.12 30.18
C GLN J 142 53.11 39.60 30.43
N SER J 143 54.02 40.19 29.66
CA SER J 143 54.32 41.62 29.76
C SER J 143 53.38 42.47 28.93
N ALA J 144 52.44 41.86 28.22
CA ALA J 144 51.50 42.60 27.41
C ALA J 144 50.21 42.82 28.18
N LYS J 145 49.53 43.92 27.88
CA LYS J 145 48.20 44.16 28.41
C LYS J 145 47.25 44.37 27.25
N ILE J 146 46.08 43.74 27.32
CA ILE J 146 45.14 43.70 26.20
C ILE J 146 43.87 44.43 26.58
N GLN J 147 43.23 45.03 25.58
CA GLN J 147 41.94 45.69 25.73
C GLN J 147 41.07 45.32 24.54
N VAL J 148 39.75 45.38 24.74
CA VAL J 148 38.80 45.10 23.68
C VAL J 148 38.20 46.43 23.22
N GLU J 149 38.18 46.64 21.90
CA GLU J 149 37.59 47.83 21.31
C GLU J 149 36.27 47.44 20.65
N ASP J 150 35.17 47.99 21.14
CA ASP J 150 33.85 47.59 20.65
C ASP J 150 33.58 48.18 19.27
N PHE J 151 32.83 47.42 18.47
CA PHE J 151 32.40 47.86 17.15
C PHE J 151 31.12 48.67 17.29
N THR J 152 31.21 49.97 17.03
CA THR J 152 30.09 50.88 17.17
C THR J 152 29.33 50.98 15.85
N PRO J 153 28.11 51.53 15.87
CA PRO J 153 27.40 51.77 14.61
C PRO J 153 28.07 52.79 13.70
N ASP J 154 29.00 53.58 14.21
CA ASP J 154 29.86 54.41 13.40
C ASP J 154 31.21 53.74 13.13
N SER J 155 31.32 52.45 13.41
CA SER J 155 32.53 51.68 13.15
C SER J 155 32.14 50.33 12.56
N ARG J 156 31.18 50.34 11.65
CA ARG J 156 30.66 49.11 11.06
C ARG J 156 30.77 49.19 9.55
N LEU J 157 31.28 48.12 8.94
CA LEU J 157 31.48 48.03 7.50
C LEU J 157 30.17 48.18 6.72
N MET K 1 39.16 17.34 21.90
CA MET K 1 39.91 17.70 20.70
C MET K 1 39.33 18.93 20.04
N LEU K 2 38.22 18.73 19.30
CA LEU K 2 37.52 19.85 18.72
C LEU K 2 37.09 20.86 19.77
N ALA K 3 36.77 20.39 20.98
CA ALA K 3 36.37 21.30 22.04
C ALA K 3 37.56 22.11 22.56
N GLU K 4 38.73 21.47 22.60
CA GLU K 4 39.92 22.15 23.08
C GLU K 4 40.20 23.43 22.32
N VAL K 5 39.99 23.42 21.01
CA VAL K 5 40.16 24.62 20.20
C VAL K 5 38.87 25.44 20.18
N LEU K 6 37.72 24.77 20.18
CA LEU K 6 36.45 25.45 20.05
C LEU K 6 36.02 26.19 21.30
N ARG K 7 36.92 26.19 22.29
CA ARG K 7 36.65 26.83 23.59
C ARG K 7 35.46 26.08 24.21
N ASP K 8 34.91 26.58 25.30
CA ASP K 8 33.82 25.80 25.94
C ASP K 8 32.51 26.48 25.56
N ASN K 9 32.52 27.79 25.58
CA ASN K 9 31.31 28.56 25.20
C ASN K 9 30.97 28.20 23.75
N GLY K 10 31.96 28.27 22.88
CA GLY K 10 31.62 28.06 21.48
C GLY K 10 31.38 26.60 21.15
N TYR K 11 32.06 25.70 21.86
CA TYR K 11 31.83 24.28 21.64
C TYR K 11 30.41 23.87 22.05
N HIS K 12 29.94 24.38 23.17
CA HIS K 12 28.56 24.13 23.59
C HIS K 12 27.57 24.73 22.61
N GLU K 13 27.89 25.91 22.08
CA GLU K 13 27.01 26.50 21.06
C GLU K 13 26.96 25.64 19.81
N TYR K 14 28.13 25.15 19.37
CA TYR K 14 28.19 24.21 18.27
C TYR K 14 27.35 22.97 18.54
N ARG K 15 27.47 22.41 19.74
CA ARG K 15 26.72 21.20 20.05
C ARG K 15 25.22 21.47 20.09
N ALA K 16 24.81 22.64 20.56
CA ALA K 16 23.39 22.98 20.56
C ALA K 16 22.87 23.11 19.14
N ARG K 17 23.63 23.79 18.28
CA ARG K 17 23.23 23.89 16.87
C ARG K 17 23.16 22.52 16.22
N LEU K 18 24.10 21.63 16.57
CA LEU K 18 24.10 20.30 15.98
C LEU K 18 22.91 19.50 16.48
N GLN K 19 22.54 19.66 17.75
CA GLN K 19 21.34 18.99 18.25
C GLN K 19 20.10 19.50 17.55
N ALA K 20 20.03 20.80 17.27
CA ALA K 20 18.87 21.36 16.58
C ALA K 20 18.80 20.88 15.14
N LEU K 21 19.96 20.68 14.50
CA LEU K 21 19.99 20.32 13.09
C LEU K 21 19.89 18.82 12.85
N LEU K 22 20.33 17.98 13.78
CA LEU K 22 20.44 16.55 13.52
C LEU K 22 19.90 15.66 14.63
N ASP K 23 19.23 16.23 15.65
CA ASP K 23 18.66 15.44 16.74
C ASP K 23 19.73 14.63 17.46
N ILE K 24 20.89 15.22 17.64
CA ILE K 24 22.03 14.59 18.32
C ILE K 24 22.19 15.23 19.68
N PRO K 25 21.94 14.52 20.78
CA PRO K 25 22.03 15.14 22.10
C PRO K 25 23.40 15.75 22.36
N GLU K 26 23.40 16.85 23.12
CA GLU K 26 24.58 17.68 23.25
C GLU K 26 25.70 16.99 24.02
N LEU K 27 25.39 16.03 24.88
CA LEU K 27 26.42 15.35 25.66
C LEU K 27 26.67 13.92 25.19
N ALA K 28 26.11 13.55 24.05
CA ALA K 28 26.45 12.27 23.45
C ALA K 28 27.94 12.24 23.13
N SER K 29 28.58 11.11 23.39
CA SER K 29 30.00 10.97 23.12
C SER K 29 30.24 10.91 21.62
N ASP K 30 31.50 11.15 21.24
CA ASP K 30 31.86 11.11 19.81
C ASP K 30 31.57 9.73 19.23
N PHE K 31 31.89 8.67 19.96
CA PHE K 31 31.55 7.33 19.50
C PHE K 31 30.04 7.16 19.37
N GLU K 32 29.27 7.77 20.29
CA GLU K 32 27.83 7.69 20.18
C GLU K 32 27.33 8.44 18.95
N ILE K 33 28.00 9.53 18.59
CA ILE K 33 27.66 10.23 17.34
C ILE K 33 27.92 9.33 16.15
N HIS K 34 29.08 8.66 16.15
CA HIS K 34 29.38 7.71 15.08
C HIS K 34 28.31 6.63 14.98
N THR K 35 27.87 6.11 16.13
CA THR K 35 26.85 5.07 16.11
C THR K 35 25.53 5.63 15.59
N ARG K 36 25.18 6.87 15.95
CA ARG K 36 23.97 7.46 15.43
C ARG K 36 24.03 7.62 13.91
N ILE K 37 25.21 7.91 13.38
CA ILE K 37 25.35 7.97 11.93
C ILE K 37 25.22 6.58 11.32
N THR K 38 25.82 5.58 11.95
CA THR K 38 25.77 4.23 11.40
C THR K 38 24.36 3.66 11.42
N ASP K 39 23.57 3.99 12.44
CA ASP K 39 22.20 3.51 12.52
C ASP K 39 21.29 4.15 11.47
N GLY K 40 21.76 5.19 10.80
CA GLY K 40 20.96 5.87 9.81
C GLY K 40 20.08 6.94 10.41
N PHE K 41 19.76 7.94 9.58
CA PHE K 41 18.88 9.03 9.96
C PHE K 41 17.55 8.88 9.23
N ALA K 42 16.49 9.41 9.83
CA ALA K 42 15.18 9.31 9.22
C ALA K 42 15.14 10.07 7.90
N ALA K 43 14.58 9.43 6.88
CA ALA K 43 14.49 10.07 5.57
C ALA K 43 13.61 11.33 5.64
N THR K 44 12.59 11.31 6.48
CA THR K 44 11.74 12.49 6.63
C THR K 44 12.52 13.68 7.19
N TRP K 45 13.56 13.40 7.97
CA TRP K 45 14.36 14.48 8.55
C TRP K 45 15.04 15.32 7.46
N LEU K 46 15.49 14.67 6.39
CA LEU K 46 16.11 15.41 5.31
C LEU K 46 15.11 16.35 4.64
N VAL K 47 13.88 15.88 4.42
CA VAL K 47 12.83 16.73 3.87
C VAL K 47 12.54 17.89 4.81
N LYS K 48 12.50 17.61 6.12
CA LYS K 48 12.27 18.65 7.10
C LYS K 48 13.33 19.74 7.01
N LEU K 49 14.60 19.33 6.93
CA LEU K 49 15.67 20.31 6.80
C LEU K 49 15.57 21.08 5.50
N THR K 50 15.20 20.41 4.41
CA THR K 50 15.04 21.12 3.15
C THR K 50 13.93 22.16 3.24
N GLU K 51 12.85 21.84 3.94
CA GLU K 51 11.76 22.80 4.10
C GLU K 51 12.17 23.99 4.95
N ARG K 52 12.92 23.75 6.01
CA ARG K 52 13.35 24.83 6.89
C ARG K 52 14.43 25.71 6.28
N GLY K 53 14.76 25.51 5.01
CA GLY K 53 15.70 26.39 4.33
C GLY K 53 17.13 26.26 4.78
N VAL K 54 17.46 25.23 5.55
CA VAL K 54 18.85 25.00 5.87
C VAL K 54 19.54 24.23 4.75
N LEU K 55 18.78 23.43 4.00
CA LEU K 55 19.29 22.69 2.86
C LEU K 55 18.50 23.07 1.62
N THR K 56 19.21 23.53 0.60
CA THR K 56 18.58 23.79 -0.68
C THR K 56 18.39 22.48 -1.43
N PRO K 57 17.44 22.43 -2.37
CA PRO K 57 17.19 21.17 -3.09
C PRO K 57 18.42 20.59 -3.77
N VAL K 58 19.35 21.42 -4.24
CA VAL K 58 20.55 20.89 -4.87
C VAL K 58 21.44 20.22 -3.82
N GLU K 59 21.55 20.83 -2.64
CA GLU K 59 22.30 20.20 -1.56
C GLU K 59 21.64 18.91 -1.10
N ARG K 60 20.33 18.93 -0.94
CA ARG K 60 19.60 17.73 -0.56
C ARG K 60 19.76 16.63 -1.60
N ASP K 61 19.90 17.02 -2.87
CA ASP K 61 20.11 16.04 -3.93
C ASP K 61 21.53 15.49 -3.93
N GLN K 62 22.52 16.32 -3.63
CA GLN K 62 23.88 15.77 -3.52
C GLN K 62 24.03 14.93 -2.27
N ILE K 63 23.15 15.09 -1.29
CA ILE K 63 23.10 14.13 -0.18
C ILE K 63 22.59 12.79 -0.66
N ILE K 64 21.56 12.80 -1.51
CA ILE K 64 20.93 11.59 -2.00
C ILE K 64 20.09 11.97 -3.22
N PRO K 65 20.10 11.16 -4.29
CA PRO K 65 19.23 11.45 -5.43
C PRO K 65 17.77 11.56 -5.02
N LEU K 66 17.02 12.34 -5.81
CA LEU K 66 15.63 12.62 -5.46
C LEU K 66 14.76 11.38 -5.56
N ARG K 67 14.92 10.61 -6.64
CA ARG K 67 14.13 9.39 -6.78
C ARG K 67 14.50 8.36 -5.74
N THR K 68 15.79 8.25 -5.43
CA THR K 68 16.23 7.37 -4.35
C THR K 68 15.63 7.80 -3.02
N LEU K 69 15.57 9.11 -2.77
CA LEU K 69 14.95 9.60 -1.54
C LEU K 69 13.47 9.30 -1.51
N LYS K 70 12.79 9.45 -2.65
CA LYS K 70 11.38 9.07 -2.75
C LYS K 70 11.20 7.60 -2.37
N SER K 71 12.06 6.74 -2.91
CA SER K 71 11.97 5.31 -2.60
C SER K 71 12.18 5.05 -1.11
N ARG K 72 13.21 5.66 -0.53
CA ARG K 72 13.47 5.50 0.90
C ARG K 72 12.28 5.94 1.73
N ILE K 73 11.72 7.10 1.41
CA ILE K 73 10.67 7.66 2.26
C ILE K 73 9.35 6.93 2.05
N GLU K 74 9.17 6.28 0.89
CA GLU K 74 8.01 5.42 0.72
C GLU K 74 8.17 4.11 1.49
N ARG K 75 9.35 3.50 1.39
CA ARG K 75 9.61 2.23 2.06
C ARG K 75 9.71 2.36 3.57
N ASP K 76 9.73 3.59 4.10
CA ASP K 76 9.91 3.83 5.53
C ASP K 76 11.22 3.23 6.03
N GLN K 77 12.26 3.33 5.22
CA GLN K 77 13.58 2.86 5.59
C GLN K 77 14.52 4.02 5.84
N PRO K 78 15.36 3.95 6.85
CA PRO K 78 16.29 5.05 7.15
C PRO K 78 17.35 5.19 6.07
N LEU K 79 18.09 6.28 6.15
CA LEU K 79 19.14 6.57 5.18
C LEU K 79 20.29 5.57 5.33
N THR K 80 20.98 5.31 4.24
CA THR K 80 22.15 4.45 4.28
C THR K 80 23.25 5.11 5.10
N VAL K 81 24.34 4.38 5.30
CA VAL K 81 25.44 4.90 6.11
C VAL K 81 26.16 6.04 5.40
N ASP K 82 26.33 5.93 4.08
CA ASP K 82 27.03 6.98 3.36
C ASP K 82 26.18 8.23 3.20
N GLU K 83 24.88 8.05 2.94
CA GLU K 83 23.98 9.20 2.89
C GLU K 83 23.88 9.88 4.25
N SER K 84 23.81 9.09 5.32
CA SER K 84 23.79 9.66 6.65
C SER K 84 25.09 10.37 6.96
N ASP K 85 26.22 9.87 6.45
CA ASP K 85 27.49 10.56 6.67
C ASP K 85 27.53 11.88 5.91
N ARG K 86 26.97 11.91 4.70
CA ARG K 86 26.92 13.16 3.96
C ARG K 86 26.02 14.18 4.65
N LEU K 87 24.85 13.74 5.13
CA LEU K 87 24.00 14.65 5.88
C LEU K 87 24.68 15.12 7.15
N PHE K 88 25.44 14.23 7.80
CA PHE K 88 26.18 14.63 8.99
C PHE K 88 27.23 15.66 8.65
N ARG K 89 27.89 15.51 7.50
CA ARG K 89 28.88 16.50 7.10
C ARG K 89 28.23 17.86 6.88
N SER K 90 27.09 17.87 6.19
CA SER K 90 26.36 19.11 5.98
C SER K 90 26.00 19.77 7.30
N ALA K 91 25.34 19.02 8.20
CA ALA K 91 24.91 19.60 9.47
C ALA K 91 26.09 19.97 10.36
N HIS K 92 27.17 19.19 10.31
CA HIS K 92 28.36 19.48 11.10
C HIS K 92 29.01 20.77 10.66
N ILE K 93 29.20 20.95 9.36
CA ILE K 93 29.78 22.19 8.86
C ILE K 93 28.86 23.35 9.15
N THR K 94 27.55 23.15 9.02
CA THR K 94 26.61 24.24 9.30
C THR K 94 26.67 24.66 10.76
N ALA K 95 26.73 23.68 11.67
CA ALA K 95 26.78 24.01 13.10
C ALA K 95 28.10 24.68 13.46
N MET K 96 29.21 24.19 12.89
CA MET K 96 30.50 24.80 13.14
C MET K 96 30.52 26.24 12.64
N ALA K 97 29.95 26.49 11.46
CA ALA K 97 29.95 27.83 10.91
C ALA K 97 29.03 28.75 11.70
N GLU K 98 27.91 28.23 12.20
CA GLU K 98 27.04 29.06 13.02
C GLU K 98 27.67 29.34 14.37
N ALA K 99 28.54 28.46 14.85
CA ALA K 99 29.25 28.74 16.09
C ALA K 99 30.36 29.75 15.89
N VAL K 100 31.02 29.72 14.73
CA VAL K 100 32.12 30.64 14.49
C VAL K 100 31.63 32.03 14.11
N PHE K 101 30.60 32.11 13.27
CA PHE K 101 30.07 33.39 12.83
C PHE K 101 29.09 34.00 13.82
N GLY K 102 28.50 33.20 14.70
CA GLY K 102 27.57 33.72 15.68
C GLY K 102 26.21 34.12 15.14
N GLU K 103 25.94 33.84 13.87
CA GLU K 103 24.67 34.22 13.28
C GLU K 103 24.39 33.30 12.10
N ALA K 104 23.14 32.86 11.97
CA ALA K 104 22.81 31.83 10.99
C ALA K 104 22.94 32.35 9.56
N GLY K 105 22.41 33.54 9.30
CA GLY K 105 22.45 34.06 7.93
C GLY K 105 23.86 34.31 7.44
N LYS K 106 24.71 34.87 8.29
CA LYS K 106 26.10 35.10 7.92
C LYS K 106 26.80 33.79 7.57
N ALA K 107 26.61 32.78 8.40
CA ALA K 107 27.23 31.49 8.15
C ALA K 107 26.71 30.87 6.85
N LYS K 108 25.40 30.89 6.65
CA LYS K 108 24.84 30.26 5.46
C LYS K 108 25.28 30.99 4.20
N ARG K 109 25.44 32.32 4.29
CA ARG K 109 25.94 33.06 3.14
C ARG K 109 27.40 32.73 2.87
N TRP K 110 28.23 32.72 3.91
CA TRP K 110 29.65 32.40 3.72
C TRP K 110 29.82 31.02 3.14
N LEU K 111 29.01 30.06 3.57
CA LEU K 111 29.11 28.70 3.04
C LEU K 111 28.55 28.59 1.64
N SER K 112 27.74 29.56 1.20
CA SER K 112 27.12 29.52 -0.12
C SER K 112 27.83 30.40 -1.13
N LYS K 113 28.87 31.11 -0.73
CA LYS K 113 29.61 31.97 -1.65
C LYS K 113 30.89 31.29 -2.10
N PRO K 114 31.25 31.43 -3.37
CA PRO K 114 32.45 30.77 -3.87
C PRO K 114 33.70 31.28 -3.18
N LYS K 115 34.74 30.46 -3.22
CA LYS K 115 36.00 30.74 -2.56
C LYS K 115 37.15 30.62 -3.54
N GLU K 116 38.11 31.54 -3.45
CA GLU K 116 39.29 31.44 -4.29
C GLU K 116 40.21 30.34 -3.82
N ARG K 117 40.19 30.04 -2.52
CA ARG K 117 40.97 28.92 -2.01
C ARG K 117 40.47 27.59 -2.58
N PHE K 118 39.21 27.54 -3.02
CA PHE K 118 38.62 26.33 -3.58
C PHE K 118 38.38 26.45 -5.07
N SER K 119 39.11 27.33 -5.75
CA SER K 119 39.01 27.50 -7.21
C SER K 119 37.59 27.82 -7.64
N GLY K 120 36.98 28.79 -6.94
CA GLY K 120 35.63 29.18 -7.25
C GLY K 120 34.57 28.18 -6.84
N LEU K 121 34.81 27.45 -5.75
CA LEU K 121 33.83 26.50 -5.24
C LEU K 121 33.36 26.97 -3.87
N THR K 122 32.11 26.69 -3.56
CA THR K 122 31.58 27.03 -2.26
C THR K 122 31.93 25.95 -1.24
N PRO K 123 32.03 26.32 0.04
CA PRO K 123 32.30 25.30 1.06
C PRO K 123 31.28 24.17 1.06
N MET K 124 30.03 24.44 0.72
CA MET K 124 29.05 23.37 0.63
C MET K 124 29.35 22.43 -0.53
N GLN K 125 29.95 22.96 -1.60
CA GLN K 125 30.36 22.11 -2.71
C GLN K 125 31.57 21.27 -2.36
N MET K 126 32.38 21.70 -1.39
CA MET K 126 33.54 20.95 -0.96
C MET K 126 33.20 19.78 -0.05
N LEU K 127 31.93 19.64 0.34
CA LEU K 127 31.52 18.61 1.27
C LEU K 127 31.28 17.26 0.60
N THR K 128 31.73 17.09 -0.64
CA THR K 128 31.62 15.79 -1.29
C THR K 128 32.71 14.83 -0.86
N THR K 129 33.74 15.30 -0.16
CA THR K 129 34.86 14.43 0.19
C THR K 129 35.26 14.68 1.64
N GLN K 130 35.96 13.70 2.21
CA GLN K 130 36.59 13.85 3.51
C GLN K 130 37.51 15.06 3.52
N GLN K 131 38.35 15.19 2.50
CA GLN K 131 39.37 16.23 2.49
C GLN K 131 38.75 17.62 2.37
N GLY K 132 37.71 17.76 1.54
CA GLY K 132 37.07 19.06 1.41
C GLY K 132 36.38 19.49 2.69
N THR K 133 35.71 18.56 3.36
CA THR K 133 35.09 18.87 4.65
C THR K 133 36.14 19.29 5.67
N THR K 134 37.27 18.58 5.70
CA THR K 134 38.33 18.97 6.61
C THR K 134 38.90 20.33 6.26
N GLN K 135 38.94 20.67 4.97
CA GLN K 135 39.41 21.99 4.55
C GLN K 135 38.46 23.08 5.05
N VAL K 136 37.15 22.86 4.93
CA VAL K 136 36.19 23.83 5.43
C VAL K 136 36.34 24.00 6.93
N GLU K 137 36.55 22.88 7.64
CA GLU K 137 36.82 22.96 9.07
C GLU K 137 38.05 23.82 9.36
N GLU K 138 39.12 23.61 8.58
CA GLU K 138 40.35 24.38 8.79
C GLU K 138 40.11 25.86 8.58
N MET K 139 39.34 26.21 7.55
CA MET K 139 39.06 27.62 7.28
C MET K 139 38.25 28.23 8.41
N LEU K 140 37.23 27.52 8.90
CA LEU K 140 36.42 28.04 10.00
C LEU K 140 37.26 28.25 11.25
N LEU K 141 38.13 27.30 11.58
CA LEU K 141 38.98 27.47 12.75
C LEU K 141 40.01 28.58 12.54
N GLN K 142 40.47 28.79 11.31
CA GLN K 142 41.35 29.92 11.04
C GLN K 142 40.64 31.23 11.30
N ILE K 143 39.38 31.32 10.89
CA ILE K 143 38.58 32.50 11.22
C ILE K 143 38.48 32.67 12.73
N ALA K 144 38.15 31.58 13.44
CA ALA K 144 37.93 31.68 14.88
C ALA K 144 39.20 32.09 15.60
N GLU K 145 40.35 31.63 15.15
CA GLU K 145 41.62 31.90 15.82
C GLU K 145 42.29 33.17 15.32
N GLY K 146 41.80 33.76 14.24
CA GLY K 146 42.41 34.97 13.73
C GLY K 146 43.66 34.76 12.92
N TYR K 147 43.76 33.64 12.21
CA TYR K 147 44.88 33.36 11.34
C TYR K 147 44.50 33.78 9.93
N GLY K 148 44.68 35.07 9.64
CA GLY K 148 44.24 35.61 8.37
C GLY K 148 45.35 36.29 7.60
N LEU K 149 46.59 35.97 7.94
CA LEU K 149 47.72 36.48 7.19
C LEU K 149 47.97 35.61 5.97
N MET L 1 39.75 20.09 10.32
CA MET L 1 40.90 20.00 11.20
C MET L 1 41.87 18.95 10.68
N LEU L 2 42.87 19.40 9.94
CA LEU L 2 43.85 18.49 9.34
C LEU L 2 44.79 17.96 10.42
N ALA L 3 44.38 16.87 11.07
CA ALA L 3 45.14 16.35 12.21
C ALA L 3 46.55 15.93 11.80
N GLU L 4 46.70 15.43 10.57
CA GLU L 4 47.98 15.01 10.01
C GLU L 4 49.10 15.97 10.36
N VAL L 5 48.82 17.27 10.34
CA VAL L 5 49.86 18.30 10.48
C VAL L 5 50.26 18.58 11.93
N LEU L 6 49.87 17.74 12.90
CA LEU L 6 50.27 18.02 14.27
C LEU L 6 51.60 17.39 14.65
N ARG L 7 51.98 16.31 13.99
CA ARG L 7 53.18 15.58 14.41
C ARG L 7 54.44 16.31 13.97
N ASP L 8 55.56 15.93 14.60
CA ASP L 8 56.88 16.48 14.27
C ASP L 8 57.55 15.51 13.30
N ASN L 9 57.91 16.03 12.13
CA ASN L 9 58.59 15.27 11.08
C ASN L 9 57.76 14.09 10.58
N GLY L 10 56.54 13.94 11.09
CA GLY L 10 55.69 12.85 10.69
C GLY L 10 54.74 13.23 9.59
N TYR L 11 54.49 14.54 9.43
CA TYR L 11 53.65 14.97 8.33
C TYR L 11 54.30 14.66 6.99
N HIS L 12 55.62 14.82 6.90
CA HIS L 12 56.29 14.49 5.65
C HIS L 12 56.32 12.99 5.41
N GLU L 13 56.42 12.18 6.48
CA GLU L 13 56.30 10.74 6.32
C GLU L 13 54.91 10.37 5.81
N TYR L 14 53.88 11.02 6.35
CA TYR L 14 52.52 10.79 5.90
C TYR L 14 52.36 11.18 4.42
N ARG L 15 52.95 12.29 4.02
CA ARG L 15 52.86 12.71 2.62
C ARG L 15 53.62 11.76 1.70
N ALA L 16 54.77 11.26 2.15
CA ALA L 16 55.50 10.28 1.36
C ALA L 16 54.70 8.99 1.22
N ARG L 17 54.00 8.58 2.27
CA ARG L 17 53.14 7.41 2.17
C ARG L 17 52.00 7.64 1.18
N LEU L 18 51.38 8.82 1.24
CA LEU L 18 50.34 9.13 0.26
C LEU L 18 50.89 9.27 -1.15
N GLN L 19 52.19 9.53 -1.30
CA GLN L 19 52.77 9.47 -2.63
C GLN L 19 52.97 8.02 -3.06
N ALA L 20 53.30 7.15 -2.10
CA ALA L 20 53.48 5.73 -2.40
C ALA L 20 52.21 5.13 -2.98
N LEU L 21 51.08 5.37 -2.33
CA LEU L 21 49.79 4.88 -2.79
C LEU L 21 48.83 6.06 -2.92
N LEU L 22 48.07 6.09 -4.02
CA LEU L 22 47.21 7.17 -4.46
C LEU L 22 48.00 8.27 -5.16
N ASP L 23 49.33 8.11 -5.25
CA ASP L 23 50.18 8.93 -6.12
C ASP L 23 49.94 10.42 -5.95
N ILE L 24 49.89 10.87 -4.72
CA ILE L 24 49.67 12.29 -4.40
C ILE L 24 51.03 12.95 -4.19
N PRO L 25 51.33 14.05 -4.90
CA PRO L 25 52.61 14.73 -4.70
C PRO L 25 52.80 15.21 -3.27
N GLU L 26 54.05 15.39 -2.87
CA GLU L 26 54.35 15.84 -1.52
C GLU L 26 54.06 17.32 -1.32
N LEU L 27 54.01 18.10 -2.40
CA LEU L 27 53.67 19.51 -2.32
C LEU L 27 52.26 19.80 -2.83
N ALA L 28 51.49 18.76 -3.15
CA ALA L 28 50.12 18.97 -3.62
C ALA L 28 49.28 19.63 -2.54
N SER L 29 48.53 20.65 -2.93
CA SER L 29 47.66 21.34 -2.00
C SER L 29 46.42 20.50 -1.71
N ASP L 30 45.77 20.82 -0.59
CA ASP L 30 44.62 20.04 -0.16
C ASP L 30 43.51 20.05 -1.22
N PHE L 31 43.31 21.19 -1.87
CA PHE L 31 42.30 21.22 -2.93
C PHE L 31 42.69 20.34 -4.11
N GLU L 32 44.00 20.13 -4.32
CA GLU L 32 44.40 19.19 -5.36
C GLU L 32 44.02 17.76 -4.98
N ILE L 33 44.18 17.40 -3.72
CA ILE L 33 43.67 16.10 -3.27
C ILE L 33 42.17 16.01 -3.50
N HIS L 34 41.45 17.08 -3.16
CA HIS L 34 40.00 17.06 -3.28
C HIS L 34 39.57 16.92 -4.74
N THR L 35 40.24 17.62 -5.65
CA THR L 35 39.84 17.53 -7.05
C THR L 35 40.31 16.24 -7.68
N ARG L 36 41.37 15.62 -7.16
CA ARG L 36 41.76 14.31 -7.63
C ARG L 36 40.76 13.25 -7.20
N ILE L 37 40.30 13.33 -5.94
CA ILE L 37 39.33 12.36 -5.46
C ILE L 37 37.95 12.63 -6.05
N THR L 38 37.68 13.86 -6.47
CA THR L 38 36.40 14.16 -7.10
C THR L 38 36.41 13.77 -8.57
N ASP L 39 37.56 13.92 -9.25
CA ASP L 39 37.71 13.39 -10.59
C ASP L 39 37.67 11.87 -10.61
N GLY L 40 37.75 11.22 -9.46
CA GLY L 40 37.82 9.78 -9.39
C GLY L 40 39.21 9.26 -9.65
N PHE L 41 39.60 8.19 -8.95
CA PHE L 41 40.89 7.58 -9.17
C PHE L 41 40.80 6.54 -10.28
N ALA L 42 41.96 6.25 -10.88
CA ALA L 42 42.02 5.24 -11.92
C ALA L 42 41.81 3.86 -11.31
N ALA L 43 40.87 3.09 -11.86
CA ALA L 43 40.64 1.75 -11.36
C ALA L 43 41.85 0.85 -11.58
N THR L 44 42.64 1.13 -12.62
CA THR L 44 43.88 0.39 -12.80
C THR L 44 44.83 0.61 -11.64
N TRP L 45 44.82 1.81 -11.06
CA TRP L 45 45.62 2.05 -9.86
C TRP L 45 45.10 1.20 -8.70
N LEU L 46 43.79 1.04 -8.60
CA LEU L 46 43.24 0.21 -7.53
C LEU L 46 43.64 -1.24 -7.70
N VAL L 47 43.60 -1.74 -8.94
CA VAL L 47 43.94 -3.15 -9.14
C VAL L 47 45.44 -3.37 -8.97
N LYS L 48 46.26 -2.38 -9.31
CA LYS L 48 47.70 -2.50 -9.06
C LYS L 48 48.02 -2.35 -7.59
N LEU L 49 47.20 -1.63 -6.83
CA LEU L 49 47.40 -1.47 -5.40
C LEU L 49 46.86 -2.65 -4.62
N THR L 50 45.91 -3.40 -5.21
CA THR L 50 45.41 -4.60 -4.57
C THR L 50 46.44 -5.72 -4.62
N GLU L 51 47.04 -5.92 -5.79
CA GLU L 51 47.98 -7.02 -5.99
C GLU L 51 49.32 -6.79 -5.30
N ARG L 52 49.61 -5.58 -4.83
CA ARG L 52 50.84 -5.33 -4.08
C ARG L 52 50.66 -5.57 -2.59
N GLY L 53 49.65 -6.34 -2.19
CA GLY L 53 49.48 -6.68 -0.79
C GLY L 53 49.06 -5.51 0.08
N VAL L 54 48.65 -4.41 -0.54
CA VAL L 54 48.18 -3.23 0.18
C VAL L 54 46.68 -3.22 0.31
N LEU L 55 45.98 -3.69 -0.71
CA LEU L 55 44.53 -3.82 -0.68
C LEU L 55 44.19 -5.30 -0.77
N THR L 56 43.44 -5.80 0.22
CA THR L 56 43.07 -7.20 0.20
C THR L 56 41.57 -7.37 0.02
N PRO L 57 41.13 -8.35 -0.79
CA PRO L 57 39.70 -8.48 -1.06
C PRO L 57 38.94 -9.26 0.01
N VAL L 58 39.19 -8.94 1.28
CA VAL L 58 38.43 -9.51 2.38
C VAL L 58 38.01 -8.38 3.30
N GLU L 59 38.75 -7.28 3.24
CA GLU L 59 38.52 -6.08 4.04
C GLU L 59 39.34 -4.98 3.40
N ARG L 60 38.78 -3.77 3.34
CA ARG L 60 39.35 -2.64 2.60
C ARG L 60 39.15 -2.84 1.11
N ASP L 61 38.63 -4.02 0.72
CA ASP L 61 38.07 -4.22 -0.60
C ASP L 61 36.66 -4.78 -0.52
N GLN L 62 36.08 -4.86 0.67
CA GLN L 62 34.66 -5.09 0.86
C GLN L 62 33.91 -3.82 1.20
N ILE L 63 34.63 -2.73 1.49
CA ILE L 63 34.01 -1.43 1.69
C ILE L 63 33.49 -0.84 0.38
N ILE L 64 34.03 -1.30 -0.75
CA ILE L 64 33.58 -0.85 -2.06
C ILE L 64 33.16 -2.07 -2.86
N PRO L 65 32.08 -1.98 -3.64
CA PRO L 65 31.73 -3.09 -4.53
C PRO L 65 32.72 -3.20 -5.67
N LEU L 66 33.16 -4.42 -5.96
CA LEU L 66 34.08 -4.69 -7.06
C LEU L 66 33.52 -5.73 -8.02
N ARG L 67 32.26 -6.13 -7.84
CA ARG L 67 31.63 -7.06 -8.77
C ARG L 67 31.64 -6.50 -10.19
N THR L 68 31.38 -5.20 -10.31
CA THR L 68 31.39 -4.52 -11.61
C THR L 68 32.63 -3.68 -11.80
N LEU L 69 33.67 -3.87 -10.98
CA LEU L 69 34.87 -3.07 -11.13
C LEU L 69 35.57 -3.32 -12.45
N LYS L 70 35.55 -4.56 -12.96
CA LYS L 70 36.19 -4.83 -14.23
C LYS L 70 35.44 -4.17 -15.39
N SER L 71 34.17 -3.82 -15.19
CA SER L 71 33.40 -3.11 -16.19
C SER L 71 33.81 -1.64 -16.31
N ARG L 72 34.44 -1.09 -15.29
CA ARG L 72 34.96 0.27 -15.31
C ARG L 72 36.42 0.28 -15.70
N ILE L 73 36.87 -0.72 -16.45
CA ILE L 73 38.27 -0.82 -16.84
C ILE L 73 38.34 -0.89 -18.36
N GLU L 74 37.19 -1.10 -19.00
CA GLU L 74 37.17 -1.28 -20.45
C GLU L 74 37.84 -0.12 -21.18
N ARG L 75 37.64 1.12 -20.68
CA ARG L 75 38.27 2.29 -21.26
C ARG L 75 39.02 3.12 -20.23
N ASP L 76 39.62 2.47 -19.23
CA ASP L 76 40.37 3.14 -18.17
C ASP L 76 39.48 4.15 -17.43
N GLN L 77 38.36 3.64 -16.93
CA GLN L 77 37.38 4.50 -16.29
C GLN L 77 37.74 4.72 -14.82
N PRO L 78 37.30 5.84 -14.24
CA PRO L 78 37.53 6.05 -12.81
C PRO L 78 36.41 5.48 -11.94
N LEU L 79 36.53 5.67 -10.62
CA LEU L 79 35.55 5.18 -9.68
C LEU L 79 34.52 6.25 -9.34
N THR L 80 33.50 5.85 -8.58
CA THR L 80 32.52 6.79 -8.07
C THR L 80 33.14 7.65 -6.97
N VAL L 81 32.63 8.87 -6.83
CA VAL L 81 33.18 9.81 -5.86
C VAL L 81 33.11 9.27 -4.45
N ASP L 82 32.04 8.54 -4.10
CA ASP L 82 31.98 7.95 -2.77
C ASP L 82 32.94 6.77 -2.64
N GLU L 83 33.13 6.00 -3.72
CA GLU L 83 34.11 4.93 -3.69
C GLU L 83 35.52 5.48 -3.54
N SER L 84 35.88 6.45 -4.38
CA SER L 84 37.16 7.12 -4.22
C SER L 84 37.28 7.76 -2.84
N ASP L 85 36.16 8.20 -2.27
CA ASP L 85 36.19 8.83 -0.96
C ASP L 85 36.57 7.83 0.11
N ARG L 86 35.91 6.68 0.15
CA ARG L 86 36.26 5.66 1.13
C ARG L 86 37.68 5.16 0.91
N LEU L 87 38.10 5.07 -0.35
CA LEU L 87 39.47 4.65 -0.64
C LEU L 87 40.48 5.64 -0.07
N PHE L 88 40.31 6.93 -0.36
CA PHE L 88 41.23 7.93 0.16
C PHE L 88 41.18 7.98 1.67
N ARG L 89 40.01 7.75 2.27
CA ARG L 89 39.91 7.76 3.72
C ARG L 89 40.74 6.63 4.32
N SER L 90 40.60 5.43 3.78
CA SER L 90 41.42 4.31 4.22
C SER L 90 42.90 4.60 4.02
N ALA L 91 43.27 5.16 2.87
CA ALA L 91 44.68 5.42 2.59
C ALA L 91 45.24 6.50 3.52
N HIS L 92 44.45 7.53 3.80
CA HIS L 92 44.84 8.57 4.74
C HIS L 92 45.10 7.98 6.12
N ILE L 93 44.20 7.12 6.60
CA ILE L 93 44.37 6.57 7.93
C ILE L 93 45.59 5.64 7.98
N THR L 94 45.77 4.83 6.94
CA THR L 94 46.94 3.95 6.92
C THR L 94 48.24 4.76 6.87
N ALA L 95 48.26 5.84 6.10
CA ALA L 95 49.47 6.65 6.01
C ALA L 95 49.77 7.33 7.34
N MET L 96 48.74 7.86 8.00
CA MET L 96 48.94 8.48 9.30
C MET L 96 49.45 7.46 10.32
N ALA L 97 48.86 6.26 10.32
CA ALA L 97 49.31 5.23 11.25
C ALA L 97 50.74 4.80 10.97
N GLU L 98 51.10 4.65 9.69
CA GLU L 98 52.47 4.31 9.34
C GLU L 98 53.46 5.39 9.78
N ALA L 99 53.07 6.66 9.62
CA ALA L 99 53.94 7.74 10.09
C ALA L 99 54.06 7.74 11.60
N VAL L 100 53.00 7.31 12.30
CA VAL L 100 53.03 7.31 13.76
C VAL L 100 53.90 6.17 14.28
N PHE L 101 53.72 4.96 13.74
CA PHE L 101 54.39 3.78 14.29
C PHE L 101 55.77 3.56 13.71
N GLY L 102 55.97 3.86 12.42
CA GLY L 102 57.26 3.72 11.81
C GLY L 102 57.41 2.54 10.86
N GLU L 103 56.41 1.66 10.79
CA GLU L 103 56.48 0.55 9.85
C GLU L 103 55.06 0.09 9.53
N ALA L 104 54.89 -0.43 8.31
CA ALA L 104 53.56 -0.81 7.86
C ALA L 104 52.96 -1.93 8.70
N GLY L 105 53.80 -2.80 9.25
CA GLY L 105 53.33 -3.92 10.02
C GLY L 105 52.55 -3.52 11.25
N LYS L 106 53.21 -2.82 12.17
CA LYS L 106 52.53 -2.31 13.36
C LYS L 106 51.31 -1.49 12.98
N ALA L 107 51.44 -0.67 11.94
CA ALA L 107 50.33 0.19 11.52
C ALA L 107 49.10 -0.64 11.18
N LYS L 108 49.22 -1.56 10.22
CA LYS L 108 48.05 -2.30 9.77
C LYS L 108 47.55 -3.26 10.84
N ARG L 109 48.45 -3.75 11.70
CA ARG L 109 47.99 -4.61 12.79
C ARG L 109 47.16 -3.82 13.79
N TRP L 110 47.62 -2.61 14.13
CA TRP L 110 46.85 -1.74 15.02
C TRP L 110 45.55 -1.28 14.38
N LEU L 111 45.53 -1.19 13.05
CA LEU L 111 44.35 -0.71 12.34
C LEU L 111 43.28 -1.78 12.19
N SER L 112 43.63 -3.06 12.30
CA SER L 112 42.69 -4.14 12.12
C SER L 112 42.32 -4.84 13.42
N LYS L 113 42.92 -4.46 14.51
CA LYS L 113 42.68 -4.93 15.86
C LYS L 113 41.55 -4.13 16.51
N PRO L 114 40.66 -4.79 17.24
CA PRO L 114 39.60 -4.06 17.93
C PRO L 114 40.14 -3.27 19.11
N LYS L 115 39.40 -2.24 19.51
CA LYS L 115 39.83 -1.30 20.52
C LYS L 115 38.76 -1.17 21.60
N GLU L 116 39.21 -0.86 22.82
CA GLU L 116 38.28 -0.65 23.92
C GLU L 116 37.46 0.61 23.70
N ARG L 117 38.11 1.70 23.32
CA ARG L 117 37.43 2.99 23.17
C ARG L 117 36.35 2.97 22.11
N PHE L 118 36.50 2.13 21.08
CA PHE L 118 35.50 2.01 20.04
C PHE L 118 34.51 0.88 20.30
N SER L 119 34.42 0.42 21.54
CA SER L 119 33.50 -0.64 21.92
C SER L 119 33.70 -1.89 21.06
N GLY L 120 34.95 -2.35 20.97
CA GLY L 120 35.24 -3.53 20.18
C GLY L 120 34.99 -3.37 18.70
N LEU L 121 35.49 -2.29 18.11
CA LEU L 121 35.44 -2.08 16.66
C LEU L 121 36.82 -1.74 16.16
N THR L 122 37.15 -2.24 14.98
CA THR L 122 38.43 -1.91 14.38
C THR L 122 38.39 -0.50 13.81
N PRO L 123 39.51 0.22 13.89
CA PRO L 123 39.55 1.57 13.29
C PRO L 123 39.09 1.61 11.85
N MET L 124 39.36 0.55 11.08
CA MET L 124 38.86 0.50 9.71
C MET L 124 37.34 0.54 9.67
N GLN L 125 36.68 -0.02 10.69
CA GLN L 125 35.23 0.02 10.75
C GLN L 125 34.72 1.36 11.24
N MET L 126 35.56 2.14 11.91
CA MET L 126 35.19 3.49 12.29
C MET L 126 35.24 4.46 11.13
N LEU L 127 35.87 4.07 10.01
CA LEU L 127 36.04 4.93 8.86
C LEU L 127 34.81 4.99 7.98
N THR L 128 33.65 4.59 8.50
CA THR L 128 32.40 4.76 7.78
C THR L 128 31.81 6.15 7.93
N THR L 129 32.28 6.94 8.90
CA THR L 129 31.75 8.26 9.16
C THR L 129 32.90 9.24 9.35
N GLN L 130 32.59 10.53 9.17
CA GLN L 130 33.56 11.58 9.42
C GLN L 130 34.00 11.58 10.88
N GLN L 131 33.05 11.40 11.79
CA GLN L 131 33.36 11.44 13.21
C GLN L 131 34.24 10.27 13.63
N GLY L 132 33.99 9.09 13.05
CA GLY L 132 34.84 7.94 13.36
C GLY L 132 36.26 8.15 12.86
N THR L 133 36.40 8.67 11.65
CA THR L 133 37.72 9.00 11.13
C THR L 133 38.42 10.00 12.04
N THR L 134 37.68 10.99 12.52
CA THR L 134 38.27 11.98 13.43
C THR L 134 38.71 11.33 14.73
N GLN L 135 37.93 10.37 15.24
CA GLN L 135 38.32 9.68 16.47
C GLN L 135 39.59 8.86 16.26
N VAL L 136 39.70 8.19 15.12
CA VAL L 136 40.92 7.45 14.83
C VAL L 136 42.11 8.39 14.74
N GLU L 137 41.93 9.54 14.08
CA GLU L 137 43.00 10.53 13.99
C GLU L 137 43.42 11.01 15.37
N GLU L 138 42.44 11.29 16.23
CA GLU L 138 42.74 11.76 17.58
C GLU L 138 43.53 10.71 18.35
N MET L 139 43.10 9.45 18.29
CA MET L 139 43.81 8.41 19.00
C MET L 139 45.24 8.26 18.49
N LEU L 140 45.41 8.27 17.17
CA LEU L 140 46.75 8.16 16.61
C LEU L 140 47.63 9.32 17.05
N LEU L 141 47.06 10.53 17.12
CA LEU L 141 47.82 11.67 17.61
C LEU L 141 48.19 11.49 19.07
N GLN L 142 47.26 10.93 19.86
CA GLN L 142 47.54 10.69 21.28
C GLN L 142 48.69 9.70 21.45
N ILE L 143 48.73 8.66 20.63
CA ILE L 143 49.79 7.66 20.75
C ILE L 143 51.15 8.28 20.48
N ALA L 144 51.21 9.28 19.61
CA ALA L 144 52.46 9.92 19.24
C ALA L 144 52.89 10.99 20.24
N GLU L 145 52.21 11.11 21.38
CA GLU L 145 52.69 12.08 22.40
C GLU L 145 53.28 11.32 23.58
N PRO M 14 -14.62 -35.83 -57.66
CA PRO M 14 -14.51 -35.22 -56.33
C PRO M 14 -13.08 -35.16 -55.83
N ILE M 15 -12.69 -34.01 -55.30
CA ILE M 15 -11.34 -33.76 -54.82
C ILE M 15 -11.39 -33.46 -53.34
N LEU M 16 -10.45 -34.02 -52.59
CA LEU M 16 -10.31 -33.74 -51.17
C LEU M 16 -8.89 -33.26 -50.89
N TRP M 17 -8.74 -32.57 -49.77
CA TRP M 17 -7.46 -31.95 -49.44
C TRP M 17 -7.11 -32.25 -48.00
N ARG M 18 -5.85 -32.63 -47.77
CA ARG M 18 -5.35 -32.96 -46.45
C ARG M 18 -4.13 -32.09 -46.16
N ILE M 19 -3.96 -31.71 -44.90
CA ILE M 19 -2.79 -30.97 -44.47
C ILE M 19 -2.17 -31.75 -43.33
N SER M 20 -1.00 -32.33 -43.57
CA SER M 20 -0.37 -33.16 -42.55
C SER M 20 1.08 -33.37 -42.91
N ALA M 21 1.87 -33.77 -41.92
CA ALA M 21 3.29 -34.03 -42.10
C ALA M 21 3.56 -35.29 -42.89
N TYR M 22 2.53 -36.01 -43.32
CA TYR M 22 2.69 -37.30 -43.98
C TYR M 22 1.99 -37.24 -45.33
N ALA M 23 2.66 -37.77 -46.35
CA ALA M 23 2.15 -37.78 -47.72
C ALA M 23 1.48 -39.10 -48.08
N ASP M 24 0.83 -39.74 -47.11
CA ASP M 24 0.11 -40.98 -47.36
C ASP M 24 -1.28 -40.87 -46.73
N LEU M 25 -2.05 -41.94 -46.89
CA LEU M 25 -3.40 -42.03 -46.33
C LEU M 25 -3.49 -43.17 -45.31
N SER M 26 -2.43 -43.37 -44.54
CA SER M 26 -2.43 -44.44 -43.56
C SER M 26 -3.29 -44.09 -42.36
N GLY M 27 -3.18 -42.86 -41.87
CA GLY M 27 -3.94 -42.48 -40.70
C GLY M 27 -3.55 -43.21 -39.44
N THR M 28 -2.29 -43.65 -39.35
CA THR M 28 -1.88 -44.49 -38.23
C THR M 28 -1.92 -43.75 -36.91
N GLY M 29 -1.72 -42.42 -36.94
CA GLY M 29 -1.71 -41.67 -35.71
C GLY M 29 -3.01 -41.72 -34.94
N GLY M 30 -4.12 -42.00 -35.63
CA GLY M 30 -5.39 -42.17 -34.95
C GLY M 30 -5.43 -43.36 -34.02
N LEU M 31 -4.48 -44.27 -34.12
CA LEU M 31 -4.44 -45.39 -33.19
C LEU M 31 -4.08 -44.94 -31.78
N ARG M 32 -3.36 -43.82 -31.65
CA ARG M 32 -2.95 -43.32 -30.36
C ARG M 32 -3.35 -41.87 -30.11
N VAL M 33 -3.95 -41.21 -31.09
CA VAL M 33 -4.32 -39.79 -30.99
C VAL M 33 -5.78 -39.64 -31.36
N SER M 34 -6.53 -38.93 -30.53
CA SER M 34 -7.95 -38.70 -30.77
C SER M 34 -8.15 -37.33 -31.43
N GLY M 35 -9.28 -37.19 -32.12
CA GLY M 35 -9.68 -35.92 -32.69
C GLY M 35 -11.06 -35.51 -32.23
N ARG M 36 -11.66 -34.61 -33.02
CA ARG M 36 -13.03 -34.21 -32.74
C ARG M 36 -14.01 -35.29 -33.18
N TRP M 37 -13.69 -36.00 -34.26
CA TRP M 37 -14.61 -36.96 -34.85
C TRP M 37 -14.19 -38.41 -34.63
N HIS M 38 -13.25 -38.67 -33.72
CA HIS M 38 -12.84 -40.04 -33.45
C HIS M 38 -12.11 -40.09 -32.12
N GLN M 39 -12.16 -41.26 -31.50
CA GLN M 39 -11.38 -41.57 -30.31
C GLN M 39 -10.14 -42.34 -30.74
N ALA M 40 -9.10 -42.27 -29.91
CA ALA M 40 -7.86 -42.97 -30.23
C ALA M 40 -8.11 -44.47 -30.33
N GLY M 41 -7.39 -45.11 -31.25
CA GLY M 41 -7.54 -46.53 -31.51
C GLY M 41 -8.03 -46.85 -32.91
N ARG M 42 -8.51 -45.86 -33.66
CA ARG M 42 -8.99 -46.07 -35.02
C ARG M 42 -8.08 -45.34 -35.99
N PRO M 43 -7.67 -45.95 -37.09
CA PRO M 43 -7.03 -45.18 -38.16
C PRO M 43 -8.06 -44.34 -38.89
N VAL M 44 -7.71 -43.09 -39.17
CA VAL M 44 -8.64 -42.14 -39.73
C VAL M 44 -7.85 -41.02 -40.39
N VAL M 45 -8.45 -40.38 -41.40
CA VAL M 45 -7.86 -39.26 -42.09
C VAL M 45 -8.88 -38.14 -42.14
N TYR M 46 -8.49 -36.95 -41.69
CA TYR M 46 -9.33 -35.77 -41.78
C TYR M 46 -8.98 -35.03 -43.06
N ALA M 47 -9.99 -34.68 -43.85
CA ALA M 47 -9.76 -33.98 -45.10
C ALA M 47 -10.78 -32.88 -45.29
N ALA M 48 -10.47 -31.96 -46.19
CA ALA M 48 -11.37 -30.88 -46.54
C ALA M 48 -11.61 -30.87 -48.04
N THR M 49 -12.64 -30.15 -48.46
CA THR M 49 -12.98 -30.00 -49.87
C THR M 49 -12.22 -28.88 -50.56
N SER M 50 -11.36 -28.16 -49.84
CA SER M 50 -10.60 -27.07 -50.42
C SER M 50 -9.35 -26.87 -49.59
N PRO M 51 -8.23 -26.54 -50.21
CA PRO M 51 -7.00 -26.25 -49.45
C PRO M 51 -7.21 -25.14 -48.43
N PRO M 52 -7.93 -24.06 -48.75
CA PRO M 52 -8.23 -23.09 -47.70
C PRO M 52 -9.04 -23.67 -46.55
N GLY M 53 -9.94 -24.60 -46.83
CA GLY M 53 -10.69 -25.25 -45.77
C GLY M 53 -9.78 -25.95 -44.79
N ALA M 54 -8.90 -26.81 -45.30
CA ALA M 54 -7.98 -27.53 -44.45
C ALA M 54 -7.07 -26.57 -43.70
N MET M 55 -6.55 -25.54 -44.39
CA MET M 55 -5.64 -24.61 -43.74
C MET M 55 -6.33 -23.84 -42.62
N LEU M 56 -7.55 -23.39 -42.85
CA LEU M 56 -8.27 -22.65 -41.83
C LEU M 56 -8.60 -23.52 -40.64
N GLU M 57 -9.07 -24.75 -40.89
CA GLU M 57 -9.34 -25.67 -39.79
C GLU M 57 -8.09 -25.93 -38.96
N VAL M 58 -6.96 -26.16 -39.63
CA VAL M 58 -5.72 -26.42 -38.92
C VAL M 58 -5.31 -25.21 -38.09
N LEU M 59 -5.36 -24.03 -38.68
CA LEU M 59 -4.90 -22.83 -37.98
C LEU M 59 -5.79 -22.50 -36.79
N VAL M 60 -7.09 -22.71 -36.93
CA VAL M 60 -8.01 -22.36 -35.86
C VAL M 60 -7.95 -23.39 -34.74
N HIS M 61 -8.08 -24.68 -35.08
CA HIS M 61 -8.25 -25.70 -34.05
C HIS M 61 -6.93 -26.10 -33.43
N LEU M 62 -5.84 -26.10 -34.18
CA LEU M 62 -4.53 -26.40 -33.62
C LEU M 62 -3.78 -25.14 -33.19
N GLU M 63 -4.40 -23.97 -33.34
CA GLU M 63 -3.89 -22.72 -32.79
C GLU M 63 -2.46 -22.44 -33.26
N ILE M 64 -2.31 -22.32 -34.57
CA ILE M 64 -1.01 -22.08 -35.19
C ILE M 64 -1.01 -20.69 -35.80
N ASP M 65 -0.02 -19.89 -35.45
CA ASP M 65 0.07 -18.61 -36.12
C ASP M 65 0.83 -18.76 -37.43
N PRO M 66 0.50 -17.93 -38.43
CA PRO M 66 1.16 -18.05 -39.73
C PRO M 66 2.67 -18.00 -39.68
N GLU M 67 3.23 -17.21 -38.76
CA GLU M 67 4.67 -17.16 -38.60
C GLU M 67 5.23 -18.43 -37.97
N ASP M 68 4.37 -19.30 -37.45
CA ASP M 68 4.81 -20.53 -36.80
C ASP M 68 4.35 -21.77 -37.55
N PHE M 69 3.91 -21.64 -38.78
CA PHE M 69 3.40 -22.79 -39.51
C PHE M 69 4.52 -23.81 -39.73
N PRO M 70 4.33 -25.06 -39.33
CA PRO M 70 5.41 -26.04 -39.43
C PRO M 70 5.87 -26.25 -40.86
N THR M 71 7.19 -26.34 -41.03
CA THR M 71 7.74 -26.63 -42.35
C THR M 71 7.41 -28.04 -42.80
N THR M 72 7.21 -28.96 -41.84
CA THR M 72 6.96 -30.36 -42.18
C THR M 72 5.61 -30.55 -42.85
N MET M 73 4.74 -29.55 -42.79
CA MET M 73 3.39 -29.71 -43.31
C MET M 73 3.41 -29.92 -44.81
N ARG M 74 2.58 -30.85 -45.26
CA ARG M 74 2.41 -31.16 -46.68
C ARG M 74 0.93 -31.05 -47.00
N LEU M 75 0.62 -30.37 -48.10
CA LEU M 75 -0.73 -30.34 -48.63
C LEU M 75 -0.90 -31.46 -49.66
N LEU M 76 -1.87 -32.33 -49.42
CA LEU M 76 -2.05 -33.54 -50.19
C LEU M 76 -3.39 -33.45 -50.93
N ARG M 77 -3.34 -33.53 -52.25
CA ARG M 77 -4.52 -33.59 -53.10
C ARG M 77 -4.91 -35.05 -53.27
N ILE M 78 -6.18 -35.36 -53.01
CA ILE M 78 -6.70 -36.71 -53.04
C ILE M 78 -7.83 -36.75 -54.06
N GLU M 79 -7.64 -37.52 -55.12
CA GLU M 79 -8.64 -37.75 -56.14
C GLU M 79 -9.27 -39.11 -55.93
N LEU M 80 -10.60 -39.13 -55.88
CA LEU M 80 -11.41 -40.33 -55.74
C LEU M 80 -12.42 -40.37 -56.87
N PRO M 81 -12.78 -41.56 -57.33
CA PRO M 81 -13.83 -41.65 -58.36
C PRO M 81 -15.18 -41.28 -57.81
N ASP M 82 -16.15 -41.05 -58.68
CA ASP M 82 -17.50 -40.68 -58.28
C ASP M 82 -18.31 -41.89 -57.83
N THR M 83 -17.69 -43.07 -57.79
CA THR M 83 -18.36 -44.29 -57.39
C THR M 83 -18.05 -44.71 -55.95
N VAL M 84 -17.19 -43.97 -55.24
CA VAL M 84 -16.84 -44.34 -53.89
C VAL M 84 -18.07 -44.27 -52.99
N SER M 85 -18.06 -45.05 -51.92
CA SER M 85 -19.19 -45.15 -51.02
C SER M 85 -19.14 -44.03 -49.99
N GLN M 86 -20.33 -43.55 -49.62
CA GLN M 86 -20.47 -42.46 -48.66
C GLN M 86 -21.48 -42.86 -47.59
N ALA M 87 -21.23 -42.40 -46.37
CA ALA M 87 -22.16 -42.60 -45.27
C ALA M 87 -22.86 -41.30 -44.95
N GLN M 88 -24.08 -41.41 -44.44
CA GLN M 88 -24.84 -40.23 -44.06
C GLN M 88 -24.73 -39.98 -42.57
N LEU M 89 -24.49 -38.74 -42.20
CA LEU M 89 -24.42 -38.37 -40.80
C LEU M 89 -25.81 -38.01 -40.31
N PRO M 90 -26.19 -38.41 -39.10
CA PRO M 90 -27.50 -38.03 -38.57
C PRO M 90 -27.60 -36.52 -38.41
N ALA M 91 -28.83 -36.03 -38.46
CA ALA M 91 -29.06 -34.60 -38.32
C ALA M 91 -28.58 -34.11 -36.96
N LEU M 92 -27.57 -33.24 -36.98
CA LEU M 92 -27.01 -32.72 -35.75
C LEU M 92 -27.83 -31.55 -35.24
N GLN M 93 -27.94 -31.47 -33.93
CA GLN M 93 -28.67 -30.41 -33.26
C GLN M 93 -27.72 -29.34 -32.78
N PRO M 94 -28.22 -28.14 -32.50
CA PRO M 94 -27.34 -27.04 -32.08
C PRO M 94 -26.54 -27.39 -30.83
N GLY M 95 -25.30 -26.93 -30.79
CA GLY M 95 -24.40 -27.18 -29.69
C GLY M 95 -23.38 -28.26 -29.92
N TRP M 96 -23.46 -28.97 -31.05
CA TRP M 96 -22.59 -30.11 -31.28
C TRP M 96 -21.12 -29.72 -31.35
N SER M 97 -20.83 -28.48 -31.76
CA SER M 97 -19.44 -28.05 -31.86
C SER M 97 -18.74 -28.07 -30.51
N ALA M 98 -19.49 -28.02 -29.42
CA ALA M 98 -18.92 -28.06 -28.07
C ALA M 98 -19.19 -29.38 -27.36
N GLN M 99 -19.69 -30.39 -28.08
CA GLN M 99 -19.92 -31.71 -27.52
C GLN M 99 -18.99 -32.72 -28.19
N PRO M 100 -17.72 -32.76 -27.81
CA PRO M 100 -16.79 -33.67 -28.50
C PRO M 100 -17.11 -35.13 -28.32
N GLU M 101 -17.77 -35.51 -27.22
CA GLU M 101 -18.15 -36.90 -27.04
C GLU M 101 -19.11 -37.35 -28.11
N LEU M 102 -20.09 -36.51 -28.45
CA LEU M 102 -21.06 -36.86 -29.48
C LEU M 102 -20.39 -37.08 -30.83
N THR M 103 -19.56 -36.14 -31.25
CA THR M 103 -18.92 -36.23 -32.56
C THR M 103 -17.94 -37.39 -32.60
N ARG M 104 -17.20 -37.61 -31.51
CA ARG M 104 -16.31 -38.75 -31.43
C ARG M 104 -17.08 -40.06 -31.54
N THR M 105 -18.24 -40.15 -30.88
CA THR M 105 -19.06 -41.34 -30.97
C THR M 105 -19.54 -41.57 -32.40
N LEU M 106 -20.01 -40.51 -33.06
CA LEU M 106 -20.51 -40.65 -34.42
C LEU M 106 -19.40 -41.11 -35.37
N GLY M 107 -18.23 -40.49 -35.28
CA GLY M 107 -17.12 -40.91 -36.13
C GLY M 107 -16.64 -42.31 -35.83
N ASN M 108 -16.59 -42.67 -34.54
CA ASN M 108 -16.20 -44.04 -34.18
C ASN M 108 -17.17 -45.05 -34.75
N ARG M 109 -18.47 -44.78 -34.67
CA ARG M 109 -19.44 -45.68 -35.25
C ARG M 109 -19.24 -45.81 -36.75
N PHE M 110 -19.02 -44.69 -37.45
CA PHE M 110 -18.79 -44.76 -38.87
C PHE M 110 -17.54 -45.58 -39.20
N LEU M 111 -16.48 -45.42 -38.42
CA LEU M 111 -15.23 -46.09 -38.71
C LEU M 111 -15.32 -47.58 -38.41
N ASP M 112 -16.03 -47.94 -37.34
CA ASP M 112 -16.12 -49.35 -36.94
C ASP M 112 -17.12 -50.11 -37.79
N ASP M 113 -18.19 -49.47 -38.25
CA ASP M 113 -19.15 -50.15 -39.12
C ASP M 113 -18.54 -50.52 -40.46
N CYS M 114 -17.52 -49.80 -40.90
CA CYS M 114 -16.88 -50.03 -42.20
C CYS M 114 -17.92 -50.07 -43.32
N SER M 115 -18.94 -49.23 -43.20
CA SER M 115 -20.04 -49.20 -44.15
C SER M 115 -19.71 -48.41 -45.40
N ALA M 116 -18.73 -47.53 -45.35
CA ALA M 116 -18.40 -46.67 -46.48
C ALA M 116 -17.00 -46.14 -46.28
N LEU M 117 -16.46 -45.50 -47.32
CA LEU M 117 -15.11 -44.96 -47.29
C LEU M 117 -15.08 -43.53 -46.76
N LEU M 118 -16.07 -42.73 -47.13
CA LEU M 118 -16.11 -41.32 -46.78
C LEU M 118 -17.29 -41.03 -45.87
N LEU M 119 -17.08 -40.12 -44.93
CA LEU M 119 -18.16 -39.58 -44.11
C LEU M 119 -18.18 -38.07 -44.24
N PRO M 120 -19.21 -37.49 -44.88
CA PRO M 120 -19.32 -36.03 -44.91
C PRO M 120 -19.60 -35.46 -43.54
N VAL M 121 -18.92 -34.38 -43.21
CA VAL M 121 -18.91 -33.83 -41.85
C VAL M 121 -19.07 -32.32 -41.92
N PRO M 122 -19.88 -31.70 -41.07
CA PRO M 122 -19.98 -30.25 -41.07
C PRO M 122 -18.79 -29.59 -40.39
N SER M 123 -18.48 -28.39 -40.86
CA SER M 123 -17.41 -27.61 -40.25
C SER M 123 -17.91 -26.89 -39.01
N ALA M 124 -16.99 -26.67 -38.08
CA ALA M 124 -17.32 -26.03 -36.81
C ALA M 124 -16.96 -24.55 -36.78
N ILE M 125 -16.40 -24.02 -37.86
CA ILE M 125 -15.92 -22.65 -37.86
C ILE M 125 -16.49 -21.88 -39.05
N MET M 126 -17.08 -22.59 -40.00
CA MET M 126 -17.57 -21.93 -41.21
C MET M 126 -18.87 -22.55 -41.68
N PRO M 127 -19.87 -21.75 -42.02
CA PRO M 127 -21.09 -22.30 -42.59
C PRO M 127 -20.87 -22.80 -44.01
N SER M 128 -21.77 -23.67 -44.45
CA SER M 128 -21.75 -24.22 -45.81
C SER M 128 -20.36 -24.76 -46.18
N THR M 129 -19.75 -25.44 -45.23
CA THR M 129 -18.43 -26.03 -45.42
C THR M 129 -18.49 -27.48 -44.96
N THR M 130 -17.97 -28.37 -45.80
CA THR M 130 -18.03 -29.80 -45.54
C THR M 130 -16.63 -30.37 -45.57
N ASN M 131 -16.24 -31.03 -44.48
CA ASN M 131 -15.03 -31.83 -44.41
C ASN M 131 -15.40 -33.29 -44.57
N TYR M 132 -14.39 -34.16 -44.51
CA TYR M 132 -14.61 -35.58 -44.77
C TYR M 132 -13.73 -36.43 -43.87
N LEU M 133 -14.33 -37.50 -43.36
CA LEU M 133 -13.60 -38.55 -42.66
C LEU M 133 -13.29 -39.65 -43.66
N PHE M 134 -12.04 -40.10 -43.67
CA PHE M 134 -11.55 -41.11 -44.59
C PHE M 134 -11.04 -42.30 -43.80
N ASN M 135 -11.65 -43.46 -44.04
CA ASN M 135 -11.30 -44.68 -43.32
C ASN M 135 -10.39 -45.52 -44.19
N PRO M 136 -9.08 -45.60 -43.91
CA PRO M 136 -8.17 -46.38 -44.75
C PRO M 136 -8.35 -47.89 -44.63
N ARG M 137 -9.28 -48.36 -43.81
CA ARG M 137 -9.55 -49.79 -43.71
C ARG M 137 -10.70 -50.23 -44.60
N HIS M 138 -11.36 -49.30 -45.28
CA HIS M 138 -12.36 -49.66 -46.27
C HIS M 138 -11.66 -50.17 -47.53
N PRO M 139 -12.26 -51.12 -48.24
CA PRO M 139 -11.62 -51.66 -49.45
C PRO M 139 -11.46 -50.65 -50.56
N GLN M 140 -12.22 -49.55 -50.56
CA GLN M 140 -12.14 -48.55 -51.60
C GLN M 140 -11.05 -47.53 -51.35
N ALA M 141 -10.26 -47.69 -50.29
CA ALA M 141 -9.22 -46.73 -49.99
C ALA M 141 -8.05 -46.85 -50.97
N GLN M 142 -7.86 -48.02 -51.56
CA GLN M 142 -6.79 -48.19 -52.53
C GLN M 142 -7.03 -47.37 -53.79
N SER M 143 -8.29 -47.04 -54.09
CA SER M 143 -8.63 -46.29 -55.29
C SER M 143 -8.19 -44.84 -55.23
N ALA M 144 -7.75 -44.35 -54.07
CA ALA M 144 -7.41 -42.95 -53.93
C ALA M 144 -6.07 -42.66 -54.59
N LYS M 145 -6.03 -41.62 -55.42
CA LYS M 145 -4.79 -41.14 -56.01
C LYS M 145 -4.38 -39.86 -55.29
N ILE M 146 -3.13 -39.79 -54.86
CA ILE M 146 -2.68 -38.68 -54.02
C ILE M 146 -1.46 -38.03 -54.68
N GLN M 147 -1.34 -36.71 -54.48
CA GLN M 147 -0.12 -36.01 -54.88
C GLN M 147 0.08 -34.78 -54.02
N VAL M 148 1.34 -34.48 -53.73
CA VAL M 148 1.69 -33.33 -52.91
C VAL M 148 1.65 -32.07 -53.76
N GLU M 149 0.98 -31.04 -53.26
CA GLU M 149 1.03 -29.72 -53.88
C GLU M 149 1.94 -28.82 -53.06
N ASP M 150 3.10 -28.50 -53.61
CA ASP M 150 4.11 -27.76 -52.87
C ASP M 150 3.66 -26.32 -52.65
N PHE M 151 4.26 -25.69 -51.64
CA PHE M 151 3.98 -24.31 -51.31
C PHE M 151 5.02 -23.41 -51.97
N THR M 152 4.57 -22.54 -52.85
CA THR M 152 5.40 -21.63 -53.60
C THR M 152 5.46 -20.27 -52.90
N PRO M 153 6.49 -19.47 -53.17
CA PRO M 153 6.55 -18.12 -52.57
C PRO M 153 5.40 -17.22 -53.00
N ASP M 154 4.67 -17.59 -54.04
CA ASP M 154 3.45 -16.88 -54.44
C ASP M 154 2.20 -17.57 -53.91
N SER M 155 2.35 -18.73 -53.28
CA SER M 155 1.24 -19.43 -52.64
C SER M 155 1.71 -19.78 -51.22
N ARG M 156 1.54 -18.83 -50.31
CA ARG M 156 2.02 -18.99 -48.94
C ARG M 156 1.44 -17.88 -48.09
N LEU M 157 1.33 -18.15 -46.79
CA LEU M 157 0.85 -17.16 -45.83
C LEU M 157 2.01 -16.57 -45.03
N PHE M 158 1.78 -15.38 -44.49
CA PHE M 158 2.75 -14.59 -43.74
C PHE M 158 3.97 -14.19 -44.57
N MET N 1 2.97 -46.23 -28.33
CA MET N 1 4.37 -46.02 -28.64
C MET N 1 4.59 -44.69 -29.36
N LEU N 2 5.54 -43.90 -28.85
CA LEU N 2 5.85 -42.61 -29.48
C LEU N 2 6.53 -42.82 -30.83
N ALA N 3 7.38 -43.84 -30.95
CA ALA N 3 8.12 -44.05 -32.18
C ALA N 3 7.26 -44.54 -33.32
N GLU N 4 6.05 -45.03 -33.04
CA GLU N 4 5.20 -45.52 -34.11
C GLU N 4 4.28 -44.44 -34.66
N VAL N 5 3.93 -43.44 -33.87
CA VAL N 5 3.16 -42.31 -34.40
C VAL N 5 4.07 -41.27 -35.02
N LEU N 6 5.16 -40.91 -34.33
CA LEU N 6 6.25 -40.15 -34.93
C LEU N 6 7.06 -41.14 -35.74
N ARG N 7 6.77 -41.23 -37.03
CA ARG N 7 7.44 -42.21 -37.89
C ARG N 7 8.95 -42.03 -37.82
N ASP N 8 9.67 -43.04 -38.31
CA ASP N 8 11.13 -43.15 -38.17
C ASP N 8 11.86 -41.83 -38.41
N ASN N 9 11.43 -41.06 -39.41
CA ASN N 9 12.02 -39.74 -39.65
C ASN N 9 11.78 -38.81 -38.47
N GLY N 10 10.51 -38.63 -38.11
CA GLY N 10 10.18 -37.74 -37.01
C GLY N 10 10.75 -38.20 -35.69
N TYR N 11 10.73 -39.51 -35.43
CA TYR N 11 11.27 -40.00 -34.18
C TYR N 11 12.79 -39.84 -34.13
N HIS N 12 13.46 -40.04 -35.26
CA HIS N 12 14.90 -39.82 -35.30
C HIS N 12 15.22 -38.35 -35.03
N GLU N 13 14.47 -37.44 -35.64
CA GLU N 13 14.68 -36.02 -35.39
C GLU N 13 14.46 -35.70 -33.92
N TYR N 14 13.40 -36.25 -33.33
CA TYR N 14 13.11 -36.01 -31.92
C TYR N 14 14.24 -36.53 -31.04
N ARG N 15 14.77 -37.71 -31.35
CA ARG N 15 15.85 -38.26 -30.54
C ARG N 15 17.13 -37.44 -30.70
N ALA N 16 17.38 -36.91 -31.89
CA ALA N 16 18.55 -36.05 -32.08
C ALA N 16 18.43 -34.78 -31.26
N ARG N 17 17.26 -34.13 -31.32
CA ARG N 17 17.06 -32.92 -30.52
C ARG N 17 17.18 -33.23 -29.04
N LEU N 18 16.69 -34.40 -28.62
CA LEU N 18 16.79 -34.76 -27.21
C LEU N 18 18.23 -35.02 -26.80
N GLN N 19 19.02 -35.62 -27.69
CA GLN N 19 20.43 -35.78 -27.40
C GLN N 19 21.13 -34.44 -27.28
N ALA N 20 20.74 -33.48 -28.11
CA ALA N 20 21.31 -32.15 -28.02
C ALA N 20 20.87 -31.41 -26.77
N LEU N 21 19.66 -31.67 -26.28
CA LEU N 21 19.12 -30.93 -25.14
C LEU N 21 19.46 -31.54 -23.80
N LEU N 22 19.68 -32.84 -23.72
CA LEU N 22 19.96 -33.47 -22.43
C LEU N 22 21.11 -34.45 -22.46
N ASP N 23 21.89 -34.51 -23.55
CA ASP N 23 23.01 -35.43 -23.68
C ASP N 23 22.55 -36.87 -23.46
N ILE N 24 21.35 -37.17 -23.93
CA ILE N 24 20.80 -38.51 -23.87
C ILE N 24 21.01 -39.18 -25.23
N PRO N 25 21.84 -40.21 -25.32
CA PRO N 25 22.14 -40.81 -26.63
C PRO N 25 20.87 -41.24 -27.34
N GLU N 26 20.83 -40.99 -28.64
CA GLU N 26 19.66 -41.23 -29.46
C GLU N 26 19.39 -42.71 -29.71
N LEU N 27 20.32 -43.58 -29.31
CA LEU N 27 20.14 -45.02 -29.48
C LEU N 27 19.84 -45.71 -28.16
N ALA N 28 19.77 -44.96 -27.06
CA ALA N 28 19.44 -45.55 -25.77
C ALA N 28 17.99 -46.01 -25.77
N SER N 29 17.66 -46.84 -24.78
CA SER N 29 16.32 -47.37 -24.62
C SER N 29 15.49 -46.45 -23.75
N ASP N 30 14.18 -46.67 -23.77
CA ASP N 30 13.29 -45.92 -22.89
C ASP N 30 13.66 -46.10 -21.43
N PHE N 31 13.96 -47.34 -21.04
CA PHE N 31 14.38 -47.58 -19.66
C PHE N 31 15.69 -46.86 -19.36
N GLU N 32 16.57 -46.75 -20.34
CA GLU N 32 17.79 -45.98 -20.17
C GLU N 32 17.45 -44.51 -19.87
N ILE N 33 16.43 -43.98 -20.55
CA ILE N 33 16.01 -42.60 -20.31
C ILE N 33 15.49 -42.45 -18.88
N HIS N 34 14.61 -43.36 -18.47
CA HIS N 34 14.09 -43.32 -17.11
C HIS N 34 15.22 -43.39 -16.09
N THR N 35 16.19 -44.26 -16.33
CA THR N 35 17.32 -44.40 -15.42
C THR N 35 18.14 -43.12 -15.36
N ARG N 36 18.36 -42.49 -16.52
CA ARG N 36 19.11 -41.25 -16.54
C ARG N 36 18.38 -40.15 -15.79
N ILE N 37 17.05 -40.16 -15.84
CA ILE N 37 16.28 -39.18 -15.06
C ILE N 37 16.45 -39.46 -13.57
N THR N 38 16.31 -40.73 -13.16
CA THR N 38 16.39 -41.05 -11.74
C THR N 38 17.78 -40.78 -11.18
N ASP N 39 18.82 -41.03 -11.98
CA ASP N 39 20.18 -40.80 -11.51
C ASP N 39 20.44 -39.33 -11.22
N GLY N 40 19.75 -38.44 -11.94
CA GLY N 40 19.93 -37.02 -11.73
C GLY N 40 20.58 -36.35 -12.94
N PHE N 41 20.29 -35.08 -13.14
CA PHE N 41 20.86 -34.30 -14.24
C PHE N 41 21.75 -33.22 -13.68
N ALA N 42 22.84 -32.94 -14.39
CA ALA N 42 23.80 -31.94 -13.92
C ALA N 42 23.18 -30.55 -13.94
N ALA N 43 23.19 -29.88 -12.79
CA ALA N 43 22.72 -28.50 -12.73
C ALA N 43 23.55 -27.59 -13.62
N THR N 44 24.82 -27.94 -13.80
CA THR N 44 25.65 -27.23 -14.77
C THR N 44 25.03 -27.30 -16.16
N TRP N 45 24.48 -28.46 -16.51
CA TRP N 45 23.80 -28.57 -17.80
C TRP N 45 22.59 -27.65 -17.87
N LEU N 46 21.87 -27.51 -16.74
CA LEU N 46 20.70 -26.64 -16.73
C LEU N 46 21.10 -25.18 -16.89
N VAL N 47 22.18 -24.76 -16.24
CA VAL N 47 22.59 -23.36 -16.37
C VAL N 47 23.15 -23.09 -17.76
N LYS N 48 23.85 -24.07 -18.34
CA LYS N 48 24.26 -23.94 -19.73
C LYS N 48 23.06 -23.84 -20.66
N LEU N 49 22.04 -24.65 -20.39
CA LEU N 49 20.83 -24.67 -21.19
C LEU N 49 20.14 -23.31 -21.12
N THR N 50 20.13 -22.70 -19.94
CA THR N 50 19.54 -21.37 -19.78
C THR N 50 20.37 -20.31 -20.50
N GLU N 51 21.69 -20.37 -20.36
CA GLU N 51 22.55 -19.36 -20.98
C GLU N 51 22.47 -19.42 -22.49
N ARG N 52 22.38 -20.62 -23.06
CA ARG N 52 22.34 -20.75 -24.51
C ARG N 52 20.99 -20.34 -25.09
N GLY N 53 20.06 -19.89 -24.27
CA GLY N 53 18.84 -19.29 -24.76
C GLY N 53 17.72 -20.25 -25.11
N VAL N 54 17.92 -21.55 -24.91
CA VAL N 54 16.83 -22.48 -25.19
C VAL N 54 15.82 -22.52 -24.05
N LEU N 55 16.18 -22.00 -22.87
CA LEU N 55 15.27 -21.88 -21.76
C LEU N 55 15.26 -20.45 -21.25
N THR N 56 14.09 -19.95 -20.95
CA THR N 56 13.99 -18.64 -20.34
C THR N 56 14.17 -18.77 -18.83
N PRO N 57 14.67 -17.71 -18.18
CA PRO N 57 14.85 -17.77 -16.73
C PRO N 57 13.60 -18.15 -15.97
N VAL N 58 12.41 -17.71 -16.43
CA VAL N 58 11.18 -18.08 -15.74
C VAL N 58 10.92 -19.58 -15.90
N GLU N 59 11.28 -20.13 -17.06
CA GLU N 59 11.18 -21.58 -17.23
C GLU N 59 12.18 -22.30 -16.34
N ARG N 60 13.40 -21.76 -16.25
CA ARG N 60 14.41 -22.31 -15.35
C ARG N 60 13.90 -22.33 -13.91
N ASP N 61 13.18 -21.29 -13.50
CA ASP N 61 12.61 -21.27 -12.16
C ASP N 61 11.44 -22.24 -12.03
N GLN N 62 10.66 -22.41 -13.10
CA GLN N 62 9.60 -23.41 -13.10
C GLN N 62 10.16 -24.81 -12.92
N ILE N 63 11.40 -25.04 -13.36
CA ILE N 63 12.05 -26.31 -13.11
C ILE N 63 12.57 -26.37 -11.68
N ILE N 64 13.32 -25.36 -11.27
CA ILE N 64 13.92 -25.32 -9.94
C ILE N 64 14.20 -23.88 -9.56
N PRO N 65 13.98 -23.49 -8.30
CA PRO N 65 14.37 -22.14 -7.87
C PRO N 65 15.84 -21.87 -8.07
N LEU N 66 16.20 -20.59 -8.21
CA LEU N 66 17.60 -20.24 -8.51
C LEU N 66 18.48 -20.46 -7.30
N ARG N 67 17.99 -20.08 -6.12
CA ARG N 67 18.77 -20.28 -4.90
C ARG N 67 19.09 -21.75 -4.69
N THR N 68 18.07 -22.61 -4.80
CA THR N 68 18.28 -24.04 -4.68
C THR N 68 19.19 -24.55 -5.79
N LEU N 69 19.07 -23.97 -6.98
CA LEU N 69 19.92 -24.39 -8.09
C LEU N 69 21.39 -24.14 -7.79
N LYS N 70 21.72 -22.92 -7.34
CA LYS N 70 23.12 -22.62 -7.05
C LYS N 70 23.59 -23.37 -5.82
N SER N 71 22.67 -23.69 -4.91
CA SER N 71 23.00 -24.58 -3.80
C SER N 71 23.45 -25.94 -4.32
N ARG N 72 22.66 -26.53 -5.22
CA ARG N 72 23.06 -27.77 -5.89
C ARG N 72 24.43 -27.61 -6.54
N ILE N 73 24.66 -26.45 -7.16
CA ILE N 73 25.93 -26.22 -7.86
C ILE N 73 27.10 -26.25 -6.89
N GLU N 74 26.99 -25.52 -5.79
CA GLU N 74 28.12 -25.35 -4.87
C GLU N 74 28.52 -26.67 -4.24
N ARG N 75 27.54 -27.52 -3.93
CA ARG N 75 27.79 -28.80 -3.28
C ARG N 75 27.99 -29.93 -4.29
N ASP N 76 28.04 -29.61 -5.57
CA ASP N 76 28.20 -30.59 -6.64
C ASP N 76 27.22 -31.75 -6.45
N GLN N 77 25.95 -31.43 -6.31
CA GLN N 77 24.91 -32.42 -6.11
C GLN N 77 23.98 -32.46 -7.31
N PRO N 78 23.65 -33.64 -7.81
CA PRO N 78 22.75 -33.73 -8.96
C PRO N 78 21.33 -33.30 -8.60
N LEU N 79 20.55 -33.01 -9.64
CA LEU N 79 19.16 -32.63 -9.43
C LEU N 79 18.36 -33.78 -8.87
N THR N 80 17.40 -33.46 -8.00
CA THR N 80 16.50 -34.47 -7.46
C THR N 80 15.62 -35.03 -8.57
N VAL N 81 14.94 -36.13 -8.27
CA VAL N 81 14.16 -36.84 -9.27
C VAL N 81 13.03 -35.95 -9.80
N ASP N 82 12.46 -35.09 -8.95
CA ASP N 82 11.38 -34.23 -9.41
C ASP N 82 11.93 -33.09 -10.26
N GLU N 83 13.04 -32.49 -9.83
CA GLU N 83 13.71 -31.49 -10.65
C GLU N 83 14.15 -32.09 -11.98
N SER N 84 14.75 -33.28 -11.94
CA SER N 84 15.19 -33.93 -13.17
C SER N 84 14.00 -34.26 -14.06
N ASP N 85 12.86 -34.62 -13.46
CA ASP N 85 11.69 -34.94 -14.26
C ASP N 85 11.11 -33.70 -14.91
N ARG N 86 11.13 -32.57 -14.20
CA ARG N 86 10.69 -31.31 -14.79
C ARG N 86 11.59 -30.90 -15.94
N LEU N 87 12.91 -31.02 -15.75
CA LEU N 87 13.85 -30.70 -16.81
C LEU N 87 13.64 -31.62 -18.02
N PHE N 88 13.43 -32.91 -17.76
CA PHE N 88 13.17 -33.83 -18.86
C PHE N 88 11.89 -33.48 -19.59
N ARG N 89 10.85 -33.10 -18.85
CA ARG N 89 9.60 -32.71 -19.48
C ARG N 89 9.81 -31.52 -20.39
N SER N 90 10.53 -30.51 -19.90
CA SER N 90 10.84 -29.34 -20.71
C SER N 90 11.57 -29.74 -21.99
N ALA N 91 12.68 -30.47 -21.84
CA ALA N 91 13.49 -30.82 -23.00
C ALA N 91 12.73 -31.74 -23.96
N HIS N 92 11.89 -32.62 -23.43
CA HIS N 92 11.18 -33.58 -24.25
C HIS N 92 10.09 -32.89 -25.06
N ILE N 93 9.33 -31.99 -24.43
CA ILE N 93 8.34 -31.22 -25.16
C ILE N 93 9.02 -30.35 -26.20
N THR N 94 10.16 -29.75 -25.86
CA THR N 94 10.89 -28.94 -26.83
C THR N 94 11.32 -29.78 -28.03
N ALA N 95 11.83 -30.99 -27.76
CA ALA N 95 12.31 -31.84 -28.85
C ALA N 95 11.16 -32.30 -29.74
N MET N 96 10.02 -32.66 -29.15
CA MET N 96 8.89 -33.09 -29.96
C MET N 96 8.33 -31.93 -30.77
N ALA N 97 8.27 -30.74 -30.18
CA ALA N 97 7.81 -29.57 -30.91
C ALA N 97 8.75 -29.24 -32.07
N GLU N 98 10.05 -29.35 -31.83
CA GLU N 98 11.01 -29.09 -32.90
C GLU N 98 10.91 -30.16 -33.99
N ALA N 99 10.56 -31.39 -33.62
CA ALA N 99 10.41 -32.43 -34.63
C ALA N 99 9.15 -32.23 -35.46
N VAL N 100 8.09 -31.73 -34.86
CA VAL N 100 6.83 -31.54 -35.57
C VAL N 100 6.86 -30.27 -36.41
N PHE N 101 7.34 -29.17 -35.85
CA PHE N 101 7.35 -27.90 -36.57
C PHE N 101 8.52 -27.80 -37.54
N GLY N 102 9.63 -28.47 -37.24
CA GLY N 102 10.78 -28.47 -38.12
C GLY N 102 11.77 -27.35 -37.88
N GLU N 103 11.41 -26.34 -37.10
CA GLU N 103 12.29 -25.22 -36.85
C GLU N 103 12.20 -24.84 -35.39
N ALA N 104 13.34 -24.60 -34.77
CA ALA N 104 13.38 -24.31 -33.34
C ALA N 104 12.61 -23.03 -33.02
N GLY N 105 12.71 -22.03 -33.89
CA GLY N 105 12.03 -20.78 -33.68
C GLY N 105 10.53 -20.94 -33.62
N LYS N 106 9.95 -21.53 -34.67
CA LYS N 106 8.51 -21.78 -34.68
C LYS N 106 8.08 -22.63 -33.50
N ALA N 107 8.89 -23.64 -33.16
CA ALA N 107 8.55 -24.53 -32.06
C ALA N 107 8.46 -23.77 -30.75
N LYS N 108 9.52 -23.03 -30.40
CA LYS N 108 9.52 -22.33 -29.12
C LYS N 108 8.48 -21.22 -29.09
N ARG N 109 8.22 -20.59 -30.25
CA ARG N 109 7.14 -19.62 -30.31
C ARG N 109 5.81 -20.26 -29.98
N TRP N 110 5.44 -21.32 -30.70
CA TRP N 110 4.18 -22.01 -30.45
C TRP N 110 4.11 -22.53 -29.03
N LEU N 111 5.25 -22.86 -28.43
CA LEU N 111 5.25 -23.32 -27.05
C LEU N 111 5.11 -22.17 -26.08
N SER N 112 5.44 -20.95 -26.51
CA SER N 112 5.41 -19.79 -25.63
C SER N 112 4.15 -18.94 -25.81
N LYS N 113 3.26 -19.32 -26.72
CA LYS N 113 2.08 -18.47 -26.83
C LYS N 113 0.89 -19.12 -26.13
N PRO N 114 0.05 -18.32 -25.48
CA PRO N 114 -1.11 -18.87 -24.78
C PRO N 114 -2.10 -19.51 -25.75
N LYS N 115 -2.73 -20.59 -25.30
CA LYS N 115 -3.71 -21.31 -26.10
C LYS N 115 -5.10 -21.17 -25.50
N GLU N 116 -6.11 -21.17 -26.37
CA GLU N 116 -7.48 -21.18 -25.88
C GLU N 116 -7.85 -22.53 -25.30
N ARG N 117 -7.26 -23.59 -25.85
CA ARG N 117 -7.48 -24.93 -25.31
C ARG N 117 -7.01 -25.02 -23.86
N PHE N 118 -6.01 -24.21 -23.50
CA PHE N 118 -5.46 -24.21 -22.14
C PHE N 118 -5.92 -23.00 -21.34
N SER N 119 -7.05 -22.40 -21.72
CA SER N 119 -7.62 -21.25 -21.02
C SER N 119 -6.60 -20.13 -20.84
N GLY N 120 -5.86 -19.85 -21.91
CA GLY N 120 -4.88 -18.78 -21.88
C GLY N 120 -3.54 -19.16 -21.31
N LEU N 121 -3.25 -20.44 -21.16
CA LEU N 121 -1.96 -20.90 -20.68
C LEU N 121 -1.10 -21.37 -21.85
N THR N 122 0.19 -21.19 -21.71
CA THR N 122 1.09 -21.64 -22.75
C THR N 122 1.44 -23.11 -22.54
N PRO N 123 1.79 -23.82 -23.62
CA PRO N 123 2.23 -25.22 -23.45
C PRO N 123 3.33 -25.39 -22.43
N MET N 124 4.31 -24.46 -22.38
CA MET N 124 5.37 -24.58 -21.41
C MET N 124 4.85 -24.41 -19.98
N GLN N 125 3.73 -23.70 -19.81
CA GLN N 125 3.09 -23.63 -18.51
C GLN N 125 2.31 -24.89 -18.18
N MET N 126 1.95 -25.68 -19.20
CA MET N 126 1.26 -26.94 -18.99
C MET N 126 2.18 -28.05 -18.49
N LEU N 127 3.49 -27.82 -18.47
CA LEU N 127 4.46 -28.85 -18.15
C LEU N 127 4.69 -28.99 -16.65
N THR N 128 3.74 -28.53 -15.84
CA THR N 128 3.82 -28.68 -14.41
C THR N 128 3.12 -29.93 -13.90
N THR N 129 2.28 -30.55 -14.72
CA THR N 129 1.57 -31.76 -14.34
C THR N 129 1.74 -32.82 -15.43
N GLN N 130 1.50 -34.07 -15.04
CA GLN N 130 1.46 -35.17 -16.00
C GLN N 130 0.42 -34.93 -17.07
N GLN N 131 -0.79 -34.53 -16.66
CA GLN N 131 -1.88 -34.36 -17.60
C GLN N 131 -1.61 -33.23 -18.58
N GLY N 132 -1.03 -32.13 -18.11
CA GLY N 132 -0.74 -31.02 -19.01
C GLY N 132 0.29 -31.37 -20.05
N THR N 133 1.38 -32.02 -19.63
CA THR N 133 2.37 -32.49 -20.57
C THR N 133 1.75 -33.43 -21.59
N THR N 134 0.88 -34.33 -21.13
CA THR N 134 0.22 -35.25 -22.04
C THR N 134 -0.68 -34.51 -23.02
N GLN N 135 -1.34 -33.43 -22.57
CA GLN N 135 -2.16 -32.62 -23.47
C GLN N 135 -1.31 -31.94 -24.53
N VAL N 136 -0.14 -31.44 -24.14
CA VAL N 136 0.75 -30.82 -25.11
C VAL N 136 1.20 -31.83 -26.15
N GLU N 137 1.58 -33.03 -25.69
CA GLU N 137 1.94 -34.10 -26.62
C GLU N 137 0.80 -34.42 -27.57
N GLU N 138 -0.42 -34.46 -27.03
CA GLU N 138 -1.59 -34.77 -27.84
C GLU N 138 -1.78 -33.72 -28.94
N MET N 139 -1.64 -32.45 -28.58
CA MET N 139 -1.83 -31.40 -29.59
C MET N 139 -0.72 -31.44 -30.64
N LEU N 140 0.52 -31.71 -30.20
CA LEU N 140 1.62 -31.85 -31.15
C LEU N 140 1.34 -32.97 -32.14
N LEU N 141 0.89 -34.12 -31.65
CA LEU N 141 0.61 -35.23 -32.55
C LEU N 141 -0.62 -34.99 -33.40
N GLN N 142 -1.58 -34.20 -32.92
CA GLN N 142 -2.71 -33.81 -33.76
C GLN N 142 -2.24 -32.94 -34.91
N ILE N 143 -1.30 -32.03 -34.65
CA ILE N 143 -0.73 -31.22 -35.71
C ILE N 143 0.01 -32.12 -36.70
N ALA N 144 0.79 -33.07 -36.18
CA ALA N 144 1.57 -33.94 -37.06
C ALA N 144 0.68 -34.79 -37.94
N GLU N 145 -0.39 -35.34 -37.38
CA GLU N 145 -1.30 -36.19 -38.12
C GLU N 145 -2.41 -35.43 -38.83
N GLY N 146 -2.40 -34.11 -38.75
CA GLY N 146 -3.41 -33.32 -39.44
C GLY N 146 -4.80 -33.50 -38.90
N TYR N 147 -4.94 -33.69 -37.59
CA TYR N 147 -6.26 -33.84 -36.97
C TYR N 147 -6.72 -32.47 -36.50
N GLY N 148 -7.12 -31.65 -37.47
CA GLY N 148 -7.73 -30.38 -37.17
C GLY N 148 -9.20 -30.54 -36.90
N LEU N 149 -10.03 -29.76 -37.58
CA LEU N 149 -11.49 -29.91 -37.52
C LEU N 149 -12.08 -29.69 -36.13
N MET O 1 -3.93 -39.14 -23.54
CA MET O 1 -3.21 -40.11 -24.36
C MET O 1 -3.05 -41.43 -23.64
N LEU O 2 -2.99 -42.51 -24.43
CA LEU O 2 -2.61 -43.84 -23.95
C LEU O 2 -3.59 -44.39 -22.92
N ALA O 3 -4.72 -43.74 -22.75
CA ALA O 3 -5.79 -44.30 -21.93
C ALA O 3 -7.06 -44.29 -22.76
N GLU O 4 -7.02 -43.57 -23.87
CA GLU O 4 -8.09 -43.56 -24.85
C GLU O 4 -7.93 -44.67 -25.88
N VAL O 5 -6.79 -45.36 -25.86
CA VAL O 5 -6.56 -46.50 -26.73
C VAL O 5 -7.31 -47.73 -26.25
N LEU O 6 -7.81 -47.72 -25.02
CA LEU O 6 -8.57 -48.83 -24.50
C LEU O 6 -9.83 -49.04 -25.32
N ARG O 7 -10.16 -50.31 -25.57
CA ARG O 7 -11.27 -50.56 -26.52
C ARG O 7 -12.65 -50.46 -25.87
N ASP O 8 -13.69 -50.41 -26.70
CA ASP O 8 -15.09 -50.38 -26.21
C ASP O 8 -15.28 -49.46 -25.01
N ASN O 9 -15.38 -50.03 -23.83
CA ASN O 9 -15.74 -49.25 -22.66
C ASN O 9 -14.55 -48.94 -21.75
N GLY O 10 -13.35 -49.37 -22.16
CA GLY O 10 -12.19 -49.23 -21.29
C GLY O 10 -12.06 -47.84 -20.71
N TYR O 11 -11.93 -46.83 -21.58
CA TYR O 11 -11.75 -45.47 -21.11
C TYR O 11 -12.82 -45.08 -20.11
N HIS O 12 -14.07 -45.41 -20.40
CA HIS O 12 -15.14 -45.08 -19.47
C HIS O 12 -14.88 -45.72 -18.12
N GLU O 13 -14.64 -47.03 -18.10
CA GLU O 13 -14.34 -47.72 -16.86
C GLU O 13 -13.12 -47.12 -16.19
N TYR O 14 -12.18 -46.61 -16.99
CA TYR O 14 -11.05 -45.89 -16.44
C TYR O 14 -11.51 -44.68 -15.65
N ARG O 15 -12.27 -43.80 -16.30
CA ARG O 15 -12.66 -42.54 -15.68
C ARG O 15 -13.43 -42.78 -14.38
N ALA O 16 -14.42 -43.68 -14.43
CA ALA O 16 -15.15 -44.04 -13.22
C ALA O 16 -14.20 -44.41 -12.09
N ARG O 17 -13.24 -45.29 -12.37
CA ARG O 17 -12.30 -45.68 -11.33
C ARG O 17 -11.53 -44.48 -10.82
N LEU O 18 -11.11 -43.60 -11.73
CA LEU O 18 -10.45 -42.37 -11.30
C LEU O 18 -11.36 -41.57 -10.40
N GLN O 19 -12.64 -41.45 -10.77
CA GLN O 19 -13.60 -40.75 -9.93
C GLN O 19 -13.66 -41.37 -8.54
N ALA O 20 -13.49 -42.69 -8.46
CA ALA O 20 -13.52 -43.34 -7.15
C ALA O 20 -12.22 -43.12 -6.40
N LEU O 21 -11.09 -43.01 -7.10
CA LEU O 21 -9.81 -42.92 -6.42
C LEU O 21 -9.36 -41.49 -6.13
N LEU O 22 -9.84 -40.52 -6.89
CA LEU O 22 -9.35 -39.16 -6.72
C LEU O 22 -10.44 -38.10 -6.78
N ASP O 23 -11.71 -38.50 -6.82
CA ASP O 23 -12.84 -37.57 -6.88
C ASP O 23 -12.73 -36.65 -8.10
N ILE O 24 -12.37 -37.23 -9.24
CA ILE O 24 -12.24 -36.52 -10.50
C ILE O 24 -13.46 -36.85 -11.34
N PRO O 25 -14.34 -35.90 -11.64
CA PRO O 25 -15.54 -36.20 -12.42
C PRO O 25 -15.24 -36.87 -13.75
N GLU O 26 -16.15 -37.75 -14.18
CA GLU O 26 -15.91 -38.55 -15.38
C GLU O 26 -15.91 -37.69 -16.63
N LEU O 27 -16.72 -36.63 -16.66
CA LEU O 27 -16.86 -35.78 -17.84
C LEU O 27 -15.98 -34.56 -17.79
N ALA O 28 -15.09 -34.48 -16.80
CA ALA O 28 -14.19 -33.34 -16.71
C ALA O 28 -13.14 -33.41 -17.82
N SER O 29 -12.78 -32.25 -18.34
CA SER O 29 -11.77 -32.18 -19.38
C SER O 29 -10.39 -32.41 -18.79
N ASP O 30 -9.45 -32.80 -19.66
CA ASP O 30 -8.09 -33.01 -19.19
C ASP O 30 -7.50 -31.73 -18.61
N PHE O 31 -7.93 -30.58 -19.12
CA PHE O 31 -7.48 -29.32 -18.54
C PHE O 31 -8.04 -29.13 -17.13
N GLU O 32 -9.28 -29.58 -16.91
CA GLU O 32 -9.81 -29.55 -15.54
C GLU O 32 -9.02 -30.46 -14.62
N ILE O 33 -8.54 -31.59 -15.12
CA ILE O 33 -7.67 -32.45 -14.34
C ILE O 33 -6.36 -31.73 -14.02
N HIS O 34 -5.83 -30.99 -15.00
CA HIS O 34 -4.61 -30.23 -14.77
C HIS O 34 -4.82 -29.20 -13.67
N THR O 35 -5.94 -28.48 -13.71
CA THR O 35 -6.22 -27.49 -12.68
C THR O 35 -6.46 -28.14 -11.33
N ARG O 36 -7.04 -29.33 -11.30
CA ARG O 36 -7.22 -30.03 -10.03
C ARG O 36 -5.88 -30.48 -9.46
N ILE O 37 -4.95 -30.86 -10.32
CA ILE O 37 -3.60 -31.20 -9.84
C ILE O 37 -2.91 -29.95 -9.32
N THR O 38 -3.05 -28.83 -10.01
CA THR O 38 -2.34 -27.62 -9.60
C THR O 38 -2.93 -27.04 -8.31
N ASP O 39 -4.26 -27.11 -8.16
CA ASP O 39 -4.89 -26.61 -6.94
C ASP O 39 -4.48 -27.42 -5.72
N GLY O 40 -4.04 -28.64 -5.90
CA GLY O 40 -3.61 -29.48 -4.80
C GLY O 40 -4.74 -30.37 -4.29
N PHE O 41 -4.40 -31.63 -4.04
CA PHE O 41 -5.36 -32.58 -3.50
C PHE O 41 -5.31 -32.57 -1.98
N ALA O 42 -6.40 -33.01 -1.37
CA ALA O 42 -6.50 -33.05 0.08
C ALA O 42 -5.68 -34.21 0.64
N ALA O 43 -4.85 -33.92 1.63
CA ALA O 43 -4.05 -34.97 2.26
C ALA O 43 -4.94 -35.96 3.00
N THR O 44 -6.08 -35.50 3.52
CA THR O 44 -7.03 -36.40 4.16
C THR O 44 -7.51 -37.46 3.18
N TRP O 45 -7.67 -37.08 1.90
CA TRP O 45 -8.01 -38.07 0.90
C TRP O 45 -6.91 -39.11 0.77
N LEU O 46 -5.65 -38.68 0.86
CA LEU O 46 -4.55 -39.62 0.76
C LEU O 46 -4.51 -40.58 1.94
N VAL O 47 -4.77 -40.07 3.15
CA VAL O 47 -4.76 -40.96 4.31
C VAL O 47 -5.94 -41.93 4.24
N LYS O 48 -7.09 -41.47 3.72
CA LYS O 48 -8.21 -42.38 3.55
C LYS O 48 -7.92 -43.41 2.47
N LEU O 49 -7.12 -43.06 1.48
CA LEU O 49 -6.71 -44.03 0.46
C LEU O 49 -5.79 -45.09 1.05
N THR O 50 -4.81 -44.65 1.84
CA THR O 50 -3.86 -45.62 2.39
C THR O 50 -4.50 -46.48 3.47
N GLU O 51 -5.49 -45.95 4.20
CA GLU O 51 -6.20 -46.78 5.16
C GLU O 51 -7.07 -47.81 4.46
N ARG O 52 -7.71 -47.43 3.35
CA ARG O 52 -8.53 -48.37 2.60
C ARG O 52 -7.70 -49.41 1.85
N GLY O 53 -6.38 -49.40 2.00
CA GLY O 53 -5.56 -50.37 1.31
C GLY O 53 -5.40 -50.15 -0.17
N VAL O 54 -5.72 -48.95 -0.66
CA VAL O 54 -5.51 -48.67 -2.08
C VAL O 54 -4.03 -48.45 -2.36
N LEU O 55 -3.31 -47.83 -1.44
CA LEU O 55 -1.86 -47.70 -1.56
C LEU O 55 -1.22 -48.22 -0.28
N THR O 56 0.00 -48.69 -0.42
CA THR O 56 0.77 -49.18 0.70
C THR O 56 1.49 -48.02 1.39
N PRO O 57 1.87 -48.19 2.65
CA PRO O 57 2.56 -47.08 3.35
C PRO O 57 3.83 -46.63 2.65
N VAL O 58 4.55 -47.55 2.00
CA VAL O 58 5.75 -47.14 1.29
C VAL O 58 5.39 -46.36 0.03
N GLU O 59 4.28 -46.73 -0.63
CA GLU O 59 3.82 -45.96 -1.77
C GLU O 59 3.41 -44.55 -1.34
N ARG O 60 2.70 -44.44 -0.21
CA ARG O 60 2.35 -43.14 0.31
C ARG O 60 3.59 -42.31 0.64
N ASP O 61 4.59 -42.96 1.24
CA ASP O 61 5.82 -42.25 1.57
C ASP O 61 6.57 -41.81 0.32
N GLN O 62 6.49 -42.60 -0.75
CA GLN O 62 7.09 -42.19 -2.01
C GLN O 62 6.34 -41.02 -2.62
N ILE O 63 5.03 -40.95 -2.41
CA ILE O 63 4.28 -39.77 -2.82
C ILE O 63 4.61 -38.59 -1.91
N ILE O 64 4.62 -38.82 -0.60
CA ILE O 64 4.84 -37.76 0.37
C ILE O 64 5.33 -38.36 1.68
N PRO O 65 6.42 -37.85 2.25
CA PRO O 65 6.84 -38.31 3.58
C PRO O 65 5.74 -38.13 4.62
N LEU O 66 5.72 -39.02 5.61
CA LEU O 66 4.61 -39.03 6.57
C LEU O 66 4.66 -37.82 7.49
N ARG O 67 5.87 -37.37 7.85
CA ARG O 67 5.99 -36.17 8.67
C ARG O 67 5.45 -34.95 7.95
N THR O 68 5.87 -34.75 6.70
CA THR O 68 5.33 -33.67 5.90
C THR O 68 3.82 -33.82 5.67
N LEU O 69 3.35 -35.06 5.52
CA LEU O 69 1.92 -35.29 5.38
C LEU O 69 1.17 -34.82 6.62
N LYS O 70 1.70 -35.13 7.80
CA LYS O 70 1.06 -34.67 9.03
C LYS O 70 1.11 -33.16 9.15
N SER O 71 2.21 -32.55 8.68
CA SER O 71 2.27 -31.09 8.67
C SER O 71 1.19 -30.49 7.78
N ARG O 72 0.99 -31.07 6.60
CA ARG O 72 -0.06 -30.60 5.70
C ARG O 72 -1.43 -30.75 6.34
N ILE O 73 -1.68 -31.88 6.98
CA ILE O 73 -2.97 -32.11 7.62
C ILE O 73 -3.20 -31.12 8.75
N GLU O 74 -2.15 -30.82 9.51
CA GLU O 74 -2.30 -29.92 10.64
C GLU O 74 -2.58 -28.50 10.16
N ARG O 75 -1.76 -27.99 9.24
CA ARG O 75 -1.99 -26.64 8.74
C ARG O 75 -3.17 -26.54 7.79
N ASP O 76 -3.89 -27.64 7.55
CA ASP O 76 -5.02 -27.68 6.62
C ASP O 76 -4.60 -27.17 5.24
N GLN O 77 -3.47 -27.69 4.77
CA GLN O 77 -2.91 -27.32 3.49
C GLN O 77 -3.15 -28.41 2.46
N PRO O 78 -3.50 -28.05 1.23
CA PRO O 78 -3.53 -29.03 0.16
C PRO O 78 -2.12 -29.44 -0.23
N LEU O 79 -2.04 -30.52 -1.00
CA LEU O 79 -0.74 -31.01 -1.43
C LEU O 79 -0.14 -30.07 -2.47
N THR O 80 1.18 -30.03 -2.51
CA THR O 80 1.87 -29.22 -3.49
C THR O 80 1.63 -29.79 -4.89
N VAL O 81 2.16 -29.08 -5.89
CA VAL O 81 1.92 -29.50 -7.27
C VAL O 81 2.65 -30.81 -7.58
N ASP O 82 3.85 -30.99 -7.02
CA ASP O 82 4.59 -32.21 -7.30
C ASP O 82 4.05 -33.39 -6.49
N GLU O 83 3.67 -33.16 -5.24
CA GLU O 83 3.03 -34.21 -4.46
C GLU O 83 1.71 -34.62 -5.09
N SER O 84 0.89 -33.63 -5.47
CA SER O 84 -0.36 -33.93 -6.15
C SER O 84 -0.11 -34.62 -7.49
N ASP O 85 1.02 -34.29 -8.14
CA ASP O 85 1.35 -34.93 -9.40
C ASP O 85 1.66 -36.40 -9.21
N ARG O 86 2.43 -36.73 -8.18
CA ARG O 86 2.72 -38.12 -7.88
C ARG O 86 1.46 -38.87 -7.48
N LEU O 87 0.60 -38.23 -6.69
CA LEU O 87 -0.67 -38.87 -6.32
C LEU O 87 -1.52 -39.14 -7.55
N PHE O 88 -1.57 -38.18 -8.47
CA PHE O 88 -2.35 -38.38 -9.69
C PHE O 88 -1.75 -39.47 -10.56
N ARG O 89 -0.42 -39.54 -10.64
CA ARG O 89 0.22 -40.63 -11.37
C ARG O 89 -0.20 -41.97 -10.79
N SER O 90 -0.15 -42.10 -9.47
CA SER O 90 -0.54 -43.36 -8.83
C SER O 90 -1.99 -43.70 -9.13
N ALA O 91 -2.89 -42.73 -8.96
CA ALA O 91 -4.31 -43.01 -9.18
C ALA O 91 -4.59 -43.31 -10.64
N HIS O 92 -3.92 -42.61 -11.56
CA HIS O 92 -4.10 -42.84 -12.99
C HIS O 92 -3.65 -44.23 -13.39
N ILE O 93 -2.47 -44.64 -12.93
CA ILE O 93 -1.98 -45.97 -13.29
C ILE O 93 -2.84 -47.04 -12.65
N THR O 94 -3.25 -46.84 -11.40
CA THR O 94 -4.12 -47.81 -10.75
C THR O 94 -5.46 -47.94 -11.47
N ALA O 95 -6.02 -46.82 -11.93
CA ALA O 95 -7.31 -46.87 -12.60
C ALA O 95 -7.18 -47.54 -13.97
N MET O 96 -6.11 -47.27 -14.70
CA MET O 96 -5.93 -47.93 -15.98
C MET O 96 -5.70 -49.43 -15.79
N ALA O 97 -4.96 -49.81 -14.74
CA ALA O 97 -4.75 -51.22 -14.46
C ALA O 97 -6.07 -51.90 -14.08
N GLU O 98 -6.89 -51.23 -13.29
CA GLU O 98 -8.19 -51.79 -12.93
C GLU O 98 -9.09 -51.91 -14.14
N ALA O 99 -8.97 -50.98 -15.10
CA ALA O 99 -9.77 -51.07 -16.32
C ALA O 99 -9.29 -52.22 -17.20
N VAL O 100 -7.98 -52.47 -17.23
CA VAL O 100 -7.46 -53.53 -18.07
C VAL O 100 -7.78 -54.90 -17.48
N PHE O 101 -7.52 -55.07 -16.18
CA PHE O 101 -7.69 -56.37 -15.54
C PHE O 101 -9.10 -56.60 -15.01
N GLY O 102 -9.88 -55.55 -14.82
CA GLY O 102 -11.27 -55.72 -14.42
C GLY O 102 -11.49 -56.05 -12.97
N GLU O 103 -10.44 -56.01 -12.15
CA GLU O 103 -10.59 -56.29 -10.72
C GLU O 103 -9.44 -55.62 -9.99
N ALA O 104 -9.76 -55.00 -8.85
CA ALA O 104 -8.77 -54.21 -8.14
C ALA O 104 -7.63 -55.07 -7.62
N GLY O 105 -7.93 -56.30 -7.18
CA GLY O 105 -6.89 -57.14 -6.61
C GLY O 105 -5.87 -57.58 -7.64
N LYS O 106 -6.33 -58.05 -8.79
CA LYS O 106 -5.41 -58.43 -9.86
C LYS O 106 -4.58 -57.24 -10.31
N ALA O 107 -5.22 -56.07 -10.43
CA ALA O 107 -4.50 -54.88 -10.83
C ALA O 107 -3.42 -54.52 -9.83
N LYS O 108 -3.75 -54.53 -8.54
CA LYS O 108 -2.79 -54.18 -7.51
C LYS O 108 -1.66 -55.20 -7.44
N ARG O 109 -1.95 -56.47 -7.69
CA ARG O 109 -0.91 -57.49 -7.72
C ARG O 109 0.03 -57.27 -8.89
N TRP O 110 -0.53 -57.00 -10.08
CA TRP O 110 0.32 -56.75 -11.24
C TRP O 110 1.15 -55.50 -11.07
N LEU O 111 0.60 -54.48 -10.42
CA LEU O 111 1.34 -53.24 -10.22
C LEU O 111 2.46 -53.39 -9.20
N SER O 112 2.40 -54.42 -8.35
CA SER O 112 3.40 -54.64 -7.32
C SER O 112 4.37 -55.76 -7.68
N LYS O 113 4.24 -56.32 -8.85
CA LYS O 113 5.11 -57.44 -9.20
C LYS O 113 6.26 -56.96 -10.06
N PRO O 114 7.51 -57.24 -9.68
CA PRO O 114 8.65 -56.73 -10.44
C PRO O 114 8.69 -57.30 -11.85
N LYS O 115 9.19 -56.49 -12.78
CA LYS O 115 9.24 -56.85 -14.18
C LYS O 115 10.68 -56.88 -14.65
N GLU O 116 10.96 -57.77 -15.61
CA GLU O 116 12.30 -57.92 -16.14
C GLU O 116 12.69 -56.76 -17.03
N ARG O 117 11.76 -56.28 -17.86
CA ARG O 117 12.06 -55.14 -18.73
C ARG O 117 12.32 -53.86 -17.93
N PHE O 118 11.91 -53.83 -16.66
CA PHE O 118 12.20 -52.70 -15.78
C PHE O 118 13.37 -52.98 -14.85
N SER O 119 14.24 -53.91 -15.25
CA SER O 119 15.42 -54.32 -14.48
C SER O 119 15.06 -54.76 -13.06
N GLY O 120 13.89 -55.33 -12.85
CA GLY O 120 13.51 -55.80 -11.53
C GLY O 120 12.74 -54.80 -10.70
N LEU O 121 12.16 -53.78 -11.33
CA LEU O 121 11.40 -52.76 -10.62
C LEU O 121 9.91 -52.97 -10.85
N THR O 122 9.12 -52.54 -9.88
CA THR O 122 7.68 -52.67 -10.04
C THR O 122 7.13 -51.48 -10.82
N PRO O 123 6.01 -51.66 -11.52
CA PRO O 123 5.38 -50.53 -12.21
C PRO O 123 5.16 -49.32 -11.33
N MET O 124 4.74 -49.52 -10.08
CA MET O 124 4.54 -48.40 -9.17
C MET O 124 5.86 -47.69 -8.85
N GLN O 125 6.99 -48.36 -8.99
CA GLN O 125 8.28 -47.72 -8.85
C GLN O 125 8.70 -46.96 -10.09
N MET O 126 8.10 -47.27 -11.24
CA MET O 126 8.39 -46.56 -12.47
C MET O 126 7.60 -45.27 -12.60
N LEU O 127 6.77 -44.94 -11.60
CA LEU O 127 5.98 -43.71 -11.62
C LEU O 127 6.74 -42.52 -11.05
N THR O 128 8.07 -42.58 -11.04
CA THR O 128 8.88 -41.47 -10.59
C THR O 128 9.18 -40.49 -11.72
N THR O 129 9.15 -40.94 -12.97
CA THR O 129 9.45 -40.10 -14.11
C THR O 129 8.32 -40.20 -15.11
N GLN O 130 8.24 -39.20 -15.98
CA GLN O 130 7.24 -39.22 -17.05
C GLN O 130 7.47 -40.39 -17.99
N GLN O 131 8.74 -40.68 -18.28
CA GLN O 131 9.06 -41.77 -19.20
C GLN O 131 8.63 -43.12 -18.62
N GLY O 132 8.84 -43.32 -17.32
CA GLY O 132 8.43 -44.58 -16.71
C GLY O 132 6.93 -44.73 -16.66
N THR O 133 6.22 -43.63 -16.38
CA THR O 133 4.76 -43.67 -16.45
C THR O 133 4.28 -44.06 -17.84
N THR O 134 4.90 -43.47 -18.86
CA THR O 134 4.53 -43.81 -20.23
C THR O 134 4.84 -45.29 -20.52
N GLN O 135 5.94 -45.80 -19.99
CA GLN O 135 6.28 -47.20 -20.18
C GLN O 135 5.24 -48.12 -19.54
N VAL O 136 4.78 -47.75 -18.34
CA VAL O 136 3.75 -48.55 -17.69
C VAL O 136 2.46 -48.52 -18.48
N GLU O 137 2.10 -47.36 -19.02
CA GLU O 137 0.90 -47.27 -19.85
C GLU O 137 1.05 -48.13 -21.10
N GLU O 138 2.23 -48.12 -21.70
CA GLU O 138 2.47 -48.94 -22.89
C GLU O 138 2.36 -50.42 -22.57
N MET O 139 2.90 -50.85 -21.43
CA MET O 139 2.79 -52.27 -21.07
C MET O 139 1.35 -52.65 -20.78
N LEU O 140 0.60 -51.77 -20.12
CA LEU O 140 -0.82 -52.03 -19.90
C LEU O 140 -1.56 -52.17 -21.23
N LEU O 141 -1.24 -51.32 -22.20
CA LEU O 141 -1.89 -51.44 -23.51
C LEU O 141 -1.46 -52.71 -24.22
N GLN O 142 -0.20 -53.11 -24.07
CA GLN O 142 0.26 -54.37 -24.63
C GLN O 142 -0.53 -55.53 -24.07
N ILE O 143 -0.77 -55.52 -22.76
CA ILE O 143 -1.57 -56.58 -22.14
C ILE O 143 -3.00 -56.51 -22.65
N ALA O 144 -3.52 -55.30 -22.87
CA ALA O 144 -4.89 -55.16 -23.34
C ALA O 144 -5.07 -55.76 -24.72
N GLU O 145 -4.14 -55.51 -25.63
CA GLU O 145 -4.16 -56.14 -26.94
C GLU O 145 -3.70 -57.58 -26.80
N GLY O 146 -4.56 -58.53 -27.19
CA GLY O 146 -4.35 -59.92 -26.93
C GLY O 146 -5.12 -60.43 -25.74
N TYR O 147 -5.44 -59.55 -24.79
CA TYR O 147 -6.34 -59.84 -23.69
C TYR O 147 -5.86 -61.02 -22.85
N GLY O 148 -4.75 -60.83 -22.15
CA GLY O 148 -4.20 -61.82 -21.26
C GLY O 148 -2.79 -61.47 -20.85
N LEU O 149 -2.47 -61.67 -19.58
CA LEU O 149 -1.21 -61.20 -19.00
C LEU O 149 -0.01 -61.92 -19.60
N PRO P 14 -22.15 -22.18 -61.30
CA PRO P 14 -21.21 -22.20 -60.17
C PRO P 14 -21.64 -21.26 -59.06
N ILE P 15 -21.09 -21.46 -57.86
CA ILE P 15 -21.42 -20.67 -56.69
C ILE P 15 -20.15 -20.02 -56.17
N LEU P 16 -20.22 -18.72 -55.91
CA LEU P 16 -19.12 -17.98 -55.34
C LEU P 16 -19.47 -17.47 -53.95
N TRP P 17 -18.46 -17.06 -53.22
CA TRP P 17 -18.61 -16.68 -51.81
C TRP P 17 -17.90 -15.36 -51.56
N ARG P 18 -18.59 -14.46 -50.87
CA ARG P 18 -18.03 -13.16 -50.53
C ARG P 18 -18.16 -12.94 -49.04
N ILE P 19 -17.25 -12.13 -48.48
CA ILE P 19 -17.31 -11.72 -47.09
C ILE P 19 -17.13 -10.22 -47.05
N SER P 20 -18.19 -9.50 -46.72
CA SER P 20 -18.13 -8.04 -46.77
C SER P 20 -19.25 -7.46 -45.93
N ALA P 21 -19.08 -6.20 -45.55
CA ALA P 21 -20.06 -5.50 -44.73
C ALA P 21 -21.34 -5.20 -45.48
N TYR P 22 -21.43 -5.54 -46.76
CA TYR P 22 -22.58 -5.20 -47.58
C TYR P 22 -23.17 -6.47 -48.19
N ALA P 23 -24.50 -6.52 -48.23
CA ALA P 23 -25.22 -7.67 -48.75
C ALA P 23 -25.58 -7.53 -50.22
N ASP P 24 -24.95 -6.61 -50.93
CA ASP P 24 -25.21 -6.43 -52.35
C ASP P 24 -23.98 -6.84 -53.17
N LEU P 25 -24.09 -6.66 -54.48
CA LEU P 25 -22.98 -6.87 -55.40
C LEU P 25 -22.60 -5.57 -56.10
N SER P 26 -22.77 -4.44 -55.41
CA SER P 26 -22.54 -3.15 -56.03
C SER P 26 -21.05 -2.92 -56.28
N GLY P 27 -20.21 -3.18 -55.28
CA GLY P 27 -18.80 -2.92 -55.43
C GLY P 27 -18.43 -1.46 -55.57
N THR P 28 -19.29 -0.54 -55.14
CA THR P 28 -19.05 0.88 -55.34
C THR P 28 -17.80 1.34 -54.61
N GLY P 29 -17.43 0.67 -53.52
CA GLY P 29 -16.22 1.03 -52.80
C GLY P 29 -14.97 0.96 -53.63
N GLY P 30 -14.97 0.15 -54.69
CA GLY P 30 -13.83 0.10 -55.58
C GLY P 30 -13.61 1.36 -56.39
N LEU P 31 -14.60 2.24 -56.46
CA LEU P 31 -14.42 3.51 -57.14
C LEU P 31 -13.37 4.38 -56.45
N ARG P 32 -13.12 4.16 -55.15
CA ARG P 32 -12.18 5.01 -54.44
C ARG P 32 -11.20 4.23 -53.58
N VAL P 33 -11.17 2.90 -53.71
CA VAL P 33 -10.25 2.07 -52.92
C VAL P 33 -9.67 1.02 -53.84
N SER P 34 -8.36 0.78 -53.72
CA SER P 34 -7.66 -0.18 -54.55
C SER P 34 -7.42 -1.47 -53.79
N GLY P 35 -7.11 -2.52 -54.54
CA GLY P 35 -6.80 -3.82 -53.96
C GLY P 35 -5.59 -4.45 -54.60
N ARG P 36 -5.48 -5.77 -54.51
CA ARG P 36 -4.39 -6.46 -55.18
C ARG P 36 -4.64 -6.58 -56.67
N TRP P 37 -5.89 -6.73 -57.08
CA TRP P 37 -6.24 -7.01 -58.47
C TRP P 37 -6.89 -5.82 -59.17
N HIS P 38 -6.85 -4.64 -58.57
CA HIS P 38 -7.47 -3.48 -59.20
C HIS P 38 -6.94 -2.21 -58.58
N GLN P 39 -6.99 -1.14 -59.36
CA GLN P 39 -6.69 0.20 -58.90
C GLN P 39 -8.00 0.96 -58.69
N ALA P 40 -7.96 1.95 -57.80
CA ALA P 40 -9.16 2.73 -57.50
C ALA P 40 -9.67 3.41 -58.75
N GLY P 41 -11.00 3.42 -58.90
CA GLY P 41 -11.62 4.04 -60.05
C GLY P 41 -12.60 3.12 -60.73
N ARG P 42 -12.50 1.83 -60.43
CA ARG P 42 -13.33 0.81 -61.03
C ARG P 42 -14.16 0.10 -59.97
N PRO P 43 -15.42 -0.14 -60.23
CA PRO P 43 -16.21 -0.98 -59.32
C PRO P 43 -15.92 -2.45 -59.54
N VAL P 44 -15.70 -3.19 -58.46
CA VAL P 44 -15.30 -4.59 -58.55
C VAL P 44 -15.59 -5.25 -57.22
N VAL P 45 -15.94 -6.53 -57.26
CA VAL P 45 -16.14 -7.31 -56.04
C VAL P 45 -15.28 -8.56 -56.09
N TYR P 46 -14.60 -8.85 -54.99
CA TYR P 46 -13.78 -10.03 -54.88
C TYR P 46 -14.60 -11.15 -54.26
N ALA P 47 -14.38 -12.39 -54.73
CA ALA P 47 -15.10 -13.53 -54.21
C ALA P 47 -14.18 -14.74 -54.17
N ALA P 48 -14.61 -15.75 -53.44
CA ALA P 48 -13.91 -17.02 -53.36
C ALA P 48 -14.85 -18.16 -53.75
N THR P 49 -14.26 -19.31 -54.03
CA THR P 49 -15.02 -20.51 -54.38
C THR P 49 -15.45 -21.30 -53.15
N SER P 50 -15.04 -20.87 -51.96
CA SER P 50 -15.32 -21.60 -50.74
C SER P 50 -15.34 -20.63 -49.59
N PRO P 51 -16.32 -20.70 -48.70
CA PRO P 51 -16.37 -19.78 -47.56
C PRO P 51 -15.09 -19.80 -46.73
N PRO P 52 -14.46 -20.97 -46.51
CA PRO P 52 -13.14 -20.92 -45.86
C PRO P 52 -12.12 -20.14 -46.66
N GLY P 53 -12.18 -20.19 -47.99
CA GLY P 53 -11.28 -19.38 -48.79
C GLY P 53 -11.44 -17.90 -48.52
N ALA P 54 -12.69 -17.42 -48.59
CA ALA P 54 -12.96 -16.02 -48.31
C ALA P 54 -12.52 -15.64 -46.91
N MET P 55 -12.82 -16.47 -45.91
CA MET P 55 -12.45 -16.16 -44.54
C MET P 55 -10.95 -16.09 -44.36
N LEU P 56 -10.23 -17.05 -44.93
CA LEU P 56 -8.78 -17.07 -44.79
C LEU P 56 -8.16 -15.86 -45.47
N GLU P 57 -8.62 -15.53 -46.69
CA GLU P 57 -8.11 -14.34 -47.36
C GLU P 57 -8.34 -13.10 -46.52
N VAL P 58 -9.56 -12.92 -46.02
CA VAL P 58 -9.89 -11.73 -45.23
C VAL P 58 -9.01 -11.66 -43.98
N LEU P 59 -8.85 -12.78 -43.28
CA LEU P 59 -8.11 -12.76 -42.02
C LEU P 59 -6.62 -12.53 -42.25
N VAL P 60 -6.07 -13.09 -43.32
CA VAL P 60 -4.63 -13.00 -43.52
C VAL P 60 -4.24 -11.66 -44.11
N HIS P 61 -4.91 -11.24 -45.18
CA HIS P 61 -4.47 -10.05 -45.90
C HIS P 61 -4.90 -8.76 -45.21
N LEU P 62 -6.00 -8.78 -44.48
CA LEU P 62 -6.43 -7.62 -43.71
C LEU P 62 -6.03 -7.71 -42.25
N GLU P 63 -5.35 -8.78 -41.85
CA GLU P 63 -4.75 -8.93 -40.53
C GLU P 63 -5.79 -8.74 -39.42
N ILE P 64 -6.86 -9.53 -39.48
CA ILE P 64 -7.93 -9.47 -38.49
C ILE P 64 -7.82 -10.68 -37.59
N ASP P 65 -7.77 -10.44 -36.28
CA ASP P 65 -7.83 -11.54 -35.33
C ASP P 65 -9.28 -11.97 -35.11
N PRO P 66 -9.51 -13.25 -34.82
CA PRO P 66 -10.88 -13.72 -34.64
C PRO P 66 -11.64 -13.00 -33.54
N GLU P 67 -10.95 -12.51 -32.51
CA GLU P 67 -11.64 -11.75 -31.48
C GLU P 67 -12.07 -10.37 -31.94
N ASP P 68 -11.46 -9.86 -33.01
CA ASP P 68 -11.80 -8.56 -33.57
C ASP P 68 -12.60 -8.67 -34.86
N PHE P 69 -13.13 -9.83 -35.16
CA PHE P 69 -13.90 -10.01 -36.39
C PHE P 69 -15.14 -9.12 -36.35
N PRO P 70 -15.34 -8.26 -37.34
CA PRO P 70 -16.42 -7.27 -37.24
C PRO P 70 -17.79 -7.92 -37.15
N THR P 71 -18.69 -7.23 -36.47
CA THR P 71 -20.09 -7.63 -36.40
C THR P 71 -20.85 -7.17 -37.64
N THR P 72 -20.20 -6.43 -38.53
CA THR P 72 -20.84 -5.94 -39.74
C THR P 72 -20.59 -6.83 -40.95
N MET P 73 -19.52 -7.61 -40.95
CA MET P 73 -19.23 -8.48 -42.08
C MET P 73 -20.28 -9.57 -42.19
N ARG P 74 -20.67 -9.85 -43.42
CA ARG P 74 -21.62 -10.91 -43.73
C ARG P 74 -21.03 -11.81 -44.79
N LEU P 75 -21.46 -13.07 -44.75
CA LEU P 75 -21.06 -14.09 -45.72
C LEU P 75 -22.17 -14.22 -46.75
N LEU P 76 -21.81 -14.06 -48.02
CA LEU P 76 -22.77 -13.97 -49.11
C LEU P 76 -22.52 -15.10 -50.10
N ARG P 77 -23.57 -15.85 -50.38
CA ARG P 77 -23.58 -16.89 -51.39
C ARG P 77 -24.11 -16.29 -52.69
N ILE P 78 -23.35 -16.46 -53.77
CA ILE P 78 -23.69 -15.90 -55.06
C ILE P 78 -23.89 -17.07 -56.02
N GLU P 79 -25.14 -17.31 -56.39
CA GLU P 79 -25.49 -18.33 -57.35
C GLU P 79 -25.54 -17.71 -58.74
N LEU P 80 -24.92 -18.38 -59.70
CA LEU P 80 -24.72 -17.87 -61.04
C LEU P 80 -25.09 -18.93 -62.07
N PRO P 81 -25.75 -18.54 -63.15
CA PRO P 81 -26.08 -19.51 -64.21
C PRO P 81 -24.82 -20.07 -64.86
N ASP P 82 -24.97 -21.26 -65.44
CA ASP P 82 -23.87 -21.96 -66.08
C ASP P 82 -23.53 -21.39 -67.44
N THR P 83 -24.42 -20.60 -68.02
CA THR P 83 -24.17 -19.90 -69.27
C THR P 83 -23.71 -18.49 -68.96
N VAL P 84 -22.55 -18.40 -68.29
CA VAL P 84 -22.00 -17.12 -67.85
C VAL P 84 -20.62 -16.96 -68.45
N SER P 85 -20.23 -15.72 -68.69
CA SER P 85 -18.96 -15.44 -69.33
C SER P 85 -17.86 -15.27 -68.29
N GLN P 86 -16.70 -15.83 -68.60
CA GLN P 86 -15.52 -15.65 -67.75
C GLN P 86 -14.30 -15.55 -68.66
N ALA P 87 -13.41 -14.62 -68.31
CA ALA P 87 -12.23 -14.34 -69.09
C ALA P 87 -11.09 -15.24 -68.62
N GLN P 88 -9.94 -15.09 -69.27
CA GLN P 88 -8.74 -15.83 -68.90
C GLN P 88 -7.63 -14.85 -68.59
N LEU P 89 -6.76 -15.23 -67.66
CA LEU P 89 -5.67 -14.38 -67.25
C LEU P 89 -4.40 -14.78 -67.99
N PRO P 90 -3.57 -13.84 -68.42
CA PRO P 90 -2.29 -14.21 -69.03
C PRO P 90 -1.43 -15.05 -68.11
N ALA P 91 -0.52 -15.83 -68.66
CA ALA P 91 0.41 -16.59 -67.84
C ALA P 91 1.27 -15.63 -67.01
N LEU P 92 1.36 -15.91 -65.72
CA LEU P 92 2.12 -15.07 -64.80
C LEU P 92 3.52 -15.63 -64.63
N GLN P 93 4.37 -14.87 -63.95
CA GLN P 93 5.72 -15.29 -63.65
C GLN P 93 5.92 -15.28 -62.15
N PRO P 94 6.78 -16.17 -61.63
CA PRO P 94 7.01 -16.22 -60.19
C PRO P 94 7.40 -14.87 -59.63
N GLY P 95 6.85 -14.56 -58.46
CA GLY P 95 7.04 -13.27 -57.83
C GLY P 95 5.89 -12.30 -57.99
N TRP P 96 4.81 -12.73 -58.65
CA TRP P 96 3.69 -11.82 -58.88
C TRP P 96 3.00 -11.41 -57.58
N SER P 97 3.07 -12.27 -56.55
CA SER P 97 2.49 -11.92 -55.27
C SER P 97 3.13 -10.68 -54.66
N ALA P 98 4.34 -10.33 -55.09
CA ALA P 98 5.01 -9.12 -54.64
C ALA P 98 5.08 -8.05 -55.73
N GLN P 99 4.33 -8.23 -56.82
CA GLN P 99 4.28 -7.27 -57.92
C GLN P 99 2.85 -6.78 -58.03
N PRO P 100 2.42 -5.89 -57.12
CA PRO P 100 1.01 -5.50 -57.11
C PRO P 100 0.59 -4.71 -58.33
N GLU P 101 1.50 -3.97 -58.94
CA GLU P 101 1.13 -3.17 -60.10
C GLU P 101 0.75 -4.05 -61.28
N LEU P 102 1.43 -5.19 -61.44
CA LEU P 102 1.10 -6.11 -62.54
C LEU P 102 -0.29 -6.69 -62.35
N THR P 103 -0.59 -7.17 -61.14
CA THR P 103 -1.91 -7.74 -60.87
C THR P 103 -2.99 -6.68 -61.02
N ARG P 104 -2.73 -5.47 -60.54
CA ARG P 104 -3.69 -4.39 -60.71
C ARG P 104 -3.89 -4.04 -62.17
N THR P 105 -2.82 -4.09 -62.97
CA THR P 105 -2.94 -3.82 -64.40
C THR P 105 -3.83 -4.87 -65.07
N LEU P 106 -3.60 -6.15 -64.76
CA LEU P 106 -4.39 -7.20 -65.38
C LEU P 106 -5.86 -7.08 -64.98
N GLY P 107 -6.12 -6.83 -63.70
CA GLY P 107 -7.50 -6.67 -63.26
C GLY P 107 -8.17 -5.45 -63.85
N ASN P 108 -7.43 -4.34 -63.96
CA ASN P 108 -7.97 -3.13 -64.59
C ASN P 108 -8.31 -3.39 -66.05
N ARG P 109 -7.45 -4.09 -66.76
CA ARG P 109 -7.75 -4.43 -68.15
C ARG P 109 -9.01 -5.27 -68.23
N PHE P 110 -9.13 -6.28 -67.38
CA PHE P 110 -10.35 -7.10 -67.39
C PHE P 110 -11.58 -6.27 -67.10
N LEU P 111 -11.48 -5.34 -66.15
CA LEU P 111 -12.65 -4.58 -65.73
C LEU P 111 -13.03 -3.53 -66.77
N ASP P 112 -12.05 -3.00 -67.48
CA ASP P 112 -12.32 -1.93 -68.43
C ASP P 112 -12.78 -2.47 -69.78
N ASP P 113 -12.19 -3.56 -70.25
CA ASP P 113 -12.65 -4.14 -71.51
C ASP P 113 -14.08 -4.66 -71.42
N CYS P 114 -14.55 -4.98 -70.21
CA CYS P 114 -15.89 -5.52 -70.01
C CYS P 114 -16.13 -6.74 -70.90
N SER P 115 -15.10 -7.56 -71.05
CA SER P 115 -15.20 -8.73 -71.94
C SER P 115 -16.05 -9.83 -71.32
N ALA P 116 -15.97 -10.01 -70.01
CA ALA P 116 -16.70 -11.08 -69.35
C ALA P 116 -17.05 -10.62 -67.94
N LEU P 117 -17.93 -11.40 -67.30
CA LEU P 117 -18.38 -11.08 -65.95
C LEU P 117 -17.41 -11.57 -64.89
N LEU P 118 -16.74 -12.69 -65.13
CA LEU P 118 -15.87 -13.30 -64.14
C LEU P 118 -14.42 -13.25 -64.60
N LEU P 119 -13.53 -13.14 -63.64
CA LEU P 119 -12.10 -13.31 -63.89
C LEU P 119 -11.51 -14.23 -62.83
N PRO P 120 -11.07 -15.43 -63.19
CA PRO P 120 -10.44 -16.31 -62.19
C PRO P 120 -8.99 -15.94 -61.99
N VAL P 121 -8.59 -15.83 -60.72
CA VAL P 121 -7.22 -15.46 -60.37
C VAL P 121 -6.69 -16.45 -59.35
N PRO P 122 -5.39 -16.69 -59.31
CA PRO P 122 -4.83 -17.56 -58.26
C PRO P 122 -4.76 -16.83 -56.93
N SER P 123 -4.87 -17.61 -55.86
CA SER P 123 -4.72 -17.06 -54.52
C SER P 123 -3.26 -16.88 -54.18
N ALA P 124 -2.97 -15.93 -53.30
CA ALA P 124 -1.62 -15.66 -52.85
C ALA P 124 -1.25 -16.41 -51.59
N ILE P 125 -2.15 -17.25 -51.08
CA ILE P 125 -1.94 -17.96 -49.82
C ILE P 125 -1.83 -19.46 -50.06
N MET P 126 -2.77 -20.04 -50.78
CA MET P 126 -2.81 -21.49 -50.94
C MET P 126 -2.70 -21.86 -52.40
N PRO P 127 -1.95 -22.92 -52.71
CA PRO P 127 -1.91 -23.42 -54.09
C PRO P 127 -3.19 -24.15 -54.46
N SER P 128 -3.41 -24.30 -55.77
CA SER P 128 -4.61 -24.92 -56.33
C SER P 128 -5.88 -24.24 -55.81
N THR P 129 -5.79 -22.94 -55.56
CA THR P 129 -6.92 -22.16 -55.08
C THR P 129 -7.19 -21.03 -56.06
N THR P 130 -8.46 -20.86 -56.40
CA THR P 130 -8.88 -19.88 -57.39
C THR P 130 -9.89 -18.92 -56.76
N ASN P 131 -9.51 -17.65 -56.65
CA ASN P 131 -10.44 -16.59 -56.30
C ASN P 131 -11.00 -15.99 -57.58
N TYR P 132 -11.95 -15.08 -57.44
CA TYR P 132 -12.63 -14.54 -58.60
C TYR P 132 -12.87 -13.04 -58.45
N LEU P 133 -12.75 -12.33 -59.55
CA LEU P 133 -13.18 -10.94 -59.65
C LEU P 133 -14.50 -10.91 -60.39
N PHE P 134 -15.44 -10.10 -59.88
CA PHE P 134 -16.77 -9.97 -60.45
C PHE P 134 -17.00 -8.50 -60.77
N ASN P 135 -17.38 -8.23 -62.02
CA ASN P 135 -17.54 -6.86 -62.50
C ASN P 135 -19.01 -6.47 -62.46
N PRO P 136 -19.39 -5.50 -61.63
CA PRO P 136 -20.82 -5.19 -61.50
C PRO P 136 -21.43 -4.54 -62.73
N ARG P 137 -20.63 -3.83 -63.54
CA ARG P 137 -21.19 -3.13 -64.68
C ARG P 137 -21.39 -4.02 -65.89
N HIS P 138 -20.94 -5.26 -65.85
CA HIS P 138 -21.20 -6.19 -66.94
C HIS P 138 -22.70 -6.47 -67.03
N PRO P 139 -23.23 -6.67 -68.24
CA PRO P 139 -24.67 -6.88 -68.39
C PRO P 139 -25.15 -8.22 -67.86
N GLN P 140 -24.26 -9.04 -67.32
CA GLN P 140 -24.64 -10.32 -66.76
C GLN P 140 -24.72 -10.30 -65.24
N ALA P 141 -24.37 -9.20 -64.59
CA ALA P 141 -24.43 -9.13 -63.15
C ALA P 141 -25.86 -9.18 -62.61
N GLN P 142 -26.85 -8.97 -63.47
CA GLN P 142 -28.24 -9.05 -63.00
C GLN P 142 -28.67 -10.50 -62.82
N SER P 143 -28.07 -11.43 -63.56
CA SER P 143 -28.43 -12.84 -63.43
C SER P 143 -27.95 -13.46 -62.13
N ALA P 144 -27.14 -12.75 -61.35
CA ALA P 144 -26.64 -13.30 -60.10
C ALA P 144 -27.72 -13.24 -59.04
N LYS P 145 -27.85 -14.31 -58.27
CA LYS P 145 -28.73 -14.34 -57.12
C LYS P 145 -27.89 -14.45 -55.85
N ILE P 146 -28.32 -13.77 -54.79
CA ILE P 146 -27.51 -13.63 -53.59
C ILE P 146 -28.31 -14.09 -52.38
N GLN P 147 -27.60 -14.62 -51.39
CA GLN P 147 -28.23 -15.05 -50.15
C GLN P 147 -27.22 -14.92 -49.01
N VAL P 148 -27.67 -14.44 -47.87
CA VAL P 148 -26.81 -14.28 -46.71
C VAL P 148 -26.80 -15.59 -45.92
N GLU P 149 -25.62 -16.13 -45.67
CA GLU P 149 -25.45 -17.32 -44.84
C GLU P 149 -25.06 -16.87 -43.44
N ASP P 150 -25.96 -17.07 -42.48
CA ASP P 150 -25.71 -16.61 -41.12
C ASP P 150 -24.65 -17.47 -40.44
N PHE P 151 -23.96 -16.85 -39.49
CA PHE P 151 -22.99 -17.54 -38.66
C PHE P 151 -23.67 -18.03 -37.38
N THR P 152 -23.51 -19.31 -37.09
CA THR P 152 -24.10 -19.91 -35.91
C THR P 152 -23.00 -20.37 -34.98
N PRO P 153 -23.28 -20.59 -33.69
CA PRO P 153 -22.24 -21.03 -32.76
C PRO P 153 -21.55 -22.34 -33.15
N ASP P 154 -22.15 -23.12 -34.05
CA ASP P 154 -21.53 -24.34 -34.56
C ASP P 154 -20.87 -24.13 -35.91
N SER P 155 -20.86 -22.89 -36.41
CA SER P 155 -20.21 -22.57 -37.67
C SER P 155 -19.48 -21.24 -37.55
N ARG P 156 -18.78 -21.02 -36.45
CA ARG P 156 -18.22 -19.72 -36.14
C ARG P 156 -16.87 -19.89 -35.46
N LEU P 157 -15.89 -19.09 -35.90
CA LEU P 157 -14.59 -19.04 -35.25
C LEU P 157 -14.37 -17.76 -34.46
N PHE P 158 -15.33 -16.86 -34.44
CA PHE P 158 -15.20 -15.60 -33.72
C PHE P 158 -16.17 -15.52 -32.56
N MET Q 1 -15.19 11.90 -50.40
CA MET Q 1 -16.52 11.60 -50.89
C MET Q 1 -17.35 10.93 -49.80
N LEU Q 2 -16.81 9.86 -49.23
CA LEU Q 2 -17.44 9.09 -48.16
C LEU Q 2 -18.80 8.53 -48.57
N ALA Q 3 -19.07 8.43 -49.87
CA ALA Q 3 -20.16 7.62 -50.37
C ALA Q 3 -19.71 6.18 -50.59
N GLU Q 4 -18.42 5.91 -50.46
CA GLU Q 4 -17.90 4.56 -50.50
C GLU Q 4 -18.04 3.86 -49.16
N VAL Q 5 -18.19 4.62 -48.07
CA VAL Q 5 -18.57 4.02 -46.80
C VAL Q 5 -20.02 3.58 -46.85
N LEU Q 6 -20.68 3.85 -47.98
CA LEU Q 6 -22.09 3.42 -48.17
C LEU Q 6 -22.94 3.92 -47.00
N ARG Q 7 -23.44 5.16 -47.11
CA ARG Q 7 -24.32 5.74 -46.05
C ARG Q 7 -24.94 4.62 -45.21
N ASP Q 8 -25.60 3.65 -45.85
CA ASP Q 8 -26.16 2.47 -45.12
C ASP Q 8 -25.45 2.33 -43.78
N ASN Q 9 -25.98 2.97 -42.75
CA ASN Q 9 -25.37 2.93 -41.39
C ASN Q 9 -23.97 3.56 -41.44
N GLY Q 10 -23.05 3.00 -42.22
CA GLY Q 10 -21.67 3.49 -42.30
C GLY Q 10 -21.52 4.97 -42.02
N TYR Q 11 -21.83 5.81 -43.01
CA TYR Q 11 -21.57 7.25 -42.83
C TYR Q 11 -22.31 7.75 -41.61
N HIS Q 12 -23.60 7.42 -41.52
CA HIS Q 12 -24.37 7.83 -40.32
C HIS Q 12 -23.57 7.41 -39.07
N GLU Q 13 -23.25 6.13 -38.95
CA GLU Q 13 -22.58 5.67 -37.74
C GLU Q 13 -21.23 6.35 -37.58
N TYR Q 14 -20.52 6.57 -38.70
CA TYR Q 14 -19.26 7.29 -38.64
C TYR Q 14 -19.46 8.66 -37.99
N ARG Q 15 -20.42 9.44 -38.49
CA ARG Q 15 -20.65 10.78 -37.97
C ARG Q 15 -21.20 10.74 -36.55
N ALA Q 16 -21.94 9.68 -36.20
CA ALA Q 16 -22.45 9.57 -34.83
C ALA Q 16 -21.31 9.39 -33.85
N ARG Q 17 -20.39 8.46 -34.14
CA ARG Q 17 -19.23 8.28 -33.29
C ARG Q 17 -18.35 9.52 -33.28
N LEU Q 18 -18.30 10.23 -34.41
CA LEU Q 18 -17.50 11.45 -34.46
C LEU Q 18 -18.11 12.56 -33.62
N GLN Q 19 -19.44 12.67 -33.62
CA GLN Q 19 -20.12 13.60 -32.73
C GLN Q 19 -19.86 13.24 -31.28
N ALA Q 20 -19.91 11.94 -30.95
CA ALA Q 20 -19.66 11.56 -29.57
C ALA Q 20 -18.23 11.84 -29.14
N LEU Q 21 -17.28 11.67 -30.06
CA LEU Q 21 -15.87 11.79 -29.71
C LEU Q 21 -15.33 13.20 -29.79
N LEU Q 22 -15.94 14.08 -30.61
CA LEU Q 22 -15.38 15.41 -30.81
C LEU Q 22 -16.43 16.51 -30.72
N ASP Q 23 -17.66 16.17 -30.32
CA ASP Q 23 -18.75 17.12 -30.33
C ASP Q 23 -18.81 17.85 -31.67
N ILE Q 24 -18.66 17.09 -32.75
CA ILE Q 24 -18.72 17.63 -34.10
C ILE Q 24 -20.09 17.28 -34.66
N PRO Q 25 -20.94 18.26 -34.95
CA PRO Q 25 -22.29 17.96 -35.43
C PRO Q 25 -22.27 17.06 -36.66
N GLU Q 26 -23.14 16.06 -36.64
CA GLU Q 26 -23.24 15.08 -37.71
C GLU Q 26 -23.90 15.63 -38.96
N LEU Q 27 -24.44 16.85 -38.91
CA LEU Q 27 -24.99 17.53 -40.08
C LEU Q 27 -24.07 18.64 -40.57
N ALA Q 28 -22.94 18.87 -39.90
CA ALA Q 28 -22.02 19.89 -40.33
C ALA Q 28 -21.31 19.46 -41.62
N SER Q 29 -21.08 20.42 -42.50
CA SER Q 29 -20.37 20.13 -43.74
C SER Q 29 -18.89 19.89 -43.46
N ASP Q 30 -18.21 19.34 -44.47
CA ASP Q 30 -16.78 19.11 -44.34
C ASP Q 30 -16.03 20.41 -44.11
N PHE Q 31 -16.49 21.49 -44.75
CA PHE Q 31 -15.89 22.80 -44.47
C PHE Q 31 -16.14 23.22 -43.04
N GLU Q 32 -17.31 22.89 -42.50
CA GLU Q 32 -17.57 23.18 -41.09
C GLU Q 32 -16.62 22.40 -40.18
N ILE Q 33 -16.34 21.14 -40.55
CA ILE Q 33 -15.39 20.35 -39.78
C ILE Q 33 -14.00 20.98 -39.82
N HIS Q 34 -13.58 21.41 -41.02
CA HIS Q 34 -12.27 22.05 -41.15
C HIS Q 34 -12.21 23.33 -40.32
N THR Q 35 -13.28 24.12 -40.34
CA THR Q 35 -13.30 25.34 -39.54
C THR Q 35 -13.24 25.02 -38.05
N ARG Q 36 -13.96 23.98 -37.61
CA ARG Q 36 -13.89 23.59 -36.21
C ARG Q 36 -12.50 23.16 -35.81
N ILE Q 37 -11.79 22.47 -36.71
CA ILE Q 37 -10.42 22.07 -36.39
C ILE Q 37 -9.51 23.29 -36.32
N THR Q 38 -9.73 24.27 -37.21
CA THR Q 38 -8.90 25.46 -37.19
C THR Q 38 -9.14 26.30 -35.94
N ASP Q 39 -10.39 26.41 -35.51
CA ASP Q 39 -10.72 27.19 -34.32
C ASP Q 39 -10.12 26.60 -33.06
N GLY Q 40 -9.67 25.35 -33.11
CA GLY Q 40 -9.05 24.73 -31.96
C GLY Q 40 -10.03 23.88 -31.16
N PHE Q 41 -9.45 23.01 -30.35
CA PHE Q 41 -10.21 22.13 -29.47
C PHE Q 41 -9.79 22.40 -28.03
N ALA Q 42 -10.71 22.14 -27.10
CA ALA Q 42 -10.42 22.36 -25.70
C ALA Q 42 -9.55 21.23 -25.15
N ALA Q 43 -8.52 21.61 -24.39
CA ALA Q 43 -7.69 20.60 -23.74
C ALA Q 43 -8.46 19.83 -22.69
N THR Q 44 -9.49 20.44 -22.11
CA THR Q 44 -10.36 19.72 -21.20
C THR Q 44 -10.99 18.51 -21.89
N TRP Q 45 -11.38 18.68 -23.15
CA TRP Q 45 -11.94 17.56 -23.90
C TRP Q 45 -10.91 16.45 -24.08
N LEU Q 46 -9.66 16.82 -24.32
CA LEU Q 46 -8.62 15.82 -24.52
C LEU Q 46 -8.35 15.05 -23.23
N VAL Q 47 -8.24 15.76 -22.11
CA VAL Q 47 -8.00 15.07 -20.85
C VAL Q 47 -9.21 14.23 -20.45
N LYS Q 48 -10.41 14.66 -20.85
CA LYS Q 48 -11.60 13.86 -20.59
C LYS Q 48 -11.59 12.58 -21.41
N LEU Q 49 -11.20 12.68 -22.68
CA LEU Q 49 -11.08 11.50 -23.51
C LEU Q 49 -10.04 10.54 -22.95
N THR Q 50 -8.91 11.07 -22.48
CA THR Q 50 -7.88 10.21 -21.93
C THR Q 50 -8.35 9.54 -20.64
N GLU Q 51 -9.05 10.29 -19.79
CA GLU Q 51 -9.53 9.71 -18.53
C GLU Q 51 -10.67 8.73 -18.77
N ARG Q 52 -11.56 9.03 -19.71
CA ARG Q 52 -12.66 8.12 -20.02
C ARG Q 52 -12.14 6.85 -20.69
N GLY Q 53 -10.86 6.83 -21.03
CA GLY Q 53 -10.22 5.62 -21.49
C GLY Q 53 -10.44 5.28 -22.94
N VAL Q 54 -10.39 6.28 -23.82
CA VAL Q 54 -10.50 6.02 -25.26
C VAL Q 54 -9.17 6.39 -25.89
N LEU Q 55 -8.33 7.09 -25.13
CA LEU Q 55 -7.00 7.45 -25.57
C LEU Q 55 -5.99 7.04 -24.52
N THR Q 56 -5.01 6.28 -24.93
CA THR Q 56 -3.95 5.90 -24.02
C THR Q 56 -3.03 7.09 -23.77
N PRO Q 57 -2.28 7.08 -22.67
CA PRO Q 57 -1.33 8.18 -22.44
C PRO Q 57 -0.33 8.35 -23.56
N VAL Q 58 0.12 7.24 -24.17
CA VAL Q 58 1.01 7.35 -25.32
C VAL Q 58 0.29 8.03 -26.48
N GLU Q 59 -0.99 7.72 -26.67
CA GLU Q 59 -1.75 8.33 -27.75
C GLU Q 59 -1.92 9.83 -27.53
N ARG Q 60 -2.20 10.23 -26.28
CA ARG Q 60 -2.33 11.65 -25.99
C ARG Q 60 -0.99 12.36 -26.14
N ASP Q 61 0.11 11.71 -25.74
CA ASP Q 61 1.42 12.33 -25.90
C ASP Q 61 1.79 12.46 -27.37
N GLN Q 62 1.31 11.55 -28.20
CA GLN Q 62 1.47 11.73 -29.64
C GLN Q 62 0.75 12.97 -30.14
N ILE Q 63 -0.41 13.29 -29.54
CA ILE Q 63 -1.16 14.46 -29.95
C ILE Q 63 -0.44 15.73 -29.51
N ILE Q 64 0.01 15.76 -28.27
CA ILE Q 64 0.64 16.94 -27.68
C ILE Q 64 1.48 16.48 -26.50
N PRO Q 65 2.68 17.05 -26.30
CA PRO Q 65 3.45 16.72 -25.10
C PRO Q 65 2.69 17.10 -23.84
N LEU Q 66 2.99 16.38 -22.76
CA LEU Q 66 2.22 16.53 -21.53
C LEU Q 66 2.48 17.88 -20.87
N ARG Q 67 3.74 18.31 -20.85
CA ARG Q 67 4.06 19.62 -20.28
C ARG Q 67 3.34 20.74 -21.03
N THR Q 68 3.42 20.71 -22.36
CA THR Q 68 2.72 21.73 -23.14
C THR Q 68 1.22 21.66 -22.92
N LEU Q 69 0.67 20.46 -22.74
CA LEU Q 69 -0.76 20.33 -22.49
C LEU Q 69 -1.16 20.95 -21.17
N LYS Q 70 -0.35 20.75 -20.13
CA LYS Q 70 -0.65 21.37 -18.86
C LYS Q 70 -0.52 22.88 -18.96
N SER Q 71 0.46 23.37 -19.73
CA SER Q 71 0.54 24.81 -19.95
C SER Q 71 -0.70 25.33 -20.66
N ARG Q 72 -1.25 24.54 -21.60
CA ARG Q 72 -2.50 24.92 -22.25
C ARG Q 72 -3.63 25.04 -21.23
N ILE Q 73 -3.81 24.01 -20.42
CA ILE Q 73 -4.97 24.00 -19.52
C ILE Q 73 -4.85 25.06 -18.44
N GLU Q 74 -3.62 25.36 -17.99
CA GLU Q 74 -3.45 26.40 -16.98
C GLU Q 74 -3.65 27.79 -17.55
N ARG Q 75 -3.30 28.02 -18.82
CA ARG Q 75 -3.40 29.33 -19.44
C ARG Q 75 -4.69 29.52 -20.22
N ASP Q 76 -5.68 28.63 -20.03
CA ASP Q 76 -6.96 28.73 -20.72
C ASP Q 76 -6.76 28.73 -22.24
N GLN Q 77 -5.89 27.85 -22.71
CA GLN Q 77 -5.69 27.89 -24.15
C GLN Q 77 -6.34 26.70 -24.83
N PRO Q 78 -6.91 26.91 -26.01
CA PRO Q 78 -7.38 25.79 -26.83
C PRO Q 78 -6.19 25.17 -27.56
N LEU Q 79 -6.43 24.01 -28.16
CA LEU Q 79 -5.36 23.31 -28.86
C LEU Q 79 -5.00 24.06 -30.14
N THR Q 80 -3.72 23.96 -30.51
CA THR Q 80 -3.26 24.55 -31.75
C THR Q 80 -3.86 23.81 -32.94
N VAL Q 81 -3.61 24.34 -34.14
CA VAL Q 81 -4.22 23.75 -35.32
C VAL Q 81 -3.61 22.39 -35.62
N ASP Q 82 -2.30 22.24 -35.43
CA ASP Q 82 -1.68 20.94 -35.71
C ASP Q 82 -2.08 19.91 -34.67
N GLU Q 83 -2.14 20.31 -33.40
CA GLU Q 83 -2.59 19.39 -32.36
C GLU Q 83 -4.05 19.03 -32.55
N SER Q 84 -4.87 20.01 -32.95
CA SER Q 84 -6.27 19.72 -33.24
C SER Q 84 -6.39 18.76 -34.42
N ASP Q 85 -5.53 18.89 -35.43
CA ASP Q 85 -5.59 18.00 -36.57
C ASP Q 85 -5.16 16.60 -36.19
N ARG Q 86 -4.17 16.47 -35.32
CA ARG Q 86 -3.74 15.14 -34.86
C ARG Q 86 -4.83 14.47 -34.03
N LEU Q 87 -5.45 15.23 -33.13
CA LEU Q 87 -6.55 14.67 -32.35
C LEU Q 87 -7.71 14.29 -33.26
N PHE Q 88 -7.97 15.10 -34.30
CA PHE Q 88 -9.00 14.76 -35.26
C PHE Q 88 -8.64 13.49 -36.00
N ARG Q 89 -7.37 13.31 -36.34
CA ARG Q 89 -6.93 12.06 -36.95
C ARG Q 89 -7.29 10.89 -36.06
N SER Q 90 -6.96 10.98 -34.78
CA SER Q 90 -7.27 9.88 -33.85
C SER Q 90 -8.78 9.63 -33.80
N ALA Q 91 -9.56 10.68 -33.62
CA ALA Q 91 -11.01 10.51 -33.46
C ALA Q 91 -11.65 9.99 -34.73
N HIS Q 92 -11.20 10.47 -35.89
CA HIS Q 92 -11.77 10.04 -37.16
C HIS Q 92 -11.41 8.60 -37.46
N ILE Q 93 -10.18 8.20 -37.14
CA ILE Q 93 -9.79 6.81 -37.34
C ILE Q 93 -10.58 5.90 -36.40
N THR Q 94 -10.77 6.32 -35.16
CA THR Q 94 -11.55 5.51 -34.23
C THR Q 94 -12.99 5.38 -34.70
N ALA Q 95 -13.59 6.48 -35.17
CA ALA Q 95 -14.97 6.44 -35.63
C ALA Q 95 -15.11 5.58 -36.87
N MET Q 96 -14.16 5.69 -37.79
CA MET Q 96 -14.18 4.87 -39.00
C MET Q 96 -14.05 3.39 -38.66
N ALA Q 97 -13.11 3.06 -37.76
CA ALA Q 97 -12.93 1.68 -37.36
C ALA Q 97 -14.17 1.14 -36.64
N GLU Q 98 -14.81 1.98 -35.82
CA GLU Q 98 -16.00 1.54 -35.12
C GLU Q 98 -17.18 1.37 -36.07
N ALA Q 99 -17.23 2.15 -37.14
CA ALA Q 99 -18.29 1.98 -38.12
C ALA Q 99 -18.06 0.73 -38.95
N VAL Q 100 -16.81 0.43 -39.27
CA VAL Q 100 -16.52 -0.76 -40.08
C VAL Q 100 -16.67 -2.02 -39.26
N PHE Q 101 -16.22 -1.98 -38.00
CA PHE Q 101 -16.19 -3.16 -37.15
C PHE Q 101 -17.46 -3.36 -36.35
N GLY Q 102 -18.20 -2.30 -36.04
CA GLY Q 102 -19.32 -2.44 -35.15
C GLY Q 102 -18.94 -2.15 -33.71
N GLU Q 103 -18.64 -3.21 -32.96
CA GLU Q 103 -18.16 -3.08 -31.60
C GLU Q 103 -16.99 -2.11 -31.53
N ALA Q 104 -16.99 -1.29 -30.47
CA ALA Q 104 -15.88 -0.36 -30.27
C ALA Q 104 -14.63 -1.08 -29.80
N GLY Q 105 -14.80 -2.11 -28.96
CA GLY Q 105 -13.65 -2.85 -28.47
C GLY Q 105 -12.89 -3.53 -29.59
N LYS Q 106 -13.61 -4.16 -30.52
CA LYS Q 106 -12.96 -4.78 -31.67
C LYS Q 106 -12.17 -3.76 -32.48
N ALA Q 107 -12.79 -2.59 -32.72
CA ALA Q 107 -12.12 -1.55 -33.50
C ALA Q 107 -10.84 -1.09 -32.82
N LYS Q 108 -10.90 -0.80 -31.52
CA LYS Q 108 -9.71 -0.29 -30.85
C LYS Q 108 -8.65 -1.36 -30.71
N ARG Q 109 -9.06 -2.62 -30.52
CA ARG Q 109 -8.09 -3.71 -30.48
C ARG Q 109 -7.37 -3.84 -31.82
N TRP Q 110 -8.12 -3.81 -32.92
CA TRP Q 110 -7.51 -3.88 -34.23
C TRP Q 110 -6.60 -2.68 -34.49
N LEU Q 111 -6.99 -1.51 -34.01
CA LEU Q 111 -6.14 -0.32 -34.17
C LEU Q 111 -4.91 -0.38 -33.27
N SER Q 112 -4.94 -1.17 -32.22
CA SER Q 112 -3.84 -1.23 -31.26
C SER Q 112 -2.94 -2.44 -31.46
N LYS Q 113 -3.18 -3.25 -32.47
CA LYS Q 113 -2.35 -4.42 -32.71
C LYS Q 113 -1.40 -4.16 -33.87
N PRO Q 114 -0.15 -4.63 -33.79
CA PRO Q 114 0.78 -4.42 -34.89
C PRO Q 114 0.30 -5.10 -36.18
N LYS Q 115 0.83 -4.63 -37.30
CA LYS Q 115 0.44 -5.14 -38.61
C LYS Q 115 1.69 -5.37 -39.45
N GLU Q 116 1.68 -6.45 -40.23
CA GLU Q 116 2.78 -6.70 -41.14
C GLU Q 116 2.81 -5.71 -42.30
N ARG Q 117 1.66 -5.14 -42.66
CA ARG Q 117 1.60 -4.12 -43.69
C ARG Q 117 2.34 -2.85 -43.29
N PHE Q 118 2.54 -2.63 -41.99
CA PHE Q 118 3.25 -1.47 -41.48
C PHE Q 118 4.57 -1.84 -40.82
N SER Q 119 5.15 -2.97 -41.19
CA SER Q 119 6.39 -3.48 -40.61
C SER Q 119 6.32 -3.50 -39.07
N GLY Q 120 5.25 -4.14 -38.59
CA GLY Q 120 5.04 -4.28 -37.17
C GLY Q 120 4.77 -2.98 -36.44
N LEU Q 121 3.89 -2.15 -36.99
CA LEU Q 121 3.47 -0.95 -36.31
C LEU Q 121 1.95 -0.92 -36.26
N THR Q 122 1.42 -0.26 -35.25
CA THR Q 122 -0.01 -0.20 -35.07
C THR Q 122 -0.60 0.93 -35.90
N PRO Q 123 -1.85 0.79 -36.34
CA PRO Q 123 -2.52 1.91 -37.02
C PRO Q 123 -2.46 3.21 -36.25
N MET Q 124 -2.61 3.16 -34.92
CA MET Q 124 -2.50 4.38 -34.12
C MET Q 124 -1.10 4.96 -34.19
N GLN Q 125 -0.08 4.12 -34.35
CA GLN Q 125 1.26 4.62 -34.60
C GLN Q 125 1.41 5.20 -35.99
N MET Q 126 0.61 4.73 -36.95
CA MET Q 126 0.62 5.26 -38.30
C MET Q 126 -0.05 6.62 -38.40
N LEU Q 127 -0.71 7.08 -37.34
CA LEU Q 127 -1.44 8.33 -37.38
C LEU Q 127 -0.56 9.53 -37.12
N THR Q 128 0.75 9.39 -37.32
CA THR Q 128 1.67 10.50 -37.19
C THR Q 128 1.83 11.30 -38.48
N THR Q 129 1.39 10.75 -39.61
CA THR Q 129 1.56 11.40 -40.89
C THR Q 129 0.26 11.41 -41.66
N GLN Q 130 0.20 12.29 -42.67
CA GLN Q 130 -0.87 12.24 -43.66
C GLN Q 130 -0.95 10.86 -44.30
N GLN Q 131 0.21 10.32 -44.67
CA GLN Q 131 0.25 9.08 -45.43
C GLN Q 131 -0.17 7.88 -44.59
N GLY Q 132 0.25 7.84 -43.32
CA GLY Q 132 -0.13 6.73 -42.46
C GLY Q 132 -1.62 6.73 -42.16
N THR Q 133 -2.18 7.90 -41.88
CA THR Q 133 -3.63 8.00 -41.70
C THR Q 133 -4.35 7.56 -42.96
N THR Q 134 -3.86 7.98 -44.13
CA THR Q 134 -4.44 7.54 -45.39
C THR Q 134 -4.39 6.02 -45.55
N GLN Q 135 -3.27 5.41 -45.17
CA GLN Q 135 -3.14 3.96 -45.29
C GLN Q 135 -4.10 3.24 -44.35
N VAL Q 136 -4.28 3.78 -43.15
CA VAL Q 136 -5.25 3.19 -42.22
C VAL Q 136 -6.66 3.27 -42.79
N GLU Q 137 -7.01 4.43 -43.35
CA GLU Q 137 -8.31 4.57 -44.01
C GLU Q 137 -8.47 3.54 -45.12
N GLU Q 138 -7.43 3.36 -45.93
CA GLU Q 138 -7.48 2.42 -47.03
C GLU Q 138 -7.69 1.00 -46.54
N MET Q 139 -7.01 0.62 -45.45
CA MET Q 139 -7.17 -0.72 -44.90
C MET Q 139 -8.59 -0.92 -44.37
N LEU Q 140 -9.11 0.06 -43.65
CA LEU Q 140 -10.48 -0.04 -43.14
C LEU Q 140 -11.48 -0.20 -44.28
N LEU Q 141 -11.30 0.54 -45.38
CA LEU Q 141 -12.23 0.42 -46.49
C LEU Q 141 -12.05 -0.90 -47.23
N GLN Q 142 -10.82 -1.41 -47.31
CA GLN Q 142 -10.63 -2.74 -47.87
C GLN Q 142 -11.36 -3.79 -47.05
N ILE Q 143 -11.36 -3.63 -45.73
CA ILE Q 143 -12.12 -4.53 -44.87
C ILE Q 143 -13.62 -4.40 -45.16
N ALA Q 144 -14.11 -3.16 -45.20
CA ALA Q 144 -15.54 -2.94 -45.37
C ALA Q 144 -16.04 -3.48 -46.70
N GLU Q 145 -15.28 -3.24 -47.78
CA GLU Q 145 -15.72 -3.65 -49.11
C GLU Q 145 -15.44 -5.12 -49.39
N GLY Q 146 -14.51 -5.73 -48.68
CA GLY Q 146 -14.19 -7.12 -48.91
C GLY Q 146 -13.08 -7.35 -49.91
N TYR Q 147 -12.08 -6.48 -49.93
CA TYR Q 147 -10.94 -6.63 -50.84
C TYR Q 147 -9.81 -7.28 -50.05
N GLY Q 148 -9.89 -8.59 -49.90
CA GLY Q 148 -8.93 -9.31 -49.10
C GLY Q 148 -8.07 -10.26 -49.90
N LEU Q 149 -8.19 -10.21 -51.22
CA LEU Q 149 -7.41 -11.07 -52.09
C LEU Q 149 -5.96 -10.60 -52.13
N MET R 1 -4.31 6.73 -51.53
CA MET R 1 -5.74 6.96 -51.66
C MET R 1 -6.01 8.34 -52.25
N LEU R 2 -7.05 8.40 -53.09
CA LEU R 2 -7.57 9.60 -53.74
C LEU R 2 -6.61 10.15 -54.79
N ALA R 3 -5.41 9.58 -54.91
CA ALA R 3 -4.55 9.86 -56.04
C ALA R 3 -4.50 8.70 -57.02
N GLU R 4 -4.91 7.50 -56.61
CA GLU R 4 -5.10 6.37 -57.50
C GLU R 4 -6.47 6.39 -58.14
N VAL R 5 -7.34 7.30 -57.72
CA VAL R 5 -8.63 7.47 -58.39
C VAL R 5 -8.45 8.19 -59.71
N LEU R 6 -7.33 8.91 -59.87
CA LEU R 6 -7.00 9.54 -61.13
C LEU R 6 -7.05 8.52 -62.26
N ARG R 7 -7.54 8.95 -63.42
CA ARG R 7 -7.78 7.95 -64.48
C ARG R 7 -6.58 7.70 -65.39
N ASP R 8 -6.64 6.61 -66.14
CA ASP R 8 -5.60 6.29 -67.15
C ASP R 8 -4.18 6.35 -66.59
N ASN R 9 -3.53 7.49 -66.74
CA ASN R 9 -2.12 7.59 -66.40
C ASN R 9 -1.85 8.58 -65.28
N GLY R 10 -2.89 9.07 -64.62
CA GLY R 10 -2.75 10.09 -63.60
C GLY R 10 -1.82 9.77 -62.45
N TYR R 11 -1.93 8.56 -61.90
CA TYR R 11 -1.18 8.24 -60.68
C TYR R 11 0.32 8.20 -60.95
N HIS R 12 0.73 7.65 -62.10
CA HIS R 12 2.16 7.54 -62.39
C HIS R 12 2.79 8.91 -62.55
N GLU R 13 2.13 9.81 -63.28
CA GLU R 13 2.66 11.15 -63.43
C GLU R 13 2.60 11.92 -62.12
N TYR R 14 1.58 11.66 -61.30
CA TYR R 14 1.54 12.26 -59.97
C TYR R 14 2.76 11.85 -59.15
N ARG R 15 3.10 10.56 -59.20
CA ARG R 15 4.28 10.08 -58.49
C ARG R 15 5.56 10.69 -59.08
N ALA R 16 5.58 10.89 -60.39
CA ALA R 16 6.74 11.53 -61.01
C ALA R 16 6.90 12.96 -60.54
N ARG R 17 5.80 13.71 -60.46
CA ARG R 17 5.86 15.06 -59.92
C ARG R 17 6.32 15.06 -58.47
N LEU R 18 5.76 14.16 -57.66
CA LEU R 18 6.19 14.03 -56.27
C LEU R 18 7.67 13.73 -56.17
N GLN R 19 8.21 12.95 -57.11
CA GLN R 19 9.64 12.67 -57.12
C GLN R 19 10.45 13.93 -57.42
N ALA R 20 9.85 14.91 -58.09
CA ALA R 20 10.56 16.15 -58.34
C ALA R 20 10.45 17.09 -57.15
N LEU R 21 9.29 17.13 -56.51
CA LEU R 21 9.09 17.99 -55.35
C LEU R 21 9.81 17.49 -54.11
N LEU R 22 9.91 16.18 -53.95
CA LEU R 22 10.66 15.58 -52.85
C LEU R 22 11.37 14.35 -53.38
N ASP R 23 12.44 13.96 -52.71
CA ASP R 23 13.17 12.76 -53.11
C ASP R 23 12.36 11.54 -52.70
N ILE R 24 11.30 11.31 -53.47
CA ILE R 24 10.38 10.20 -53.23
C ILE R 24 10.22 9.42 -54.53
N PRO R 25 10.94 8.31 -54.71
CA PRO R 25 10.89 7.60 -55.98
C PRO R 25 9.47 7.17 -56.35
N GLU R 26 9.23 7.01 -57.65
CA GLU R 26 7.91 6.67 -58.14
C GLU R 26 7.51 5.27 -57.69
N LEU R 27 8.48 4.41 -57.41
CA LEU R 27 8.22 3.02 -57.08
C LEU R 27 8.40 2.73 -55.59
N ALA R 28 8.39 3.75 -54.75
CA ALA R 28 8.50 3.56 -53.32
C ALA R 28 7.14 3.19 -52.74
N SER R 29 7.13 2.26 -51.79
CA SER R 29 5.88 1.84 -51.17
C SER R 29 5.33 2.95 -50.29
N ASP R 30 4.02 2.88 -50.03
CA ASP R 30 3.38 3.88 -49.19
C ASP R 30 3.99 3.89 -47.80
N PHE R 31 4.29 2.71 -47.26
CA PHE R 31 4.96 2.65 -45.97
C PHE R 31 6.33 3.30 -46.03
N GLU R 32 7.01 3.19 -47.15
CA GLU R 32 8.30 3.86 -47.30
C GLU R 32 8.12 5.37 -47.36
N ILE R 33 7.02 5.84 -47.95
CA ILE R 33 6.73 7.27 -47.90
C ILE R 33 6.51 7.72 -46.47
N HIS R 34 5.74 6.95 -45.70
CA HIS R 34 5.51 7.29 -44.30
C HIS R 34 6.81 7.34 -43.51
N THR R 35 7.69 6.36 -43.70
CA THR R 35 8.91 6.36 -42.92
C THR R 35 9.87 7.44 -43.40
N ARG R 36 9.79 7.84 -44.67
CA ARG R 36 10.56 9.00 -45.12
C ARG R 36 10.06 10.27 -44.46
N ILE R 37 8.75 10.39 -44.28
CA ILE R 37 8.22 11.53 -43.54
C ILE R 37 8.68 11.51 -42.09
N THR R 38 8.67 10.34 -41.47
CA THR R 38 9.04 10.25 -40.06
C THR R 38 10.54 10.42 -39.84
N ASP R 39 11.35 10.10 -40.85
CA ASP R 39 12.79 10.31 -40.73
C ASP R 39 13.15 11.78 -40.67
N GLY R 40 12.28 12.65 -41.18
CA GLY R 40 12.57 14.06 -41.23
C GLY R 40 13.02 14.49 -42.62
N PHE R 41 12.59 15.67 -43.02
CA PHE R 41 12.96 16.25 -44.31
C PHE R 41 13.98 17.36 -44.09
N ALA R 42 14.94 17.47 -45.00
CA ALA R 42 15.96 18.48 -44.89
C ALA R 42 15.37 19.87 -45.14
N ALA R 43 15.71 20.81 -44.26
CA ALA R 43 15.20 22.17 -44.41
C ALA R 43 15.78 22.85 -45.64
N THR R 44 17.01 22.48 -46.02
CA THR R 44 17.60 23.03 -47.24
C THR R 44 16.74 22.73 -48.45
N TRP R 45 16.11 21.55 -48.48
CA TRP R 45 15.17 21.23 -49.54
C TRP R 45 14.02 22.21 -49.56
N LEU R 46 13.52 22.60 -48.37
CA LEU R 46 12.42 23.55 -48.32
C LEU R 46 12.86 24.93 -48.79
N VAL R 47 14.09 25.33 -48.47
CA VAL R 47 14.60 26.60 -48.97
C VAL R 47 14.72 26.55 -50.50
N LYS R 48 15.23 25.44 -51.03
CA LYS R 48 15.32 25.30 -52.47
C LYS R 48 13.95 25.37 -53.12
N LEU R 49 12.94 24.77 -52.49
CA LEU R 49 11.60 24.81 -53.06
C LEU R 49 11.03 26.22 -53.03
N THR R 50 11.18 26.92 -51.91
CA THR R 50 10.62 28.25 -51.82
C THR R 50 11.37 29.24 -52.69
N GLU R 51 12.61 28.95 -53.06
CA GLU R 51 13.35 29.85 -53.94
C GLU R 51 13.12 29.52 -55.41
N ARG R 52 12.88 28.24 -55.72
CA ARG R 52 12.59 27.86 -57.10
C ARG R 52 11.20 28.27 -57.55
N GLY R 53 10.43 28.95 -56.69
CA GLY R 53 9.15 29.50 -57.10
C GLY R 53 7.98 28.56 -57.01
N VAL R 54 8.12 27.44 -56.29
CA VAL R 54 7.00 26.53 -56.07
C VAL R 54 6.39 26.70 -54.69
N LEU R 55 7.13 27.24 -53.73
CA LEU R 55 6.59 27.60 -52.43
C LEU R 55 6.78 29.10 -52.23
N THR R 56 5.70 29.77 -51.84
CA THR R 56 5.75 31.17 -51.50
C THR R 56 6.15 31.33 -50.04
N PRO R 57 6.81 32.45 -49.70
CA PRO R 57 7.23 32.64 -48.30
C PRO R 57 6.11 32.48 -47.29
N VAL R 58 4.88 32.87 -47.62
CA VAL R 58 3.79 32.69 -46.68
C VAL R 58 3.43 31.21 -46.56
N GLU R 59 3.49 30.47 -47.66
CA GLU R 59 3.29 29.03 -47.57
C GLU R 59 4.47 28.36 -46.88
N ARG R 60 5.68 28.84 -47.17
CA ARG R 60 6.86 28.36 -46.46
C ARG R 60 6.70 28.53 -44.96
N ASP R 61 6.10 29.63 -44.52
CA ASP R 61 5.90 29.88 -43.10
C ASP R 61 4.73 29.07 -42.55
N GLN R 62 3.73 28.78 -43.39
CA GLN R 62 2.66 27.87 -42.99
C GLN R 62 3.21 26.47 -42.73
N ILE R 63 4.23 26.06 -43.48
CA ILE R 63 4.87 24.78 -43.20
C ILE R 63 5.68 24.85 -41.92
N ILE R 64 6.47 25.90 -41.76
CA ILE R 64 7.31 26.08 -40.57
C ILE R 64 7.62 27.56 -40.41
N PRO R 65 7.52 28.11 -39.20
CA PRO R 65 7.88 29.51 -38.99
C PRO R 65 9.31 29.79 -39.42
N LEU R 66 9.56 31.07 -39.75
CA LEU R 66 10.84 31.44 -40.35
C LEU R 66 11.98 31.31 -39.35
N ARG R 67 11.76 31.71 -38.10
CA ARG R 67 12.81 31.59 -37.10
C ARG R 67 13.10 30.12 -36.79
N THR R 68 12.06 29.30 -36.74
CA THR R 68 12.26 27.86 -36.54
C THR R 68 13.00 27.26 -37.73
N LEU R 69 12.72 27.75 -38.94
CA LEU R 69 13.44 27.25 -40.11
C LEU R 69 14.91 27.64 -40.04
N LYS R 70 15.21 28.86 -39.62
CA LYS R 70 16.60 29.27 -39.45
C LYS R 70 17.28 28.42 -38.39
N SER R 71 16.56 28.08 -37.32
CA SER R 71 17.13 27.22 -36.29
C SER R 71 17.45 25.84 -36.86
N ARG R 72 16.51 25.24 -37.58
CA ARG R 72 16.76 23.95 -38.22
C ARG R 72 17.97 24.05 -39.15
N ILE R 73 18.10 25.16 -39.87
CA ILE R 73 19.20 25.31 -40.82
C ILE R 73 20.54 25.36 -40.08
N GLU R 74 20.65 26.21 -39.07
CA GLU R 74 21.93 26.43 -38.42
C GLU R 74 22.34 25.21 -37.60
N ARG R 75 21.46 24.72 -36.74
CA ARG R 75 21.75 23.51 -35.98
C ARG R 75 21.87 22.28 -36.86
N ASP R 76 21.38 22.35 -38.11
CA ASP R 76 21.39 21.23 -39.05
C ASP R 76 20.66 20.03 -38.45
N GLN R 77 19.39 20.26 -38.15
CA GLN R 77 18.49 19.24 -37.65
C GLN R 77 17.35 19.10 -38.66
N PRO R 78 17.04 17.89 -39.12
CA PRO R 78 15.94 17.72 -40.07
C PRO R 78 14.61 18.22 -39.52
N LEU R 79 13.65 18.47 -40.39
CA LEU R 79 12.36 18.97 -39.95
C LEU R 79 11.67 17.94 -39.06
N THR R 80 10.88 18.42 -38.10
CA THR R 80 10.14 17.53 -37.25
C THR R 80 9.09 16.77 -38.05
N VAL R 81 8.51 15.75 -37.41
CA VAL R 81 7.55 14.87 -38.09
C VAL R 81 6.35 15.69 -38.55
N ASP R 82 6.00 16.72 -37.79
CA ASP R 82 4.85 17.54 -38.16
C ASP R 82 5.21 18.57 -39.22
N GLU R 83 6.38 19.20 -39.11
CA GLU R 83 6.85 20.06 -40.19
C GLU R 83 7.04 19.27 -41.47
N SER R 84 7.61 18.07 -41.36
CA SER R 84 7.78 17.21 -42.53
C SER R 84 6.43 16.77 -43.08
N ASP R 85 5.44 16.57 -42.21
CA ASP R 85 4.12 16.18 -42.69
C ASP R 85 3.44 17.33 -43.41
N ARG R 86 3.62 18.55 -42.92
CA ARG R 86 3.08 19.72 -43.62
C ARG R 86 3.76 19.89 -44.97
N LEU R 87 5.08 19.72 -45.02
CA LEU R 87 5.79 19.77 -46.29
C LEU R 87 5.30 18.70 -47.24
N PHE R 88 5.02 17.50 -46.72
CA PHE R 88 4.52 16.44 -47.57
C PHE R 88 3.11 16.76 -48.08
N ARG R 89 2.27 17.34 -47.23
CA ARG R 89 0.94 17.73 -47.67
C ARG R 89 1.05 18.73 -48.81
N SER R 90 1.91 19.73 -48.66
CA SER R 90 2.12 20.72 -49.72
C SER R 90 2.58 20.05 -51.00
N ALA R 91 3.64 19.25 -50.92
CA ALA R 91 4.19 18.62 -52.11
C ALA R 91 3.19 17.67 -52.76
N HIS R 92 2.41 16.97 -51.95
CA HIS R 92 1.46 15.99 -52.46
C HIS R 92 0.31 16.68 -53.19
N ILE R 93 -0.23 17.75 -52.60
CA ILE R 93 -1.28 18.50 -53.27
C ILE R 93 -0.75 19.15 -54.55
N THR R 94 0.48 19.67 -54.50
CA THR R 94 1.06 20.28 -55.69
C THR R 94 1.24 19.24 -56.79
N ALA R 95 1.70 18.05 -56.44
CA ALA R 95 1.90 17.00 -57.44
C ALA R 95 0.58 16.56 -58.04
N MET R 96 -0.46 16.41 -57.21
CA MET R 96 -1.76 16.04 -57.75
C MET R 96 -2.31 17.12 -58.67
N ALA R 97 -2.11 18.40 -58.31
CA ALA R 97 -2.58 19.49 -59.15
C ALA R 97 -1.82 19.53 -60.47
N GLU R 98 -0.51 19.31 -60.44
CA GLU R 98 0.25 19.27 -61.68
C GLU R 98 -0.17 18.10 -62.55
N ALA R 99 -0.53 16.97 -61.92
CA ALA R 99 -0.95 15.81 -62.69
C ALA R 99 -2.31 16.04 -63.33
N VAL R 100 -3.23 16.69 -62.62
CA VAL R 100 -4.57 16.89 -63.16
C VAL R 100 -4.55 17.98 -64.22
N PHE R 101 -3.80 19.06 -63.99
CA PHE R 101 -3.78 20.18 -64.93
C PHE R 101 -2.77 19.99 -66.06
N GLY R 102 -1.74 19.18 -65.85
CA GLY R 102 -0.76 18.92 -66.89
C GLY R 102 0.43 19.85 -66.90
N GLU R 103 0.35 20.99 -66.24
CA GLU R 103 1.45 21.94 -66.21
C GLU R 103 1.57 22.53 -64.81
N ALA R 104 2.78 22.93 -64.45
CA ALA R 104 3.02 23.46 -63.11
C ALA R 104 2.43 24.85 -62.93
N GLY R 105 2.40 25.64 -64.01
CA GLY R 105 1.99 27.03 -63.88
C GLY R 105 0.54 27.19 -63.50
N LYS R 106 -0.35 26.59 -64.30
CA LYS R 106 -1.77 26.69 -63.99
C LYS R 106 -2.09 26.02 -62.65
N ALA R 107 -1.37 24.96 -62.31
CA ALA R 107 -1.57 24.32 -61.03
C ALA R 107 -1.25 25.27 -59.89
N LYS R 108 -0.11 25.95 -59.96
CA LYS R 108 0.27 26.88 -58.90
C LYS R 108 -0.69 28.07 -58.84
N ARG R 109 -1.15 28.53 -60.00
CA ARG R 109 -2.11 29.63 -60.02
C ARG R 109 -3.43 29.22 -59.38
N TRP R 110 -3.88 28.00 -59.64
CA TRP R 110 -5.13 27.52 -59.08
C TRP R 110 -4.99 27.28 -57.58
N LEU R 111 -3.82 26.81 -57.14
CA LEU R 111 -3.63 26.53 -55.72
C LEU R 111 -3.47 27.80 -54.89
N SER R 112 -2.90 28.86 -55.46
CA SER R 112 -2.63 30.08 -54.71
C SER R 112 -3.77 31.08 -54.75
N LYS R 113 -4.82 30.81 -55.52
CA LYS R 113 -5.90 31.76 -55.57
C LYS R 113 -7.08 31.29 -54.74
N PRO R 114 -7.82 32.20 -54.12
CA PRO R 114 -8.98 31.80 -53.32
C PRO R 114 -10.00 31.03 -54.14
N LYS R 115 -10.84 30.25 -53.44
CA LYS R 115 -11.86 29.44 -54.06
C LYS R 115 -13.19 29.71 -53.37
N GLU R 116 -14.28 29.60 -54.13
CA GLU R 116 -15.59 29.99 -53.65
C GLU R 116 -16.22 28.98 -52.71
N ARG R 117 -15.93 27.70 -52.86
CA ARG R 117 -16.46 26.68 -51.96
C ARG R 117 -15.67 26.59 -50.66
N PHE R 118 -14.57 27.32 -50.55
CA PHE R 118 -13.82 27.44 -49.30
C PHE R 118 -14.05 28.77 -48.62
N SER R 119 -15.02 29.56 -49.07
CA SER R 119 -15.37 30.86 -48.50
C SER R 119 -14.20 31.83 -48.48
N GLY R 120 -13.34 31.81 -49.50
CA GLY R 120 -12.26 32.76 -49.63
C GLY R 120 -10.88 32.22 -49.36
N LEU R 121 -10.74 30.97 -48.94
CA LEU R 121 -9.43 30.42 -48.67
C LEU R 121 -8.82 29.81 -49.93
N THR R 122 -7.50 29.78 -49.96
CA THR R 122 -6.82 29.09 -51.04
C THR R 122 -6.68 27.61 -50.71
N PRO R 123 -6.62 26.74 -51.72
CA PRO R 123 -6.41 25.32 -51.46
C PRO R 123 -5.21 25.02 -50.59
N MET R 124 -4.13 25.79 -50.73
CA MET R 124 -2.97 25.60 -49.87
C MET R 124 -3.28 26.00 -48.43
N GLN R 125 -4.23 26.92 -48.23
CA GLN R 125 -4.63 27.28 -46.88
C GLN R 125 -5.44 26.18 -46.21
N MET R 126 -6.05 25.29 -46.99
CA MET R 126 -6.81 24.18 -46.44
C MET R 126 -5.93 22.99 -46.08
N LEU R 127 -4.63 23.10 -46.21
CA LEU R 127 -3.71 21.99 -45.92
C LEU R 127 -3.26 21.97 -44.47
N THR R 128 -4.05 22.55 -43.57
CA THR R 128 -3.77 22.49 -42.15
C THR R 128 -4.51 21.36 -41.45
N THR R 129 -5.45 20.70 -42.12
CA THR R 129 -6.23 19.63 -41.52
C THR R 129 -6.33 18.47 -42.51
N GLN R 130 -6.62 17.29 -41.98
CA GLN R 130 -6.97 16.15 -42.83
C GLN R 130 -8.19 16.47 -43.68
N GLN R 131 -9.18 17.14 -43.10
CA GLN R 131 -10.42 17.40 -43.80
C GLN R 131 -10.20 18.34 -44.98
N GLY R 132 -9.43 19.42 -44.76
CA GLY R 132 -9.19 20.36 -45.85
C GLY R 132 -8.37 19.73 -46.97
N THR R 133 -7.35 18.95 -46.62
CA THR R 133 -6.58 18.23 -47.62
C THR R 133 -7.48 17.30 -48.42
N THR R 134 -8.38 16.60 -47.74
CA THR R 134 -9.29 15.70 -48.43
C THR R 134 -10.23 16.47 -49.36
N GLN R 135 -10.69 17.65 -48.92
CA GLN R 135 -11.57 18.44 -49.77
C GLN R 135 -10.85 18.95 -51.01
N VAL R 136 -9.59 19.34 -50.85
CA VAL R 136 -8.80 19.76 -52.01
C VAL R 136 -8.63 18.58 -52.98
N GLU R 137 -8.32 17.40 -52.43
CA GLU R 137 -8.18 16.21 -53.28
C GLU R 137 -9.48 15.91 -54.01
N GLU R 138 -10.61 16.05 -53.32
CA GLU R 138 -11.90 15.78 -53.93
C GLU R 138 -12.19 16.76 -55.07
N MET R 139 -11.91 18.04 -54.85
CA MET R 139 -12.15 19.03 -55.89
C MET R 139 -11.25 18.77 -57.09
N LEU R 140 -9.99 18.41 -56.84
CA LEU R 140 -9.09 18.08 -57.94
C LEU R 140 -9.59 16.88 -58.73
N LEU R 141 -10.11 15.86 -58.03
CA LEU R 141 -10.65 14.70 -58.71
C LEU R 141 -11.87 15.07 -59.55
N GLN R 142 -12.75 15.91 -59.00
CA GLN R 142 -13.91 16.36 -59.77
C GLN R 142 -13.48 17.11 -61.02
N ILE R 143 -12.44 17.92 -60.91
CA ILE R 143 -11.91 18.61 -62.08
C ILE R 143 -11.36 17.62 -63.09
N ALA R 144 -10.71 16.56 -62.61
CA ALA R 144 -10.13 15.57 -63.51
C ALA R 144 -11.21 14.76 -64.22
N GLU R 145 -12.35 14.52 -63.58
CA GLU R 145 -13.39 13.71 -64.18
C GLU R 145 -14.17 14.47 -65.25
N GLY R 146 -14.43 15.76 -65.04
CA GLY R 146 -15.20 16.53 -65.99
C GLY R 146 -16.59 16.87 -65.49
N PRO S 14 -46.70 -63.60 -18.09
CA PRO S 14 -46.03 -62.35 -17.67
C PRO S 14 -44.60 -62.60 -17.23
N ILE S 15 -43.89 -61.53 -16.88
CA ILE S 15 -42.52 -61.61 -16.40
C ILE S 15 -42.49 -61.08 -14.98
N LEU S 16 -41.78 -61.77 -14.10
CA LEU S 16 -41.66 -61.36 -12.71
C LEU S 16 -40.21 -61.06 -12.40
N TRP S 17 -39.99 -60.34 -11.30
CA TRP S 17 -38.67 -59.86 -10.94
C TRP S 17 -38.45 -60.04 -9.45
N ARG S 18 -37.27 -60.50 -9.09
CA ARG S 18 -36.90 -60.66 -7.69
C ARG S 18 -35.60 -59.94 -7.41
N ILE S 19 -35.46 -59.42 -6.20
CA ILE S 19 -34.23 -58.79 -5.73
C ILE S 19 -33.76 -59.59 -4.53
N SER S 20 -32.66 -60.32 -4.70
CA SER S 20 -32.19 -61.17 -3.61
C SER S 20 -30.73 -61.52 -3.85
N ALA S 21 -30.07 -61.96 -2.80
CA ALA S 21 -28.67 -62.35 -2.84
C ALA S 21 -28.44 -63.69 -3.52
N TYR S 22 -29.49 -64.30 -4.08
CA TYR S 22 -29.39 -65.62 -4.67
C TYR S 22 -30.00 -65.61 -6.06
N ALA S 23 -29.54 -66.53 -6.90
CA ALA S 23 -29.99 -66.67 -8.27
C ALA S 23 -30.83 -67.92 -8.47
N ASP S 24 -31.66 -68.28 -7.49
CA ASP S 24 -32.47 -69.47 -7.58
C ASP S 24 -33.87 -69.17 -7.07
N LEU S 25 -34.79 -70.09 -7.33
CA LEU S 25 -36.15 -70.02 -6.82
C LEU S 25 -36.39 -71.00 -5.67
N SER S 26 -35.33 -71.33 -4.92
CA SER S 26 -35.47 -72.27 -3.81
C SER S 26 -36.31 -71.67 -2.69
N GLY S 27 -35.99 -70.45 -2.27
CA GLY S 27 -36.72 -69.82 -1.20
C GLY S 27 -36.52 -70.49 0.14
N THR S 28 -35.41 -71.19 0.33
CA THR S 28 -35.18 -71.92 1.58
C THR S 28 -35.11 -70.99 2.78
N GLY S 29 -34.76 -69.72 2.59
CA GLY S 29 -34.72 -68.78 3.69
C GLY S 29 -36.06 -68.59 4.37
N GLY S 30 -37.16 -68.92 3.70
CA GLY S 30 -38.45 -68.88 4.34
C GLY S 30 -38.63 -69.91 5.43
N LEU S 31 -37.76 -70.91 5.48
CA LEU S 31 -37.83 -71.91 6.54
C LEU S 31 -37.38 -71.36 7.88
N ARG S 32 -36.56 -70.30 7.87
CA ARG S 32 -36.07 -69.70 9.10
C ARG S 32 -36.36 -68.21 9.23
N VAL S 33 -36.92 -67.58 8.21
CA VAL S 33 -37.12 -66.13 8.20
C VAL S 33 -38.56 -65.85 7.79
N SER S 34 -39.27 -65.09 8.61
CA SER S 34 -40.66 -64.74 8.31
C SER S 34 -40.72 -63.44 7.54
N GLY S 35 -41.84 -63.24 6.84
CA GLY S 35 -42.09 -62.00 6.13
C GLY S 35 -43.44 -61.42 6.48
N ARG S 36 -43.97 -60.55 5.63
CA ARG S 36 -45.31 -60.04 5.85
C ARG S 36 -46.36 -61.04 5.39
N TRP S 37 -46.06 -61.80 4.34
CA TRP S 37 -47.01 -62.72 3.74
C TRP S 37 -46.72 -64.17 4.11
N HIS S 38 -45.89 -64.43 5.12
CA HIS S 38 -45.58 -65.80 5.51
C HIS S 38 -44.93 -65.79 6.88
N GLN S 39 -44.97 -66.96 7.52
CA GLN S 39 -44.28 -67.21 8.77
C GLN S 39 -43.13 -68.17 8.51
N ALA S 40 -42.17 -68.20 9.42
CA ALA S 40 -41.02 -69.08 9.28
C ALA S 40 -41.48 -70.53 9.17
N GLY S 41 -40.74 -71.31 8.38
CA GLY S 41 -41.04 -72.71 8.17
C GLY S 41 -41.64 -73.06 6.83
N ARG S 42 -41.52 -72.20 5.83
CA ARG S 42 -42.13 -72.41 4.52
C ARG S 42 -41.26 -71.81 3.43
N PRO S 43 -40.89 -72.57 2.41
CA PRO S 43 -40.18 -71.96 1.27
C PRO S 43 -41.12 -71.08 0.46
N VAL S 44 -40.65 -69.87 0.15
CA VAL S 44 -41.47 -68.88 -0.54
C VAL S 44 -40.54 -67.91 -1.24
N VAL S 45 -41.00 -67.37 -2.37
CA VAL S 45 -40.27 -66.35 -3.11
C VAL S 45 -41.17 -65.15 -3.31
N TYR S 46 -40.67 -63.97 -2.99
CA TYR S 46 -41.39 -62.73 -3.23
C TYR S 46 -40.94 -62.14 -4.56
N ALA S 47 -41.89 -61.74 -5.39
CA ALA S 47 -41.56 -61.19 -6.70
C ALA S 47 -42.46 -60.01 -7.01
N ALA S 48 -42.03 -59.21 -7.97
CA ALA S 48 -42.81 -58.08 -8.46
C ALA S 48 -42.91 -58.16 -9.98
N THR S 49 -43.86 -57.40 -10.53
CA THR S 49 -44.05 -57.37 -11.97
C THR S 49 -43.16 -56.37 -12.67
N SER S 50 -42.28 -55.69 -11.94
CA SER S 50 -41.39 -54.69 -12.53
C SER S 50 -40.14 -54.61 -11.69
N PRO S 51 -38.98 -54.45 -12.32
CA PRO S 51 -37.74 -54.27 -11.55
C PRO S 51 -37.82 -53.06 -10.63
N PRO S 52 -38.36 -51.92 -11.08
CA PRO S 52 -38.54 -50.82 -10.12
C PRO S 52 -39.49 -51.15 -9.00
N GLY S 53 -40.50 -52.00 -9.27
CA GLY S 53 -41.38 -52.42 -8.18
C GLY S 53 -40.62 -53.13 -7.08
N ALA S 54 -39.83 -54.14 -7.45
CA ALA S 54 -39.06 -54.87 -6.46
C ALA S 54 -38.05 -53.97 -5.76
N MET S 55 -37.39 -53.10 -6.53
CA MET S 55 -36.41 -52.21 -5.93
C MET S 55 -37.06 -51.27 -4.92
N LEU S 56 -38.22 -50.72 -5.26
CA LEU S 56 -38.91 -49.82 -4.34
C LEU S 56 -39.37 -50.56 -3.09
N GLU S 57 -39.93 -51.75 -3.27
CA GLU S 57 -40.36 -52.54 -2.12
C GLU S 57 -39.18 -52.81 -1.18
N VAL S 58 -38.04 -53.21 -1.73
CA VAL S 58 -36.89 -53.52 -0.89
C VAL S 58 -36.37 -52.27 -0.22
N LEU S 59 -36.30 -51.16 -0.95
CA LEU S 59 -35.77 -49.93 -0.38
C LEU S 59 -36.64 -49.42 0.76
N VAL S 60 -37.95 -49.46 0.59
CA VAL S 60 -38.84 -48.88 1.59
C VAL S 60 -39.01 -49.82 2.77
N HIS S 61 -39.31 -51.09 2.52
CA HIS S 61 -39.65 -52.00 3.61
C HIS S 61 -38.43 -52.48 4.38
N LEU S 62 -37.29 -52.60 3.72
CA LEU S 62 -36.07 -52.96 4.42
C LEU S 62 -35.27 -51.74 4.84
N GLU S 63 -35.74 -50.53 4.49
CA GLU S 63 -35.16 -49.27 4.94
C GLU S 63 -33.69 -49.18 4.56
N ILE S 64 -33.42 -49.24 3.26
CA ILE S 64 -32.08 -49.18 2.71
C ILE S 64 -31.92 -47.87 1.94
N ASP S 65 -30.84 -47.16 2.21
CA ASP S 65 -30.57 -45.97 1.41
C ASP S 65 -29.81 -46.34 0.15
N PRO S 66 -30.05 -45.64 -0.95
CA PRO S 66 -29.39 -45.99 -2.21
C PRO S 66 -27.88 -46.05 -2.14
N GLU S 67 -27.26 -45.27 -1.26
CA GLU S 67 -25.81 -45.37 -1.09
C GLU S 67 -25.40 -46.60 -0.30
N ASP S 68 -26.34 -47.33 0.29
CA ASP S 68 -26.05 -48.54 1.04
C ASP S 68 -26.61 -49.79 0.38
N PHE S 69 -26.96 -49.72 -0.89
CA PHE S 69 -27.52 -50.87 -1.58
C PHE S 69 -26.48 -51.98 -1.66
N PRO S 70 -26.81 -53.20 -1.27
CA PRO S 70 -25.79 -54.25 -1.18
C PRO S 70 -25.21 -54.61 -2.53
N THR S 71 -23.92 -54.95 -2.52
CA THR S 71 -23.24 -55.45 -3.70
C THR S 71 -23.52 -56.93 -3.92
N THR S 72 -24.10 -57.61 -2.94
CA THR S 72 -24.51 -58.99 -3.08
C THR S 72 -25.88 -59.13 -3.72
N MET S 73 -26.59 -58.03 -3.91
CA MET S 73 -27.93 -58.08 -4.47
C MET S 73 -27.89 -58.53 -5.92
N ARG S 74 -28.92 -59.25 -6.34
CA ARG S 74 -29.05 -59.75 -7.69
C ARG S 74 -30.50 -59.57 -8.13
N LEU S 75 -30.66 -59.12 -9.38
CA LEU S 75 -31.96 -58.95 -10.00
C LEU S 75 -32.25 -60.16 -10.87
N LEU S 76 -33.33 -60.87 -10.56
CA LEU S 76 -33.66 -62.14 -11.17
C LEU S 76 -34.92 -61.97 -12.00
N ARG S 77 -34.79 -62.14 -13.31
CA ARG S 77 -35.92 -62.14 -14.22
C ARG S 77 -36.47 -63.55 -14.34
N ILE S 78 -37.79 -63.68 -14.18
CA ILE S 78 -38.48 -64.96 -14.11
C ILE S 78 -39.56 -64.98 -15.17
N GLU S 79 -39.42 -65.89 -16.14
CA GLU S 79 -40.43 -66.14 -17.16
C GLU S 79 -41.27 -67.33 -16.75
N LEU S 80 -42.59 -67.17 -16.84
CA LEU S 80 -43.52 -68.23 -16.51
C LEU S 80 -44.46 -68.46 -17.68
N PRO S 81 -44.82 -69.71 -17.94
CA PRO S 81 -45.77 -70.01 -19.01
C PRO S 81 -47.17 -69.55 -18.62
N ASP S 82 -48.07 -69.58 -19.59
CA ASP S 82 -49.46 -69.23 -19.35
C ASP S 82 -50.21 -70.33 -18.61
N THR S 83 -49.64 -71.52 -18.53
CA THR S 83 -50.23 -72.64 -17.82
C THR S 83 -50.02 -72.56 -16.31
N VAL S 84 -49.35 -71.52 -15.82
CA VAL S 84 -49.13 -71.39 -14.38
C VAL S 84 -50.45 -71.09 -13.70
N SER S 85 -50.63 -71.67 -12.52
CA SER S 85 -51.84 -71.49 -11.73
C SER S 85 -51.61 -70.41 -10.69
N GLN S 86 -52.63 -69.59 -10.49
CA GLN S 86 -52.57 -68.54 -9.48
C GLN S 86 -53.88 -68.50 -8.72
N ALA S 87 -53.79 -68.59 -7.39
CA ALA S 87 -54.97 -68.54 -6.55
C ALA S 87 -55.33 -67.11 -6.23
N GLN S 88 -56.63 -66.84 -6.16
CA GLN S 88 -57.10 -65.49 -5.93
C GLN S 88 -57.11 -65.17 -4.44
N LEU S 89 -56.65 -63.99 -4.09
CA LEU S 89 -56.64 -63.57 -2.70
C LEU S 89 -57.99 -62.98 -2.34
N PRO S 90 -58.55 -63.30 -1.18
CA PRO S 90 -59.85 -62.70 -0.80
C PRO S 90 -59.75 -61.19 -0.63
N ALA S 91 -60.90 -60.53 -0.48
CA ALA S 91 -60.89 -59.09 -0.28
C ALA S 91 -60.27 -58.75 1.06
N LEU S 92 -59.68 -57.56 1.16
CA LEU S 92 -59.01 -57.11 2.37
C LEU S 92 -59.69 -55.84 2.85
N GLN S 93 -60.01 -55.80 4.13
CA GLN S 93 -60.55 -54.58 4.67
C GLN S 93 -59.42 -53.58 4.92
N PRO S 94 -59.70 -52.28 4.83
CA PRO S 94 -58.66 -51.28 5.05
C PRO S 94 -57.98 -51.45 6.41
N GLY S 95 -56.70 -51.10 6.45
CA GLY S 95 -55.90 -51.31 7.64
C GLY S 95 -55.10 -52.59 7.65
N TRP S 96 -55.10 -53.35 6.55
CA TRP S 96 -54.41 -54.62 6.54
C TRP S 96 -52.89 -54.45 6.50
N SER S 97 -52.41 -53.32 5.97
CA SER S 97 -50.97 -53.09 5.88
C SER S 97 -50.30 -53.07 7.24
N ALA S 98 -51.06 -52.82 8.30
CA ALA S 98 -50.54 -52.82 9.66
C ALA S 98 -50.99 -54.03 10.46
N GLN S 99 -51.59 -55.03 9.79
CA GLN S 99 -52.03 -56.27 10.42
C GLN S 99 -51.20 -57.40 9.85
N PRO S 100 -49.96 -57.58 10.33
CA PRO S 100 -49.11 -58.62 9.75
C PRO S 100 -49.63 -60.02 10.00
N GLU S 101 -50.42 -60.22 11.04
CA GLU S 101 -50.96 -61.53 11.33
C GLU S 101 -51.89 -61.99 10.22
N LEU S 102 -52.79 -61.11 9.77
CA LEU S 102 -53.73 -61.47 8.70
C LEU S 102 -53.00 -61.85 7.43
N THR S 103 -52.05 -61.03 7.00
CA THR S 103 -51.33 -61.29 5.77
C THR S 103 -50.48 -62.55 5.88
N ARG S 104 -49.81 -62.72 7.02
CA ARG S 104 -49.00 -63.90 7.23
C ARG S 104 -49.86 -65.16 7.17
N THR S 105 -51.03 -65.14 7.79
CA THR S 105 -51.91 -66.30 7.77
C THR S 105 -52.43 -66.58 6.37
N LEU S 106 -52.82 -65.54 5.63
CA LEU S 106 -53.29 -65.73 4.27
C LEU S 106 -52.21 -66.39 3.41
N GLY S 107 -51.00 -65.83 3.44
CA GLY S 107 -49.93 -66.41 2.64
C GLY S 107 -49.54 -67.80 3.10
N ASN S 108 -49.59 -68.04 4.41
CA ASN S 108 -49.25 -69.35 4.94
C ASN S 108 -50.22 -70.41 4.42
N ARG S 109 -51.51 -70.11 4.47
CA ARG S 109 -52.49 -71.08 3.98
C ARG S 109 -52.37 -71.27 2.48
N PHE S 110 -52.09 -70.18 1.73
CA PHE S 110 -51.87 -70.34 0.30
C PHE S 110 -50.71 -71.27 0.03
N LEU S 111 -49.62 -71.13 0.76
CA LEU S 111 -48.44 -71.95 0.52
C LEU S 111 -48.66 -73.39 0.97
N ASP S 112 -49.38 -73.59 2.07
CA ASP S 112 -49.58 -74.94 2.59
C ASP S 112 -50.55 -75.73 1.72
N ASP S 113 -51.60 -75.09 1.21
CA ASP S 113 -52.56 -75.82 0.41
C ASP S 113 -52.00 -76.21 -0.95
N CYS S 114 -50.95 -75.53 -1.40
CA CYS S 114 -50.35 -75.78 -2.72
C CYS S 114 -51.40 -75.81 -3.82
N SER S 115 -52.44 -74.98 -3.66
CA SER S 115 -53.51 -74.96 -4.64
C SER S 115 -53.08 -74.36 -5.96
N ALA S 116 -52.11 -73.45 -5.94
CA ALA S 116 -51.61 -72.83 -7.16
C ALA S 116 -50.17 -72.41 -6.93
N LEU S 117 -49.49 -72.11 -8.03
CA LEU S 117 -48.08 -71.75 -7.97
C LEU S 117 -47.90 -70.30 -7.52
N LEU S 118 -48.76 -69.40 -8.00
CA LEU S 118 -48.62 -67.98 -7.74
C LEU S 118 -49.77 -67.49 -6.87
N LEU S 119 -49.48 -66.45 -6.10
CA LEU S 119 -50.50 -65.73 -5.35
C LEU S 119 -50.35 -64.23 -5.63
N PRO S 120 -51.29 -63.61 -6.35
CA PRO S 120 -51.24 -62.15 -6.51
C PRO S 120 -51.46 -61.45 -5.18
N VAL S 121 -50.72 -60.38 -4.97
CA VAL S 121 -50.70 -59.69 -3.68
C VAL S 121 -50.77 -58.18 -3.91
N PRO S 122 -51.57 -57.45 -3.15
CA PRO S 122 -51.57 -55.99 -3.27
C PRO S 122 -50.34 -55.40 -2.61
N SER S 123 -49.81 -54.35 -3.24
CA SER S 123 -48.67 -53.66 -2.68
C SER S 123 -49.10 -52.76 -1.53
N ALA S 124 -48.22 -52.64 -0.55
CA ALA S 124 -48.44 -51.75 0.58
C ALA S 124 -47.81 -50.39 0.38
N ILE S 125 -47.21 -50.14 -0.78
CA ILE S 125 -46.53 -48.88 -1.07
C ILE S 125 -47.28 -48.10 -2.14
N MET S 126 -47.58 -48.73 -3.27
CA MET S 126 -48.15 -48.05 -4.41
C MET S 126 -49.50 -48.64 -4.76
N PRO S 127 -50.49 -47.83 -5.13
CA PRO S 127 -51.76 -48.37 -5.60
C PRO S 127 -51.64 -48.94 -7.00
N SER S 128 -52.57 -49.83 -7.33
CA SER S 128 -52.61 -50.53 -8.62
C SER S 128 -51.31 -51.26 -8.91
N THR S 129 -50.59 -51.67 -7.88
CA THR S 129 -49.34 -52.41 -8.01
C THR S 129 -49.51 -53.78 -7.36
N THR S 130 -49.20 -54.83 -8.10
CA THR S 130 -49.40 -56.20 -7.64
C THR S 130 -48.08 -56.94 -7.62
N ASN S 131 -47.77 -57.52 -6.46
CA ASN S 131 -46.64 -58.41 -6.31
C ASN S 131 -47.12 -59.86 -6.34
N TYR S 132 -46.21 -60.79 -6.13
CA TYR S 132 -46.53 -62.20 -6.26
C TYR S 132 -45.79 -63.04 -5.23
N LEU S 133 -46.50 -63.99 -4.65
CA LEU S 133 -45.90 -65.06 -3.88
C LEU S 133 -45.71 -66.26 -4.77
N PHE S 134 -44.52 -66.86 -4.69
CA PHE S 134 -44.11 -67.97 -5.55
C PHE S 134 -43.81 -69.16 -4.65
N ASN S 135 -44.56 -70.25 -4.86
CA ASN S 135 -44.45 -71.44 -4.02
C ASN S 135 -43.54 -72.46 -4.69
N PRO S 136 -42.36 -72.75 -4.13
CA PRO S 136 -41.46 -73.74 -4.77
C PRO S 136 -41.88 -75.19 -4.57
N ARG S 137 -42.93 -75.46 -3.82
CA ARG S 137 -43.44 -76.82 -3.67
C ARG S 137 -44.46 -77.19 -4.73
N HIS S 138 -44.90 -76.25 -5.53
CA HIS S 138 -45.84 -76.56 -6.60
C HIS S 138 -45.11 -77.20 -7.77
N PRO S 139 -45.72 -78.18 -8.43
CA PRO S 139 -45.07 -78.82 -9.58
C PRO S 139 -44.90 -77.94 -10.80
N GLN S 140 -45.50 -76.74 -10.81
CA GLN S 140 -45.32 -75.80 -11.90
C GLN S 140 -44.13 -74.88 -11.67
N ALA S 141 -43.47 -75.00 -10.53
CA ALA S 141 -42.32 -74.17 -10.20
C ALA S 141 -41.07 -74.55 -10.97
N GLN S 142 -41.10 -75.66 -11.71
CA GLN S 142 -40.00 -76.06 -12.56
C GLN S 142 -40.16 -75.55 -13.99
N SER S 143 -41.31 -74.97 -14.32
CA SER S 143 -41.55 -74.39 -15.63
C SER S 143 -41.06 -72.96 -15.71
N ALA S 144 -40.39 -72.46 -14.68
CA ALA S 144 -39.92 -71.09 -14.64
C ALA S 144 -38.54 -71.01 -15.26
N LYS S 145 -38.34 -70.01 -16.11
CA LYS S 145 -37.05 -69.76 -16.73
C LYS S 145 -36.45 -68.51 -16.10
N ILE S 146 -35.31 -68.66 -15.45
CA ILE S 146 -34.74 -67.57 -14.68
C ILE S 146 -33.45 -67.11 -15.34
N GLN S 147 -33.14 -65.83 -15.15
CA GLN S 147 -31.87 -65.28 -15.60
C GLN S 147 -31.52 -64.07 -14.76
N VAL S 148 -30.23 -63.90 -14.51
CA VAL S 148 -29.76 -62.75 -13.75
C VAL S 148 -29.58 -61.58 -14.70
N GLU S 149 -30.34 -60.51 -14.49
CA GLU S 149 -30.16 -59.31 -15.29
C GLU S 149 -28.90 -58.58 -14.86
N ASP S 150 -28.11 -58.16 -15.84
CA ASP S 150 -26.92 -57.39 -15.57
C ASP S 150 -27.31 -56.07 -14.93
N PHE S 151 -26.70 -55.77 -13.78
CA PHE S 151 -27.03 -54.56 -13.04
C PHE S 151 -26.08 -53.44 -13.45
N THR S 152 -26.37 -52.87 -14.62
CA THR S 152 -25.56 -51.79 -15.19
C THR S 152 -26.48 -50.65 -15.62
N PRO S 153 -26.94 -49.82 -14.69
CA PRO S 153 -27.86 -48.74 -15.05
C PRO S 153 -27.20 -47.53 -15.70
N ASP S 154 -25.88 -47.52 -15.83
CA ASP S 154 -25.10 -46.44 -16.43
C ASP S 154 -25.01 -45.25 -15.49
N SER S 155 -25.78 -45.27 -14.41
CA SER S 155 -25.63 -44.32 -13.32
C SER S 155 -25.50 -45.10 -12.02
N ARG S 156 -24.27 -45.29 -11.57
CA ARG S 156 -23.99 -46.17 -10.45
C ARG S 156 -24.48 -45.52 -9.17
N LEU S 157 -25.77 -45.68 -8.89
CA LEU S 157 -26.36 -45.12 -7.69
C LEU S 157 -26.66 -46.26 -6.71
N PHE S 158 -27.19 -47.36 -7.25
CA PHE S 158 -27.43 -48.54 -6.45
C PHE S 158 -26.20 -49.43 -6.48
N MET T 1 -27.79 -73.63 12.20
CA MET T 1 -28.58 -73.52 10.98
C MET T 1 -28.42 -72.14 10.35
N LEU T 2 -27.72 -71.25 11.05
CA LEU T 2 -27.37 -69.96 10.45
C LEU T 2 -26.49 -70.15 9.23
N ALA T 3 -25.65 -71.18 9.23
CA ALA T 3 -24.84 -71.48 8.05
C ALA T 3 -25.68 -72.03 6.90
N GLU T 4 -26.95 -72.36 7.15
CA GLU T 4 -27.79 -72.91 6.11
C GLU T 4 -28.57 -71.84 5.37
N VAL T 5 -28.85 -70.70 6.02
CA VAL T 5 -29.51 -69.61 5.32
C VAL T 5 -28.51 -68.73 4.59
N LEU T 6 -27.27 -68.66 5.05
CA LEU T 6 -26.24 -67.90 4.37
C LEU T 6 -25.60 -68.67 3.22
N ARG T 7 -25.98 -69.92 3.02
CA ARG T 7 -25.68 -70.70 1.82
C ARG T 7 -24.20 -71.02 1.67
N ASP T 8 -23.47 -71.18 2.77
CA ASP T 8 -22.11 -71.70 2.84
C ASP T 8 -21.08 -70.79 2.21
N ASN T 9 -21.49 -69.69 1.58
CA ASN T 9 -20.54 -68.73 1.03
C ASN T 9 -20.66 -67.36 1.70
N GLY T 10 -21.88 -66.94 2.00
CA GLY T 10 -22.05 -65.81 2.88
C GLY T 10 -21.67 -66.13 4.32
N TYR T 11 -21.89 -67.38 4.73
CA TYR T 11 -21.46 -67.80 6.06
C TYR T 11 -19.94 -67.84 6.15
N HIS T 12 -19.26 -68.21 5.07
CA HIS T 12 -17.82 -68.15 5.05
C HIS T 12 -17.33 -66.72 5.25
N GLU T 13 -17.94 -65.76 4.57
CA GLU T 13 -17.58 -64.36 4.75
C GLU T 13 -17.89 -63.89 6.16
N TYR T 14 -19.04 -64.31 6.69
CA TYR T 14 -19.40 -63.93 8.06
C TYR T 14 -18.38 -64.45 9.06
N ARG T 15 -17.93 -65.69 8.90
CA ARG T 15 -16.95 -66.25 9.81
C ARG T 15 -15.59 -65.59 9.62
N ALA T 16 -15.24 -65.21 8.39
CA ALA T 16 -13.98 -64.51 8.18
C ALA T 16 -14.00 -63.14 8.87
N ARG T 17 -15.10 -62.40 8.72
CA ARG T 17 -15.21 -61.12 9.40
C ARG T 17 -15.23 -61.29 10.91
N LEU T 18 -15.87 -62.35 11.40
CA LEU T 18 -15.88 -62.60 12.83
C LEU T 18 -14.48 -62.92 13.34
N GLN T 19 -13.70 -63.66 12.55
CA GLN T 19 -12.32 -63.92 12.92
C GLN T 19 -11.50 -62.65 12.93
N ALA T 20 -11.73 -61.76 11.97
CA ALA T 20 -10.98 -60.51 11.93
C ALA T 20 -11.39 -59.58 13.07
N LEU T 21 -12.65 -59.65 13.49
CA LEU T 21 -13.19 -58.71 14.46
C LEU T 21 -13.05 -59.14 15.90
N LEU T 22 -13.02 -60.44 16.19
CA LEU T 22 -13.09 -60.90 17.56
C LEU T 22 -12.13 -62.07 17.78
N ASP T 23 -11.28 -62.33 16.80
CA ASP T 23 -10.27 -63.39 16.86
C ASP T 23 -10.89 -64.73 17.21
N ILE T 24 -11.85 -65.13 16.38
CA ILE T 24 -12.57 -66.39 16.54
C ILE T 24 -12.28 -67.23 15.30
N PRO T 25 -11.61 -68.37 15.44
CA PRO T 25 -11.25 -69.18 14.25
C PRO T 25 -12.45 -69.54 13.40
N GLU T 26 -12.25 -69.57 12.09
CA GLU T 26 -13.35 -69.76 11.15
C GLU T 26 -13.91 -71.17 11.16
N LEU T 27 -13.22 -72.13 11.79
CA LEU T 27 -13.66 -73.52 11.80
C LEU T 27 -14.10 -73.97 13.19
N ALA T 28 -14.12 -73.05 14.17
CA ALA T 28 -14.52 -73.42 15.52
C ALA T 28 -15.99 -73.77 15.56
N SER T 29 -16.36 -74.60 16.53
CA SER T 29 -17.75 -74.98 16.72
C SER T 29 -18.51 -73.88 17.45
N ASP T 30 -19.84 -73.97 17.36
CA ASP T 30 -20.68 -73.01 18.06
C ASP T 30 -20.43 -73.06 19.57
N PHE T 31 -20.30 -74.26 20.12
CA PHE T 31 -19.98 -74.38 21.54
C PHE T 31 -18.61 -73.80 21.85
N GLU T 32 -17.67 -73.94 20.91
CA GLU T 32 -16.36 -73.33 21.10
C GLU T 32 -16.47 -71.81 21.17
N ILE T 33 -17.32 -71.23 20.32
CA ILE T 33 -17.57 -69.79 20.37
C ILE T 33 -18.17 -69.41 21.72
N HIS T 34 -19.17 -70.18 22.17
CA HIS T 34 -19.78 -69.91 23.47
C HIS T 34 -18.73 -69.92 24.58
N THR T 35 -17.84 -70.91 24.56
CA THR T 35 -16.80 -70.98 25.58
C THR T 35 -15.87 -69.78 25.50
N ARG T 36 -15.49 -69.38 24.29
CA ARG T 36 -14.63 -68.20 24.14
C ARG T 36 -15.30 -66.96 24.70
N ILE T 37 -16.63 -66.87 24.55
CA ILE T 37 -17.36 -65.76 25.16
C ILE T 37 -17.32 -65.87 26.67
N THR T 38 -17.47 -67.08 27.21
CA THR T 38 -17.49 -67.27 28.65
C THR T 38 -16.11 -67.10 29.26
N ASP T 39 -15.05 -67.41 28.51
CA ASP T 39 -13.70 -67.24 29.01
C ASP T 39 -13.35 -65.77 29.24
N GLY T 40 -14.10 -64.85 28.65
CA GLY T 40 -13.79 -63.44 28.77
C GLY T 40 -12.94 -62.93 27.63
N PHE T 41 -13.23 -61.72 27.20
CA PHE T 41 -12.52 -61.07 26.11
C PHE T 41 -11.53 -60.06 26.65
N ALA T 42 -10.45 -59.86 25.91
CA ALA T 42 -9.44 -58.88 26.31
C ALA T 42 -9.95 -57.47 26.08
N ALA T 43 -9.68 -56.60 27.05
CA ALA T 43 -10.09 -55.21 26.94
C ALA T 43 -9.25 -54.47 25.91
N THR T 44 -7.98 -54.87 25.75
CA THR T 44 -7.13 -54.27 24.73
C THR T 44 -7.74 -54.47 23.34
N TRP T 45 -8.34 -55.63 23.10
CA TRP T 45 -8.97 -55.88 21.82
C TRP T 45 -10.12 -54.91 21.59
N LEU T 46 -10.88 -54.60 22.64
CA LEU T 46 -11.98 -53.65 22.49
C LEU T 46 -11.47 -52.24 22.22
N VAL T 47 -10.45 -51.80 22.95
CA VAL T 47 -9.95 -50.45 22.73
C VAL T 47 -9.31 -50.34 21.36
N LYS T 48 -8.76 -51.44 20.84
CA LYS T 48 -8.18 -51.40 19.50
C LYS T 48 -9.25 -51.44 18.43
N LEU T 49 -10.36 -52.14 18.69
CA LEU T 49 -11.50 -52.05 17.79
C LEU T 49 -12.05 -50.63 17.74
N THR T 50 -12.05 -49.95 18.89
CA THR T 50 -12.53 -48.57 18.92
C THR T 50 -11.53 -47.63 18.25
N GLU T 51 -10.23 -47.90 18.37
CA GLU T 51 -9.24 -47.04 17.73
C GLU T 51 -9.27 -47.18 16.22
N ARG T 52 -9.49 -48.39 15.73
CA ARG T 52 -9.51 -48.63 14.28
C ARG T 52 -10.76 -48.11 13.62
N GLY T 53 -11.64 -47.41 14.35
CA GLY T 53 -12.87 -46.93 13.75
C GLY T 53 -13.87 -48.02 13.45
N VAL T 54 -13.74 -49.18 14.09
CA VAL T 54 -14.68 -50.26 13.92
C VAL T 54 -15.88 -50.02 14.83
N LEU T 55 -15.58 -49.60 16.06
CA LEU T 55 -16.61 -49.25 17.03
C LEU T 55 -16.48 -47.77 17.38
N THR T 56 -17.59 -47.07 17.33
CA THR T 56 -17.65 -45.69 17.80
C THR T 56 -17.61 -45.68 19.31
N PRO T 57 -17.09 -44.60 19.91
CA PRO T 57 -17.04 -44.53 21.37
C PRO T 57 -18.37 -44.82 22.06
N VAL T 58 -19.49 -44.42 21.45
CA VAL T 58 -20.78 -44.69 22.08
C VAL T 58 -21.10 -46.17 22.05
N GLU T 59 -20.65 -46.88 21.01
CA GLU T 59 -20.85 -48.33 20.97
C GLU T 59 -20.00 -49.03 22.02
N ARG T 60 -18.76 -48.56 22.19
CA ARG T 60 -17.91 -49.08 23.26
C ARG T 60 -18.54 -48.82 24.63
N ASP T 61 -19.18 -47.66 24.80
CA ASP T 61 -19.83 -47.36 26.07
C ASP T 61 -21.04 -48.24 26.28
N GLN T 62 -21.82 -48.49 25.22
CA GLN T 62 -22.93 -49.42 25.33
C GLN T 62 -22.45 -50.82 25.67
N ILE T 63 -21.23 -51.17 25.24
CA ILE T 63 -20.64 -52.44 25.66
C ILE T 63 -20.23 -52.38 27.13
N ILE T 64 -19.51 -51.34 27.50
CA ILE T 64 -18.96 -51.23 28.85
C ILE T 64 -18.66 -49.76 29.17
N PRO T 65 -18.92 -49.30 30.40
CA PRO T 65 -18.47 -47.96 30.78
C PRO T 65 -16.96 -47.85 30.72
N LEU T 66 -16.49 -46.63 30.43
CA LEU T 66 -15.08 -46.43 30.14
C LEU T 66 -14.22 -46.63 31.39
N ARG T 67 -14.72 -46.22 32.55
CA ARG T 67 -13.93 -46.39 33.77
C ARG T 67 -13.73 -47.87 34.09
N THR T 68 -14.79 -48.67 33.95
CA THR T 68 -14.66 -50.11 34.12
C THR T 68 -13.68 -50.69 33.10
N LEU T 69 -13.69 -50.15 31.88
CA LEU T 69 -12.77 -50.62 30.86
C LEU T 69 -11.33 -50.33 31.25
N LYS T 70 -11.06 -49.14 31.77
CA LYS T 70 -9.71 -48.83 32.22
C LYS T 70 -9.29 -49.70 33.38
N SER T 71 -10.24 -49.98 34.29
CA SER T 71 -9.95 -50.91 35.39
C SER T 71 -9.57 -52.29 34.86
N ARG T 72 -10.34 -52.80 33.91
CA ARG T 72 -10.01 -54.09 33.30
C ARG T 72 -8.63 -54.05 32.66
N ILE T 73 -8.32 -52.96 31.97
CA ILE T 73 -7.03 -52.84 31.28
C ILE T 73 -5.89 -52.89 32.28
N GLU T 74 -5.99 -52.10 33.34
CA GLU T 74 -4.86 -51.98 34.26
C GLU T 74 -4.72 -53.21 35.14
N ARG T 75 -5.81 -53.74 35.67
CA ARG T 75 -5.72 -54.97 36.45
C ARG T 75 -5.58 -56.21 35.59
N ASP T 76 -5.40 -56.04 34.27
CA ASP T 76 -5.22 -57.15 33.34
C ASP T 76 -6.33 -58.18 33.48
N GLN T 77 -7.55 -57.71 33.72
CA GLN T 77 -8.70 -58.59 33.90
C GLN T 77 -9.53 -58.61 32.62
N PRO T 78 -9.88 -59.77 32.10
CA PRO T 78 -10.74 -59.82 30.91
C PRO T 78 -12.17 -59.41 31.25
N LEU T 79 -12.93 -59.13 30.19
CA LEU T 79 -14.30 -58.67 30.35
C LEU T 79 -15.17 -59.72 31.00
N THR T 80 -16.25 -59.30 31.65
CA THR T 80 -17.19 -60.23 32.25
C THR T 80 -18.04 -60.88 31.18
N VAL T 81 -18.90 -61.80 31.62
CA VAL T 81 -19.75 -62.53 30.68
C VAL T 81 -20.74 -61.58 30.02
N ASP T 82 -21.21 -60.58 30.77
CA ASP T 82 -22.13 -59.59 30.21
C ASP T 82 -21.43 -58.72 29.19
N GLU T 83 -20.27 -58.18 29.55
CA GLU T 83 -19.51 -57.34 28.64
C GLU T 83 -19.06 -58.13 27.42
N SER T 84 -18.60 -59.37 27.64
CA SER T 84 -18.20 -60.22 26.52
C SER T 84 -19.39 -60.53 25.62
N ASP T 85 -20.57 -60.73 26.21
CA ASP T 85 -21.75 -61.02 25.41
C ASP T 85 -22.14 -59.82 24.57
N ARG T 86 -22.05 -58.62 25.14
CA ARG T 86 -22.37 -57.42 24.37
C ARG T 86 -21.36 -57.19 23.25
N LEU T 87 -20.08 -57.38 23.54
CA LEU T 87 -19.06 -57.26 22.50
C LEU T 87 -19.28 -58.29 21.40
N PHE T 88 -19.63 -59.52 21.77
CA PHE T 88 -19.90 -60.54 20.77
C PHE T 88 -21.12 -60.17 19.94
N ARG T 89 -22.15 -59.62 20.57
CA ARG T 89 -23.33 -59.21 19.81
C ARG T 89 -22.97 -58.13 18.80
N SER T 90 -22.17 -57.15 19.22
CA SER T 90 -21.75 -56.10 18.30
C SER T 90 -20.96 -56.67 17.14
N ALA T 91 -19.95 -57.50 17.45
CA ALA T 91 -19.11 -58.06 16.39
C ALA T 91 -19.91 -58.97 15.47
N HIS T 92 -20.84 -59.73 16.03
CA HIS T 92 -21.63 -60.67 15.23
C HIS T 92 -22.60 -59.95 14.32
N ILE T 93 -23.24 -58.89 14.81
CA ILE T 93 -24.12 -58.11 13.96
C ILE T 93 -23.31 -57.40 12.88
N THR T 94 -22.13 -56.89 13.23
CA THR T 94 -21.30 -56.23 12.22
C THR T 94 -20.87 -57.21 11.14
N ALA T 95 -20.45 -58.41 11.53
CA ALA T 95 -19.99 -59.40 10.56
C ALA T 95 -21.15 -59.88 9.70
N MET T 96 -22.33 -60.09 10.31
CA MET T 96 -23.50 -60.49 9.54
C MET T 96 -23.88 -59.41 8.53
N ALA T 97 -23.86 -58.14 8.96
CA ALA T 97 -24.19 -57.06 8.05
C ALA T 97 -23.16 -56.95 6.92
N GLU T 98 -21.88 -57.16 7.23
CA GLU T 98 -20.87 -57.12 6.19
C GLU T 98 -21.03 -58.28 5.21
N ALA T 99 -21.55 -59.41 5.69
CA ALA T 99 -21.79 -60.53 4.80
C ALA T 99 -23.00 -60.29 3.91
N VAL T 100 -24.02 -59.59 4.44
CA VAL T 100 -25.22 -59.35 3.64
C VAL T 100 -24.99 -58.21 2.64
N PHE T 101 -24.38 -57.12 3.08
CA PHE T 101 -24.17 -55.96 2.22
C PHE T 101 -22.95 -56.09 1.32
N GLY T 102 -21.98 -56.92 1.70
CA GLY T 102 -20.79 -57.13 0.91
C GLY T 102 -19.73 -56.06 1.04
N GLU T 103 -20.04 -54.94 1.67
CA GLU T 103 -19.08 -53.86 1.87
C GLU T 103 -19.20 -53.34 3.29
N ALA T 104 -18.06 -53.05 3.91
CA ALA T 104 -18.05 -52.66 5.31
C ALA T 104 -18.76 -51.33 5.53
N GLY T 105 -18.54 -50.37 4.63
CA GLY T 105 -19.11 -49.05 4.83
C GLY T 105 -20.62 -49.04 4.73
N LYS T 106 -21.16 -49.71 3.71
CA LYS T 106 -22.62 -49.79 3.57
C LYS T 106 -23.24 -50.44 4.78
N ALA T 107 -22.65 -51.55 5.25
CA ALA T 107 -23.19 -52.25 6.40
C ALA T 107 -23.14 -51.37 7.65
N LYS T 108 -22.01 -50.73 7.90
CA LYS T 108 -21.88 -49.92 9.10
C LYS T 108 -22.81 -48.73 9.07
N ARG T 109 -23.04 -48.16 7.89
CA ARG T 109 -23.96 -47.03 7.80
C ARG T 109 -25.40 -47.48 8.02
N TRP T 110 -25.79 -48.59 7.39
CA TRP T 110 -27.13 -49.13 7.60
C TRP T 110 -27.35 -49.48 9.07
N LEU T 111 -26.31 -49.95 9.74
CA LEU T 111 -26.41 -50.26 11.16
C LEU T 111 -26.43 -49.01 12.03
N SER T 112 -25.99 -47.87 11.50
CA SER T 112 -25.93 -46.63 12.25
C SER T 112 -27.02 -45.65 11.84
N LYS T 113 -28.01 -46.09 11.07
CA LYS T 113 -29.11 -45.23 10.66
C LYS T 113 -30.39 -45.66 11.35
N PRO T 114 -31.18 -44.73 11.86
CA PRO T 114 -32.42 -45.11 12.54
C PRO T 114 -33.42 -45.75 11.59
N LYS T 115 -34.32 -46.54 12.15
CA LYS T 115 -35.30 -47.28 11.38
C LYS T 115 -36.70 -47.03 11.92
N GLU T 116 -37.67 -46.93 11.02
CA GLU T 116 -39.05 -46.82 11.44
C GLU T 116 -39.53 -48.11 12.09
N ARG T 117 -38.99 -49.25 11.63
CA ARG T 117 -39.28 -50.54 12.25
C ARG T 117 -38.94 -50.54 13.73
N PHE T 118 -37.94 -49.75 14.13
CA PHE T 118 -37.47 -49.70 15.51
C PHE T 118 -37.82 -48.39 16.18
N SER T 119 -38.82 -47.68 15.64
CA SER T 119 -39.32 -46.44 16.23
C SER T 119 -38.23 -45.40 16.41
N GLY T 120 -37.39 -45.25 15.39
CA GLY T 120 -36.33 -44.26 15.42
C GLY T 120 -35.05 -44.70 16.07
N LEU T 121 -34.84 -45.99 16.24
CA LEU T 121 -33.62 -46.52 16.84
C LEU T 121 -32.77 -47.17 15.76
N THR T 122 -31.46 -47.04 15.90
CA THR T 122 -30.55 -47.70 14.98
C THR T 122 -30.39 -49.17 15.37
N PRO T 123 -30.05 -50.02 14.41
CA PRO T 123 -29.83 -51.44 14.74
C PRO T 123 -28.91 -51.66 15.92
N MET T 124 -27.80 -50.93 15.99
CA MET T 124 -26.88 -51.09 17.11
C MET T 124 -27.57 -50.77 18.43
N GLN T 125 -28.43 -49.76 18.46
CA GLN T 125 -29.14 -49.44 19.68
C GLN T 125 -30.07 -50.56 20.12
N MET T 126 -30.46 -51.42 19.20
CA MET T 126 -31.28 -52.59 19.53
C MET T 126 -30.46 -53.72 20.14
N LEU T 127 -29.13 -53.64 20.09
CA LEU T 127 -28.30 -54.73 20.59
C LEU T 127 -28.26 -54.80 22.10
N THR T 128 -29.04 -53.97 22.80
CA THR T 128 -29.07 -54.05 24.26
C THR T 128 -29.70 -55.35 24.74
N THR T 129 -30.59 -55.93 23.95
CA THR T 129 -31.35 -57.11 24.38
C THR T 129 -31.18 -58.24 23.38
N GLN T 130 -31.45 -59.46 23.88
CA GLN T 130 -31.59 -60.62 23.02
C GLN T 130 -32.58 -60.36 21.90
N GLN T 131 -33.72 -59.74 22.23
CA GLN T 131 -34.79 -59.59 21.26
C GLN T 131 -34.42 -58.61 20.16
N GLY T 132 -33.81 -57.48 20.52
CA GLY T 132 -33.40 -56.53 19.50
C GLY T 132 -32.33 -57.09 18.58
N THR T 133 -31.41 -57.87 19.14
CA THR T 133 -30.40 -58.53 18.33
C THR T 133 -31.05 -59.50 17.34
N THR T 134 -32.02 -60.29 17.82
CA THR T 134 -32.72 -61.19 16.91
C THR T 134 -33.50 -60.43 15.85
N GLN T 135 -34.03 -59.26 16.19
CA GLN T 135 -34.76 -58.46 15.21
C GLN T 135 -33.81 -57.94 14.14
N VAL T 136 -32.62 -57.49 14.52
CA VAL T 136 -31.65 -57.02 13.54
C VAL T 136 -31.22 -58.17 12.64
N GLU T 137 -31.00 -59.36 13.23
CA GLU T 137 -30.70 -60.53 12.43
C GLU T 137 -31.81 -60.83 11.43
N GLU T 138 -33.06 -60.75 11.89
CA GLU T 138 -34.20 -61.00 11.01
C GLU T 138 -34.23 -60.00 9.86
N MET T 139 -33.93 -58.73 10.14
CA MET T 139 -33.91 -57.72 9.09
C MET T 139 -32.83 -58.02 8.06
N LEU T 140 -31.63 -58.35 8.54
CA LEU T 140 -30.53 -58.70 7.63
C LEU T 140 -30.91 -59.90 6.77
N LEU T 141 -31.57 -60.89 7.36
CA LEU T 141 -31.91 -62.08 6.59
C LEU T 141 -33.04 -61.80 5.61
N GLN T 142 -33.96 -60.90 5.96
CA GLN T 142 -34.98 -60.48 5.01
C GLN T 142 -34.36 -59.78 3.82
N ILE T 143 -33.33 -58.96 4.07
CA ILE T 143 -32.57 -58.37 2.97
C ILE T 143 -31.96 -59.47 2.10
N ALA T 144 -31.28 -60.43 2.74
CA ALA T 144 -30.55 -61.45 1.99
C ALA T 144 -31.48 -62.33 1.16
N GLU T 145 -32.66 -62.64 1.70
CA GLU T 145 -33.61 -63.50 1.02
C GLU T 145 -34.61 -62.73 0.17
N GLY T 146 -34.53 -61.40 0.16
CA GLY T 146 -35.43 -60.61 -0.63
C GLY T 146 -36.88 -60.69 -0.17
N TYR T 147 -37.10 -60.63 1.13
CA TYR T 147 -38.44 -60.63 1.70
C TYR T 147 -38.78 -59.18 2.07
N GLY T 148 -39.19 -58.41 1.06
CA GLY T 148 -39.58 -57.04 1.27
C GLY T 148 -40.83 -56.71 0.50
N LEU T 149 -41.79 -57.66 0.53
CA LEU T 149 -43.15 -57.51 -0.09
C LEU T 149 -43.17 -57.91 -1.58
N MET U 1 -36.92 -64.76 16.40
CA MET U 1 -36.43 -65.32 15.15
C MET U 1 -36.82 -66.79 15.01
N LEU U 2 -36.19 -67.65 15.82
CA LEU U 2 -36.36 -69.09 15.69
C LEU U 2 -37.68 -69.59 16.29
N ALA U 3 -38.26 -68.87 17.24
CA ALA U 3 -39.53 -69.29 17.82
C ALA U 3 -40.66 -69.32 16.80
N GLU U 4 -40.47 -68.75 15.61
CA GLU U 4 -41.47 -68.79 14.57
C GLU U 4 -41.31 -69.99 13.65
N VAL U 5 -40.30 -70.83 13.86
CA VAL U 5 -40.05 -71.98 13.01
C VAL U 5 -40.90 -73.17 13.42
N LEU U 6 -41.61 -73.08 14.54
CA LEU U 6 -42.50 -74.15 14.97
C LEU U 6 -43.54 -74.40 13.90
N ARG U 7 -43.72 -75.67 13.52
CA ARG U 7 -44.45 -75.99 12.31
C ARG U 7 -45.95 -75.72 12.47
N ASP U 8 -46.54 -76.24 13.53
CA ASP U 8 -47.96 -76.08 13.82
C ASP U 8 -48.13 -74.82 14.71
N ASN U 9 -49.26 -74.64 15.36
CA ASN U 9 -49.54 -73.43 16.14
C ASN U 9 -48.69 -73.33 17.40
N GLY U 10 -47.64 -74.14 17.51
CA GLY U 10 -46.79 -74.10 18.69
C GLY U 10 -46.25 -72.72 19.01
N TYR U 11 -46.16 -71.85 18.00
CA TYR U 11 -45.73 -70.48 18.26
C TYR U 11 -46.72 -69.77 19.19
N HIS U 12 -48.02 -70.01 19.00
CA HIS U 12 -49.00 -69.34 19.84
C HIS U 12 -49.01 -69.90 21.26
N GLU U 13 -48.75 -71.21 21.42
CA GLU U 13 -48.57 -71.73 22.77
C GLU U 13 -47.31 -71.17 23.42
N TYR U 14 -46.25 -70.97 22.63
CA TYR U 14 -45.06 -70.30 23.14
C TYR U 14 -45.39 -68.91 23.63
N ARG U 15 -46.17 -68.17 22.85
CA ARG U 15 -46.61 -66.85 23.26
C ARG U 15 -47.50 -66.92 24.49
N ALA U 16 -48.27 -67.99 24.63
CA ALA U 16 -49.11 -68.16 25.81
C ALA U 16 -48.28 -68.41 27.06
N ARG U 17 -47.22 -69.21 26.93
CA ARG U 17 -46.34 -69.38 28.07
C ARG U 17 -45.61 -68.09 28.39
N LEU U 18 -45.34 -67.27 27.37
CA LEU U 18 -44.83 -65.93 27.64
C LEU U 18 -45.85 -65.09 28.40
N GLN U 19 -47.13 -65.21 28.04
CA GLN U 19 -48.21 -64.61 28.82
C GLN U 19 -48.07 -64.99 30.29
N ALA U 20 -47.93 -66.29 30.54
CA ALA U 20 -47.95 -66.80 31.91
C ALA U 20 -46.69 -66.42 32.68
N LEU U 21 -45.55 -66.31 31.99
CA LEU U 21 -44.28 -66.14 32.70
C LEU U 21 -43.86 -64.68 32.83
N LEU U 22 -44.07 -63.84 31.82
CA LEU U 22 -43.52 -62.49 31.89
C LEU U 22 -44.54 -61.40 31.62
N ASP U 23 -45.84 -61.70 31.64
CA ASP U 23 -46.88 -60.70 31.42
C ASP U 23 -46.64 -59.94 30.11
N ILE U 24 -46.38 -60.71 29.05
CA ILE U 24 -46.09 -60.15 27.74
C ILE U 24 -47.22 -60.52 26.79
N PRO U 25 -48.06 -59.55 26.38
CA PRO U 25 -49.16 -59.86 25.46
C PRO U 25 -48.71 -60.58 24.20
N GLU U 26 -49.49 -61.58 23.77
CA GLU U 26 -49.16 -62.40 22.62
C GLU U 26 -49.56 -61.75 21.30
N LEU U 27 -50.03 -60.50 21.34
CA LEU U 27 -50.19 -59.72 20.14
C LEU U 27 -49.24 -58.54 20.13
N ALA U 28 -48.35 -58.45 21.12
CA ALA U 28 -47.37 -57.38 21.17
C ALA U 28 -46.30 -57.58 20.11
N SER U 29 -45.82 -56.47 19.56
CA SER U 29 -44.74 -56.53 18.59
C SER U 29 -43.45 -56.97 19.27
N ASP U 30 -42.54 -57.54 18.48
CA ASP U 30 -41.23 -57.86 19.00
C ASP U 30 -40.51 -56.62 19.51
N PHE U 31 -40.75 -55.48 18.87
CA PHE U 31 -40.16 -54.24 19.35
C PHE U 31 -40.71 -53.87 20.73
N GLU U 32 -42.00 -54.08 20.94
CA GLU U 32 -42.57 -53.85 22.26
C GLU U 32 -41.96 -54.78 23.29
N ILE U 33 -41.66 -56.02 22.88
CA ILE U 33 -40.98 -56.96 23.76
C ILE U 33 -39.61 -56.42 24.15
N HIS U 34 -38.87 -55.91 23.15
CA HIS U 34 -37.56 -55.34 23.43
C HIS U 34 -37.67 -54.15 24.39
N THR U 35 -38.67 -53.29 24.17
CA THR U 35 -38.83 -52.13 25.04
C THR U 35 -39.22 -52.55 26.44
N ARG U 36 -40.01 -53.62 26.60
CA ARG U 36 -40.34 -54.09 27.93
C ARG U 36 -39.13 -54.68 28.62
N ILE U 37 -38.25 -55.35 27.86
CA ILE U 37 -37.00 -55.83 28.44
C ILE U 37 -36.16 -54.66 28.92
N THR U 38 -36.06 -53.62 28.10
CA THR U 38 -35.22 -52.48 28.45
C THR U 38 -35.79 -51.71 29.64
N ASP U 39 -37.12 -51.57 29.70
CA ASP U 39 -37.74 -50.82 30.79
C ASP U 39 -37.62 -51.52 32.12
N GLY U 40 -37.29 -52.81 32.13
CA GLY U 40 -37.07 -53.51 33.38
C GLY U 40 -38.26 -54.32 33.83
N PHE U 41 -38.00 -55.52 34.35
CA PHE U 41 -39.03 -56.38 34.92
C PHE U 41 -39.06 -56.20 36.43
N ALA U 42 -40.24 -56.39 37.02
CA ALA U 42 -40.37 -56.29 38.46
C ALA U 42 -39.73 -57.49 39.14
N ALA U 43 -38.95 -57.23 40.18
CA ALA U 43 -38.31 -58.30 40.93
C ALA U 43 -39.33 -59.21 41.60
N THR U 44 -40.52 -58.66 41.91
CA THR U 44 -41.59 -59.49 42.44
C THR U 44 -41.88 -60.67 41.52
N TRP U 45 -41.89 -60.43 40.21
CA TRP U 45 -42.07 -61.52 39.26
C TRP U 45 -41.01 -62.59 39.47
N LEU U 46 -39.75 -62.19 39.56
CA LEU U 46 -38.67 -63.18 39.64
C LEU U 46 -38.78 -64.01 40.92
N VAL U 47 -39.04 -63.35 42.04
CA VAL U 47 -39.12 -64.09 43.30
C VAL U 47 -40.36 -64.98 43.32
N LYS U 48 -41.49 -64.49 42.82
CA LYS U 48 -42.69 -65.31 42.76
C LYS U 48 -42.50 -66.51 41.85
N LEU U 49 -41.80 -66.34 40.74
CA LEU U 49 -41.55 -67.46 39.84
C LEU U 49 -40.61 -68.48 40.48
N THR U 50 -39.56 -68.01 41.14
CA THR U 50 -38.62 -68.95 41.74
C THR U 50 -39.23 -69.68 42.93
N GLU U 51 -40.18 -69.05 43.63
CA GLU U 51 -40.86 -69.76 44.70
C GLU U 51 -41.97 -70.66 44.17
N ARG U 52 -42.40 -70.43 42.93
CA ARG U 52 -43.37 -71.28 42.26
C ARG U 52 -42.73 -72.55 41.70
N GLY U 53 -41.47 -72.80 42.02
CA GLY U 53 -40.82 -74.04 41.61
C GLY U 53 -40.69 -74.23 40.12
N VAL U 54 -40.55 -73.14 39.36
CA VAL U 54 -40.35 -73.24 37.92
C VAL U 54 -38.87 -73.02 37.57
N LEU U 55 -38.10 -72.42 38.46
CA LEU U 55 -36.68 -72.24 38.25
C LEU U 55 -35.95 -72.36 39.58
N THR U 56 -34.79 -73.01 39.54
CA THR U 56 -34.07 -73.38 40.75
C THR U 56 -33.35 -72.17 41.32
N PRO U 57 -32.99 -72.22 42.61
CA PRO U 57 -32.30 -71.08 43.21
C PRO U 57 -30.96 -70.77 42.57
N VAL U 58 -30.27 -71.76 42.03
CA VAL U 58 -29.01 -71.46 41.34
C VAL U 58 -29.29 -70.78 40.00
N GLU U 59 -30.37 -71.18 39.32
CA GLU U 59 -30.82 -70.47 38.14
C GLU U 59 -31.28 -69.07 38.49
N ARG U 60 -31.85 -68.89 39.68
CA ARG U 60 -32.21 -67.56 40.16
C ARG U 60 -30.96 -66.71 40.40
N ASP U 61 -29.90 -67.32 40.93
CA ASP U 61 -28.68 -66.56 41.21
C ASP U 61 -27.97 -66.18 39.93
N GLN U 62 -27.93 -67.08 38.95
CA GLN U 62 -27.31 -66.78 37.67
C GLN U 62 -27.95 -65.54 37.02
N ILE U 63 -29.23 -65.31 37.25
CA ILE U 63 -29.89 -64.11 36.77
C ILE U 63 -29.58 -62.92 37.64
N ILE U 64 -29.62 -63.10 38.95
CA ILE U 64 -29.22 -62.07 39.92
C ILE U 64 -29.00 -62.73 41.27
N PRO U 65 -27.91 -62.41 41.98
CA PRO U 65 -27.75 -62.93 43.33
C PRO U 65 -28.87 -62.47 44.26
N LEU U 66 -29.14 -63.29 45.27
CA LEU U 66 -30.27 -63.02 46.15
C LEU U 66 -30.07 -61.73 46.93
N ARG U 67 -28.83 -61.43 47.32
CA ARG U 67 -28.56 -60.18 48.02
C ARG U 67 -28.90 -58.98 47.15
N THR U 68 -28.44 -58.98 45.90
CA THR U 68 -28.76 -57.90 44.99
C THR U 68 -30.24 -57.87 44.64
N LEU U 69 -30.86 -59.05 44.54
CA LEU U 69 -32.30 -59.11 44.27
C LEU U 69 -33.09 -58.43 45.37
N LYS U 70 -32.78 -58.72 46.63
CA LYS U 70 -33.49 -58.09 47.73
C LYS U 70 -33.11 -56.61 47.83
N SER U 71 -31.85 -56.28 47.53
CA SER U 71 -31.44 -54.89 47.44
C SER U 71 -32.34 -54.11 46.50
N ARG U 72 -32.59 -54.68 45.32
CA ARG U 72 -33.47 -54.02 44.36
C ARG U 72 -34.91 -53.95 44.87
N ILE U 73 -35.44 -55.06 45.36
CA ILE U 73 -36.86 -55.09 45.69
C ILE U 73 -37.17 -54.22 46.91
N GLU U 74 -36.20 -54.07 47.82
CA GLU U 74 -36.39 -53.19 48.97
C GLU U 74 -36.54 -51.75 48.52
N ARG U 75 -35.79 -51.36 47.49
CA ARG U 75 -35.94 -50.06 46.85
C ARG U 75 -37.15 -50.02 45.93
N ASP U 76 -37.84 -51.16 45.78
CA ASP U 76 -39.00 -51.28 44.89
C ASP U 76 -38.61 -50.88 43.47
N GLN U 77 -37.42 -51.30 43.07
CA GLN U 77 -36.82 -51.00 41.78
C GLN U 77 -36.96 -52.19 40.83
N PRO U 78 -37.09 -51.93 39.53
CA PRO U 78 -37.14 -53.03 38.57
C PRO U 78 -35.76 -53.57 38.26
N LEU U 79 -35.74 -54.74 37.63
CA LEU U 79 -34.48 -55.35 37.24
C LEU U 79 -33.79 -54.50 36.18
N THR U 80 -32.46 -54.57 36.18
CA THR U 80 -31.68 -53.82 35.19
C THR U 80 -31.84 -54.44 33.81
N VAL U 81 -31.20 -53.80 32.83
CA VAL U 81 -31.36 -54.23 31.44
C VAL U 81 -30.75 -55.61 31.23
N ASP U 82 -29.56 -55.85 31.79
CA ASP U 82 -28.93 -57.17 31.61
C ASP U 82 -29.60 -58.23 32.47
N GLU U 83 -30.01 -57.89 33.69
CA GLU U 83 -30.78 -58.82 34.50
C GLU U 83 -32.09 -59.18 33.82
N SER U 84 -32.80 -58.17 33.33
CA SER U 84 -34.03 -58.43 32.58
C SER U 84 -33.76 -59.25 31.33
N ASP U 85 -32.60 -59.05 30.70
CA ASP U 85 -32.29 -59.81 29.50
C ASP U 85 -32.05 -61.27 29.83
N ARG U 86 -31.33 -61.55 30.92
CA ARG U 86 -31.13 -62.93 31.34
C ARG U 86 -32.46 -63.58 31.71
N LEU U 87 -33.30 -62.85 32.43
CA LEU U 87 -34.63 -63.37 32.76
C LEU U 87 -35.43 -63.68 31.50
N PHE U 88 -35.36 -62.79 30.51
CA PHE U 88 -36.08 -63.03 29.27
C PHE U 88 -35.54 -64.25 28.54
N ARG U 89 -34.21 -64.40 28.51
CA ARG U 89 -33.63 -65.58 27.89
C ARG U 89 -34.17 -66.84 28.53
N SER U 90 -34.11 -66.90 29.86
CA SER U 90 -34.59 -68.08 30.58
C SER U 90 -36.05 -68.35 30.29
N ALA U 91 -36.90 -67.33 30.42
CA ALA U 91 -38.33 -67.53 30.24
C ALA U 91 -38.65 -67.89 28.80
N HIS U 92 -37.97 -67.27 27.84
CA HIS U 92 -38.19 -67.55 26.44
C HIS U 92 -37.87 -69.00 26.10
N ILE U 93 -36.74 -69.50 26.62
CA ILE U 93 -36.37 -70.86 26.27
C ILE U 93 -37.20 -71.88 27.05
N THR U 94 -37.60 -71.55 28.28
CA THR U 94 -38.52 -72.45 28.98
C THR U 94 -39.86 -72.52 28.26
N ALA U 95 -40.35 -71.38 27.75
CA ALA U 95 -41.60 -71.39 26.99
C ALA U 95 -41.44 -72.19 25.71
N MET U 96 -40.30 -72.04 25.04
CA MET U 96 -40.04 -72.80 23.82
C MET U 96 -40.00 -74.29 24.09
N ALA U 97 -39.36 -74.69 25.18
CA ALA U 97 -39.26 -76.11 25.53
C ALA U 97 -40.61 -76.67 25.95
N GLU U 98 -41.40 -75.90 26.70
CA GLU U 98 -42.74 -76.34 27.05
C GLU U 98 -43.63 -76.41 25.83
N ALA U 99 -43.35 -75.59 24.80
CA ALA U 99 -44.13 -75.65 23.58
C ALA U 99 -43.79 -76.89 22.76
N VAL U 100 -42.51 -77.24 22.68
CA VAL U 100 -42.13 -78.39 21.88
C VAL U 100 -42.44 -79.69 22.61
N PHE U 101 -42.33 -79.69 23.94
CA PHE U 101 -42.58 -80.90 24.73
C PHE U 101 -44.03 -81.05 25.17
N GLY U 102 -44.78 -79.96 25.24
CA GLY U 102 -46.17 -80.04 25.63
C GLY U 102 -46.41 -80.36 27.08
N GLU U 103 -45.36 -80.39 27.91
CA GLU U 103 -45.51 -80.67 29.33
C GLU U 103 -44.41 -79.94 30.09
N ALA U 104 -44.82 -79.20 31.12
CA ALA U 104 -43.89 -78.34 31.83
C ALA U 104 -42.79 -79.14 32.52
N GLY U 105 -43.15 -80.24 33.18
CA GLY U 105 -42.15 -81.01 33.91
C GLY U 105 -41.11 -81.64 33.00
N LYS U 106 -41.56 -82.25 31.91
CA LYS U 106 -40.62 -82.81 30.93
C LYS U 106 -39.69 -81.73 30.40
N ALA U 107 -40.25 -80.56 30.12
CA ALA U 107 -39.44 -79.46 29.61
C ALA U 107 -38.38 -79.03 30.60
N LYS U 108 -38.78 -78.83 31.86
CA LYS U 108 -37.83 -78.39 32.88
C LYS U 108 -36.76 -79.43 33.14
N ARG U 109 -37.14 -80.71 33.13
CA ARG U 109 -36.15 -81.77 33.30
C ARG U 109 -35.15 -81.76 32.16
N TRP U 110 -35.64 -81.64 30.92
CA TRP U 110 -34.73 -81.59 29.77
C TRP U 110 -33.82 -80.38 29.85
N LEU U 111 -34.36 -79.25 30.33
CA LEU U 111 -33.56 -78.03 30.48
C LEU U 111 -32.53 -78.15 31.59
N SER U 112 -32.78 -78.98 32.59
CA SER U 112 -31.84 -79.17 33.69
C SER U 112 -30.96 -80.39 33.53
N LYS U 113 -31.14 -81.15 32.45
CA LYS U 113 -30.32 -82.35 32.26
C LYS U 113 -29.17 -82.04 31.31
N PRO U 114 -27.93 -82.30 31.71
CA PRO U 114 -26.78 -81.92 30.88
C PRO U 114 -26.79 -82.64 29.53
N LYS U 115 -25.99 -82.10 28.61
CA LYS U 115 -25.93 -82.59 27.24
C LYS U 115 -24.49 -82.83 26.83
N GLU U 116 -24.29 -83.78 25.91
CA GLU U 116 -22.95 -84.08 25.46
C GLU U 116 -22.41 -82.99 24.55
N ARG U 117 -23.25 -82.46 23.65
CA ARG U 117 -22.81 -81.39 22.75
C ARG U 117 -22.36 -80.15 23.52
N PHE U 118 -22.84 -79.97 24.75
CA PHE U 118 -22.42 -78.87 25.60
C PHE U 118 -21.29 -79.26 26.54
N SER U 119 -20.64 -80.40 26.29
CA SER U 119 -19.59 -80.94 27.15
C SER U 119 -20.06 -81.03 28.60
N GLY U 120 -21.22 -81.66 28.75
CA GLY U 120 -21.82 -81.86 30.05
C GLY U 120 -22.20 -80.57 30.76
N LEU U 121 -23.06 -79.77 30.13
CA LEU U 121 -23.59 -78.56 30.73
C LEU U 121 -25.10 -78.54 30.54
N THR U 122 -25.79 -77.91 31.49
CA THR U 122 -27.23 -77.81 31.41
C THR U 122 -27.62 -76.69 30.45
N PRO U 123 -28.62 -76.93 29.59
CA PRO U 123 -29.08 -75.86 28.69
C PRO U 123 -29.44 -74.57 29.42
N MET U 124 -29.94 -74.66 30.66
CA MET U 124 -30.30 -73.46 31.40
C MET U 124 -29.09 -72.64 31.79
N GLN U 125 -27.93 -73.27 31.93
CA GLN U 125 -26.72 -72.56 32.30
C GLN U 125 -25.92 -72.10 31.08
N MET U 126 -26.25 -72.61 29.90
CA MET U 126 -25.67 -72.13 28.66
C MET U 126 -26.31 -70.82 28.20
N LEU U 127 -27.24 -70.27 28.98
CA LEU U 127 -27.96 -69.07 28.60
C LEU U 127 -27.21 -67.80 29.00
N THR U 128 -25.91 -67.90 29.22
CA THR U 128 -25.11 -66.73 29.56
C THR U 128 -24.67 -65.94 28.32
N THR U 129 -24.74 -66.55 27.15
CA THR U 129 -24.32 -65.91 25.91
C THR U 129 -25.45 -65.99 24.88
N GLN U 130 -25.37 -65.09 23.90
CA GLN U 130 -26.32 -65.13 22.79
C GLN U 130 -26.16 -66.40 21.97
N GLN U 131 -24.91 -66.82 21.74
CA GLN U 131 -24.66 -68.01 20.95
C GLN U 131 -25.17 -69.26 21.65
N GLY U 132 -25.06 -69.30 22.99
CA GLY U 132 -25.60 -70.43 23.73
C GLY U 132 -27.11 -70.50 23.64
N THR U 133 -27.78 -69.36 23.78
CA THR U 133 -29.22 -69.32 23.60
C THR U 133 -29.61 -69.83 22.22
N THR U 134 -28.87 -69.40 21.19
CA THR U 134 -29.16 -69.85 19.84
C THR U 134 -28.94 -71.35 19.70
N GLN U 135 -27.90 -71.88 20.33
CA GLN U 135 -27.65 -73.32 20.28
C GLN U 135 -28.79 -74.09 20.93
N VAL U 136 -29.27 -73.61 22.07
CA VAL U 136 -30.37 -74.29 22.74
C VAL U 136 -31.63 -74.25 21.89
N GLU U 137 -31.91 -73.09 21.27
CA GLU U 137 -33.06 -73.00 20.38
C GLU U 137 -32.94 -73.97 19.21
N GLU U 138 -31.75 -74.06 18.63
CA GLU U 138 -31.53 -74.95 17.50
C GLU U 138 -31.73 -76.41 17.91
N MET U 139 -31.25 -76.78 19.10
CA MET U 139 -31.43 -78.14 19.58
C MET U 139 -32.91 -78.43 19.81
N LEU U 140 -33.64 -77.49 20.39
CA LEU U 140 -35.08 -77.65 20.54
C LEU U 140 -35.75 -77.90 19.19
N LEU U 141 -35.37 -77.13 18.17
CA LEU U 141 -35.96 -77.32 16.85
C LEU U 141 -35.58 -78.68 16.25
N GLN U 142 -34.34 -79.11 16.44
CA GLN U 142 -33.94 -80.44 15.97
C GLN U 142 -34.78 -81.51 16.62
N ILE U 143 -35.11 -81.33 17.90
CA ILE U 143 -35.98 -82.29 18.58
C ILE U 143 -37.40 -82.22 17.99
N ALA U 144 -37.89 -81.01 17.71
CA ALA U 144 -39.26 -80.87 17.22
C ALA U 144 -39.42 -81.49 15.84
N GLU U 145 -38.52 -81.18 14.91
CA GLU U 145 -38.57 -81.73 13.56
C GLU U 145 -37.90 -83.09 13.61
N GLY U 146 -38.69 -84.15 13.47
CA GLY U 146 -38.21 -85.47 13.79
C GLY U 146 -38.51 -85.76 15.25
N TYR U 147 -39.78 -85.65 15.62
CA TYR U 147 -40.26 -85.70 17.00
C TYR U 147 -39.61 -86.82 17.80
N GLY U 148 -39.08 -86.48 18.97
CA GLY U 148 -38.43 -87.45 19.83
C GLY U 148 -37.12 -87.94 19.25
N PRO V 14 -50.30 -49.79 -24.96
CA PRO V 14 -49.96 -50.29 -23.63
C PRO V 14 -50.60 -49.47 -22.52
N ILE V 15 -50.05 -49.57 -21.31
CA ILE V 15 -50.52 -48.80 -20.16
C ILE V 15 -49.34 -48.03 -19.60
N LEU V 16 -49.51 -46.72 -19.44
CA LEU V 16 -48.44 -45.87 -18.93
C LEU V 16 -48.87 -45.24 -17.61
N TRP V 17 -47.89 -44.73 -16.88
CA TRP V 17 -48.11 -44.19 -15.54
C TRP V 17 -47.33 -42.90 -15.37
N ARG V 18 -48.01 -41.88 -14.87
CA ARG V 18 -47.41 -40.59 -14.62
C ARG V 18 -47.63 -40.21 -13.16
N ILE V 19 -46.69 -39.46 -12.59
CA ILE V 19 -46.85 -38.91 -11.25
C ILE V 19 -46.61 -37.42 -11.35
N SER V 20 -47.66 -36.63 -11.16
CA SER V 20 -47.53 -35.19 -11.28
C SER V 20 -48.70 -34.53 -10.57
N ALA V 21 -48.54 -33.23 -10.27
CA ALA V 21 -49.54 -32.47 -9.56
C ALA V 21 -50.74 -32.10 -10.42
N TYR V 22 -50.84 -32.68 -11.60
CA TYR V 22 -51.92 -32.35 -12.52
C TYR V 22 -52.54 -33.64 -13.04
N ALA V 23 -53.84 -33.58 -13.31
CA ALA V 23 -54.62 -34.73 -13.73
C ALA V 23 -54.94 -34.67 -15.22
N ASP V 24 -53.99 -34.21 -16.02
CA ASP V 24 -54.18 -34.08 -17.46
C ASP V 24 -52.89 -34.46 -18.17
N LEU V 25 -52.92 -34.38 -19.49
CA LEU V 25 -51.77 -34.71 -20.33
C LEU V 25 -51.33 -33.52 -21.16
N SER V 26 -51.64 -32.30 -20.70
CA SER V 26 -51.26 -31.12 -21.45
C SER V 26 -49.75 -30.96 -21.51
N GLY V 27 -49.08 -31.11 -20.37
CA GLY V 27 -47.64 -30.99 -20.32
C GLY V 27 -47.13 -29.60 -20.66
N THR V 28 -47.89 -28.56 -20.31
CA THR V 28 -47.49 -27.21 -20.65
C THR V 28 -46.24 -26.78 -19.89
N GLY V 29 -45.94 -27.43 -18.77
CA GLY V 29 -44.78 -27.06 -17.98
C GLY V 29 -43.47 -27.14 -18.74
N GLY V 30 -43.38 -28.04 -19.72
CA GLY V 30 -42.17 -28.12 -20.53
C GLY V 30 -41.89 -26.88 -21.34
N LEU V 31 -42.84 -25.94 -21.42
CA LEU V 31 -42.58 -24.70 -22.11
C LEU V 31 -41.59 -23.82 -21.34
N ARG V 32 -41.58 -23.92 -20.01
CA ARG V 32 -40.77 -23.05 -19.19
C ARG V 32 -39.77 -23.76 -18.31
N VAL V 33 -39.77 -25.09 -18.26
CA VAL V 33 -38.80 -25.84 -17.47
C VAL V 33 -38.30 -27.01 -18.29
N SER V 34 -37.02 -27.32 -18.16
CA SER V 34 -36.41 -28.40 -18.90
C SER V 34 -36.31 -29.66 -18.06
N GLY V 35 -35.91 -30.75 -18.69
CA GLY V 35 -35.67 -32.00 -18.01
C GLY V 35 -34.49 -32.71 -18.62
N ARG V 36 -34.33 -33.98 -18.26
CA ARG V 36 -33.24 -34.75 -18.85
C ARG V 36 -33.46 -35.00 -20.33
N TRP V 37 -34.71 -35.15 -20.76
CA TRP V 37 -35.03 -35.57 -22.11
C TRP V 37 -35.62 -34.43 -22.94
N HIS V 38 -35.48 -33.18 -22.49
CA HIS V 38 -36.02 -32.07 -23.28
C HIS V 38 -35.46 -30.76 -22.75
N GLN V 39 -35.34 -29.80 -23.66
CA GLN V 39 -35.04 -28.42 -23.32
C GLN V 39 -36.34 -27.65 -23.19
N ALA V 40 -36.32 -26.58 -22.40
CA ALA V 40 -37.52 -25.76 -22.24
C ALA V 40 -37.97 -25.21 -23.58
N GLY V 41 -39.29 -25.07 -23.72
CA GLY V 41 -39.89 -24.61 -24.95
C GLY V 41 -40.69 -25.64 -25.71
N ARG V 42 -40.85 -26.84 -25.17
CA ARG V 42 -41.61 -27.91 -25.81
C ARG V 42 -42.53 -28.54 -24.78
N PRO V 43 -43.80 -28.78 -25.11
CA PRO V 43 -44.66 -29.53 -24.19
C PRO V 43 -44.38 -31.02 -24.29
N VAL V 44 -44.31 -31.67 -23.13
CA VAL V 44 -43.92 -33.07 -23.08
C VAL V 44 -44.38 -33.63 -21.73
N VAL V 45 -44.68 -34.93 -21.71
CA VAL V 45 -45.07 -35.64 -20.50
C VAL V 45 -44.10 -36.80 -20.29
N TYR V 46 -43.56 -36.90 -19.09
CA TYR V 46 -42.74 -38.05 -18.71
C TYR V 46 -43.61 -39.10 -18.06
N ALA V 47 -43.50 -40.34 -18.52
CA ALA V 47 -44.34 -41.41 -18.01
C ALA V 47 -43.49 -42.66 -17.78
N ALA V 48 -44.02 -43.55 -16.94
CA ALA V 48 -43.39 -44.83 -16.65
C ALA V 48 -44.34 -45.96 -17.01
N THR V 49 -43.78 -47.16 -17.12
CA THR V 49 -44.55 -48.36 -17.41
C THR V 49 -45.18 -48.96 -16.17
N SER V 50 -44.93 -48.39 -15.00
CA SER V 50 -45.42 -48.91 -13.75
C SER V 50 -45.47 -47.81 -12.71
N PRO V 51 -46.44 -47.84 -11.80
CA PRO V 51 -46.51 -46.85 -10.72
C PRO V 51 -45.23 -46.83 -9.90
N PRO V 52 -44.69 -47.99 -9.48
CA PRO V 52 -43.43 -47.94 -8.72
C PRO V 52 -42.28 -47.38 -9.53
N GLY V 53 -42.26 -47.60 -10.84
CA GLY V 53 -41.22 -46.98 -11.65
C GLY V 53 -41.26 -45.46 -11.59
N ALA V 54 -42.44 -44.90 -11.81
CA ALA V 54 -42.60 -43.45 -11.73
C ALA V 54 -42.25 -42.93 -10.34
N MET V 55 -42.71 -43.61 -9.30
CA MET V 55 -42.43 -43.16 -7.94
C MET V 55 -40.95 -43.21 -7.64
N LEU V 56 -40.27 -44.27 -8.09
CA LEU V 56 -38.84 -44.39 -7.84
C LEU V 56 -38.07 -43.30 -8.57
N GLU V 57 -38.41 -43.05 -9.83
CA GLU V 57 -37.75 -41.98 -10.57
C GLU V 57 -37.96 -40.63 -9.88
N VAL V 58 -39.20 -40.36 -9.46
CA VAL V 58 -39.50 -39.08 -8.81
C VAL V 58 -38.70 -38.93 -7.52
N LEU V 59 -38.71 -39.96 -6.68
CA LEU V 59 -38.04 -39.86 -5.39
C LEU V 59 -36.53 -39.76 -5.55
N VAL V 60 -35.98 -40.41 -6.58
CA VAL V 60 -34.53 -40.44 -6.72
C VAL V 60 -34.01 -39.16 -7.35
N HIS V 61 -34.58 -38.77 -8.50
CA HIS V 61 -33.99 -37.67 -9.25
C HIS V 61 -34.41 -36.30 -8.71
N LEU V 62 -35.59 -36.22 -8.11
CA LEU V 62 -36.01 -34.98 -7.47
C LEU V 62 -35.65 -34.93 -6.00
N GLU V 63 -35.00 -35.99 -5.49
CA GLU V 63 -34.45 -36.01 -4.14
C GLU V 63 -35.52 -35.74 -3.09
N ILE V 64 -36.61 -36.50 -3.17
CA ILE V 64 -37.73 -36.38 -2.25
C ILE V 64 -37.72 -37.55 -1.29
N ASP V 65 -37.79 -37.25 0.00
CA ASP V 65 -37.93 -38.28 1.01
C ASP V 65 -39.40 -38.59 1.24
N PRO V 66 -39.71 -39.83 1.63
CA PRO V 66 -41.13 -40.22 1.78
C PRO V 66 -41.90 -39.35 2.75
N GLU V 67 -41.27 -38.85 3.81
CA GLU V 67 -41.98 -37.95 4.72
C GLU V 67 -42.25 -36.59 4.09
N ASP V 68 -41.57 -36.26 3.00
CA ASP V 68 -41.76 -35.00 2.30
C ASP V 68 -42.48 -35.19 0.97
N PHE V 69 -43.12 -36.32 0.76
CA PHE V 69 -43.80 -36.54 -0.51
C PHE V 69 -44.99 -35.60 -0.64
N PRO V 70 -45.09 -34.85 -1.73
CA PRO V 70 -46.12 -33.82 -1.83
C PRO V 70 -47.52 -34.39 -1.75
N THR V 71 -48.41 -33.60 -1.14
CA THR V 71 -49.83 -33.93 -1.05
C THR V 71 -50.56 -33.62 -2.34
N THR V 72 -49.94 -32.84 -3.22
CA THR V 72 -50.56 -32.47 -4.48
C THR V 72 -50.31 -33.51 -5.56
N MET V 73 -49.38 -34.42 -5.34
CA MET V 73 -49.02 -35.41 -6.35
C MET V 73 -50.20 -36.33 -6.65
N ARG V 74 -50.39 -36.62 -7.93
CA ARG V 74 -51.44 -37.51 -8.40
C ARG V 74 -50.83 -38.56 -9.30
N LEU V 75 -51.30 -39.80 -9.16
CA LEU V 75 -50.90 -40.91 -10.01
C LEU V 75 -51.91 -41.07 -11.13
N LEU V 76 -51.45 -40.93 -12.37
CA LEU V 76 -52.30 -40.91 -13.55
C LEU V 76 -52.03 -42.16 -14.38
N ARG V 77 -53.06 -42.97 -14.57
CA ARG V 77 -53.02 -44.12 -15.45
C ARG V 77 -53.45 -43.69 -16.84
N ILE V 78 -52.57 -43.94 -17.82
CA ILE V 78 -52.81 -43.57 -19.21
C ILE V 78 -53.05 -44.85 -20.00
N GLU V 79 -54.16 -44.89 -20.71
CA GLU V 79 -54.55 -46.01 -21.55
C GLU V 79 -54.55 -45.57 -23.00
N LEU V 80 -53.77 -46.26 -23.82
CA LEU V 80 -53.68 -45.97 -25.25
C LEU V 80 -54.03 -47.21 -26.05
N PRO V 81 -54.62 -47.06 -27.23
CA PRO V 81 -54.92 -48.23 -28.06
C PRO V 81 -53.65 -48.86 -28.60
N ASP V 82 -53.82 -50.04 -29.17
CA ASP V 82 -52.71 -50.85 -29.67
C ASP V 82 -52.18 -50.36 -31.01
N THR V 83 -52.67 -49.22 -31.50
CA THR V 83 -52.23 -48.65 -32.76
C THR V 83 -51.41 -47.39 -32.55
N VAL V 84 -50.87 -47.19 -31.35
CA VAL V 84 -50.15 -45.96 -31.05
C VAL V 84 -48.79 -45.99 -31.74
N SER V 85 -48.43 -44.88 -32.37
CA SER V 85 -47.12 -44.77 -33.01
C SER V 85 -46.05 -44.44 -31.98
N GLN V 86 -44.89 -45.04 -32.13
CA GLN V 86 -43.77 -44.75 -31.26
C GLN V 86 -42.48 -44.81 -32.04
N ALA V 87 -41.49 -44.07 -31.57
CA ALA V 87 -40.21 -43.90 -32.26
C ALA V 87 -39.15 -44.79 -31.65
N GLN V 88 -37.95 -44.69 -32.21
CA GLN V 88 -36.79 -45.46 -31.75
C GLN V 88 -35.69 -44.49 -31.33
N LEU V 89 -35.03 -44.79 -30.24
CA LEU V 89 -33.93 -43.96 -29.77
C LEU V 89 -32.62 -44.49 -30.33
N PRO V 90 -31.71 -43.62 -30.77
CA PRO V 90 -30.40 -44.10 -31.22
C PRO V 90 -29.65 -44.77 -30.07
N ALA V 91 -28.66 -45.57 -30.43
CA ALA V 91 -27.84 -46.22 -29.42
C ALA V 91 -27.12 -45.16 -28.60
N LEU V 92 -27.19 -45.32 -27.28
CA LEU V 92 -26.56 -44.38 -26.37
C LEU V 92 -25.19 -44.89 -25.96
N GLN V 93 -24.25 -43.98 -25.85
CA GLN V 93 -22.96 -44.45 -25.39
C GLN V 93 -22.86 -44.26 -23.89
N PRO V 94 -22.18 -45.17 -23.19
CA PRO V 94 -22.13 -45.08 -21.73
C PRO V 94 -21.64 -43.72 -21.25
N GLY V 95 -22.14 -43.32 -20.08
CA GLY V 95 -21.89 -41.98 -19.57
C GLY V 95 -22.92 -40.96 -19.97
N TRP V 96 -24.01 -41.39 -20.60
CA TRP V 96 -25.03 -40.46 -21.07
C TRP V 96 -25.86 -39.88 -19.93
N SER V 97 -25.93 -40.57 -18.79
CA SER V 97 -26.72 -40.05 -17.68
C SER V 97 -26.12 -38.78 -17.08
N ALA V 98 -24.85 -38.51 -17.37
CA ALA V 98 -24.20 -37.30 -16.91
C ALA V 98 -24.01 -36.29 -18.04
N GLN V 99 -24.63 -36.53 -19.20
CA GLN V 99 -24.57 -35.64 -20.34
C GLN V 99 -25.99 -35.22 -20.72
N PRO V 100 -26.61 -34.34 -19.93
CA PRO V 100 -28.00 -33.97 -20.22
C PRO V 100 -28.16 -33.26 -21.55
N GLU V 101 -27.10 -32.66 -22.09
CA GLU V 101 -27.20 -32.00 -23.38
C GLU V 101 -27.58 -32.99 -24.48
N LEU V 102 -26.95 -34.16 -24.48
CA LEU V 102 -27.22 -35.15 -25.52
C LEU V 102 -28.66 -35.66 -25.45
N THR V 103 -29.09 -36.07 -24.26
CA THR V 103 -30.45 -36.58 -24.10
C THR V 103 -31.48 -35.50 -24.39
N ARG V 104 -31.18 -34.26 -24.00
CA ARG V 104 -32.09 -33.15 -24.29
C ARG V 104 -32.19 -32.91 -25.80
N THR V 105 -31.07 -32.99 -26.52
CA THR V 105 -31.13 -32.84 -27.97
C THR V 105 -31.95 -33.94 -28.61
N LEU V 106 -31.76 -35.18 -28.15
CA LEU V 106 -32.54 -36.29 -28.70
C LEU V 106 -34.03 -36.11 -28.46
N GLY V 107 -34.39 -35.72 -27.23
CA GLY V 107 -35.80 -35.49 -26.94
C GLY V 107 -36.39 -34.32 -27.70
N ASN V 108 -35.61 -33.25 -27.85
CA ASN V 108 -36.06 -32.11 -28.63
C ASN V 108 -36.32 -32.52 -30.08
N ARG V 109 -35.42 -33.33 -30.64
CA ARG V 109 -35.62 -33.82 -32.00
C ARG V 109 -36.90 -34.64 -32.09
N PHE V 110 -37.10 -35.59 -31.18
CA PHE V 110 -38.31 -36.41 -31.21
C PHE V 110 -39.56 -35.56 -31.09
N LEU V 111 -39.52 -34.53 -30.24
CA LEU V 111 -40.71 -33.71 -30.00
C LEU V 111 -41.00 -32.79 -31.18
N ASP V 112 -39.96 -32.21 -31.78
CA ASP V 112 -40.18 -31.23 -32.83
C ASP V 112 -40.47 -31.88 -34.18
N ASP V 113 -39.93 -33.07 -34.43
CA ASP V 113 -40.28 -33.76 -35.67
C ASP V 113 -41.74 -34.19 -35.68
N CYS V 114 -42.31 -34.46 -34.52
CA CYS V 114 -43.72 -34.83 -34.37
C CYS V 114 -44.09 -35.99 -35.28
N SER V 115 -43.23 -37.00 -35.31
CA SER V 115 -43.42 -38.18 -36.13
C SER V 115 -44.00 -39.36 -35.35
N ALA V 116 -44.11 -39.24 -34.03
CA ALA V 116 -44.63 -40.32 -33.22
C ALA V 116 -45.14 -39.78 -31.90
N LEU V 117 -46.09 -40.49 -31.27
CA LEU V 117 -46.64 -40.04 -30.00
C LEU V 117 -45.74 -40.40 -28.83
N LEU V 118 -45.08 -41.54 -28.90
CA LEU V 118 -44.31 -42.06 -27.78
C LEU V 118 -42.84 -42.20 -28.15
N LEU V 119 -41.99 -41.95 -27.17
CA LEU V 119 -40.55 -42.17 -27.30
C LEU V 119 -40.07 -43.01 -26.13
N PRO V 120 -39.74 -44.28 -26.36
CA PRO V 120 -39.19 -45.10 -25.28
C PRO V 120 -37.75 -44.69 -24.97
N VAL V 121 -37.48 -44.44 -23.70
CA VAL V 121 -36.15 -44.05 -23.24
C VAL V 121 -35.72 -45.00 -22.13
N PRO V 122 -34.43 -45.26 -21.98
CA PRO V 122 -33.98 -46.12 -20.89
C PRO V 122 -33.95 -45.37 -19.57
N SER V 123 -34.10 -46.11 -18.49
CA SER V 123 -33.93 -45.55 -17.16
C SER V 123 -32.45 -45.48 -16.84
N ALA V 124 -32.04 -44.41 -16.16
CA ALA V 124 -30.65 -44.23 -15.79
C ALA V 124 -30.33 -44.85 -14.44
N ILE V 125 -31.32 -45.17 -13.63
CA ILE V 125 -31.08 -45.72 -12.30
C ILE V 125 -31.43 -47.20 -12.19
N MET V 126 -32.26 -47.73 -13.08
CA MET V 126 -32.71 -49.11 -12.98
C MET V 126 -32.55 -49.79 -14.34
N PRO V 127 -31.93 -50.96 -14.38
CA PRO V 127 -31.78 -51.68 -15.64
C PRO V 127 -33.04 -52.43 -16.03
N SER V 128 -33.15 -52.71 -17.33
CA SER V 128 -34.30 -53.35 -17.94
C SER V 128 -35.60 -52.58 -17.70
N THR V 129 -35.51 -51.30 -17.38
CA THR V 129 -36.66 -50.44 -17.17
C THR V 129 -36.72 -49.41 -18.30
N THR V 130 -37.92 -49.18 -18.84
CA THR V 130 -38.11 -48.28 -19.96
C THR V 130 -39.17 -47.24 -19.62
N ASN V 131 -38.77 -45.98 -19.59
CA ASN V 131 -39.71 -44.88 -19.42
C ASN V 131 -40.12 -44.37 -20.79
N TYR V 132 -41.06 -43.42 -20.81
CA TYR V 132 -41.61 -42.97 -22.07
C TYR V 132 -41.80 -41.46 -22.06
N LEU V 133 -41.59 -40.87 -23.23
CA LEU V 133 -41.91 -39.47 -23.49
C LEU V 133 -43.18 -39.40 -24.32
N PHE V 134 -44.09 -38.51 -23.92
CA PHE V 134 -45.41 -38.37 -24.52
C PHE V 134 -45.54 -36.96 -25.06
N ASN V 135 -45.83 -36.84 -26.35
CA ASN V 135 -45.89 -35.56 -27.02
C ASN V 135 -47.35 -35.13 -27.18
N PRO V 136 -47.81 -34.10 -26.48
CA PRO V 136 -49.20 -33.68 -26.65
C PRO V 136 -49.49 -33.00 -27.97
N ARG V 137 -48.47 -32.58 -28.72
CA ARG V 137 -48.71 -31.97 -30.03
C ARG V 137 -49.25 -33.00 -31.01
N HIS V 138 -48.85 -34.25 -30.87
CA HIS V 138 -49.25 -35.29 -31.81
C HIS V 138 -50.77 -35.44 -31.81
N PRO V 139 -51.38 -35.70 -32.96
CA PRO V 139 -52.85 -35.80 -33.02
C PRO V 139 -53.38 -37.08 -32.40
N GLN V 140 -52.49 -37.94 -31.88
CA GLN V 140 -52.90 -39.15 -31.20
C GLN V 140 -52.93 -38.97 -29.69
N ALA V 141 -52.61 -37.78 -29.20
CA ALA V 141 -52.66 -37.53 -27.76
C ALA V 141 -54.08 -37.58 -27.24
N GLN V 142 -55.05 -37.16 -28.05
CA GLN V 142 -56.45 -37.21 -27.64
C GLN V 142 -56.97 -38.63 -27.60
N SER V 143 -56.25 -39.58 -28.21
CA SER V 143 -56.64 -40.98 -28.19
C SER V 143 -56.41 -41.63 -26.83
N ALA V 144 -56.00 -40.89 -25.83
CA ALA V 144 -55.68 -41.47 -24.54
C ALA V 144 -56.86 -41.35 -23.57
N LYS V 145 -56.96 -42.34 -22.68
CA LYS V 145 -57.90 -42.29 -21.56
C LYS V 145 -57.09 -42.18 -20.28
N ILE V 146 -57.45 -41.22 -19.43
CA ILE V 146 -56.70 -40.96 -18.20
C ILE V 146 -57.59 -41.27 -17.02
N GLN V 147 -57.00 -41.82 -15.97
CA GLN V 147 -57.69 -42.03 -14.71
C GLN V 147 -56.74 -41.71 -13.56
N VAL V 148 -57.28 -41.19 -12.48
CA VAL V 148 -56.50 -40.89 -11.29
C VAL V 148 -56.66 -42.03 -10.30
N GLU V 149 -55.54 -42.57 -9.83
CA GLU V 149 -55.54 -43.62 -8.82
C GLU V 149 -55.16 -43.02 -7.47
N ASP V 150 -56.03 -43.17 -6.49
CA ASP V 150 -55.88 -42.53 -5.19
C ASP V 150 -54.86 -43.26 -4.34
N PHE V 151 -54.13 -42.50 -3.54
CA PHE V 151 -53.29 -43.07 -2.51
C PHE V 151 -54.14 -43.41 -1.29
N THR V 152 -53.87 -44.56 -0.70
CA THR V 152 -54.65 -45.10 0.40
C THR V 152 -53.72 -45.35 1.57
N PRO V 153 -54.26 -45.45 2.79
CA PRO V 153 -53.43 -45.82 3.94
C PRO V 153 -52.79 -47.19 3.80
N ASP V 154 -53.28 -48.05 2.91
CA ASP V 154 -52.64 -49.30 2.56
C ASP V 154 -51.79 -49.16 1.30
N SER V 155 -51.64 -47.94 0.79
CA SER V 155 -50.75 -47.68 -0.33
C SER V 155 -49.93 -46.43 -0.03
N ARG V 156 -49.48 -46.31 1.21
CA ARG V 156 -48.58 -45.24 1.60
C ARG V 156 -47.14 -45.72 1.56
N LEU V 157 -46.25 -44.83 1.15
CA LEU V 157 -44.84 -45.16 1.01
C LEU V 157 -44.03 -44.76 2.23
N PHE V 158 -44.64 -44.17 3.24
CA PHE V 158 -43.90 -43.80 4.44
C PHE V 158 -44.59 -44.35 5.69
N MET W 1 -44.17 -16.26 -17.91
CA MET W 1 -44.75 -15.99 -16.60
C MET W 1 -44.74 -17.22 -15.72
N LEU W 2 -44.72 -16.99 -14.42
CA LEU W 2 -44.78 -18.06 -13.42
C LEU W 2 -46.18 -18.62 -13.26
N ALA W 3 -47.20 -17.92 -13.73
CA ALA W 3 -48.57 -18.36 -13.61
C ALA W 3 -48.97 -19.36 -14.68
N GLU W 4 -48.13 -19.59 -15.68
CA GLU W 4 -48.43 -20.57 -16.71
C GLU W 4 -47.98 -21.97 -16.35
N VAL W 5 -46.92 -22.10 -15.54
CA VAL W 5 -46.50 -23.42 -15.05
C VAL W 5 -47.35 -23.76 -13.86
N LEU W 6 -47.26 -22.95 -12.81
CA LEU W 6 -48.15 -23.05 -11.67
C LEU W 6 -49.47 -22.43 -12.10
N ARG W 7 -50.39 -23.27 -12.58
CA ARG W 7 -51.64 -22.76 -13.09
C ARG W 7 -52.49 -22.19 -11.96
N ASP W 8 -53.67 -21.70 -12.30
CA ASP W 8 -54.50 -20.84 -11.46
C ASP W 8 -54.50 -21.27 -9.99
N ASN W 9 -54.75 -22.54 -9.73
CA ASN W 9 -54.76 -23.03 -8.35
C ASN W 9 -53.38 -22.88 -7.71
N GLY W 10 -52.34 -23.35 -8.41
CA GLY W 10 -51.00 -23.26 -7.86
C GLY W 10 -50.53 -21.84 -7.68
N TYR W 11 -50.82 -20.97 -8.66
CA TYR W 11 -50.43 -19.57 -8.54
C TYR W 11 -51.17 -18.90 -7.39
N HIS W 12 -52.45 -19.21 -7.23
CA HIS W 12 -53.21 -18.66 -6.13
C HIS W 12 -52.64 -19.09 -4.79
N GLU W 13 -52.29 -20.37 -4.66
CA GLU W 13 -51.70 -20.85 -3.42
C GLU W 13 -50.36 -20.19 -3.14
N TYR W 14 -49.53 -20.05 -4.18
CA TYR W 14 -48.23 -19.41 -4.01
C TYR W 14 -48.38 -17.96 -3.59
N ARG W 15 -49.31 -17.24 -4.20
CA ARG W 15 -49.52 -15.84 -3.83
C ARG W 15 -50.09 -15.72 -2.43
N ALA W 16 -50.98 -16.63 -2.02
CA ALA W 16 -51.51 -16.59 -0.67
C ALA W 16 -50.39 -16.83 0.36
N ARG W 17 -49.52 -17.79 0.08
CA ARG W 17 -48.41 -18.04 0.99
C ARG W 17 -47.46 -16.86 1.04
N LEU W 18 -47.23 -16.21 -0.11
CA LEU W 18 -46.34 -15.07 -0.13
C LEU W 18 -46.93 -13.88 0.63
N GLN W 19 -48.25 -13.70 0.50
CA GLN W 19 -48.97 -12.75 1.35
C GLN W 19 -48.79 -13.08 2.82
N ALA W 20 -48.87 -14.36 3.19
CA ALA W 20 -48.69 -14.72 4.59
C ALA W 20 -47.27 -14.47 5.05
N LEU W 21 -46.30 -14.54 4.15
CA LEU W 21 -44.90 -14.44 4.52
C LEU W 21 -44.33 -13.03 4.37
N LEU W 22 -44.85 -12.23 3.44
CA LEU W 22 -44.32 -10.89 3.23
C LEU W 22 -45.38 -9.80 3.16
N ASP W 23 -46.63 -10.10 3.52
CA ASP W 23 -47.71 -9.12 3.48
C ASP W 23 -47.80 -8.45 2.10
N ILE W 24 -47.66 -9.27 1.07
CA ILE W 24 -47.68 -8.82 -0.31
C ILE W 24 -49.02 -9.22 -0.91
N PRO W 25 -49.86 -8.28 -1.32
CA PRO W 25 -51.20 -8.62 -1.83
C PRO W 25 -51.14 -9.60 -2.99
N GLU W 26 -52.10 -10.51 -3.01
CA GLU W 26 -52.15 -11.55 -4.04
C GLU W 26 -52.35 -10.93 -5.42
N LEU W 27 -53.21 -9.93 -5.51
CA LEU W 27 -53.39 -9.16 -6.74
C LEU W 27 -52.44 -7.97 -6.69
N ALA W 28 -51.26 -8.15 -7.27
CA ALA W 28 -50.26 -7.10 -7.33
C ALA W 28 -49.32 -7.41 -8.48
N SER W 29 -49.10 -6.43 -9.35
CA SER W 29 -48.25 -6.64 -10.51
C SER W 29 -46.84 -7.00 -10.08
N ASP W 30 -46.15 -7.74 -10.95
CA ASP W 30 -44.77 -8.10 -10.68
C ASP W 30 -43.92 -6.85 -10.46
N PHE W 31 -44.18 -5.80 -11.24
CA PHE W 31 -43.48 -4.54 -11.03
C PHE W 31 -43.78 -3.98 -9.65
N GLU W 32 -45.02 -4.14 -9.17
CA GLU W 32 -45.35 -3.67 -7.83
C GLU W 32 -44.56 -4.44 -6.78
N ILE W 33 -44.34 -5.74 -6.98
CA ILE W 33 -43.53 -6.51 -6.05
C ILE W 33 -42.08 -6.03 -6.09
N HIS W 34 -41.57 -5.72 -7.29
CA HIS W 34 -40.23 -5.16 -7.39
C HIS W 34 -40.13 -3.86 -6.61
N THR W 35 -41.14 -3.00 -6.74
CA THR W 35 -41.13 -1.75 -5.99
C THR W 35 -41.18 -2.01 -4.48
N ARG W 36 -41.98 -2.99 -4.05
CA ARG W 36 -42.04 -3.33 -2.64
C ARG W 36 -40.67 -3.78 -2.13
N ILE W 37 -39.91 -4.49 -2.96
CA ILE W 37 -38.57 -4.90 -2.55
C ILE W 37 -37.65 -3.68 -2.50
N THR W 38 -37.73 -2.81 -3.51
CA THR W 38 -36.82 -1.66 -3.56
C THR W 38 -37.08 -0.66 -2.45
N ASP W 39 -38.33 -0.54 -2.00
CA ASP W 39 -38.66 0.35 -0.90
C ASP W 39 -38.07 -0.13 0.42
N GLY W 40 -37.72 -1.40 0.52
CA GLY W 40 -37.21 -1.94 1.76
C GLY W 40 -38.31 -2.62 2.55
N PHE W 41 -37.92 -3.60 3.35
CA PHE W 41 -38.83 -4.35 4.19
C PHE W 41 -38.57 -4.02 5.64
N ALA W 42 -39.63 -4.06 6.45
CA ALA W 42 -39.50 -3.72 7.86
C ALA W 42 -38.55 -4.68 8.56
N ALA W 43 -37.63 -4.13 9.35
CA ALA W 43 -36.67 -4.97 10.05
C ALA W 43 -37.35 -5.89 11.05
N THR W 44 -38.49 -5.47 11.60
CA THR W 44 -39.22 -6.34 12.52
C THR W 44 -39.73 -7.59 11.81
N TRP W 45 -39.86 -7.53 10.49
CA TRP W 45 -40.41 -8.67 9.75
C TRP W 45 -39.47 -9.86 9.80
N LEU W 46 -38.16 -9.61 9.77
CA LEU W 46 -37.20 -10.70 9.93
C LEU W 46 -37.33 -11.36 11.29
N VAL W 47 -37.40 -10.56 12.35
CA VAL W 47 -37.53 -11.12 13.69
C VAL W 47 -38.81 -11.93 13.80
N LYS W 48 -39.89 -11.44 13.22
CA LYS W 48 -41.16 -12.17 13.26
C LYS W 48 -41.07 -13.47 12.47
N LEU W 49 -40.40 -13.44 11.31
CA LEU W 49 -40.27 -14.65 10.52
C LEU W 49 -39.43 -15.70 11.23
N THR W 50 -38.38 -15.27 11.93
CA THR W 50 -37.59 -16.22 12.69
C THR W 50 -38.35 -16.72 13.91
N GLU W 51 -39.20 -15.89 14.52
CA GLU W 51 -40.00 -16.34 15.65
C GLU W 51 -41.03 -17.37 15.21
N ARG W 52 -41.74 -17.10 14.11
CA ARG W 52 -42.75 -18.03 13.61
C ARG W 52 -42.15 -19.35 13.15
N GLY W 53 -40.82 -19.45 13.04
CA GLY W 53 -40.20 -20.71 12.72
C GLY W 53 -40.02 -20.99 11.25
N VAL W 54 -40.26 -20.02 10.38
CA VAL W 54 -40.01 -20.17 8.95
C VAL W 54 -38.57 -19.79 8.59
N LEU W 55 -37.83 -19.22 9.54
CA LEU W 55 -36.45 -18.83 9.31
C LEU W 55 -35.64 -19.22 10.53
N THR W 56 -34.52 -19.87 10.30
CA THR W 56 -33.59 -20.21 11.35
C THR W 56 -32.60 -19.08 11.54
N PRO W 57 -32.03 -18.95 12.74
CA PRO W 57 -31.05 -17.88 12.98
C PRO W 57 -29.93 -17.85 11.96
N VAL W 58 -29.51 -19.00 11.44
CA VAL W 58 -28.47 -19.02 10.41
C VAL W 58 -29.00 -18.40 9.12
N GLU W 59 -30.25 -18.71 8.77
CA GLU W 59 -30.84 -18.11 7.57
C GLU W 59 -30.98 -16.61 7.72
N ARG W 60 -31.46 -16.16 8.89
CA ARG W 60 -31.57 -14.73 9.14
C ARG W 60 -30.21 -14.05 9.06
N ASP W 61 -29.17 -14.70 9.62
CA ASP W 61 -27.84 -14.11 9.58
C ASP W 61 -27.32 -14.04 8.16
N GLN W 62 -27.67 -15.02 7.33
CA GLN W 62 -27.25 -14.99 5.94
C GLN W 62 -28.02 -13.95 5.15
N ILE W 63 -29.25 -13.62 5.56
CA ILE W 63 -29.96 -12.51 4.95
C ILE W 63 -29.28 -11.19 5.27
N ILE W 64 -28.82 -11.02 6.51
CA ILE W 64 -28.20 -9.80 6.98
C ILE W 64 -27.40 -10.12 8.24
N PRO W 65 -26.18 -9.61 8.39
CA PRO W 65 -25.48 -9.79 9.66
C PRO W 65 -26.32 -9.32 10.83
N LEU W 66 -26.21 -10.04 11.95
CA LEU W 66 -27.12 -9.83 13.08
C LEU W 66 -26.85 -8.50 13.76
N ARG W 67 -25.58 -8.11 13.91
CA ARG W 67 -25.29 -6.80 14.47
C ARG W 67 -25.80 -5.70 13.54
N THR W 68 -25.70 -5.93 12.24
CA THR W 68 -26.29 -4.99 11.28
C THR W 68 -27.81 -4.94 11.44
N LEU W 69 -28.45 -6.08 11.66
CA LEU W 69 -29.89 -6.09 11.89
C LEU W 69 -30.26 -5.33 13.14
N LYS W 70 -29.49 -5.51 14.22
CA LYS W 70 -29.77 -4.77 15.45
C LYS W 70 -29.56 -3.28 15.25
N SER W 71 -28.55 -2.90 14.48
CA SER W 71 -28.36 -1.48 14.16
C SER W 71 -29.56 -0.93 13.40
N ARG W 72 -30.04 -1.69 12.41
CA ARG W 72 -31.21 -1.25 11.65
C ARG W 72 -32.43 -1.08 12.55
N ILE W 73 -32.66 -2.05 13.44
CA ILE W 73 -33.87 -2.01 14.25
C ILE W 73 -33.75 -0.96 15.35
N GLU W 74 -32.53 -0.59 15.73
CA GLU W 74 -32.37 0.48 16.71
C GLU W 74 -32.50 1.85 16.06
N ARG W 75 -31.96 2.02 14.86
CA ARG W 75 -32.08 3.29 14.14
C ARG W 75 -33.44 3.47 13.50
N ASP W 76 -34.29 2.44 13.54
CA ASP W 76 -35.64 2.49 12.97
C ASP W 76 -35.58 2.83 11.47
N GLN W 77 -34.93 1.93 10.73
CA GLN W 77 -34.80 2.07 9.29
C GLN W 77 -35.02 0.72 8.62
N PRO W 78 -35.69 0.72 7.46
CA PRO W 78 -36.01 -0.55 6.80
C PRO W 78 -34.76 -1.19 6.20
N LEU W 79 -34.98 -2.37 5.64
CA LEU W 79 -33.88 -3.13 5.06
C LEU W 79 -33.41 -2.50 3.75
N THR W 80 -32.13 -2.68 3.45
CA THR W 80 -31.59 -2.23 2.18
C THR W 80 -32.19 -3.06 1.04
N VAL W 81 -31.87 -2.67 -0.18
CA VAL W 81 -32.48 -3.34 -1.33
C VAL W 81 -31.90 -4.74 -1.51
N ASP W 82 -30.61 -4.93 -1.19
CA ASP W 82 -30.03 -6.25 -1.34
C ASP W 82 -30.49 -7.19 -0.23
N GLU W 83 -30.57 -6.68 1.00
CA GLU W 83 -31.12 -7.50 2.08
C GLU W 83 -32.59 -7.82 1.83
N SER W 84 -33.36 -6.85 1.35
CA SER W 84 -34.75 -7.12 1.02
C SER W 84 -34.87 -8.12 -0.13
N ASP W 85 -33.93 -8.08 -1.09
CA ASP W 85 -33.97 -9.04 -2.19
C ASP W 85 -33.61 -10.45 -1.71
N ARG W 86 -32.68 -10.55 -0.77
CA ARG W 86 -32.36 -11.86 -0.21
C ARG W 86 -33.54 -12.41 0.58
N LEU W 87 -34.17 -11.57 1.39
CA LEU W 87 -35.35 -11.99 2.12
C LEU W 87 -36.46 -12.40 1.15
N PHE W 88 -36.60 -11.67 0.05
CA PHE W 88 -37.59 -12.02 -0.94
C PHE W 88 -37.27 -13.36 -1.58
N ARG W 89 -36.01 -13.63 -1.85
CA ARG W 89 -35.61 -14.95 -2.32
C ARG W 89 -36.08 -16.03 -1.35
N SER W 90 -35.77 -15.85 -0.08
CA SER W 90 -36.14 -16.85 0.92
C SER W 90 -37.65 -17.06 0.95
N ALA W 91 -38.42 -15.98 1.09
CA ALA W 91 -39.86 -16.11 1.23
C ALA W 91 -40.52 -16.61 -0.06
N HIS W 92 -39.98 -16.23 -1.21
CA HIS W 92 -40.54 -16.65 -2.48
C HIS W 92 -40.29 -18.13 -2.73
N ILE W 93 -39.08 -18.60 -2.42
CA ILE W 93 -38.82 -20.03 -2.50
C ILE W 93 -39.68 -20.80 -1.51
N THR W 94 -39.87 -20.25 -0.30
CA THR W 94 -40.71 -20.92 0.67
C THR W 94 -42.14 -21.04 0.18
N ALA W 95 -42.68 -19.97 -0.41
CA ALA W 95 -44.05 -20.00 -0.91
C ALA W 95 -44.18 -20.95 -2.09
N MET W 96 -43.20 -20.95 -2.99
CA MET W 96 -43.21 -21.87 -4.12
C MET W 96 -43.18 -23.33 -3.65
N ALA W 97 -42.32 -23.63 -2.67
CA ALA W 97 -42.24 -24.98 -2.16
C ALA W 97 -43.53 -25.38 -1.43
N GLU W 98 -44.14 -24.43 -0.70
CA GLU W 98 -45.38 -24.75 -0.02
C GLU W 98 -46.52 -24.95 -1.01
N ALA W 99 -46.45 -24.29 -2.16
CA ALA W 99 -47.48 -24.50 -3.18
C ALA W 99 -47.30 -25.82 -3.91
N VAL W 100 -46.05 -26.23 -4.12
CA VAL W 100 -45.80 -27.46 -4.86
C VAL W 100 -45.98 -28.68 -3.98
N PHE W 101 -45.55 -28.60 -2.72
CA PHE W 101 -45.65 -29.74 -1.81
C PHE W 101 -47.01 -29.85 -1.15
N GLY W 102 -47.61 -28.72 -0.80
CA GLY W 102 -48.93 -28.68 -0.21
C GLY W 102 -48.93 -28.55 1.30
N GLU W 103 -47.82 -28.89 1.96
CA GLU W 103 -47.72 -28.79 3.41
C GLU W 103 -46.45 -28.03 3.78
N ALA W 104 -46.56 -27.18 4.80
CA ALA W 104 -45.42 -26.37 5.20
C ALA W 104 -44.29 -27.23 5.74
N GLY W 105 -44.63 -28.30 6.47
CA GLY W 105 -43.59 -29.14 7.04
C GLY W 105 -42.76 -29.85 5.98
N LYS W 106 -43.44 -30.45 5.00
CA LYS W 106 -42.73 -31.12 3.92
C LYS W 106 -41.86 -30.15 3.13
N ALA W 107 -42.38 -28.96 2.87
CA ALA W 107 -41.61 -27.97 2.12
C ALA W 107 -40.38 -27.53 2.89
N LYS W 108 -40.54 -27.19 4.16
CA LYS W 108 -39.41 -26.73 4.95
C LYS W 108 -38.40 -27.85 5.18
N ARG W 109 -38.86 -29.10 5.19
CA ARG W 109 -37.94 -30.22 5.29
C ARG W 109 -37.14 -30.38 4.00
N TRP W 110 -37.83 -30.41 2.86
CA TRP W 110 -37.16 -30.56 1.58
C TRP W 110 -36.16 -29.44 1.34
N LEU W 111 -36.51 -28.21 1.72
CA LEU W 111 -35.59 -27.09 1.56
C LEU W 111 -34.44 -27.13 2.54
N SER W 112 -34.57 -27.89 3.63
CA SER W 112 -33.53 -27.98 4.65
C SER W 112 -32.67 -29.22 4.51
N LYS W 113 -32.95 -30.08 3.56
CA LYS W 113 -32.18 -31.28 3.38
C LYS W 113 -31.21 -31.12 2.21
N PRO W 114 -29.99 -31.61 2.35
CA PRO W 114 -29.00 -31.49 1.27
C PRO W 114 -29.45 -32.23 0.03
N LYS W 115 -28.97 -31.75 -1.12
CA LYS W 115 -29.30 -32.34 -2.40
C LYS W 115 -28.01 -32.73 -3.11
N GLU W 116 -28.05 -33.86 -3.83
CA GLU W 116 -26.89 -34.27 -4.61
C GLU W 116 -26.70 -33.38 -5.82
N ARG W 117 -27.78 -32.84 -6.37
CA ARG W 117 -27.67 -31.91 -7.48
C ARG W 117 -26.91 -30.65 -7.08
N PHE W 118 -26.94 -30.29 -5.80
CA PHE W 118 -26.25 -29.11 -5.30
C PHE W 118 -24.99 -29.44 -4.51
N SER W 119 -24.41 -30.62 -4.75
CA SER W 119 -23.16 -31.04 -4.12
C SER W 119 -23.26 -31.03 -2.59
N GLY W 120 -24.37 -31.55 -2.08
CA GLY W 120 -24.57 -31.60 -0.64
C GLY W 120 -24.96 -30.27 -0.02
N LEU W 121 -25.67 -29.44 -0.77
CA LEU W 121 -26.13 -28.15 -0.27
C LEU W 121 -27.64 -28.16 -0.24
N THR W 122 -28.22 -27.59 0.80
CA THR W 122 -29.66 -27.46 0.88
C THR W 122 -30.12 -26.37 -0.09
N PRO W 123 -31.38 -26.44 -0.54
CA PRO W 123 -31.90 -25.35 -1.37
C PRO W 123 -31.80 -23.99 -0.72
N MET W 124 -32.04 -23.91 0.59
CA MET W 124 -31.92 -22.62 1.28
C MET W 124 -30.49 -22.11 1.27
N GLN W 125 -29.52 -23.03 1.21
CA GLN W 125 -28.13 -22.61 1.04
C GLN W 125 -27.87 -22.08 -0.36
N MET W 126 -28.60 -22.56 -1.36
CA MET W 126 -28.46 -22.06 -2.72
C MET W 126 -29.06 -20.68 -2.91
N LEU W 127 -29.68 -20.13 -1.88
CA LEU W 127 -30.33 -18.83 -1.99
C LEU W 127 -29.35 -17.71 -1.62
N THR W 128 -28.17 -17.78 -2.22
CA THR W 128 -27.19 -16.72 -2.12
C THR W 128 -26.89 -16.07 -3.44
N THR W 129 -27.29 -16.67 -4.57
CA THR W 129 -27.05 -16.12 -5.89
C THR W 129 -28.35 -16.13 -6.68
N GLN W 130 -28.35 -15.36 -7.77
CA GLN W 130 -29.44 -15.44 -8.75
C GLN W 130 -29.60 -16.86 -9.25
N GLN W 131 -28.49 -17.48 -9.67
CA GLN W 131 -28.58 -18.77 -10.34
C GLN W 131 -28.97 -19.88 -9.37
N GLY W 132 -28.58 -19.77 -8.11
CA GLY W 132 -29.02 -20.76 -7.14
C GLY W 132 -30.51 -20.74 -6.91
N THR W 133 -31.09 -19.55 -6.74
CA THR W 133 -32.53 -19.42 -6.62
C THR W 133 -33.22 -19.94 -7.87
N THR W 134 -32.64 -19.65 -9.04
CA THR W 134 -33.21 -20.15 -10.28
C THR W 134 -33.19 -21.68 -10.33
N GLN W 135 -32.11 -22.28 -9.82
CA GLN W 135 -32.03 -23.74 -9.79
C GLN W 135 -33.07 -24.34 -8.87
N VAL W 136 -33.27 -23.72 -7.70
CA VAL W 136 -34.29 -24.20 -6.79
C VAL W 136 -35.68 -24.12 -7.43
N GLU W 137 -35.94 -23.01 -8.13
CA GLU W 137 -37.23 -22.87 -8.83
C GLU W 137 -37.39 -23.95 -9.88
N GLU W 138 -36.31 -24.23 -10.63
CA GLU W 138 -36.39 -25.25 -11.67
C GLU W 138 -36.68 -26.61 -11.06
N MET W 139 -36.06 -26.92 -9.93
CA MET W 139 -36.32 -28.20 -9.27
C MET W 139 -37.76 -28.29 -8.79
N LEU W 140 -38.26 -27.22 -8.18
CA LEU W 140 -39.64 -27.22 -7.70
C LEU W 140 -40.62 -27.43 -8.85
N LEU W 141 -40.40 -26.74 -9.98
CA LEU W 141 -41.29 -26.94 -11.12
C LEU W 141 -41.15 -28.31 -11.73
N GLN W 142 -39.95 -28.89 -11.70
CA GLN W 142 -39.78 -30.27 -12.16
C GLN W 142 -40.60 -31.22 -11.31
N ILE W 143 -40.62 -30.99 -9.99
CA ILE W 143 -41.49 -31.78 -9.13
C ILE W 143 -42.96 -31.58 -9.54
N ALA W 144 -43.36 -30.32 -9.71
CA ALA W 144 -44.75 -30.03 -10.01
C ALA W 144 -45.18 -30.65 -11.33
N GLU W 145 -44.29 -30.70 -12.31
CA GLU W 145 -44.61 -31.25 -13.61
C GLU W 145 -44.24 -32.72 -13.74
N GLY W 146 -43.68 -33.32 -12.70
CA GLY W 146 -43.30 -34.72 -12.77
C GLY W 146 -42.18 -34.99 -13.75
N TYR W 147 -41.17 -34.12 -13.78
CA TYR W 147 -40.04 -34.31 -14.69
C TYR W 147 -38.91 -34.96 -13.90
N GLY W 148 -39.04 -36.27 -13.70
CA GLY W 148 -37.94 -37.07 -13.21
C GLY W 148 -37.25 -37.62 -14.44
N LEU W 149 -37.39 -38.90 -14.71
CA LEU W 149 -37.00 -39.43 -16.02
C LEU W 149 -38.20 -40.10 -16.67
N MET X 1 -36.86 -21.07 -13.66
CA MET X 1 -37.06 -20.74 -15.05
C MET X 1 -35.84 -20.00 -15.60
N LEU X 2 -35.45 -20.32 -16.84
CA LEU X 2 -34.17 -19.85 -17.36
C LEU X 2 -34.28 -19.30 -18.78
N ALA X 3 -33.12 -19.09 -19.41
CA ALA X 3 -33.04 -18.66 -20.79
C ALA X 3 -33.02 -19.82 -21.77
N GLU X 4 -33.45 -21.00 -21.34
CA GLU X 4 -33.50 -22.18 -22.19
C GLU X 4 -34.72 -22.21 -23.10
N VAL X 5 -35.55 -21.17 -23.06
CA VAL X 5 -36.74 -21.14 -23.89
C VAL X 5 -36.45 -20.62 -25.30
N LEU X 6 -35.30 -19.98 -25.49
CA LEU X 6 -34.98 -19.38 -26.78
C LEU X 6 -34.93 -20.44 -27.88
N ARG X 7 -35.40 -20.06 -29.07
CA ARG X 7 -35.64 -21.02 -30.13
C ARG X 7 -34.40 -21.33 -30.95
N ASP X 8 -33.90 -22.55 -30.78
CA ASP X 8 -33.06 -23.28 -31.72
C ASP X 8 -31.63 -22.79 -31.87
N ASN X 9 -31.32 -21.57 -31.42
CA ASN X 9 -29.94 -21.13 -31.29
C ASN X 9 -29.75 -20.15 -30.16
N GLY X 10 -30.81 -19.83 -29.42
CA GLY X 10 -30.71 -18.74 -28.46
C GLY X 10 -29.89 -19.11 -27.24
N TYR X 11 -30.09 -20.33 -26.73
CA TYR X 11 -29.35 -20.72 -25.54
C TYR X 11 -27.86 -20.85 -25.82
N HIS X 12 -27.50 -21.41 -26.97
CA HIS X 12 -26.09 -21.55 -27.30
C HIS X 12 -25.44 -20.20 -27.55
N GLU X 13 -26.14 -19.28 -28.23
CA GLU X 13 -25.60 -17.94 -28.41
C GLU X 13 -25.46 -17.21 -27.08
N TYR X 14 -26.44 -17.36 -26.20
CA TYR X 14 -26.36 -16.75 -24.88
C TYR X 14 -25.19 -17.29 -24.09
N ARG X 15 -24.96 -18.61 -24.17
CA ARG X 15 -23.83 -19.20 -23.47
C ARG X 15 -22.51 -18.76 -24.07
N ALA X 16 -22.46 -18.59 -25.39
CA ALA X 16 -21.24 -18.11 -26.02
C ALA X 16 -20.93 -16.67 -25.61
N ARG X 17 -21.97 -15.85 -25.48
CA ARG X 17 -21.76 -14.49 -25.01
C ARG X 17 -21.35 -14.48 -23.54
N LEU X 18 -21.88 -15.42 -22.76
CA LEU X 18 -21.54 -15.49 -21.35
C LEU X 18 -20.11 -15.97 -21.13
N GLN X 19 -19.64 -16.93 -21.93
CA GLN X 19 -18.27 -17.39 -21.81
C GLN X 19 -17.28 -16.33 -22.30
N ALA X 20 -17.77 -15.24 -22.87
CA ALA X 20 -16.96 -14.09 -23.21
C ALA X 20 -17.02 -12.98 -22.18
N LEU X 21 -18.23 -12.61 -21.73
CA LEU X 21 -18.38 -11.62 -20.68
C LEU X 21 -17.96 -12.13 -19.31
N LEU X 22 -17.73 -13.44 -19.20
CA LEU X 22 -17.16 -14.08 -18.02
C LEU X 22 -16.31 -15.24 -18.53
N ASP X 23 -15.94 -16.17 -17.65
CA ASP X 23 -15.11 -17.30 -18.05
C ASP X 23 -15.86 -18.59 -17.74
N ILE X 24 -17.13 -18.62 -18.10
CA ILE X 24 -18.03 -19.73 -17.79
C ILE X 24 -18.05 -20.67 -18.99
N PRO X 25 -17.56 -21.91 -18.86
CA PRO X 25 -17.57 -22.83 -19.98
C PRO X 25 -18.98 -23.05 -20.53
N GLU X 26 -19.04 -23.32 -21.83
CA GLU X 26 -20.33 -23.53 -22.48
C GLU X 26 -21.02 -24.79 -22.01
N LEU X 27 -20.26 -25.74 -21.44
CA LEU X 27 -20.82 -26.98 -20.92
C LEU X 27 -20.86 -27.00 -19.40
N ALA X 28 -20.51 -25.90 -18.75
CA ALA X 28 -20.50 -25.86 -17.30
C ALA X 28 -21.92 -25.92 -16.76
N SER X 29 -22.11 -26.72 -15.72
CA SER X 29 -23.42 -26.87 -15.11
C SER X 29 -23.79 -25.59 -14.38
N ASP X 30 -25.09 -25.47 -14.07
CA ASP X 30 -25.56 -24.28 -13.36
C ASP X 30 -24.95 -24.19 -11.98
N PHE X 31 -24.72 -25.34 -11.33
CA PHE X 31 -24.07 -25.31 -10.03
C PHE X 31 -22.64 -24.82 -10.14
N GLU X 32 -21.97 -25.07 -11.26
CA GLU X 32 -20.64 -24.50 -11.45
C GLU X 32 -20.71 -22.98 -11.50
N ILE X 33 -21.75 -22.45 -12.14
CA ILE X 33 -21.95 -21.00 -12.15
C ILE X 33 -22.17 -20.49 -10.73
N HIS X 34 -23.02 -21.16 -9.97
CA HIS X 34 -23.27 -20.75 -8.60
C HIS X 34 -21.99 -20.79 -7.76
N THR X 35 -21.17 -21.82 -7.98
CA THR X 35 -19.92 -21.93 -7.24
C THR X 35 -18.95 -20.81 -7.64
N ARG X 36 -18.94 -20.44 -8.91
CA ARG X 36 -18.11 -19.33 -9.34
C ARG X 36 -18.57 -18.03 -8.71
N ILE X 37 -19.88 -17.85 -8.56
CA ILE X 37 -20.38 -16.62 -7.93
C ILE X 37 -20.04 -16.61 -6.44
N THR X 38 -20.20 -17.75 -5.77
CA THR X 38 -19.96 -17.79 -4.32
C THR X 38 -18.47 -17.69 -4.00
N ASP X 39 -17.61 -18.32 -4.81
CA ASP X 39 -16.17 -18.20 -4.61
C ASP X 39 -15.66 -16.81 -4.94
N GLY X 40 -16.48 -15.97 -5.56
CA GLY X 40 -16.05 -14.64 -5.93
C GLY X 40 -15.28 -14.64 -7.24
N PHE X 41 -15.54 -13.65 -8.07
CA PHE X 41 -14.84 -13.51 -9.34
C PHE X 41 -13.55 -12.72 -9.14
N ALA X 42 -12.64 -12.86 -10.10
CA ALA X 42 -11.39 -12.11 -10.02
C ALA X 42 -11.61 -10.65 -10.38
N ALA X 43 -11.08 -9.76 -9.55
CA ALA X 43 -11.16 -8.33 -9.85
C ALA X 43 -10.29 -7.98 -11.05
N THR X 44 -9.17 -8.69 -11.20
CA THR X 44 -8.35 -8.55 -12.41
C THR X 44 -9.18 -8.86 -13.66
N TRP X 45 -10.13 -9.78 -13.55
CA TRP X 45 -10.98 -10.10 -14.68
C TRP X 45 -11.92 -8.94 -15.00
N LEU X 46 -12.41 -8.25 -13.97
CA LEU X 46 -13.27 -7.10 -14.20
C LEU X 46 -12.47 -5.95 -14.80
N VAL X 47 -11.19 -5.86 -14.45
CA VAL X 47 -10.39 -4.74 -14.95
C VAL X 47 -9.70 -5.14 -16.25
N LYS X 48 -10.15 -6.22 -16.87
CA LYS X 48 -9.69 -6.58 -18.21
C LYS X 48 -10.89 -6.74 -19.15
N LEU X 49 -12.05 -7.12 -18.63
CA LEU X 49 -13.29 -6.97 -19.37
C LEU X 49 -13.48 -5.50 -19.69
N THR X 50 -13.63 -4.71 -18.62
CA THR X 50 -13.71 -3.26 -18.69
C THR X 50 -12.36 -2.68 -18.30
N GLU X 51 -11.41 -2.73 -19.22
CA GLU X 51 -9.97 -2.48 -19.01
C GLU X 51 -9.81 -1.16 -18.23
N ARG X 52 -10.15 -0.01 -18.82
CA ARG X 52 -10.00 1.28 -18.16
C ARG X 52 -11.33 2.00 -17.96
N GLY X 53 -12.44 1.31 -18.21
CA GLY X 53 -13.75 1.89 -18.11
C GLY X 53 -14.35 2.18 -19.47
N VAL X 54 -15.14 1.24 -19.98
CA VAL X 54 -15.86 1.42 -21.24
C VAL X 54 -17.31 0.96 -21.05
N LEU X 55 -17.55 0.21 -19.97
CA LEU X 55 -18.87 -0.36 -19.69
C LEU X 55 -19.59 0.53 -18.68
N THR X 56 -20.05 1.71 -19.15
CA THR X 56 -20.94 2.64 -18.47
C THR X 56 -20.64 2.76 -16.97
N PRO X 57 -19.51 3.39 -16.61
CA PRO X 57 -19.12 3.44 -15.19
C PRO X 57 -20.18 3.97 -14.26
N VAL X 58 -21.14 4.73 -14.76
CA VAL X 58 -22.29 5.18 -13.96
C VAL X 58 -22.91 3.96 -13.30
N GLU X 59 -23.20 2.94 -14.11
CA GLU X 59 -23.85 1.75 -13.57
C GLU X 59 -22.85 0.81 -12.91
N ARG X 60 -21.57 0.84 -13.32
CA ARG X 60 -20.62 -0.04 -12.65
C ARG X 60 -20.41 0.39 -11.21
N ASP X 61 -20.48 1.70 -10.94
CA ASP X 61 -20.41 2.16 -9.56
C ASP X 61 -21.70 1.88 -8.81
N GLN X 62 -22.76 1.46 -9.51
CA GLN X 62 -24.00 1.05 -8.87
C GLN X 62 -23.88 -0.32 -8.22
N ILE X 63 -22.74 -1.00 -8.35
CA ILE X 63 -22.57 -2.31 -7.73
C ILE X 63 -21.31 -2.34 -6.88
N ILE X 64 -20.36 -1.46 -7.17
CA ILE X 64 -19.08 -1.46 -6.47
C ILE X 64 -18.34 -0.15 -6.70
N PRO X 65 -17.82 0.50 -5.67
CA PRO X 65 -16.96 1.66 -5.88
C PRO X 65 -15.57 1.26 -6.34
N LEU X 66 -14.86 2.24 -6.91
CA LEU X 66 -13.54 1.99 -7.49
C LEU X 66 -12.48 1.81 -6.41
N ARG X 67 -12.54 2.65 -5.36
CA ARG X 67 -11.58 2.54 -4.28
C ARG X 67 -11.62 1.16 -3.63
N THR X 68 -12.83 0.69 -3.33
CA THR X 68 -12.98 -0.63 -2.73
C THR X 68 -12.42 -1.71 -3.63
N LEU X 69 -12.67 -1.62 -4.94
CA LEU X 69 -12.19 -2.64 -5.85
C LEU X 69 -10.68 -2.65 -5.97
N LYS X 70 -10.07 -1.46 -6.05
CA LYS X 70 -8.62 -1.45 -6.19
C LYS X 70 -7.94 -1.81 -4.87
N SER X 71 -8.59 -1.53 -3.73
CA SER X 71 -8.09 -2.07 -2.46
C SER X 71 -8.19 -3.59 -2.45
N ARG X 72 -9.29 -4.13 -2.97
CA ARG X 72 -9.44 -5.58 -3.07
C ARG X 72 -8.31 -6.20 -3.88
N ILE X 73 -8.00 -5.60 -5.03
CA ILE X 73 -6.90 -6.14 -5.83
C ILE X 73 -5.56 -5.88 -5.15
N GLU X 74 -5.46 -4.82 -4.33
CA GLU X 74 -4.28 -4.64 -3.49
C GLU X 74 -4.10 -5.83 -2.57
N ARG X 75 -5.20 -6.33 -2.00
CA ARG X 75 -5.16 -7.58 -1.25
C ARG X 75 -5.10 -8.80 -2.16
N ASP X 76 -5.30 -8.63 -3.47
CA ASP X 76 -5.31 -9.73 -4.44
C ASP X 76 -6.36 -10.76 -4.06
N GLN X 77 -7.61 -10.32 -3.99
CA GLN X 77 -8.69 -11.17 -3.54
C GLN X 77 -9.97 -10.91 -4.34
N PRO X 78 -10.87 -11.88 -4.42
CA PRO X 78 -12.09 -11.71 -5.23
C PRO X 78 -13.05 -10.72 -4.59
N LEU X 79 -14.22 -10.59 -5.20
CA LEU X 79 -15.22 -9.64 -4.75
C LEU X 79 -16.24 -10.29 -3.82
N THR X 80 -17.12 -9.46 -3.28
CA THR X 80 -18.17 -9.93 -2.39
C THR X 80 -19.22 -10.72 -3.18
N VAL X 81 -19.80 -11.71 -2.50
CA VAL X 81 -20.83 -12.53 -3.12
C VAL X 81 -22.01 -11.70 -3.63
N ASP X 82 -22.36 -10.63 -2.92
CA ASP X 82 -23.43 -9.76 -3.40
C ASP X 82 -23.00 -8.98 -4.63
N GLU X 83 -21.76 -8.48 -4.62
CA GLU X 83 -21.25 -7.75 -5.77
C GLU X 83 -21.08 -8.69 -6.96
N SER X 84 -20.51 -9.87 -6.73
CA SER X 84 -20.42 -10.85 -7.80
C SER X 84 -21.79 -11.24 -8.32
N ASP X 85 -22.79 -11.30 -7.43
CA ASP X 85 -24.14 -11.64 -7.85
C ASP X 85 -24.72 -10.57 -8.75
N ARG X 86 -24.53 -9.30 -8.40
CA ARG X 86 -25.03 -8.22 -9.24
C ARG X 86 -24.30 -8.20 -10.59
N LEU X 87 -22.99 -8.46 -10.56
CA LEU X 87 -22.24 -8.56 -11.80
C LEU X 87 -22.78 -9.67 -12.69
N PHE X 88 -23.05 -10.84 -12.11
CA PHE X 88 -23.58 -11.94 -12.89
C PHE X 88 -24.97 -11.63 -13.41
N ARG X 89 -25.78 -10.92 -12.61
CA ARG X 89 -27.10 -10.51 -13.08
C ARG X 89 -26.96 -9.64 -14.33
N SER X 90 -26.11 -8.62 -14.25
CA SER X 90 -25.90 -7.75 -15.40
C SER X 90 -25.41 -8.54 -16.60
N ALA X 91 -24.42 -9.40 -16.41
CA ALA X 91 -23.84 -10.14 -17.53
C ALA X 91 -24.84 -11.10 -18.14
N HIS X 92 -25.61 -11.79 -17.30
CA HIS X 92 -26.65 -12.70 -17.78
C HIS X 92 -27.68 -11.97 -18.61
N ILE X 93 -28.15 -10.82 -18.13
CA ILE X 93 -29.16 -10.07 -18.87
C ILE X 93 -28.61 -9.56 -20.19
N THR X 94 -27.37 -9.05 -20.17
CA THR X 94 -26.76 -8.58 -21.40
C THR X 94 -26.55 -9.71 -22.40
N ALA X 95 -26.19 -10.90 -21.91
CA ALA X 95 -25.99 -12.03 -22.82
C ALA X 95 -27.31 -12.47 -23.43
N MET X 96 -28.38 -12.50 -22.63
CA MET X 96 -29.69 -12.84 -23.18
C MET X 96 -30.12 -11.81 -24.21
N ALA X 97 -29.86 -10.53 -23.93
CA ALA X 97 -30.24 -9.49 -24.88
C ALA X 97 -29.43 -9.57 -26.17
N GLU X 98 -28.13 -9.86 -26.06
CA GLU X 98 -27.32 -10.02 -27.25
C GLU X 98 -27.77 -11.22 -28.06
N ALA X 99 -28.21 -12.29 -27.39
CA ALA X 99 -28.71 -13.46 -28.12
C ALA X 99 -30.02 -13.17 -28.82
N VAL X 100 -30.87 -12.33 -28.22
CA VAL X 100 -32.18 -12.08 -28.82
C VAL X 100 -32.09 -11.03 -29.93
N PHE X 101 -31.18 -10.06 -29.78
CA PHE X 101 -31.05 -9.01 -30.80
C PHE X 101 -29.95 -9.31 -31.81
N GLY X 102 -29.00 -10.18 -31.47
CA GLY X 102 -28.04 -10.65 -32.44
C GLY X 102 -26.82 -9.78 -32.65
N GLU X 103 -26.68 -8.67 -31.92
CA GLU X 103 -25.44 -7.91 -31.95
C GLU X 103 -25.39 -7.03 -30.71
N ALA X 104 -24.22 -6.98 -30.07
CA ALA X 104 -24.03 -6.35 -28.77
C ALA X 104 -24.61 -4.96 -28.64
N GLY X 105 -24.37 -4.11 -29.63
CA GLY X 105 -24.78 -2.71 -29.55
C GLY X 105 -26.27 -2.51 -29.40
N LYS X 106 -27.04 -3.10 -30.30
CA LYS X 106 -28.51 -3.01 -30.23
C LYS X 106 -29.01 -3.48 -28.87
N ALA X 107 -28.45 -4.58 -28.38
CA ALA X 107 -28.87 -5.13 -27.09
C ALA X 107 -28.59 -4.15 -25.96
N LYS X 108 -27.36 -3.63 -25.89
CA LYS X 108 -27.00 -2.73 -24.81
C LYS X 108 -27.80 -1.42 -24.89
N ARG X 109 -28.13 -0.98 -26.10
CA ARG X 109 -28.99 0.19 -26.23
C ARG X 109 -30.38 -0.10 -25.71
N TRP X 110 -30.96 -1.24 -26.10
CA TRP X 110 -32.26 -1.63 -25.60
C TRP X 110 -32.26 -1.73 -24.08
N LEU X 111 -31.13 -2.13 -23.50
CA LEU X 111 -31.05 -2.33 -22.05
C LEU X 111 -30.96 -1.02 -21.28
N SER X 112 -30.34 0.01 -21.85
CA SER X 112 -30.06 1.24 -21.13
C SER X 112 -31.15 2.29 -21.31
N LYS X 113 -32.13 2.04 -22.14
CA LYS X 113 -33.18 3.04 -22.35
C LYS X 113 -34.38 2.72 -21.48
N PRO X 114 -35.09 3.72 -20.98
CA PRO X 114 -36.26 3.46 -20.14
C PRO X 114 -37.37 2.77 -20.93
N LYS X 115 -38.19 2.02 -20.19
CA LYS X 115 -39.30 1.28 -20.78
C LYS X 115 -40.61 1.74 -20.15
N GLU X 116 -41.69 1.65 -20.94
CA GLU X 116 -43.00 2.00 -20.42
C GLU X 116 -43.46 1.00 -19.37
N ARG X 117 -43.26 -0.30 -19.63
CA ARG X 117 -43.75 -1.33 -18.72
C ARG X 117 -43.16 -1.18 -17.33
N PHE X 118 -41.92 -0.69 -17.23
CA PHE X 118 -41.27 -0.50 -15.95
C PHE X 118 -41.41 0.92 -15.43
N SER X 119 -42.42 1.65 -15.87
CA SER X 119 -42.70 3.02 -15.42
C SER X 119 -41.48 3.92 -15.60
N GLY X 120 -40.90 3.84 -16.79
CA GLY X 120 -39.76 4.67 -17.12
C GLY X 120 -38.44 4.24 -16.52
N LEU X 121 -38.36 3.06 -15.93
CA LEU X 121 -37.11 2.54 -15.42
C LEU X 121 -36.40 1.73 -16.50
N THR X 122 -35.09 1.71 -16.44
CA THR X 122 -34.34 0.93 -17.40
C THR X 122 -34.23 -0.53 -16.93
N PRO X 123 -34.24 -1.48 -17.86
CA PRO X 123 -34.02 -2.88 -17.48
C PRO X 123 -32.82 -3.09 -16.61
N MET X 124 -31.73 -2.37 -16.84
CA MET X 124 -30.56 -2.49 -15.97
C MET X 124 -30.86 -2.04 -14.55
N GLN X 125 -31.78 -1.09 -14.38
CA GLN X 125 -32.19 -0.68 -13.05
C GLN X 125 -33.15 -1.68 -12.43
N MET X 126 -33.79 -2.52 -13.23
CA MET X 126 -34.68 -3.55 -12.70
C MET X 126 -33.91 -4.77 -12.19
N LEU X 127 -32.59 -4.78 -12.33
CA LEU X 127 -31.78 -5.94 -11.92
C LEU X 127 -31.33 -5.83 -10.48
N THR X 128 -32.06 -5.10 -9.65
CA THR X 128 -31.79 -5.03 -8.23
C THR X 128 -32.61 -6.02 -7.43
N THR X 129 -33.64 -6.61 -8.02
CA THR X 129 -34.46 -7.61 -7.37
C THR X 129 -34.57 -8.83 -8.26
N GLN X 130 -34.87 -9.96 -7.62
CA GLN X 130 -35.11 -11.20 -8.37
C GLN X 130 -36.30 -11.04 -9.31
N GLN X 131 -37.37 -10.39 -8.82
CA GLN X 131 -38.58 -10.26 -9.62
C GLN X 131 -38.36 -9.33 -10.81
N GLY X 132 -37.60 -8.25 -10.61
CA GLY X 132 -37.30 -7.37 -11.73
C GLY X 132 -36.46 -8.06 -12.80
N THR X 133 -35.46 -8.83 -12.36
CA THR X 133 -34.68 -9.62 -13.31
C THR X 133 -35.58 -10.58 -14.07
N THR X 134 -36.51 -11.22 -13.36
CA THR X 134 -37.44 -12.14 -14.03
C THR X 134 -38.30 -11.41 -15.05
N GLN X 135 -38.73 -10.18 -14.73
CA GLN X 135 -39.54 -9.42 -15.67
C GLN X 135 -38.75 -9.05 -16.91
N VAL X 136 -37.49 -8.66 -16.73
CA VAL X 136 -36.64 -8.36 -17.89
C VAL X 136 -36.48 -9.60 -18.75
N GLU X 137 -36.26 -10.76 -18.11
CA GLU X 137 -36.11 -12.01 -18.86
C GLU X 137 -37.38 -12.32 -19.63
N GLU X 138 -38.54 -12.16 -19.00
CA GLU X 138 -39.81 -12.43 -19.66
C GLU X 138 -40.02 -11.51 -20.85
N MET X 139 -39.70 -10.22 -20.70
CA MET X 139 -39.86 -9.30 -21.82
C MET X 139 -38.95 -9.69 -22.98
N LEU X 140 -37.68 -10.01 -22.66
CA LEU X 140 -36.75 -10.43 -23.70
C LEU X 140 -37.27 -11.67 -24.43
N LEU X 141 -37.87 -12.60 -23.69
CA LEU X 141 -38.48 -13.76 -24.33
C LEU X 141 -39.63 -13.35 -25.23
N GLN X 142 -40.48 -12.43 -24.75
CA GLN X 142 -41.62 -11.98 -25.54
C GLN X 142 -41.17 -11.36 -26.86
N ILE X 143 -40.08 -10.60 -26.83
CA ILE X 143 -39.59 -9.98 -28.06
C ILE X 143 -39.18 -11.04 -29.07
N ALA X 144 -38.65 -12.16 -28.60
CA ALA X 144 -38.29 -13.26 -29.50
C ALA X 144 -39.48 -14.03 -30.00
N GLU X 145 -40.70 -13.59 -29.69
CA GLU X 145 -41.93 -14.24 -30.15
C GLU X 145 -42.01 -15.69 -29.69
#